data_4K17
#
_entry.id   4K17
#
_cell.length_a   57.168
_cell.length_b   67.986
_cell.length_c   212.151
_cell.angle_alpha   92.73
_cell.angle_beta   96.95
_cell.angle_gamma   110.15
#
_symmetry.space_group_name_H-M   'P 1'
#
loop_
_entity.id
_entity.type
_entity.pdbx_description
1 polymer 'Leucine-rich repeat-containing protein 16A'
2 non-polymer salicylamide
3 non-polymer 'CHLORIDE ION'
4 non-polymer 'GAMMA-AMINO-BUTANOIC ACID'
#
_entity_poly.entity_id   1
_entity_poly.type   'polypeptide(L)'
_entity_poly.pdbx_seq_one_letter_code
;S(MSE)TDESSDVPREL(MSE)ESIKDVIGRKIKISVKKKVKLEVKGDRVENKVLVLTSCRAFLLSARIPSKLELTFSYL
EIHGVICHKPAQ(MSE)VVETEKCN(MSE)S(MSE)K(MSE)VSPEDVSEVLAHIGTCLRRIFPGLSPLRI(MSE)KKVS
(MSE)EPSERLASLQALWDSQTLAEPGPCGGFSQ(MSE)YACVCDWLGFSYKEEVQWDVDTIYLTQDTRELNLQDFSHLE
HRDLIPIIAALEYNQWFTKLSSKDLKLSTDVCEQILRVVSRSNRLEELVLENAGLRIDFAQKLAGALAHNPNSGLHTINL
AGNSLEDRGVSSLSIQFAKLPKGLKHLNLSKTSLSPKGVNSLCQSLSANPLTASTLTHLDLSGNALRGDDLSH(MSE)YN
FLAQPNTIVHLDLSNTECSLE(MSE)VCSALLRGCLQCLAVLNLSRSVFSHRKGKEVPPSFKQFFSSSLALIQINLSGTK
LSPEPLKALLLGLACNHSLKGVSLDLSNCELGHCLRSGGAQVLEGCIAEIHNITSLDISDNGLESDLSTLIVWLSKNRSI
QHLALGKNFNN(MSE)KSKNLTPVLDNLVQ(MSE)IQDEDSPLQSLSLADSKLKAEVTIIINALGSNTSLTKVDISGNG
(MSE)GD(MSE)GAK(MSE)LAKALQINTKLRTVIWDKNNITAQGFQDIAVA(MSE)EKNYTLRF(MSE)PIP(MSE)YD
AAQALKTNPEKTEEALQKIENYLLRN
;
_entity_poly.pdbx_strand_id   A,B,C,D
#
loop_
_chem_comp.id
_chem_comp.type
_chem_comp.name
_chem_comp.formula
ABU non-polymer 'GAMMA-AMINO-BUTANOIC ACID' 'C4 H9 N O2'
CL non-polymer 'CHLORIDE ION' 'Cl -1'
OHB non-polymer salicylamide 'C7 H7 N O2'
#
# COMPACT_ATOMS: atom_id res chain seq x y z
N PRO A 10 -95.73 76.44 -10.48
CA PRO A 10 -95.47 75.19 -11.20
C PRO A 10 -94.70 74.19 -10.32
N ARG A 11 -95.26 73.86 -9.17
CA ARG A 11 -94.63 72.91 -8.26
C ARG A 11 -94.87 71.48 -8.69
N GLU A 12 -96.13 71.06 -8.67
CA GLU A 12 -96.51 69.71 -9.07
C GLU A 12 -95.81 69.30 -10.36
N LEU A 13 -95.43 70.31 -11.16
CA LEU A 13 -94.75 70.06 -12.43
C LEU A 13 -93.26 69.84 -12.22
N MSE A 14 -92.76 70.25 -11.06
CA MSE A 14 -91.35 70.11 -10.74
C MSE A 14 -91.06 68.72 -10.27
O MSE A 14 -90.23 68.02 -10.89
CB MSE A 14 -90.98 71.11 -9.65
CG MSE A 14 -89.48 71.44 -9.71
SE MSE A 14 -88.93 71.74 -11.57
CE MSE A 14 -87.08 71.11 -11.42
N GLU A 15 -91.72 68.30 -9.19
CA GLU A 15 -91.51 66.96 -8.65
C GLU A 15 -91.51 65.92 -9.77
N SER A 16 -92.65 65.76 -10.43
CA SER A 16 -92.77 64.83 -11.55
C SER A 16 -91.45 64.78 -12.32
N ILE A 17 -90.77 65.91 -12.39
CA ILE A 17 -89.48 65.98 -13.07
C ILE A 17 -88.38 65.36 -12.23
N LYS A 18 -88.21 65.87 -11.01
CA LYS A 18 -87.19 65.35 -10.10
C LYS A 18 -87.40 63.86 -9.83
N ASP A 19 -88.60 63.37 -10.15
CA ASP A 19 -88.92 61.96 -9.95
C ASP A 19 -88.49 61.12 -11.13
N VAL A 20 -88.20 61.78 -12.25
CA VAL A 20 -87.78 61.08 -13.47
C VAL A 20 -86.27 61.17 -13.65
N ILE A 21 -85.68 62.24 -13.10
CA ILE A 21 -84.26 62.45 -13.21
C ILE A 21 -83.52 62.12 -11.93
N GLY A 22 -84.26 61.64 -10.94
CA GLY A 22 -83.66 61.22 -9.71
C GLY A 22 -83.59 62.40 -8.79
N ARG A 23 -83.50 62.15 -7.48
CA ARG A 23 -83.32 63.23 -6.52
C ARG A 23 -81.88 63.21 -5.99
N LYS A 24 -81.22 64.36 -6.00
CA LYS A 24 -79.82 64.40 -5.57
C LYS A 24 -79.07 63.37 -6.39
N ILE A 25 -79.19 63.46 -7.71
CA ILE A 25 -78.89 64.62 -8.54
C ILE A 25 -79.64 65.91 -8.20
N LYS A 26 -78.91 67.02 -8.27
CA LYS A 26 -79.41 68.34 -7.92
C LYS A 26 -79.43 69.28 -9.12
N ILE A 27 -80.54 70.00 -9.27
CA ILE A 27 -80.80 70.83 -10.42
C ILE A 27 -80.71 72.30 -10.05
N SER A 28 -79.76 73.01 -10.66
CA SER A 28 -79.45 74.37 -10.28
C SER A 28 -80.22 75.40 -11.10
N VAL A 29 -80.81 74.93 -12.19
CA VAL A 29 -81.76 75.69 -12.98
C VAL A 29 -82.89 74.85 -13.57
N LYS A 30 -84.09 75.41 -13.64
CA LYS A 30 -85.21 74.81 -14.36
C LYS A 30 -85.85 75.91 -15.16
N LYS A 31 -86.33 75.63 -16.35
CA LYS A 31 -86.86 76.68 -17.19
C LYS A 31 -87.90 76.20 -18.16
N LYS A 32 -88.77 77.08 -18.62
CA LYS A 32 -89.72 76.61 -19.58
C LYS A 32 -89.26 77.20 -20.89
N VAL A 33 -89.40 76.42 -21.94
CA VAL A 33 -88.90 76.80 -23.25
C VAL A 33 -89.60 76.02 -24.33
N LYS A 34 -89.58 76.56 -25.54
CA LYS A 34 -90.31 76.01 -26.65
C LYS A 34 -89.29 75.42 -27.57
N LEU A 35 -89.34 74.10 -27.71
CA LEU A 35 -88.37 73.39 -28.51
C LEU A 35 -88.82 73.56 -29.96
N GLU A 36 -87.96 74.19 -30.77
CA GLU A 36 -88.21 74.39 -32.19
C GLU A 36 -87.98 73.09 -32.97
N VAL A 37 -89.01 72.67 -33.70
CA VAL A 37 -89.09 71.31 -34.16
C VAL A 37 -89.45 71.25 -35.64
N LYS A 38 -88.99 70.20 -36.30
CA LYS A 38 -89.22 70.01 -37.72
C LYS A 38 -90.72 70.02 -38.04
N GLY A 39 -91.09 70.65 -39.14
CA GLY A 39 -92.48 70.87 -39.48
C GLY A 39 -93.02 72.17 -38.93
N ASP A 40 -92.14 73.15 -38.70
CA ASP A 40 -92.56 74.47 -38.27
C ASP A 40 -93.59 74.32 -37.21
N ARG A 41 -93.33 73.37 -36.35
CA ARG A 41 -94.14 73.07 -35.21
C ARG A 41 -93.29 73.43 -34.04
N VAL A 42 -93.89 73.79 -32.91
CA VAL A 42 -93.11 73.87 -31.69
C VAL A 42 -93.77 73.07 -30.57
N GLU A 43 -92.93 72.60 -29.66
CA GLU A 43 -93.40 71.72 -28.61
C GLU A 43 -93.00 72.34 -27.27
N ASN A 44 -93.81 72.10 -26.24
CA ASN A 44 -93.61 72.75 -24.96
C ASN A 44 -92.81 71.85 -24.05
N LYS A 45 -91.68 72.36 -23.55
CA LYS A 45 -90.78 71.57 -22.72
C LYS A 45 -90.25 72.36 -21.50
N VAL A 46 -89.94 71.66 -20.42
CA VAL A 46 -89.15 72.23 -19.31
C VAL A 46 -87.66 71.74 -19.45
N LEU A 47 -86.70 72.58 -19.05
CA LEU A 47 -85.28 72.42 -19.35
C LEU A 47 -84.65 72.42 -17.96
N VAL A 48 -83.77 71.47 -17.70
CA VAL A 48 -83.21 71.31 -16.37
C VAL A 48 -81.67 71.24 -16.42
N LEU A 49 -81.03 72.16 -15.70
CA LEU A 49 -79.58 72.31 -15.67
C LEU A 49 -78.98 71.84 -14.37
N THR A 50 -78.29 70.72 -14.50
CA THR A 50 -77.45 70.09 -13.49
C THR A 50 -75.99 70.59 -13.70
N SER A 51 -75.01 69.92 -13.11
CA SER A 51 -73.60 70.33 -13.22
C SER A 51 -72.89 69.90 -14.49
N CYS A 52 -73.07 68.63 -14.90
CA CYS A 52 -72.60 68.22 -16.24
C CYS A 52 -73.61 68.08 -17.37
N ARG A 53 -74.89 68.21 -17.08
CA ARG A 53 -75.94 67.72 -17.99
C ARG A 53 -77.21 68.60 -18.01
N ALA A 54 -77.76 68.80 -19.19
CA ALA A 54 -79.02 69.49 -19.34
C ALA A 54 -80.02 68.45 -19.82
N PHE A 55 -81.29 68.60 -19.39
CA PHE A 55 -82.38 67.73 -19.85
C PHE A 55 -83.53 68.57 -20.38
N LEU A 56 -84.36 67.92 -21.20
CA LEU A 56 -85.60 68.46 -21.76
C LEU A 56 -86.68 67.42 -21.58
N LEU A 57 -87.70 67.77 -20.80
CA LEU A 57 -88.84 66.90 -20.53
C LEU A 57 -90.08 67.63 -21.01
N SER A 58 -91.15 66.93 -21.37
CA SER A 58 -92.35 67.63 -21.81
C SER A 58 -92.99 68.32 -20.59
N ALA A 59 -93.69 69.44 -20.79
CA ALA A 59 -94.33 70.21 -19.69
C ALA A 59 -95.42 69.42 -18.99
N ARG A 60 -95.90 68.38 -19.67
CA ARG A 60 -97.02 67.57 -19.21
C ARG A 60 -96.72 66.84 -17.90
N ILE A 61 -97.75 66.64 -17.08
CA ILE A 61 -97.63 65.72 -15.95
C ILE A 61 -98.46 64.44 -16.22
N PRO A 62 -97.82 63.24 -16.14
CA PRO A 62 -96.42 62.99 -15.78
C PRO A 62 -95.40 63.35 -16.88
N SER A 63 -94.18 63.76 -16.52
CA SER A 63 -93.12 64.03 -17.53
C SER A 63 -92.58 62.74 -18.20
N LYS A 64 -92.44 62.77 -19.53
CA LYS A 64 -91.54 61.87 -20.23
C LYS A 64 -90.14 62.55 -20.22
N LEU A 65 -89.12 61.91 -20.78
CA LEU A 65 -87.85 62.55 -20.99
C LEU A 65 -87.65 62.64 -22.48
N GLU A 66 -87.76 63.81 -23.08
CA GLU A 66 -87.63 63.88 -24.54
C GLU A 66 -86.16 63.95 -25.10
N LEU A 67 -85.33 64.80 -24.49
CA LEU A 67 -83.96 64.97 -24.98
C LEU A 67 -82.95 65.29 -23.87
N THR A 68 -81.76 64.66 -23.90
CA THR A 68 -80.67 64.99 -22.95
C THR A 68 -79.37 65.25 -23.69
N PHE A 69 -78.60 66.23 -23.22
CA PHE A 69 -77.30 66.56 -23.79
C PHE A 69 -76.36 66.98 -22.67
N SER A 70 -75.10 66.54 -22.75
CA SER A 70 -74.12 66.85 -21.72
C SER A 70 -73.27 68.06 -22.13
N TYR A 71 -72.87 68.92 -21.19
CA TYR A 71 -72.08 70.09 -21.57
C TYR A 71 -70.83 69.69 -22.35
N LEU A 72 -70.39 68.47 -22.20
CA LEU A 72 -69.25 68.01 -22.97
C LEU A 72 -69.67 67.72 -24.40
N GLU A 73 -70.96 67.46 -24.60
CA GLU A 73 -71.52 67.11 -25.92
C GLU A 73 -71.48 68.27 -26.86
N ILE A 74 -71.53 69.49 -26.32
CA ILE A 74 -71.74 70.70 -27.11
C ILE A 74 -70.61 70.99 -28.08
N HIS A 75 -70.98 71.13 -29.34
CA HIS A 75 -70.13 71.62 -30.42
C HIS A 75 -70.23 73.13 -30.55
N GLY A 76 -71.43 73.65 -30.75
CA GLY A 76 -71.62 75.09 -30.63
C GLY A 76 -72.95 75.57 -30.06
N VAL A 77 -73.03 76.87 -29.82
CA VAL A 77 -74.28 77.52 -29.56
C VAL A 77 -74.38 78.72 -30.44
N ILE A 78 -75.48 78.88 -31.16
CA ILE A 78 -75.71 80.09 -31.92
C ILE A 78 -76.96 80.74 -31.41
N CYS A 79 -76.85 82.00 -31.04
CA CYS A 79 -77.96 82.69 -30.41
C CYS A 79 -78.76 83.73 -31.24
N HIS A 80 -78.10 84.67 -31.91
CA HIS A 80 -78.81 85.47 -32.90
C HIS A 80 -80.00 86.15 -32.31
N LYS A 81 -81.20 85.86 -32.81
CA LYS A 81 -82.38 86.55 -32.30
C LYS A 81 -82.41 86.32 -30.80
N PRO A 82 -82.80 87.42 -30.02
CA PRO A 82 -82.49 87.28 -28.59
C PRO A 82 -83.15 86.18 -27.74
N ALA A 83 -84.42 85.89 -27.92
CA ALA A 83 -85.05 84.90 -27.06
C ALA A 83 -84.72 83.50 -27.47
N GLN A 84 -83.94 83.39 -28.54
CA GLN A 84 -83.69 82.11 -29.15
C GLN A 84 -82.29 81.65 -28.92
N MSE A 85 -82.21 80.43 -28.42
CA MSE A 85 -80.97 79.67 -28.26
C MSE A 85 -80.95 78.44 -29.13
O MSE A 85 -81.89 77.66 -29.12
CB MSE A 85 -80.83 79.15 -26.83
CG MSE A 85 -79.50 78.42 -26.64
SE MSE A 85 -78.89 78.34 -24.79
CE MSE A 85 -80.59 77.65 -24.05
N VAL A 86 -79.87 78.25 -29.88
CA VAL A 86 -79.65 76.92 -30.46
C VAL A 86 -78.32 76.36 -29.96
N VAL A 87 -78.33 75.06 -29.72
CA VAL A 87 -77.17 74.31 -29.28
C VAL A 87 -76.98 73.15 -30.26
N GLU A 88 -75.74 72.81 -30.56
CA GLU A 88 -75.49 71.81 -31.56
C GLU A 88 -74.55 70.78 -30.95
N THR A 89 -74.70 69.55 -31.40
CA THR A 89 -74.05 68.42 -30.79
C THR A 89 -74.01 67.35 -31.85
N GLU A 90 -73.18 66.32 -31.69
CA GLU A 90 -73.15 65.33 -32.75
C GLU A 90 -74.48 64.60 -32.85
N LYS A 91 -75.14 64.39 -31.72
CA LYS A 91 -76.41 63.66 -31.74
C LYS A 91 -77.48 64.39 -32.53
N CYS A 92 -77.69 65.67 -32.21
CA CYS A 92 -78.66 66.51 -32.90
C CYS A 92 -78.58 67.94 -32.38
N ASN A 93 -79.05 68.92 -33.15
CA ASN A 93 -79.05 70.32 -32.74
C ASN A 93 -80.48 70.73 -32.38
N MSE A 94 -80.60 71.38 -31.23
CA MSE A 94 -81.91 71.73 -30.71
C MSE A 94 -82.00 73.19 -30.56
O MSE A 94 -81.12 73.81 -29.98
CB MSE A 94 -82.20 71.10 -29.37
CG MSE A 94 -81.03 70.97 -28.44
SE MSE A 94 -80.98 69.14 -27.86
CE MSE A 94 -80.45 69.52 -26.05
N SER A 95 -83.09 73.72 -31.09
CA SER A 95 -83.32 75.14 -31.14
C SER A 95 -84.36 75.39 -30.07
N MSE A 96 -84.32 76.56 -29.46
CA MSE A 96 -85.16 76.82 -28.32
C MSE A 96 -85.61 78.29 -28.24
O MSE A 96 -84.81 79.19 -28.48
CB MSE A 96 -84.43 76.43 -27.03
CG MSE A 96 -83.59 75.12 -27.04
SE MSE A 96 -83.12 74.41 -25.21
CE MSE A 96 -82.22 72.76 -25.81
N LYS A 97 -86.85 78.54 -27.87
CA LYS A 97 -87.33 79.89 -27.69
C LYS A 97 -87.62 80.00 -26.20
N MSE A 98 -87.17 81.08 -25.58
CA MSE A 98 -87.34 81.26 -24.15
C MSE A 98 -88.09 82.55 -23.95
O MSE A 98 -88.17 83.36 -24.86
CB MSE A 98 -86.00 81.40 -23.47
CG MSE A 98 -84.84 81.21 -24.37
SE MSE A 98 -83.68 79.89 -23.67
CE MSE A 98 -83.68 78.74 -25.21
N VAL A 99 -88.62 82.77 -22.75
CA VAL A 99 -89.34 84.00 -22.52
C VAL A 99 -88.44 85.20 -22.87
N SER A 100 -87.27 85.27 -22.26
CA SER A 100 -86.48 86.48 -22.31
C SER A 100 -85.06 86.12 -22.72
N PRO A 101 -84.26 87.11 -23.12
CA PRO A 101 -82.81 86.94 -23.24
C PRO A 101 -82.22 86.83 -21.83
N GLU A 102 -82.83 87.53 -20.88
CA GLU A 102 -82.42 87.48 -19.47
C GLU A 102 -82.50 86.02 -19.05
N ASP A 103 -83.28 85.22 -19.80
CA ASP A 103 -83.25 83.75 -19.71
C ASP A 103 -82.13 82.95 -20.47
N VAL A 104 -81.85 83.20 -21.76
CA VAL A 104 -80.69 82.52 -22.40
C VAL A 104 -79.35 82.88 -21.75
N SER A 105 -79.02 84.17 -21.66
CA SER A 105 -77.75 84.50 -21.01
C SER A 105 -77.69 83.84 -19.64
N GLU A 106 -78.83 83.61 -19.01
CA GLU A 106 -78.87 82.87 -17.73
C GLU A 106 -78.40 81.42 -17.96
N VAL A 107 -78.97 80.76 -18.97
CA VAL A 107 -78.65 79.36 -19.31
C VAL A 107 -77.19 79.14 -19.76
N LEU A 108 -76.72 79.94 -20.71
CA LEU A 108 -75.28 80.04 -21.02
C LEU A 108 -74.33 80.46 -19.88
N ALA A 109 -74.79 81.32 -18.97
CA ALA A 109 -73.97 81.70 -17.84
C ALA A 109 -73.69 80.47 -16.96
N HIS A 110 -74.75 79.74 -16.60
CA HIS A 110 -74.64 78.46 -15.87
C HIS A 110 -73.75 77.44 -16.59
N ILE A 111 -73.97 77.17 -17.88
CA ILE A 111 -73.17 76.14 -18.57
C ILE A 111 -71.68 76.49 -18.56
N GLY A 112 -71.34 77.71 -18.94
CA GLY A 112 -69.96 78.18 -18.92
C GLY A 112 -69.34 78.23 -17.51
N THR A 113 -70.19 78.37 -16.48
CA THR A 113 -69.80 78.25 -15.07
C THR A 113 -69.43 76.84 -14.64
N CYS A 114 -70.29 75.87 -14.89
CA CYS A 114 -69.89 74.49 -14.78
C CYS A 114 -68.55 74.23 -15.50
N LEU A 115 -68.46 74.61 -16.75
CA LEU A 115 -67.29 74.29 -17.54
C LEU A 115 -66.08 74.92 -16.96
N ARG A 116 -66.21 76.13 -16.47
CA ARG A 116 -65.13 76.72 -15.71
C ARG A 116 -64.91 75.89 -14.47
N ARG A 117 -65.99 75.44 -13.83
CA ARG A 117 -65.84 74.73 -12.57
C ARG A 117 -65.09 73.43 -12.71
N ILE A 118 -65.44 72.64 -13.71
CA ILE A 118 -64.67 71.49 -14.06
C ILE A 118 -63.65 72.16 -14.90
N PHE A 119 -62.70 71.44 -15.47
CA PHE A 119 -61.88 72.03 -16.50
C PHE A 119 -61.20 73.30 -16.04
N PRO A 120 -60.48 73.17 -14.85
CA PRO A 120 -59.72 74.37 -14.49
C PRO A 120 -58.75 74.65 -15.59
N GLY A 121 -58.45 75.91 -15.82
CA GLY A 121 -57.46 76.30 -16.79
C GLY A 121 -57.92 76.41 -18.22
N LEU A 122 -59.21 76.24 -18.45
CA LEU A 122 -59.70 76.31 -19.81
C LEU A 122 -60.88 77.25 -19.99
N SER A 123 -60.86 78.07 -21.03
CA SER A 123 -62.00 78.93 -21.30
C SER A 123 -63.17 78.15 -21.79
N PRO A 124 -64.32 78.47 -21.26
CA PRO A 124 -65.55 77.72 -21.53
C PRO A 124 -65.97 77.88 -22.99
N LEU A 125 -65.44 78.87 -23.66
CA LEU A 125 -65.58 78.96 -25.09
C LEU A 125 -64.79 77.92 -25.86
N ARG A 126 -63.57 77.63 -25.41
CA ARG A 126 -62.70 76.68 -26.08
C ARG A 126 -63.37 75.32 -26.03
N ILE A 127 -64.11 75.10 -24.95
CA ILE A 127 -64.70 73.79 -24.72
C ILE A 127 -65.92 73.55 -25.63
N MSE A 128 -66.88 74.46 -25.69
CA MSE A 128 -67.99 74.26 -26.62
C MSE A 128 -67.50 75.02 -27.82
O MSE A 128 -67.49 76.23 -27.82
CB MSE A 128 -69.34 74.80 -26.09
CG MSE A 128 -69.17 75.57 -24.75
SE MSE A 128 -70.74 76.30 -23.80
CE MSE A 128 -72.03 75.19 -24.64
N LYS A 129 -67.14 74.30 -28.87
CA LYS A 129 -66.26 74.84 -29.90
C LYS A 129 -66.69 76.19 -30.48
N LYS A 130 -67.99 76.37 -30.63
CA LYS A 130 -68.58 77.47 -31.40
C LYS A 130 -69.65 78.24 -30.61
N VAL A 131 -69.39 79.50 -30.28
CA VAL A 131 -70.40 80.31 -29.61
C VAL A 131 -70.58 81.65 -30.29
N SER A 132 -71.70 81.85 -30.97
CA SER A 132 -71.97 83.14 -31.59
C SER A 132 -73.34 83.70 -31.24
N MSE A 133 -73.38 84.90 -30.69
CA MSE A 133 -74.63 85.56 -30.42
C MSE A 133 -74.54 86.80 -31.24
O MSE A 133 -73.51 87.48 -31.12
CB MSE A 133 -74.65 85.93 -28.95
CG MSE A 133 -74.09 84.82 -28.06
SE MSE A 133 -73.98 85.39 -26.20
CE MSE A 133 -75.81 85.01 -25.64
N GLU A 134 -75.52 87.13 -32.08
CA GLU A 134 -75.34 88.29 -32.95
C GLU A 134 -75.31 89.62 -32.24
N PRO A 135 -76.01 89.68 -31.03
CA PRO A 135 -75.78 90.93 -30.31
C PRO A 135 -74.50 90.68 -29.53
N SER A 136 -73.37 91.00 -30.14
CA SER A 136 -72.06 90.54 -29.68
C SER A 136 -71.75 91.04 -28.28
N GLU A 137 -72.21 92.22 -27.95
CA GLU A 137 -71.89 92.82 -26.69
C GLU A 137 -72.33 91.89 -25.56
N ARG A 138 -73.40 91.15 -25.75
CA ARG A 138 -73.86 90.26 -24.70
C ARG A 138 -72.80 89.24 -24.36
N LEU A 139 -72.15 88.70 -25.38
CA LEU A 139 -71.21 87.65 -25.12
C LEU A 139 -70.16 88.24 -24.23
N ALA A 140 -69.72 89.44 -24.55
CA ALA A 140 -68.61 90.03 -23.83
C ALA A 140 -69.04 90.12 -22.40
N SER A 141 -70.32 90.45 -22.23
CA SER A 141 -70.87 90.64 -20.93
C SER A 141 -70.65 89.35 -20.18
N LEU A 142 -70.80 88.23 -20.88
CA LEU A 142 -70.53 86.93 -20.28
C LEU A 142 -69.09 86.63 -19.86
N GLN A 143 -68.13 86.94 -20.71
CA GLN A 143 -66.79 86.40 -20.49
C GLN A 143 -66.28 86.89 -19.17
N ALA A 144 -66.56 88.16 -18.87
CA ALA A 144 -66.19 88.68 -17.58
C ALA A 144 -66.94 87.97 -16.50
N LEU A 145 -68.20 87.69 -16.76
CA LEU A 145 -69.05 87.18 -15.71
C LEU A 145 -68.42 85.88 -15.25
N TRP A 146 -67.96 85.10 -16.21
CA TRP A 146 -67.24 83.91 -15.88
C TRP A 146 -66.03 84.34 -15.13
N ASP A 147 -65.43 85.41 -15.63
CA ASP A 147 -64.28 85.99 -15.00
C ASP A 147 -64.64 86.47 -13.60
N SER A 148 -65.85 86.99 -13.45
CA SER A 148 -66.26 87.60 -12.18
C SER A 148 -66.22 86.66 -10.98
N GLN A 149 -66.69 85.43 -11.17
CA GLN A 149 -66.76 84.49 -10.05
C GLN A 149 -65.44 83.79 -9.79
N THR A 150 -65.12 83.61 -8.51
CA THR A 150 -63.88 82.98 -8.14
C THR A 150 -63.91 81.51 -8.40
N LEU A 151 -62.73 80.93 -8.51
CA LEU A 151 -62.65 79.50 -8.68
C LEU A 151 -61.89 78.87 -7.54
N ALA A 152 -62.52 77.93 -6.87
CA ALA A 152 -61.87 77.25 -5.77
C ALA A 152 -60.75 76.48 -6.38
N GLU A 153 -59.62 76.38 -5.70
CA GLU A 153 -58.47 75.69 -6.29
C GLU A 153 -58.96 74.29 -6.58
N PRO A 154 -58.57 73.77 -7.73
CA PRO A 154 -59.15 72.50 -8.15
C PRO A 154 -58.50 71.40 -7.39
N GLY A 155 -59.05 70.21 -7.46
CA GLY A 155 -58.63 69.13 -6.60
C GLY A 155 -57.36 68.58 -7.15
N PRO A 156 -57.02 67.29 -6.71
CA PRO A 156 -55.70 66.86 -7.18
C PRO A 156 -55.64 66.63 -8.66
N CYS A 157 -54.42 66.59 -9.18
CA CYS A 157 -54.08 66.35 -10.56
C CYS A 157 -54.82 67.23 -11.53
N GLY A 158 -54.91 68.51 -11.21
CA GLY A 158 -55.50 69.47 -12.14
C GLY A 158 -56.98 69.24 -12.27
N GLY A 159 -57.58 68.81 -11.15
CA GLY A 159 -59.00 68.49 -11.08
C GLY A 159 -59.42 67.21 -11.74
N PHE A 160 -58.53 66.23 -11.83
CA PHE A 160 -58.83 65.04 -12.62
C PHE A 160 -60.07 64.31 -12.11
N SER A 161 -60.22 64.22 -10.80
CA SER A 161 -61.36 63.50 -10.23
C SER A 161 -62.72 64.13 -10.59
N GLN A 162 -62.80 65.45 -10.53
CA GLN A 162 -64.04 66.16 -10.85
C GLN A 162 -64.44 65.96 -12.32
N MSE A 163 -63.44 66.03 -13.19
CA MSE A 163 -63.62 65.79 -14.63
C MSE A 163 -64.01 64.37 -14.98
O MSE A 163 -64.85 64.16 -15.83
CB MSE A 163 -62.33 66.02 -15.38
CG MSE A 163 -61.79 67.41 -15.49
SE MSE A 163 -60.00 67.23 -16.36
CE MSE A 163 -59.22 68.86 -15.55
N TYR A 164 -63.31 63.39 -14.42
CA TYR A 164 -63.63 61.99 -14.60
C TYR A 164 -65.13 61.80 -14.34
N ALA A 165 -65.58 62.32 -13.22
CA ALA A 165 -66.98 62.18 -12.89
C ALA A 165 -67.86 62.62 -14.06
N CYS A 166 -67.67 63.87 -14.50
CA CYS A 166 -68.50 64.45 -15.57
C CYS A 166 -68.46 63.67 -16.85
N VAL A 167 -67.29 63.15 -17.14
CA VAL A 167 -67.09 62.39 -18.34
C VAL A 167 -67.83 61.09 -18.31
N CYS A 168 -67.85 60.42 -17.16
CA CYS A 168 -68.56 59.15 -17.02
C CYS A 168 -70.06 59.37 -17.22
N ASP A 169 -70.56 60.46 -16.66
CA ASP A 169 -71.97 60.84 -16.78
C ASP A 169 -72.28 61.12 -18.22
N TRP A 170 -71.32 61.76 -18.86
CA TRP A 170 -71.45 62.16 -20.23
C TRP A 170 -71.48 60.95 -21.22
N LEU A 171 -70.54 60.02 -21.12
CA LEU A 171 -70.47 58.92 -22.08
C LEU A 171 -71.15 57.67 -21.57
N GLY A 172 -71.77 57.76 -20.39
CA GLY A 172 -72.54 56.65 -19.85
C GLY A 172 -71.72 55.52 -19.27
N PHE A 173 -70.80 55.85 -18.36
CA PHE A 173 -70.02 54.82 -17.67
C PHE A 173 -70.26 54.95 -16.18
N SER A 174 -69.94 53.92 -15.44
CA SER A 174 -70.30 53.94 -14.05
C SER A 174 -69.13 54.52 -13.29
N TYR A 175 -69.29 55.72 -12.73
CA TYR A 175 -68.13 56.33 -12.06
C TYR A 175 -67.61 55.36 -11.04
N LYS A 176 -66.33 55.02 -11.18
CA LYS A 176 -65.66 54.10 -10.27
C LYS A 176 -64.95 54.88 -9.16
N GLU A 177 -65.45 54.77 -7.93
CA GLU A 177 -64.81 55.41 -6.78
C GLU A 177 -63.30 55.14 -6.82
N GLU A 178 -62.94 53.96 -7.30
CA GLU A 178 -61.59 53.46 -7.23
C GLU A 178 -60.70 54.37 -7.97
N VAL A 179 -61.15 54.87 -9.11
CA VAL A 179 -60.34 55.80 -9.86
C VAL A 179 -60.12 57.06 -9.07
N GLN A 180 -61.16 57.54 -8.42
CA GLN A 180 -61.04 58.77 -7.67
C GLN A 180 -60.11 58.62 -6.52
N TRP A 181 -60.18 57.50 -5.84
CA TRP A 181 -59.34 57.28 -4.70
C TRP A 181 -57.93 57.25 -5.11
N ASP A 182 -57.67 56.57 -6.20
CA ASP A 182 -56.33 56.36 -6.67
C ASP A 182 -55.70 57.66 -7.04
N VAL A 183 -56.41 58.49 -7.77
CA VAL A 183 -55.89 59.77 -8.15
C VAL A 183 -55.76 60.77 -7.04
N ASP A 184 -56.78 60.89 -6.22
CA ASP A 184 -56.75 61.82 -5.15
C ASP A 184 -55.71 61.43 -4.15
N THR A 185 -55.57 60.14 -3.91
CA THR A 185 -54.63 59.67 -2.91
C THR A 185 -53.26 59.25 -3.38
N ILE A 186 -53.17 58.22 -4.21
CA ILE A 186 -51.86 57.77 -4.67
C ILE A 186 -51.12 58.70 -5.58
N TYR A 187 -51.81 59.24 -6.55
CA TYR A 187 -51.21 60.10 -7.55
C TYR A 187 -50.75 61.39 -6.93
N LEU A 188 -51.55 61.87 -6.02
CA LEU A 188 -51.26 63.10 -5.32
C LEU A 188 -50.02 63.00 -4.49
N THR A 189 -49.84 61.91 -3.77
CA THR A 189 -48.66 61.76 -2.95
C THR A 189 -47.46 61.70 -3.83
N GLN A 190 -47.61 61.01 -4.93
CA GLN A 190 -46.47 60.65 -5.72
C GLN A 190 -46.06 61.79 -6.65
N ASP A 191 -46.89 62.84 -6.69
CA ASP A 191 -46.68 63.97 -7.61
C ASP A 191 -46.37 63.46 -9.03
N THR A 192 -47.02 62.39 -9.51
CA THR A 192 -46.74 61.87 -10.88
C THR A 192 -47.56 62.66 -11.83
N ARG A 193 -47.01 62.86 -12.99
CA ARG A 193 -47.75 63.49 -14.00
C ARG A 193 -47.96 62.49 -15.10
N GLU A 194 -47.82 61.22 -14.80
CA GLU A 194 -48.10 60.10 -15.69
C GLU A 194 -49.40 59.42 -15.38
N LEU A 195 -50.30 59.29 -16.35
CA LEU A 195 -51.43 58.38 -16.20
C LEU A 195 -51.04 57.04 -16.74
N ASN A 196 -50.99 56.01 -15.90
CA ASN A 196 -50.51 54.68 -16.31
C ASN A 196 -51.63 53.73 -16.39
N LEU A 197 -52.09 53.34 -17.56
CA LEU A 197 -53.25 52.50 -17.65
C LEU A 197 -53.11 51.26 -16.75
N GLN A 198 -51.91 50.78 -16.45
CA GLN A 198 -51.81 49.54 -15.62
C GLN A 198 -52.10 49.75 -14.12
N ASP A 199 -52.25 50.99 -13.70
CA ASP A 199 -52.75 51.32 -12.37
C ASP A 199 -54.24 50.95 -12.20
N PHE A 200 -54.99 50.97 -13.30
CA PHE A 200 -56.43 50.76 -13.38
C PHE A 200 -56.76 49.34 -13.83
N SER A 201 -55.73 48.48 -13.82
CA SER A 201 -55.85 47.04 -14.17
C SER A 201 -56.81 46.26 -13.27
N HIS A 202 -57.13 46.82 -12.10
CA HIS A 202 -58.15 46.29 -11.20
C HIS A 202 -59.61 46.59 -11.57
N LEU A 203 -59.79 47.43 -12.58
CA LEU A 203 -61.11 47.77 -13.06
C LEU A 203 -61.22 46.97 -14.33
N GLU A 204 -62.36 47.06 -15.02
CA GLU A 204 -62.60 46.32 -16.25
C GLU A 204 -61.89 46.98 -17.39
N HIS A 205 -61.69 46.30 -18.53
CA HIS A 205 -61.07 47.03 -19.63
C HIS A 205 -61.89 48.25 -20.03
N ARG A 206 -63.18 48.07 -20.30
CA ARG A 206 -63.95 49.17 -20.82
C ARG A 206 -63.84 50.40 -19.92
N ASP A 207 -63.54 50.17 -18.65
CA ASP A 207 -63.48 51.23 -17.64
C ASP A 207 -62.41 52.31 -17.81
N LEU A 208 -61.44 52.04 -18.68
CA LEU A 208 -60.41 53.02 -19.04
C LEU A 208 -60.90 54.12 -19.95
N ILE A 209 -62.04 53.91 -20.57
CA ILE A 209 -62.46 54.84 -21.58
C ILE A 209 -62.74 56.22 -20.97
N PRO A 210 -63.55 56.26 -19.93
CA PRO A 210 -63.78 57.59 -19.37
C PRO A 210 -62.52 58.15 -18.73
N ILE A 211 -61.60 57.28 -18.34
CA ILE A 211 -60.39 57.70 -17.62
C ILE A 211 -59.47 58.40 -18.55
N ILE A 212 -59.21 57.79 -19.69
CA ILE A 212 -58.42 58.42 -20.73
C ILE A 212 -59.09 59.67 -21.32
N ALA A 213 -60.40 59.64 -21.61
CA ALA A 213 -61.06 60.79 -22.26
C ALA A 213 -61.04 62.03 -21.39
N ALA A 214 -60.88 61.81 -20.08
CA ALA A 214 -60.86 62.90 -19.12
C ALA A 214 -59.62 63.72 -19.27
N LEU A 215 -58.63 63.19 -19.97
CA LEU A 215 -57.38 63.91 -20.16
C LEU A 215 -57.50 64.98 -21.24
N GLU A 216 -58.57 65.03 -22.03
CA GLU A 216 -58.49 65.98 -23.13
C GLU A 216 -58.38 67.41 -22.63
N TYR A 217 -58.99 67.73 -21.53
CA TYR A 217 -58.85 69.07 -21.05
C TYR A 217 -57.97 69.19 -19.83
N ASN A 218 -57.21 68.15 -19.54
CA ASN A 218 -56.45 68.12 -18.32
C ASN A 218 -55.10 68.70 -18.46
N GLN A 219 -54.77 69.60 -17.56
CA GLN A 219 -53.53 70.28 -17.63
C GLN A 219 -52.55 69.81 -16.64
N TRP A 220 -52.84 68.74 -15.94
CA TRP A 220 -51.86 68.21 -15.04
C TRP A 220 -50.94 67.29 -15.70
N PHE A 221 -51.48 66.38 -16.47
CA PHE A 221 -50.81 65.19 -16.83
C PHE A 221 -50.05 65.41 -18.10
N THR A 222 -48.76 65.14 -18.07
CA THR A 222 -47.93 65.33 -19.20
C THR A 222 -47.54 64.06 -19.86
N LYS A 223 -47.98 62.95 -19.35
CA LYS A 223 -47.53 61.70 -19.93
C LYS A 223 -48.65 60.66 -19.84
N LEU A 224 -48.99 60.00 -20.95
CA LEU A 224 -49.93 58.85 -20.95
C LEU A 224 -49.21 57.57 -21.34
N SER A 225 -49.24 56.55 -20.51
CA SER A 225 -48.44 55.37 -20.81
C SER A 225 -49.11 54.01 -20.48
N SER A 226 -48.85 52.94 -21.25
CA SER A 226 -49.33 51.56 -21.02
C SER A 226 -48.29 50.64 -21.63
N LYS A 227 -47.95 49.50 -21.01
CA LYS A 227 -47.03 48.52 -21.61
C LYS A 227 -47.54 47.15 -21.36
N ASP A 228 -47.55 46.33 -22.40
CA ASP A 228 -48.01 44.95 -22.32
C ASP A 228 -49.51 44.80 -22.01
N LEU A 229 -50.33 45.79 -22.36
CA LEU A 229 -51.77 45.66 -22.25
C LEU A 229 -52.33 45.79 -23.63
N LYS A 230 -53.02 44.76 -24.12
CA LYS A 230 -53.56 44.85 -25.45
C LYS A 230 -54.76 45.76 -25.39
N LEU A 231 -54.73 46.84 -26.18
CA LEU A 231 -55.67 47.92 -26.00
C LEU A 231 -56.85 47.72 -26.97
N SER A 232 -58.07 47.93 -26.46
CA SER A 232 -59.31 47.66 -27.16
C SER A 232 -59.60 48.80 -28.12
N THR A 233 -60.39 48.50 -29.14
CA THR A 233 -60.66 49.45 -30.18
C THR A 233 -61.20 50.77 -29.62
N ASP A 234 -61.99 50.71 -28.54
CA ASP A 234 -62.65 51.89 -27.98
C ASP A 234 -61.69 52.69 -27.13
N VAL A 235 -60.87 51.99 -26.38
CA VAL A 235 -59.78 52.62 -25.64
C VAL A 235 -58.92 53.40 -26.58
N CYS A 236 -58.54 52.78 -27.71
CA CYS A 236 -57.75 53.49 -28.72
C CYS A 236 -58.48 54.67 -29.24
N GLU A 237 -59.77 54.52 -29.53
CA GLU A 237 -60.50 55.68 -30.01
C GLU A 237 -60.26 56.87 -29.09
N GLN A 238 -60.27 56.61 -27.78
CA GLN A 238 -60.06 57.67 -26.79
C GLN A 238 -58.61 58.13 -26.67
N ILE A 239 -57.65 57.25 -26.87
CA ILE A 239 -56.26 57.72 -26.87
C ILE A 239 -56.15 58.72 -27.99
N LEU A 240 -56.49 58.27 -29.18
CA LEU A 240 -56.45 59.14 -30.36
C LEU A 240 -57.13 60.48 -30.11
N ARG A 241 -58.35 60.51 -29.57
CA ARG A 241 -59.02 61.79 -29.39
C ARG A 241 -58.19 62.72 -28.52
N VAL A 242 -57.67 62.16 -27.43
CA VAL A 242 -56.80 62.92 -26.53
C VAL A 242 -55.63 63.51 -27.28
N VAL A 243 -55.01 62.72 -28.13
CA VAL A 243 -53.90 63.21 -28.94
C VAL A 243 -54.34 64.30 -29.94
N SER A 244 -55.60 64.24 -30.39
CA SER A 244 -56.14 65.22 -31.33
C SER A 244 -56.29 66.54 -30.64
N ARG A 245 -56.88 66.51 -29.46
CA ARG A 245 -57.24 67.72 -28.74
C ARG A 245 -56.29 68.24 -27.64
N SER A 246 -55.29 67.47 -27.20
CA SER A 246 -54.60 67.86 -25.96
C SER A 246 -53.41 68.70 -26.30
N ASN A 247 -53.36 69.91 -25.75
CA ASN A 247 -52.22 70.78 -25.91
C ASN A 247 -51.17 70.47 -24.88
N ARG A 248 -51.57 69.77 -23.81
CA ARG A 248 -50.70 69.48 -22.67
C ARG A 248 -49.93 68.18 -22.68
N LEU A 249 -50.19 67.26 -23.61
CA LEU A 249 -49.66 65.90 -23.50
C LEU A 249 -48.36 65.87 -24.20
N GLU A 250 -47.30 65.76 -23.40
CA GLU A 250 -45.93 65.62 -23.92
C GLU A 250 -45.37 64.21 -24.32
N GLU A 251 -45.86 63.14 -23.72
CA GLU A 251 -45.28 61.82 -23.93
C GLU A 251 -46.28 60.71 -24.06
N LEU A 252 -46.22 59.97 -25.15
CA LEU A 252 -47.12 58.85 -25.37
C LEU A 252 -46.36 57.56 -25.37
N VAL A 253 -46.69 56.63 -24.51
CA VAL A 253 -46.06 55.33 -24.57
C VAL A 253 -47.12 54.23 -24.64
N LEU A 254 -47.27 53.53 -25.76
CA LEU A 254 -48.17 52.39 -25.82
C LEU A 254 -47.30 51.26 -26.29
N GLU A 255 -46.88 50.40 -25.42
CA GLU A 255 -45.84 49.49 -25.74
C GLU A 255 -46.48 48.12 -25.80
N ASN A 256 -46.08 47.32 -26.75
CA ASN A 256 -46.61 45.99 -26.84
C ASN A 256 -48.09 46.07 -26.56
N ALA A 257 -48.79 47.00 -27.20
CA ALA A 257 -50.24 47.10 -27.13
C ALA A 257 -51.00 46.44 -28.28
N GLY A 258 -50.30 45.73 -29.15
CA GLY A 258 -50.99 45.06 -30.25
C GLY A 258 -51.80 46.03 -31.09
N LEU A 259 -51.35 47.26 -31.14
CA LEU A 259 -51.77 48.21 -32.14
C LEU A 259 -51.22 47.69 -33.43
N ARG A 260 -51.79 48.13 -34.55
CA ARG A 260 -51.33 47.70 -35.86
C ARG A 260 -51.41 48.88 -36.77
N ILE A 261 -51.14 48.59 -38.02
CA ILE A 261 -51.07 49.57 -39.06
C ILE A 261 -52.19 50.62 -39.21
N ASP A 262 -53.45 50.26 -39.00
CA ASP A 262 -54.57 51.22 -39.06
C ASP A 262 -54.50 52.24 -37.97
N PHE A 263 -54.00 51.83 -36.79
CA PHE A 263 -53.90 52.71 -35.63
C PHE A 263 -52.79 53.66 -35.92
N ALA A 264 -51.69 53.11 -36.46
CA ALA A 264 -50.60 53.96 -36.87
C ALA A 264 -51.18 55.11 -37.70
N GLN A 265 -52.01 54.78 -38.68
CA GLN A 265 -52.62 55.82 -39.51
C GLN A 265 -53.56 56.74 -38.74
N LYS A 266 -54.38 56.21 -37.85
CA LYS A 266 -55.31 57.05 -37.15
C LYS A 266 -54.54 58.02 -36.26
N LEU A 267 -53.33 57.63 -35.89
CA LEU A 267 -52.53 58.46 -34.99
C LEU A 267 -51.87 59.57 -35.80
N ALA A 268 -51.43 59.25 -37.00
CA ALA A 268 -50.97 60.27 -37.90
C ALA A 268 -52.11 61.25 -37.96
N GLY A 269 -53.34 60.72 -38.05
CA GLY A 269 -54.50 61.57 -38.25
C GLY A 269 -54.58 62.58 -37.15
N ALA A 270 -54.64 62.10 -35.91
CA ALA A 270 -54.78 62.95 -34.73
C ALA A 270 -53.74 64.01 -34.68
N LEU A 271 -52.49 63.69 -34.97
CA LEU A 271 -51.42 64.68 -34.90
C LEU A 271 -51.60 65.76 -35.95
N ALA A 272 -52.02 65.38 -37.16
CA ALA A 272 -52.19 66.35 -38.23
C ALA A 272 -53.20 67.39 -37.78
N HIS A 273 -54.33 66.85 -37.37
CA HIS A 273 -55.45 67.55 -36.79
C HIS A 273 -55.15 68.48 -35.65
N ASN A 274 -54.09 68.25 -34.90
CA ASN A 274 -53.90 69.00 -33.68
C ASN A 274 -53.00 70.23 -33.89
N PRO A 275 -53.56 71.42 -33.75
CA PRO A 275 -52.83 72.63 -34.11
C PRO A 275 -51.50 72.80 -33.42
N ASN A 276 -51.51 72.67 -32.10
CA ASN A 276 -50.26 72.51 -31.42
C ASN A 276 -50.19 71.23 -30.52
N SER A 277 -49.46 70.20 -30.96
CA SER A 277 -49.25 69.10 -30.05
C SER A 277 -48.15 69.48 -29.13
N GLY A 278 -48.18 68.89 -27.95
CA GLY A 278 -47.12 69.03 -27.01
C GLY A 278 -46.18 67.85 -27.04
N LEU A 279 -46.26 67.00 -28.07
CA LEU A 279 -45.67 65.64 -28.00
C LEU A 279 -44.23 65.65 -28.48
N HIS A 280 -43.29 65.48 -27.57
CA HIS A 280 -41.95 65.25 -27.94
C HIS A 280 -41.41 63.83 -27.74
N THR A 281 -42.15 62.96 -27.09
CA THR A 281 -41.63 61.61 -26.81
C THR A 281 -42.64 60.54 -27.28
N ILE A 282 -42.25 59.58 -28.09
CA ILE A 282 -43.21 58.61 -28.53
C ILE A 282 -42.59 57.27 -28.43
N ASN A 283 -43.17 56.30 -27.69
CA ASN A 283 -42.73 54.93 -27.69
C ASN A 283 -43.87 54.05 -28.12
N LEU A 284 -43.70 53.36 -29.23
CA LEU A 284 -44.68 52.44 -29.70
C LEU A 284 -44.09 51.08 -29.96
N ALA A 285 -43.07 50.68 -29.24
CA ALA A 285 -42.37 49.46 -29.55
C ALA A 285 -43.26 48.36 -29.22
N GLY A 286 -43.10 47.22 -29.88
CA GLY A 286 -43.93 46.07 -29.64
C GLY A 286 -45.08 45.87 -30.57
N ASN A 287 -45.41 46.91 -31.31
CA ASN A 287 -46.61 46.98 -32.13
C ASN A 287 -46.26 46.94 -33.57
N SER A 288 -46.97 46.18 -34.37
CA SER A 288 -46.60 46.07 -35.76
C SER A 288 -47.15 47.19 -36.60
N LEU A 289 -46.55 48.35 -36.50
CA LEU A 289 -46.95 49.47 -37.28
C LEU A 289 -46.72 49.28 -38.75
N GLU A 290 -45.68 48.51 -39.07
CA GLU A 290 -45.40 48.04 -40.43
C GLU A 290 -45.09 49.08 -41.50
N ASP A 291 -44.37 50.13 -41.13
CA ASP A 291 -43.89 51.10 -42.11
C ASP A 291 -44.99 52.00 -42.64
N ARG A 292 -46.05 51.40 -43.18
CA ARG A 292 -47.13 52.19 -43.73
C ARG A 292 -47.72 53.03 -42.63
N GLY A 293 -47.90 52.43 -41.46
CA GLY A 293 -48.26 53.18 -40.27
C GLY A 293 -47.13 54.11 -39.90
N VAL A 294 -45.90 53.59 -39.96
CA VAL A 294 -44.70 54.38 -39.69
C VAL A 294 -44.52 55.47 -40.73
N SER A 295 -44.75 55.12 -41.98
CA SER A 295 -44.65 56.08 -43.08
C SER A 295 -45.71 57.16 -42.89
N SER A 296 -46.90 56.73 -42.47
CA SER A 296 -47.99 57.65 -42.19
C SER A 296 -47.62 58.57 -41.04
N LEU A 297 -46.96 58.01 -40.02
CA LEU A 297 -46.61 58.78 -38.86
C LEU A 297 -45.47 59.71 -39.14
N SER A 298 -44.46 59.22 -39.81
CA SER A 298 -43.20 59.92 -39.91
C SER A 298 -43.42 61.22 -40.58
N ILE A 299 -44.39 61.26 -41.47
CA ILE A 299 -44.69 62.48 -42.16
C ILE A 299 -45.09 63.48 -41.13
N GLN A 300 -45.89 63.04 -40.18
CA GLN A 300 -46.32 63.92 -39.14
C GLN A 300 -45.18 64.28 -38.26
N PHE A 301 -44.32 63.32 -38.02
CA PHE A 301 -43.21 63.54 -37.15
C PHE A 301 -42.39 64.64 -37.77
N ALA A 302 -42.34 64.68 -39.08
CA ALA A 302 -41.49 65.64 -39.73
C ALA A 302 -41.91 67.00 -39.28
N LYS A 303 -43.21 67.28 -39.30
CA LYS A 303 -43.66 68.62 -38.96
C LYS A 303 -44.41 68.61 -37.69
N LEU A 304 -43.74 68.91 -36.62
CA LEU A 304 -44.32 68.83 -35.33
C LEU A 304 -43.87 70.12 -34.83
N PRO A 305 -44.71 70.75 -33.89
CA PRO A 305 -44.20 72.04 -33.44
C PRO A 305 -42.90 71.86 -32.72
N LYS A 306 -42.77 70.81 -31.96
CA LYS A 306 -41.72 70.70 -30.96
C LYS A 306 -40.40 69.98 -31.36
N GLY A 307 -40.49 69.01 -32.27
CA GLY A 307 -39.34 68.22 -32.68
C GLY A 307 -39.22 67.12 -31.62
N LEU A 308 -38.80 65.92 -32.00
CA LEU A 308 -38.86 64.75 -31.14
C LEU A 308 -37.71 64.73 -30.14
N LYS A 309 -37.98 64.48 -28.86
CA LYS A 309 -36.89 64.26 -27.93
C LYS A 309 -36.43 62.87 -27.94
N HIS A 310 -37.40 61.94 -27.98
CA HIS A 310 -37.16 60.51 -27.74
C HIS A 310 -38.13 59.73 -28.59
N LEU A 311 -37.66 58.77 -29.37
CA LEU A 311 -38.55 58.02 -30.21
C LEU A 311 -38.19 56.58 -30.11
N ASN A 312 -39.05 55.72 -29.62
CA ASN A 312 -38.73 54.33 -29.63
C ASN A 312 -39.66 53.59 -30.56
N LEU A 313 -39.19 53.01 -31.64
CA LEU A 313 -40.06 52.24 -32.48
C LEU A 313 -39.43 50.88 -32.67
N SER A 314 -39.44 50.06 -31.63
CA SER A 314 -38.59 48.92 -31.57
C SER A 314 -39.49 47.83 -31.91
N LYS A 315 -39.02 46.84 -32.60
CA LYS A 315 -39.89 45.73 -32.83
C LYS A 315 -41.28 46.19 -33.35
N THR A 316 -41.24 47.18 -34.24
CA THR A 316 -42.44 47.67 -34.92
C THR A 316 -42.62 47.01 -36.27
N SER A 317 -41.81 46.01 -36.59
CA SER A 317 -41.98 45.29 -37.86
C SER A 317 -41.67 46.14 -39.10
N LEU A 318 -40.65 46.98 -38.95
CA LEU A 318 -40.10 47.84 -40.00
C LEU A 318 -39.15 47.07 -40.87
N SER A 319 -39.03 47.52 -42.11
CA SER A 319 -38.08 46.97 -43.04
C SER A 319 -37.23 48.13 -43.39
N PRO A 320 -36.23 47.92 -44.23
CA PRO A 320 -35.42 49.08 -44.53
C PRO A 320 -36.21 50.23 -45.17
N LYS A 321 -37.19 49.93 -45.99
CA LYS A 321 -38.03 50.95 -46.61
C LYS A 321 -38.70 51.82 -45.56
N GLY A 322 -39.12 51.23 -44.46
CA GLY A 322 -39.75 51.97 -43.38
C GLY A 322 -38.72 52.86 -42.71
N VAL A 323 -37.56 52.30 -42.40
CA VAL A 323 -36.61 53.05 -41.61
C VAL A 323 -36.17 54.20 -42.44
N ASN A 324 -36.10 54.01 -43.75
CA ASN A 324 -35.58 55.05 -44.65
C ASN A 324 -36.64 56.16 -44.69
N SER A 325 -37.90 55.83 -44.93
CA SER A 325 -38.97 56.81 -44.89
C SER A 325 -38.97 57.62 -43.60
N LEU A 326 -38.76 56.95 -42.49
CA LEU A 326 -38.77 57.59 -41.19
C LEU A 326 -37.59 58.55 -41.08
N CYS A 327 -36.41 58.11 -41.47
CA CYS A 327 -35.24 58.87 -41.17
C CYS A 327 -35.26 60.08 -42.07
N GLN A 328 -35.81 59.93 -43.22
CA GLN A 328 -35.83 61.03 -44.14
C GLN A 328 -36.76 62.06 -43.59
N SER A 329 -37.86 61.63 -42.97
CA SER A 329 -38.82 62.48 -42.30
C SER A 329 -38.25 63.17 -41.10
N LEU A 330 -37.40 62.50 -40.34
CA LEU A 330 -36.75 63.13 -39.19
C LEU A 330 -35.82 64.27 -39.63
N SER A 331 -34.98 64.01 -40.62
CA SER A 331 -34.10 65.06 -41.11
C SER A 331 -34.87 66.12 -41.89
N ALA A 332 -36.06 65.85 -42.37
CA ALA A 332 -36.95 66.90 -42.89
C ALA A 332 -37.22 68.01 -41.90
N ASN A 333 -37.56 67.64 -40.69
CA ASN A 333 -37.83 68.59 -39.61
C ASN A 333 -36.56 69.25 -39.22
N PRO A 334 -36.50 70.57 -39.27
CA PRO A 334 -35.23 71.24 -38.95
C PRO A 334 -34.78 71.01 -37.49
N LEU A 335 -35.72 70.69 -36.62
CA LEU A 335 -35.43 70.58 -35.19
C LEU A 335 -34.83 69.25 -34.74
N THR A 336 -35.26 68.13 -35.32
CA THR A 336 -34.95 66.84 -34.72
C THR A 336 -33.46 66.74 -34.50
N ALA A 337 -32.70 67.42 -35.30
CA ALA A 337 -31.27 67.37 -35.11
C ALA A 337 -30.80 68.01 -33.82
N SER A 338 -31.41 69.11 -33.42
CA SER A 338 -31.12 69.72 -32.13
C SER A 338 -31.97 69.26 -30.94
N THR A 339 -33.14 68.67 -31.18
CA THR A 339 -33.93 68.10 -30.11
C THR A 339 -33.89 66.60 -29.82
N LEU A 340 -33.38 65.75 -30.70
CA LEU A 340 -33.60 64.30 -30.57
C LEU A 340 -32.45 63.67 -29.84
N THR A 341 -32.71 63.27 -28.59
CA THR A 341 -31.68 62.64 -27.79
C THR A 341 -31.71 61.11 -27.68
N HIS A 342 -32.79 60.46 -28.08
CA HIS A 342 -32.89 59.00 -27.91
C HIS A 342 -33.59 58.37 -29.15
N LEU A 343 -32.96 57.42 -29.82
CA LEU A 343 -33.57 56.82 -30.99
C LEU A 343 -33.42 55.33 -30.83
N ASP A 344 -34.53 54.59 -30.76
CA ASP A 344 -34.44 53.13 -30.65
C ASP A 344 -35.13 52.49 -31.82
N LEU A 345 -34.38 51.86 -32.69
CA LEU A 345 -34.93 51.19 -33.81
C LEU A 345 -34.61 49.75 -33.76
N SER A 346 -34.31 49.24 -32.59
CA SER A 346 -33.89 47.86 -32.45
C SER A 346 -35.01 46.97 -32.78
N GLY A 347 -34.66 45.83 -33.33
CA GLY A 347 -35.62 44.81 -33.59
C GLY A 347 -36.28 44.86 -34.91
N ASN A 348 -36.00 45.81 -35.76
CA ASN A 348 -36.49 45.79 -37.10
C ASN A 348 -35.42 45.42 -38.03
N ALA A 349 -35.68 45.35 -39.31
CA ALA A 349 -34.69 44.89 -40.26
C ALA A 349 -33.95 45.98 -40.99
N LEU A 350 -32.64 46.06 -40.75
CA LEU A 350 -31.79 47.07 -41.37
C LEU A 350 -30.92 46.51 -42.48
N ARG A 351 -31.16 45.25 -42.85
CA ARG A 351 -30.27 44.55 -43.78
C ARG A 351 -30.90 44.27 -45.15
N GLY A 352 -30.14 44.57 -46.19
CA GLY A 352 -30.53 44.29 -47.56
C GLY A 352 -31.43 45.32 -48.20
N ASP A 353 -31.71 46.40 -47.47
CA ASP A 353 -32.52 47.49 -48.01
C ASP A 353 -31.80 48.82 -47.91
N ASP A 354 -31.79 49.56 -49.02
CA ASP A 354 -31.19 50.90 -49.04
C ASP A 354 -31.59 51.64 -47.78
N LEU A 355 -30.65 52.40 -47.22
CA LEU A 355 -30.87 53.02 -45.94
C LEU A 355 -30.23 54.36 -46.01
N SER A 356 -29.96 54.81 -47.19
CA SER A 356 -29.17 56.02 -47.43
C SER A 356 -29.65 57.12 -46.60
N HIS A 357 -30.94 57.14 -46.32
CA HIS A 357 -31.54 58.28 -45.64
C HIS A 357 -31.25 58.18 -44.18
N MSE A 358 -31.17 56.95 -43.68
CA MSE A 358 -30.70 56.71 -42.32
C MSE A 358 -29.26 57.13 -42.13
O MSE A 358 -28.94 57.78 -41.18
CB MSE A 358 -30.82 55.26 -41.93
CG MSE A 358 -30.29 54.99 -40.57
SE MSE A 358 -30.59 53.17 -40.09
CE MSE A 358 -28.94 52.35 -40.54
N TYR A 359 -28.36 56.72 -43.01
CA TYR A 359 -26.97 57.00 -42.76
C TYR A 359 -26.81 58.49 -42.88
N ASN A 360 -27.62 59.08 -43.72
CA ASN A 360 -27.62 60.52 -43.93
C ASN A 360 -28.07 61.31 -42.74
N PHE A 361 -29.12 60.85 -42.08
CA PHE A 361 -29.62 61.52 -40.90
C PHE A 361 -28.64 61.39 -39.73
N LEU A 362 -28.18 60.16 -39.49
CA LEU A 362 -27.21 59.88 -38.46
C LEU A 362 -25.96 60.73 -38.70
N ALA A 363 -25.62 60.94 -39.95
CA ALA A 363 -24.47 61.74 -40.30
C ALA A 363 -24.56 63.28 -40.04
N GLN A 364 -25.73 63.91 -40.18
CA GLN A 364 -25.82 65.36 -39.91
C GLN A 364 -25.64 65.55 -38.44
N PRO A 365 -24.71 66.40 -38.04
CA PRO A 365 -24.43 66.56 -36.60
C PRO A 365 -25.70 66.76 -35.88
N ASN A 366 -25.83 66.07 -34.75
CA ASN A 366 -27.09 65.91 -34.05
C ASN A 366 -26.84 65.74 -32.57
N THR A 367 -27.92 65.85 -31.82
CA THR A 367 -27.88 65.84 -30.38
C THR A 367 -28.17 64.46 -29.77
N ILE A 368 -28.25 63.40 -30.58
CA ILE A 368 -28.55 62.06 -30.08
C ILE A 368 -27.53 61.55 -29.08
N VAL A 369 -28.01 61.22 -27.86
CA VAL A 369 -27.33 60.52 -26.75
C VAL A 369 -27.36 59.01 -26.65
N HIS A 370 -28.43 58.39 -27.14
CA HIS A 370 -28.65 56.95 -27.00
C HIS A 370 -29.11 56.48 -28.34
N LEU A 371 -28.40 55.57 -29.00
CA LEU A 371 -28.83 55.07 -30.30
C LEU A 371 -28.89 53.62 -30.16
N ASP A 372 -30.00 52.98 -30.47
CA ASP A 372 -30.08 51.54 -30.29
C ASP A 372 -30.52 50.92 -31.57
N LEU A 373 -29.60 50.26 -32.22
CA LEU A 373 -29.81 49.53 -33.47
C LEU A 373 -29.80 48.01 -33.38
N SER A 374 -29.79 47.47 -32.17
CA SER A 374 -29.54 46.06 -31.93
C SER A 374 -30.56 45.14 -32.57
N ASN A 375 -30.16 43.90 -32.82
CA ASN A 375 -30.98 42.87 -33.51
C ASN A 375 -31.62 43.49 -34.69
N THR A 376 -30.96 44.42 -35.32
CA THR A 376 -31.37 44.96 -36.59
C THR A 376 -30.55 44.36 -37.73
N GLU A 377 -29.53 43.58 -37.41
CA GLU A 377 -28.58 43.06 -38.39
C GLU A 377 -28.02 44.11 -39.29
N CYS A 378 -27.65 45.26 -38.75
CA CYS A 378 -27.23 46.43 -39.53
C CYS A 378 -25.82 46.26 -39.97
N SER A 379 -25.29 47.22 -40.72
CA SER A 379 -23.86 47.16 -41.06
C SER A 379 -23.03 48.05 -40.14
N LEU A 380 -22.21 47.46 -39.29
CA LEU A 380 -21.34 48.22 -38.40
C LEU A 380 -20.49 49.19 -39.20
N GLU A 381 -19.88 48.77 -40.31
CA GLU A 381 -18.94 49.59 -41.07
C GLU A 381 -19.59 50.84 -41.66
N MSE A 382 -20.87 50.71 -42.03
CA MSE A 382 -21.71 51.80 -42.57
C MSE A 382 -22.29 52.72 -41.56
O MSE A 382 -22.33 53.95 -41.78
CB MSE A 382 -22.87 51.25 -43.36
CG MSE A 382 -22.45 50.57 -44.65
SE MSE A 382 -22.17 51.74 -46.26
CE MSE A 382 -22.88 53.50 -45.85
N VAL A 383 -22.79 52.16 -40.46
CA VAL A 383 -23.28 52.95 -39.34
C VAL A 383 -22.15 53.74 -38.68
N CYS A 384 -21.00 53.08 -38.51
CA CYS A 384 -19.84 53.71 -37.93
C CYS A 384 -19.37 54.85 -38.83
N SER A 385 -19.39 54.59 -40.13
CA SER A 385 -19.19 55.65 -41.13
C SER A 385 -20.04 56.86 -40.90
N ALA A 386 -21.33 56.70 -40.70
CA ALA A 386 -22.14 57.88 -40.35
C ALA A 386 -21.91 58.53 -38.98
N LEU A 387 -21.78 57.75 -37.94
CA LEU A 387 -21.66 58.30 -36.64
C LEU A 387 -20.46 59.17 -36.60
N LEU A 388 -19.43 58.78 -37.34
CA LEU A 388 -18.20 59.50 -37.29
C LEU A 388 -18.38 60.92 -37.69
N ARG A 389 -19.15 61.17 -38.73
CA ARG A 389 -19.45 62.52 -39.12
C ARG A 389 -20.40 63.22 -38.18
N GLY A 390 -21.52 62.58 -37.94
CA GLY A 390 -22.57 63.02 -37.05
C GLY A 390 -22.55 63.03 -35.55
N CYS A 391 -22.06 61.98 -34.94
CA CYS A 391 -22.35 61.71 -33.56
C CYS A 391 -21.20 61.84 -32.61
N LEU A 392 -20.15 62.49 -33.06
CA LEU A 392 -18.97 62.59 -32.25
C LEU A 392 -19.31 63.33 -31.04
N GLN A 393 -20.16 64.32 -31.15
CA GLN A 393 -20.38 65.19 -30.01
C GLN A 393 -21.11 64.67 -28.80
N CYS A 394 -22.28 64.07 -28.95
CA CYS A 394 -22.98 63.55 -27.79
C CYS A 394 -23.42 62.13 -27.64
N LEU A 395 -23.19 61.22 -28.57
CA LEU A 395 -23.65 59.86 -28.42
C LEU A 395 -22.96 59.35 -27.23
N ALA A 396 -23.65 58.62 -26.38
CA ALA A 396 -23.10 58.10 -25.18
C ALA A 396 -23.35 56.66 -24.98
N VAL A 397 -24.53 56.19 -25.30
CA VAL A 397 -24.83 54.78 -25.24
C VAL A 397 -25.16 54.28 -26.61
N LEU A 398 -24.48 53.27 -27.09
CA LEU A 398 -24.68 52.83 -28.45
C LEU A 398 -24.88 51.37 -28.47
N ASN A 399 -26.06 50.90 -28.82
CA ASN A 399 -26.30 49.49 -28.77
C ASN A 399 -26.39 48.98 -30.15
N LEU A 400 -25.44 48.14 -30.52
CA LEU A 400 -25.34 47.65 -31.85
C LEU A 400 -25.25 46.15 -31.92
N SER A 401 -25.76 45.46 -30.91
CA SER A 401 -25.62 44.02 -30.81
C SER A 401 -26.34 43.33 -31.88
N ARG A 402 -25.86 42.14 -32.22
CA ARG A 402 -26.49 41.33 -33.25
C ARG A 402 -26.46 42.04 -34.60
N SER A 403 -25.27 42.16 -35.17
CA SER A 403 -25.10 42.81 -36.46
C SER A 403 -23.84 42.28 -37.16
N VAL A 404 -23.87 42.27 -38.49
CA VAL A 404 -22.75 41.80 -39.27
C VAL A 404 -21.84 42.95 -39.68
N PHE A 405 -20.59 42.93 -39.22
CA PHE A 405 -19.66 43.97 -39.56
C PHE A 405 -19.80 44.55 -40.94
N SER A 406 -20.00 43.73 -41.96
CA SER A 406 -20.25 44.24 -43.29
C SER A 406 -21.26 43.42 -43.97
N HIS A 407 -21.98 44.10 -44.83
CA HIS A 407 -22.85 43.46 -45.76
C HIS A 407 -22.11 43.10 -47.00
N ARG A 408 -20.86 43.53 -47.10
CA ARG A 408 -20.00 43.25 -48.21
C ARG A 408 -19.36 41.93 -48.02
N LYS A 409 -18.87 41.32 -49.08
CA LYS A 409 -18.13 40.09 -48.95
C LYS A 409 -16.66 40.35 -48.76
N GLY A 410 -16.28 41.59 -48.99
CA GLY A 410 -14.91 42.00 -48.87
C GLY A 410 -14.48 42.07 -47.45
N LYS A 411 -13.18 42.02 -47.23
CA LYS A 411 -12.64 42.18 -45.92
C LYS A 411 -12.03 43.53 -45.55
N GLU A 412 -11.97 44.54 -46.39
CA GLU A 412 -11.29 45.70 -45.92
C GLU A 412 -12.17 46.12 -44.77
N VAL A 413 -11.63 46.87 -43.85
CA VAL A 413 -12.37 47.51 -42.79
C VAL A 413 -12.09 48.96 -43.02
N PRO A 414 -13.07 49.72 -43.42
CA PRO A 414 -12.79 51.09 -43.68
C PRO A 414 -12.26 51.89 -42.44
N PRO A 415 -11.59 52.99 -42.72
CA PRO A 415 -11.04 53.83 -41.69
C PRO A 415 -12.14 54.52 -40.98
N SER A 416 -13.33 54.52 -41.55
CA SER A 416 -14.43 55.21 -40.97
C SER A 416 -14.63 54.58 -39.60
N PHE A 417 -14.47 53.26 -39.50
CA PHE A 417 -14.65 52.50 -38.26
C PHE A 417 -13.71 52.71 -37.09
N LYS A 418 -12.40 52.70 -37.31
CA LYS A 418 -11.47 53.03 -36.27
C LYS A 418 -11.51 54.47 -35.92
N GLN A 419 -11.71 55.30 -36.91
CA GLN A 419 -11.69 56.71 -36.76
C GLN A 419 -12.77 57.22 -35.82
N PHE A 420 -13.93 56.61 -35.86
CA PHE A 420 -15.04 56.94 -34.99
C PHE A 420 -14.72 56.77 -33.52
N PHE A 421 -14.17 55.63 -33.17
CA PHE A 421 -13.82 55.36 -31.80
C PHE A 421 -12.61 56.14 -31.34
N SER A 422 -11.73 56.54 -32.25
CA SER A 422 -10.67 57.47 -31.91
C SER A 422 -11.29 58.82 -31.58
N SER A 423 -12.32 59.17 -32.35
CA SER A 423 -12.86 60.51 -32.41
C SER A 423 -14.02 60.83 -31.50
N SER A 424 -14.66 59.85 -30.91
CA SER A 424 -15.83 60.13 -30.13
C SER A 424 -15.44 60.74 -28.89
N LEU A 425 -16.23 61.71 -28.45
CA LEU A 425 -16.02 62.43 -27.21
C LEU A 425 -16.99 62.07 -26.11
N ALA A 426 -18.00 61.29 -26.43
CA ALA A 426 -19.02 60.98 -25.48
C ALA A 426 -19.29 59.55 -25.13
N LEU A 427 -18.64 58.61 -25.79
CA LEU A 427 -19.04 57.24 -25.67
C LEU A 427 -18.88 56.87 -24.26
N ILE A 428 -19.85 56.19 -23.70
CA ILE A 428 -19.70 55.61 -22.39
C ILE A 428 -20.13 54.17 -22.32
N GLN A 429 -21.10 53.76 -23.12
CA GLN A 429 -21.58 52.40 -23.18
C GLN A 429 -21.53 51.93 -24.58
N ILE A 430 -20.90 50.82 -24.88
CA ILE A 430 -20.94 50.26 -26.21
C ILE A 430 -21.25 48.80 -26.19
N ASN A 431 -22.27 48.37 -26.91
CA ASN A 431 -22.63 46.99 -27.02
C ASN A 431 -22.46 46.47 -28.42
N LEU A 432 -21.44 45.69 -28.68
CA LEU A 432 -21.33 45.01 -29.95
C LEU A 432 -21.68 43.59 -29.81
N SER A 433 -22.16 43.17 -28.64
CA SER A 433 -22.38 41.74 -28.34
C SER A 433 -23.14 40.99 -29.40
N GLY A 434 -22.72 39.78 -29.73
CA GLY A 434 -23.51 38.91 -30.58
C GLY A 434 -23.20 39.05 -32.03
N THR A 435 -22.12 39.76 -32.35
CA THR A 435 -21.64 40.03 -33.68
C THR A 435 -20.29 39.43 -33.96
N LYS A 436 -20.08 38.76 -35.06
CA LYS A 436 -18.77 38.16 -35.20
C LYS A 436 -17.88 39.30 -35.43
N LEU A 437 -16.81 39.42 -34.66
CA LEU A 437 -15.74 40.38 -34.97
C LEU A 437 -14.45 39.64 -35.39
N SER A 438 -14.06 39.75 -36.66
CA SER A 438 -12.88 39.04 -37.14
C SER A 438 -11.67 39.78 -36.62
N PRO A 439 -10.45 39.30 -36.91
CA PRO A 439 -9.34 39.94 -36.21
C PRO A 439 -9.16 41.38 -36.64
N GLU A 440 -9.38 41.68 -37.89
CA GLU A 440 -9.10 43.02 -38.31
C GLU A 440 -10.01 44.10 -37.72
N PRO A 441 -11.33 43.91 -37.77
CA PRO A 441 -12.25 44.85 -37.13
C PRO A 441 -12.03 44.96 -35.65
N LEU A 442 -11.81 43.85 -34.95
CA LEU A 442 -11.57 43.94 -33.51
C LEU A 442 -10.33 44.78 -33.28
N LYS A 443 -9.33 44.64 -34.13
CA LYS A 443 -8.11 45.36 -33.87
C LYS A 443 -8.34 46.82 -34.11
N ALA A 444 -9.18 47.15 -35.07
CA ALA A 444 -9.46 48.54 -35.37
C ALA A 444 -10.17 49.13 -34.22
N LEU A 445 -11.07 48.39 -33.61
CA LEU A 445 -11.95 48.97 -32.60
C LEU A 445 -11.19 49.23 -31.32
N LEU A 446 -10.42 48.25 -30.90
CA LEU A 446 -9.64 48.39 -29.71
C LEU A 446 -8.55 49.45 -29.88
N LEU A 447 -7.92 49.51 -31.03
CA LEU A 447 -6.93 50.54 -31.29
C LEU A 447 -7.52 51.90 -31.35
N GLY A 448 -8.74 51.98 -31.81
CA GLY A 448 -9.44 53.23 -31.86
C GLY A 448 -9.75 53.75 -30.49
N LEU A 449 -10.17 52.89 -29.58
CA LEU A 449 -10.48 53.30 -28.21
C LEU A 449 -9.24 53.62 -27.34
N ALA A 450 -8.23 52.78 -27.32
CA ALA A 450 -6.91 53.21 -26.85
C ALA A 450 -6.37 54.56 -27.42
N CYS A 451 -6.55 54.79 -28.71
CA CYS A 451 -6.11 56.03 -29.35
C CYS A 451 -6.88 57.25 -28.81
N ASN A 452 -7.83 57.01 -27.90
CA ASN A 452 -8.79 58.07 -27.59
C ASN A 452 -8.60 58.69 -26.23
N HIS A 453 -8.07 59.86 -26.07
CA HIS A 453 -8.12 60.41 -24.74
C HIS A 453 -9.47 60.86 -24.33
N SER A 454 -10.21 61.49 -25.20
CA SER A 454 -11.39 62.20 -24.73
C SER A 454 -12.31 61.29 -23.86
N LEU A 455 -12.25 59.98 -24.08
CA LEU A 455 -13.17 59.08 -23.42
C LEU A 455 -12.54 58.63 -22.14
N LYS A 456 -13.35 58.50 -21.11
CA LYS A 456 -12.91 57.84 -19.90
C LYS A 456 -14.11 57.18 -19.28
N GLY A 457 -13.86 56.03 -18.70
CA GLY A 457 -14.93 55.30 -18.09
C GLY A 457 -15.81 54.53 -19.03
N VAL A 458 -15.26 54.13 -20.17
CA VAL A 458 -16.03 53.40 -21.16
C VAL A 458 -16.31 51.97 -20.68
N SER A 459 -17.43 51.44 -21.11
CA SER A 459 -17.80 50.07 -20.85
C SER A 459 -18.12 49.45 -22.20
N LEU A 460 -17.56 48.28 -22.49
CA LEU A 460 -17.66 47.64 -23.80
C LEU A 460 -18.19 46.26 -23.60
N ASP A 461 -19.25 45.86 -24.29
CA ASP A 461 -19.70 44.49 -24.25
C ASP A 461 -19.38 43.78 -25.55
N LEU A 462 -18.41 42.90 -25.50
CA LEU A 462 -18.05 42.00 -26.57
C LEU A 462 -18.54 40.58 -26.39
N SER A 463 -19.43 40.31 -25.46
CA SER A 463 -19.84 38.94 -25.25
C SER A 463 -20.38 38.31 -26.50
N ASN A 464 -20.10 37.03 -26.68
CA ASN A 464 -20.61 36.27 -27.83
C ASN A 464 -20.21 36.84 -29.18
N CYS A 465 -18.99 37.38 -29.26
CA CYS A 465 -18.51 37.97 -30.50
C CYS A 465 -17.64 37.04 -31.35
N GLU A 466 -17.44 35.81 -30.90
CA GLU A 466 -16.57 34.91 -31.56
C GLU A 466 -15.12 35.41 -31.47
N LEU A 467 -14.73 35.88 -30.29
CA LEU A 467 -13.36 36.28 -30.10
C LEU A 467 -12.53 35.03 -29.97
N GLY A 468 -13.15 33.90 -29.76
CA GLY A 468 -12.37 32.69 -29.68
C GLY A 468 -11.78 32.37 -31.01
N HIS A 469 -12.63 32.17 -32.01
CA HIS A 469 -12.21 31.84 -33.36
CA HIS A 469 -12.08 31.75 -33.30
C HIS A 469 -11.33 32.94 -33.93
N CYS A 470 -11.45 34.11 -33.33
CA CYS A 470 -10.72 35.30 -33.70
C CYS A 470 -9.30 35.39 -33.12
N LEU A 471 -9.11 34.99 -31.88
CA LEU A 471 -7.76 34.87 -31.32
C LEU A 471 -6.98 33.69 -31.85
N ARG A 472 -7.67 32.61 -32.09
CA ARG A 472 -7.07 31.47 -32.68
C ARG A 472 -6.62 31.85 -34.06
N SER A 473 -7.41 32.67 -34.69
CA SER A 473 -7.15 33.09 -36.05
C SER A 473 -5.97 33.98 -36.36
N GLY A 474 -5.73 34.97 -35.52
CA GLY A 474 -4.66 35.92 -35.69
C GLY A 474 -4.21 36.10 -34.27
N GLY A 475 -4.42 37.27 -33.73
CA GLY A 475 -4.45 37.37 -32.30
C GLY A 475 -3.06 37.23 -31.75
N ALA A 476 -2.93 37.48 -30.46
CA ALA A 476 -1.66 37.41 -29.76
C ALA A 476 -0.88 38.69 -29.96
N GLN A 477 -1.36 39.52 -30.87
CA GLN A 477 -1.14 40.95 -30.86
C GLN A 477 -2.45 41.68 -31.13
N VAL A 478 -3.51 40.92 -31.28
CA VAL A 478 -4.79 41.50 -31.62
C VAL A 478 -5.24 42.44 -30.50
N LEU A 479 -4.97 42.08 -29.26
CA LEU A 479 -5.03 43.04 -28.16
C LEU A 479 -3.74 43.81 -28.02
N GLU A 480 -2.63 43.08 -28.00
CA GLU A 480 -1.36 43.71 -27.85
C GLU A 480 -1.16 44.16 -29.27
N GLY A 481 -1.93 45.17 -29.60
CA GLY A 481 -1.99 45.82 -30.90
C GLY A 481 -0.78 46.51 -31.49
N CYS A 482 0.05 47.15 -30.68
CA CYS A 482 -0.08 47.14 -29.25
C CYS A 482 0.14 48.40 -28.44
N ILE A 483 0.66 49.47 -29.02
CA ILE A 483 1.46 50.40 -28.25
C ILE A 483 0.69 50.95 -27.08
N ALA A 484 -0.57 51.27 -27.28
CA ALA A 484 -1.37 51.78 -26.19
C ALA A 484 -2.28 50.69 -25.68
N GLU A 485 -2.20 50.42 -24.37
CA GLU A 485 -3.26 49.71 -23.72
C GLU A 485 -3.15 49.55 -22.18
N ILE A 486 -4.30 49.62 -21.50
CA ILE A 486 -5.44 50.32 -22.00
C ILE A 486 -5.88 51.12 -20.83
N HIS A 487 -6.10 52.42 -21.01
CA HIS A 487 -6.54 53.18 -19.85
C HIS A 487 -8.06 53.54 -19.85
N ASN A 488 -8.76 53.26 -20.96
CA ASN A 488 -10.07 53.86 -21.30
C ASN A 488 -11.28 53.19 -20.71
N ILE A 489 -11.17 51.90 -20.54
CA ILE A 489 -12.31 51.02 -20.37
C ILE A 489 -12.39 50.54 -18.93
N THR A 490 -13.40 50.98 -18.17
CA THR A 490 -13.53 50.59 -16.77
C THR A 490 -14.49 49.44 -16.57
N SER A 491 -15.13 48.99 -17.63
CA SER A 491 -15.89 47.78 -17.59
C SER A 491 -15.86 47.00 -18.91
N LEU A 492 -15.66 45.69 -18.90
CA LEU A 492 -15.54 44.91 -20.11
C LEU A 492 -16.22 43.59 -19.87
N ASP A 493 -16.98 43.07 -20.81
CA ASP A 493 -17.60 41.79 -20.69
C ASP A 493 -17.13 40.99 -21.83
N ILE A 494 -16.34 39.95 -21.62
CA ILE A 494 -15.92 39.11 -22.72
C ILE A 494 -16.46 37.72 -22.65
N SER A 495 -17.55 37.52 -21.96
CA SER A 495 -18.09 36.18 -21.79
C SER A 495 -18.69 35.66 -23.01
N ASP A 496 -18.61 34.37 -23.14
CA ASP A 496 -19.30 33.63 -24.12
C ASP A 496 -18.64 33.73 -25.42
N ASN A 497 -17.37 34.02 -25.44
CA ASN A 497 -16.65 34.10 -26.70
C ASN A 497 -16.01 32.78 -27.06
N GLY A 498 -15.86 31.93 -26.09
CA GLY A 498 -15.36 30.62 -26.41
C GLY A 498 -13.90 30.79 -26.52
N LEU A 499 -13.33 31.46 -25.52
CA LEU A 499 -11.89 31.62 -25.41
C LEU A 499 -11.26 30.27 -25.14
N GLU A 500 -11.93 29.47 -24.31
CA GLU A 500 -11.39 28.19 -23.90
C GLU A 500 -10.05 28.45 -23.22
N SER A 501 -9.01 27.73 -23.63
CA SER A 501 -7.68 27.94 -23.09
C SER A 501 -7.18 29.34 -23.41
N ASP A 502 -7.49 29.82 -24.62
CA ASP A 502 -6.90 31.03 -25.12
C ASP A 502 -7.19 32.16 -24.21
N LEU A 503 -8.02 31.90 -23.21
CA LEU A 503 -8.37 32.82 -22.14
C LEU A 503 -7.12 33.25 -21.41
N SER A 504 -6.17 32.34 -21.20
CA SER A 504 -4.89 32.72 -20.57
C SER A 504 -4.21 33.92 -21.25
N THR A 505 -4.05 33.86 -22.58
CA THR A 505 -3.49 34.94 -23.39
C THR A 505 -4.12 36.24 -22.95
N LEU A 506 -5.43 36.19 -22.74
CA LEU A 506 -6.23 37.35 -22.54
C LEU A 506 -6.09 37.80 -21.12
N ILE A 507 -5.88 36.87 -20.21
CA ILE A 507 -5.89 37.20 -18.81
C ILE A 507 -4.66 38.06 -18.59
N VAL A 508 -3.51 37.61 -19.07
CA VAL A 508 -2.30 38.37 -18.83
C VAL A 508 -2.46 39.78 -19.39
N TRP A 509 -3.01 39.94 -20.60
CA TRP A 509 -3.12 41.28 -21.18
C TRP A 509 -3.91 42.17 -20.21
N LEU A 510 -4.84 41.56 -19.50
CA LEU A 510 -5.73 42.31 -18.67
C LEU A 510 -5.06 42.67 -17.39
N SER A 511 -4.08 41.88 -16.95
CA SER A 511 -3.42 42.11 -15.66
C SER A 511 -2.38 43.23 -15.74
N LYS A 512 -2.00 43.56 -16.96
CA LYS A 512 -1.15 44.71 -17.20
C LYS A 512 -2.02 45.95 -17.28
N ASN A 513 -3.31 45.80 -17.02
CA ASN A 513 -4.23 46.90 -17.25
C ASN A 513 -4.72 47.53 -16.01
N ARG A 514 -4.62 48.86 -16.00
CA ARG A 514 -4.95 49.76 -14.91
C ARG A 514 -6.32 50.39 -14.84
N SER A 515 -7.08 50.31 -15.90
CA SER A 515 -8.44 50.89 -15.95
C SER A 515 -9.63 50.03 -15.48
N ILE A 516 -9.58 48.71 -15.67
CA ILE A 516 -10.78 47.86 -15.72
C ILE A 516 -11.19 47.50 -14.35
N GLN A 517 -12.34 48.03 -13.97
CA GLN A 517 -13.00 47.78 -12.68
C GLN A 517 -14.09 46.71 -12.65
N HIS A 518 -14.59 46.27 -13.79
CA HIS A 518 -15.56 45.22 -13.80
CA HIS A 518 -15.58 45.15 -13.85
C HIS A 518 -15.28 44.31 -15.01
N LEU A 519 -15.12 43.03 -14.78
CA LEU A 519 -14.73 42.17 -15.87
C LEU A 519 -15.68 40.97 -15.86
N ALA A 520 -16.27 40.61 -17.00
CA ALA A 520 -17.06 39.42 -17.09
C ALA A 520 -16.45 38.39 -18.05
N LEU A 521 -15.94 37.28 -17.55
CA LEU A 521 -15.38 36.18 -18.31
C LEU A 521 -16.23 34.94 -18.52
N GLY A 522 -17.46 34.91 -18.05
CA GLY A 522 -18.09 33.61 -17.91
C GLY A 522 -18.19 32.89 -19.22
N LYS A 523 -18.40 31.58 -19.21
CA LYS A 523 -18.85 30.85 -20.40
C LYS A 523 -17.82 30.82 -21.49
N ASN A 524 -16.60 30.86 -21.05
CA ASN A 524 -15.48 30.67 -21.91
C ASN A 524 -14.79 29.37 -21.66
N PHE A 525 -15.34 28.51 -20.83
CA PHE A 525 -14.70 27.28 -20.43
C PHE A 525 -15.30 26.00 -20.95
N ASN A 526 -16.07 26.05 -22.03
CA ASN A 526 -16.76 24.88 -22.54
C ASN A 526 -15.72 23.97 -23.05
N ASN A 527 -16.03 22.71 -23.22
CA ASN A 527 -15.32 21.61 -22.65
C ASN A 527 -13.85 21.69 -22.94
N MSE A 528 -13.11 21.51 -21.87
CA MSE A 528 -11.76 21.88 -21.79
C MSE A 528 -11.12 20.81 -21.03
O MSE A 528 -11.75 20.32 -20.10
CB MSE A 528 -11.97 23.00 -20.81
CG MSE A 528 -10.72 23.69 -20.33
SE MSE A 528 -11.03 25.44 -20.98
CE MSE A 528 -9.54 26.49 -20.39
N LYS A 529 -9.91 20.42 -21.38
CA LYS A 529 -9.24 19.37 -20.65
C LYS A 529 -8.81 19.91 -19.33
N SER A 530 -8.87 19.09 -18.30
CA SER A 530 -8.59 19.54 -16.96
C SER A 530 -7.19 20.05 -16.88
N LYS A 531 -6.30 19.39 -17.60
CA LYS A 531 -4.92 19.75 -17.57
C LYS A 531 -4.84 21.18 -18.04
N ASN A 532 -5.82 21.58 -18.85
CA ASN A 532 -5.88 22.92 -19.47
C ASN A 532 -6.48 24.04 -18.66
N LEU A 533 -7.50 23.68 -17.87
CA LEU A 533 -8.39 24.63 -17.24
C LEU A 533 -7.71 25.23 -16.05
N THR A 534 -7.04 24.36 -15.30
CA THR A 534 -6.50 24.79 -14.04
C THR A 534 -5.57 25.96 -14.28
N PRO A 535 -4.65 25.82 -15.19
CA PRO A 535 -3.73 26.95 -15.44
C PRO A 535 -4.41 28.29 -15.68
N VAL A 536 -5.59 28.29 -16.27
CA VAL A 536 -6.32 29.55 -16.53
C VAL A 536 -6.90 30.11 -15.25
N LEU A 537 -7.61 29.27 -14.52
CA LEU A 537 -8.21 29.71 -13.28
C LEU A 537 -7.08 30.19 -12.40
N ASP A 538 -5.89 29.61 -12.59
CA ASP A 538 -4.75 30.00 -11.75
C ASP A 538 -4.30 31.41 -12.04
N ASN A 539 -4.17 31.76 -13.30
CA ASN A 539 -3.82 33.11 -13.69
C ASN A 539 -4.87 34.02 -13.19
N LEU A 540 -6.09 33.55 -13.21
CA LEU A 540 -7.20 34.36 -12.80
C LEU A 540 -7.06 34.71 -11.32
N VAL A 541 -6.72 33.73 -10.50
CA VAL A 541 -6.43 34.06 -9.11
C VAL A 541 -5.29 35.04 -8.98
N GLN A 542 -4.21 34.81 -9.70
CA GLN A 542 -3.06 35.72 -9.58
C GLN A 542 -3.48 37.16 -9.74
N MSE A 543 -4.36 37.39 -10.70
CA MSE A 543 -4.83 38.72 -11.02
C MSE A 543 -5.65 39.29 -9.93
O MSE A 543 -5.49 40.45 -9.57
CB MSE A 543 -5.68 38.72 -12.29
CG MSE A 543 -6.27 40.09 -12.69
SE MSE A 543 -7.56 39.99 -14.17
CE MSE A 543 -6.34 39.09 -15.41
N ILE A 544 -6.58 38.51 -9.45
CA ILE A 544 -7.49 38.94 -8.40
C ILE A 544 -6.65 39.35 -7.21
N GLN A 545 -5.62 38.55 -6.96
CA GLN A 545 -4.84 38.65 -5.74
C GLN A 545 -3.70 39.67 -5.83
N ASP A 546 -3.34 40.06 -7.03
CA ASP A 546 -2.31 41.07 -7.16
C ASP A 546 -2.71 42.26 -6.31
N GLU A 547 -1.72 42.90 -5.68
CA GLU A 547 -1.91 44.01 -4.73
C GLU A 547 -2.37 45.28 -5.45
N ASP A 548 -2.15 45.32 -6.76
CA ASP A 548 -2.60 46.44 -7.58
C ASP A 548 -3.90 46.24 -8.36
N SER A 549 -4.54 45.09 -8.22
CA SER A 549 -5.69 44.79 -9.03
C SER A 549 -6.68 45.96 -8.84
N PRO A 550 -6.98 46.70 -9.93
CA PRO A 550 -8.01 47.73 -10.15
C PRO A 550 -9.39 47.16 -10.17
N LEU A 551 -9.54 45.82 -10.21
CA LEU A 551 -10.80 45.08 -10.40
C LEU A 551 -11.62 45.02 -9.15
N GLN A 552 -12.81 45.61 -9.18
CA GLN A 552 -13.79 45.47 -8.12
C GLN A 552 -14.91 44.42 -8.29
N SER A 553 -15.11 43.91 -9.50
CA SER A 553 -16.21 43.00 -9.81
C SER A 553 -15.72 41.95 -10.77
N LEU A 554 -15.98 40.68 -10.48
CA LEU A 554 -15.59 39.57 -11.37
C LEU A 554 -16.82 38.77 -11.69
N SER A 555 -17.10 38.44 -12.96
CA SER A 555 -18.18 37.49 -13.26
C SER A 555 -17.74 36.24 -14.01
N LEU A 556 -17.79 35.11 -13.33
CA LEU A 556 -17.56 33.78 -13.84
C LEU A 556 -18.87 33.12 -14.24
N ALA A 557 -19.96 33.89 -14.31
CA ALA A 557 -21.32 33.34 -14.45
C ALA A 557 -21.54 32.37 -15.56
N ASP A 558 -22.28 31.32 -15.25
CA ASP A 558 -22.73 30.36 -16.25
C ASP A 558 -21.58 29.60 -16.90
N SER A 559 -20.45 29.54 -16.21
CA SER A 559 -19.28 28.83 -16.69
C SER A 559 -19.52 27.33 -16.84
N LYS A 560 -20.25 26.77 -15.87
CA LYS A 560 -20.37 25.33 -15.73
C LYS A 560 -19.14 24.62 -15.25
N LEU A 561 -18.35 25.28 -14.44
CA LEU A 561 -17.13 24.73 -13.89
C LEU A 561 -17.28 23.59 -12.91
N LYS A 562 -18.42 23.53 -12.23
CA LYS A 562 -18.64 22.54 -11.18
C LYS A 562 -17.65 22.71 -10.02
N ALA A 563 -16.93 21.65 -9.66
CA ALA A 563 -16.09 21.62 -8.47
C ALA A 563 -14.95 22.64 -8.48
N GLU A 564 -14.46 22.91 -9.66
CA GLU A 564 -13.27 23.70 -9.95
C GLU A 564 -13.33 25.17 -9.72
N VAL A 565 -14.51 25.68 -9.51
CA VAL A 565 -14.68 27.07 -9.19
C VAL A 565 -14.16 27.32 -7.81
N THR A 566 -13.96 26.27 -7.05
CA THR A 566 -13.56 26.41 -5.67
C THR A 566 -12.25 27.14 -5.61
N ILE A 567 -11.37 26.87 -6.54
CA ILE A 567 -10.06 27.45 -6.50
C ILE A 567 -10.19 28.93 -6.53
N ILE A 568 -11.24 29.45 -7.14
CA ILE A 568 -11.53 30.87 -7.12
C ILE A 568 -12.09 31.26 -5.83
N ILE A 569 -12.97 30.42 -5.33
CA ILE A 569 -13.90 30.83 -4.30
C ILE A 569 -13.04 30.93 -3.08
N ASN A 570 -12.07 29.99 -3.01
CA ASN A 570 -11.08 29.90 -1.94
C ASN A 570 -10.13 31.09 -1.90
N ALA A 571 -9.88 31.71 -3.04
CA ALA A 571 -9.09 32.91 -3.05
C ALA A 571 -9.81 34.05 -2.38
N LEU A 572 -11.13 33.99 -2.39
CA LEU A 572 -12.00 35.05 -1.99
C LEU A 572 -11.90 35.34 -0.55
N GLY A 573 -11.49 34.37 0.22
CA GLY A 573 -11.35 34.57 1.64
C GLY A 573 -10.31 35.58 1.97
N SER A 574 -9.17 35.47 1.32
CA SER A 574 -8.06 36.32 1.60
C SER A 574 -8.09 37.54 0.77
N ASN A 575 -9.03 37.64 -0.14
CA ASN A 575 -9.06 38.75 -1.03
C ASN A 575 -9.44 40.01 -0.40
N THR A 576 -8.87 41.06 -0.91
CA THR A 576 -9.13 42.37 -0.41
C THR A 576 -9.55 43.35 -1.47
N SER A 577 -9.68 42.93 -2.72
CA SER A 577 -10.05 43.87 -3.77
C SER A 577 -11.47 43.79 -4.29
N LEU A 578 -11.96 42.61 -4.58
CA LEU A 578 -13.22 42.46 -5.24
C LEU A 578 -14.31 42.89 -4.34
N THR A 579 -15.24 43.72 -4.79
CA THR A 579 -16.38 44.06 -3.98
C THR A 579 -17.60 43.40 -4.50
N LYS A 580 -17.52 42.74 -5.63
CA LYS A 580 -18.68 41.98 -6.14
C LYS A 580 -18.22 40.75 -6.89
N VAL A 581 -18.91 39.64 -6.73
CA VAL A 581 -18.53 38.53 -7.56
C VAL A 581 -19.71 37.72 -7.94
N ASP A 582 -19.76 37.24 -9.19
CA ASP A 582 -20.85 36.40 -9.66
C ASP A 582 -20.32 35.05 -9.98
N ILE A 583 -20.61 34.09 -9.13
CA ILE A 583 -20.34 32.67 -9.33
C ILE A 583 -21.58 31.86 -9.76
N SER A 584 -22.66 32.49 -10.21
CA SER A 584 -23.88 31.75 -10.55
C SER A 584 -23.59 30.78 -11.65
N GLY A 585 -24.43 29.80 -11.81
CA GLY A 585 -24.35 28.93 -12.96
C GLY A 585 -23.14 28.04 -13.08
N ASN A 586 -22.44 27.76 -12.02
CA ASN A 586 -21.38 26.78 -12.06
C ASN A 586 -21.61 25.34 -11.58
N GLY A 587 -22.78 25.00 -11.11
CA GLY A 587 -22.96 23.66 -10.58
C GLY A 587 -22.02 23.29 -9.44
N MSE A 588 -21.69 24.23 -8.56
CA MSE A 588 -20.66 23.95 -7.60
C MSE A 588 -21.14 23.06 -6.48
O MSE A 588 -20.35 22.33 -5.88
CB MSE A 588 -20.03 25.24 -7.12
CG MSE A 588 -20.94 26.20 -6.43
SE MSE A 588 -19.90 27.62 -5.49
CE MSE A 588 -21.31 28.21 -4.38
N GLY A 589 -22.44 23.10 -6.21
CA GLY A 589 -23.05 22.22 -5.23
C GLY A 589 -22.82 22.62 -3.79
N ASP A 590 -23.10 21.70 -2.89
CA ASP A 590 -22.94 21.92 -1.46
C ASP A 590 -21.48 22.17 -1.10
N MSE A 591 -20.57 21.44 -1.74
CA MSE A 591 -19.17 21.56 -1.47
C MSE A 591 -18.72 22.95 -1.79
O MSE A 591 -17.91 23.53 -1.03
CB MSE A 591 -18.38 20.56 -2.31
CG MSE A 591 -16.88 20.70 -2.07
SE MSE A 591 -16.50 20.54 -0.15
CE MSE A 591 -14.53 20.60 -0.25
N GLY A 592 -19.22 23.51 -2.90
CA GLY A 592 -18.91 24.85 -3.24
C GLY A 592 -19.45 25.76 -2.20
N ALA A 593 -20.70 25.57 -1.80
CA ALA A 593 -21.22 26.48 -0.79
C ALA A 593 -20.46 26.43 0.57
N LYS A 594 -20.09 25.26 1.05
CA LYS A 594 -19.31 25.17 2.25
C LYS A 594 -18.11 26.07 2.09
N MSE A 595 -17.43 25.94 0.97
CA MSE A 595 -16.24 26.74 0.72
C MSE A 595 -16.53 28.25 0.61
O MSE A 595 -15.76 29.06 1.10
CB MSE A 595 -15.56 26.24 -0.53
CG MSE A 595 -14.16 25.70 -0.29
SE MSE A 595 -14.08 24.42 1.16
CE MSE A 595 -12.48 23.51 0.41
N LEU A 596 -17.65 28.61 0.01
CA LEU A 596 -18.00 30.00 -0.16
C LEU A 596 -18.27 30.56 1.20
N ALA A 597 -18.74 29.70 2.08
CA ALA A 597 -19.18 30.18 3.38
C ALA A 597 -17.97 30.52 4.19
N LYS A 598 -16.95 29.65 4.14
CA LYS A 598 -15.72 29.95 4.83
C LYS A 598 -15.14 31.28 4.31
N ALA A 599 -15.13 31.43 3.00
CA ALA A 599 -14.69 32.67 2.43
C ALA A 599 -15.36 33.83 3.12
N LEU A 600 -16.68 33.79 3.22
CA LEU A 600 -17.45 34.87 3.83
C LEU A 600 -17.22 35.04 5.35
N GLN A 601 -16.81 33.98 6.03
CA GLN A 601 -16.36 34.09 7.43
C GLN A 601 -15.07 34.89 7.65
N ILE A 602 -14.12 34.71 6.78
CA ILE A 602 -12.96 35.57 6.75
C ILE A 602 -13.07 36.93 6.03
N ASN A 603 -13.78 36.97 4.94
CA ASN A 603 -13.62 38.08 4.01
C ASN A 603 -14.34 39.36 4.46
N THR A 604 -13.63 40.48 4.56
CA THR A 604 -14.26 41.77 4.84
C THR A 604 -14.55 42.73 3.67
N LYS A 605 -14.17 42.45 2.46
CA LYS A 605 -14.57 43.37 1.39
C LYS A 605 -15.64 43.14 0.31
N LEU A 606 -16.47 42.10 0.41
CA LEU A 606 -17.49 41.78 -0.61
C LEU A 606 -18.81 42.47 -0.31
N ARG A 607 -19.24 43.39 -1.14
CA ARG A 607 -20.53 44.00 -0.93
C ARG A 607 -21.56 43.00 -1.42
N THR A 608 -21.36 42.43 -2.60
CA THR A 608 -22.40 41.60 -3.21
C THR A 608 -21.86 40.31 -3.83
N VAL A 609 -22.63 39.24 -3.68
CA VAL A 609 -22.30 37.94 -4.24
C VAL A 609 -23.50 37.31 -4.92
N ILE A 610 -23.33 36.85 -6.16
CA ILE A 610 -24.44 36.32 -6.96
C ILE A 610 -24.19 34.85 -7.18
N TRP A 611 -24.95 34.03 -6.51
CA TRP A 611 -24.68 32.59 -6.45
C TRP A 611 -25.63 31.52 -7.07
N ASP A 612 -26.71 31.93 -7.71
CA ASP A 612 -27.81 30.98 -7.99
C ASP A 612 -27.34 29.95 -9.00
N LYS A 613 -28.20 28.99 -9.37
CA LYS A 613 -27.94 27.94 -10.36
C LYS A 613 -26.71 27.13 -10.09
N ASN A 614 -26.40 26.95 -8.82
CA ASN A 614 -25.23 26.21 -8.42
C ASN A 614 -25.63 24.91 -7.82
N ASN A 615 -26.90 24.58 -7.88
CA ASN A 615 -27.35 23.30 -7.38
C ASN A 615 -27.15 23.14 -5.91
N ILE A 616 -27.18 24.25 -5.22
CA ILE A 616 -27.02 24.27 -3.80
C ILE A 616 -28.28 23.78 -3.14
N THR A 617 -28.15 23.17 -1.97
CA THR A 617 -29.19 22.39 -1.34
C THR A 617 -29.34 22.96 -0.01
N ALA A 618 -30.37 22.55 0.68
CA ALA A 618 -30.72 23.17 1.93
C ALA A 618 -29.60 23.06 2.88
N GLN A 619 -28.85 21.99 2.81
CA GLN A 619 -27.67 21.85 3.61
C GLN A 619 -26.70 22.91 3.25
N GLY A 620 -26.60 23.21 1.97
CA GLY A 620 -25.70 24.25 1.54
C GLY A 620 -26.10 25.60 2.04
N PHE A 621 -27.36 25.89 1.98
CA PHE A 621 -27.86 27.17 2.35
C PHE A 621 -27.57 27.38 3.77
N GLN A 622 -27.67 26.32 4.54
CA GLN A 622 -27.41 26.43 5.96
C GLN A 622 -26.01 26.83 6.28
N ASP A 623 -25.03 26.28 5.59
CA ASP A 623 -23.65 26.66 5.83
C ASP A 623 -23.46 28.15 5.61
N ILE A 624 -24.12 28.67 4.58
CA ILE A 624 -24.09 30.09 4.23
C ILE A 624 -24.87 30.94 5.22
N ALA A 625 -25.96 30.41 5.73
CA ALA A 625 -26.74 31.15 6.68
C ALA A 625 -26.00 31.22 8.01
N VAL A 626 -25.09 30.28 8.22
CA VAL A 626 -24.26 30.28 9.42
C VAL A 626 -23.11 31.26 9.31
N ALA A 627 -22.43 31.25 8.16
CA ALA A 627 -21.34 32.22 7.94
C ALA A 627 -21.82 33.64 8.10
N MSE A 628 -22.96 33.97 7.50
CA MSE A 628 -23.52 35.29 7.61
C MSE A 628 -23.77 35.80 9.02
O MSE A 628 -23.62 36.99 9.27
CB MSE A 628 -24.80 35.38 6.83
CG MSE A 628 -24.61 35.21 5.35
SE MSE A 628 -23.58 36.70 4.69
CE MSE A 628 -24.89 38.05 4.96
N GLU A 629 -24.14 34.97 9.97
CA GLU A 629 -24.40 35.57 11.26
C GLU A 629 -23.11 36.25 11.76
N LYS A 630 -21.96 35.70 11.38
CA LYS A 630 -20.70 36.32 11.74
C LYS A 630 -20.07 37.26 10.67
N ASN A 631 -20.75 37.51 9.55
CA ASN A 631 -20.24 38.41 8.50
C ASN A 631 -21.03 39.74 8.36
N TYR A 632 -20.38 40.85 8.69
CA TYR A 632 -21.06 42.13 8.78
C TYR A 632 -20.88 43.04 7.59
N THR A 633 -20.07 42.61 6.65
CA THR A 633 -19.80 43.41 5.48
C THR A 633 -20.58 43.15 4.19
N LEU A 634 -21.21 41.99 4.05
CA LEU A 634 -21.92 41.67 2.84
C LEU A 634 -23.27 42.27 2.90
N ARG A 635 -23.64 42.96 1.84
CA ARG A 635 -24.86 43.69 1.84
C ARG A 635 -25.91 43.14 0.92
N PHE A 636 -25.52 42.55 -0.20
CA PHE A 636 -26.47 41.98 -1.11
C PHE A 636 -26.07 40.59 -1.45
N MSE A 637 -27.00 39.65 -1.41
CA MSE A 637 -26.75 38.31 -1.84
C MSE A 637 -28.05 37.88 -2.39
O MSE A 637 -28.86 37.33 -1.68
CB MSE A 637 -26.36 37.43 -0.69
CG MSE A 637 -25.43 36.33 -1.11
SE MSE A 637 -25.08 35.21 0.40
CE MSE A 637 -23.63 34.15 -0.26
N PRO A 638 -28.27 38.17 -3.67
CA PRO A 638 -29.53 37.81 -4.32
C PRO A 638 -29.97 36.39 -4.00
N ILE A 639 -31.25 36.22 -3.67
CA ILE A 639 -31.78 34.91 -3.32
C ILE A 639 -31.72 33.94 -4.49
N PRO A 640 -31.11 32.70 -4.22
CA PRO A 640 -31.08 31.80 -5.39
C PRO A 640 -32.46 31.23 -5.69
N MSE A 641 -33.22 31.91 -6.55
CA MSE A 641 -34.56 31.49 -6.92
C MSE A 641 -34.53 30.08 -7.45
O MSE A 641 -35.14 29.24 -6.90
CB MSE A 641 -35.27 32.53 -7.89
CG MSE A 641 -36.60 33.23 -7.35
SE MSE A 641 -37.19 32.21 -5.59
CE MSE A 641 -35.76 32.97 -4.35
N TYR A 642 -33.74 29.80 -8.48
CA TYR A 642 -33.79 28.51 -9.10
C TYR A 642 -33.37 27.38 -8.17
N ASP A 643 -32.20 27.50 -7.56
CA ASP A 643 -31.75 26.50 -6.55
C ASP A 643 -32.73 26.35 -5.39
N ALA A 644 -33.32 27.42 -4.88
CA ALA A 644 -34.19 27.28 -3.76
C ALA A 644 -35.43 26.46 -4.16
N ALA A 645 -36.07 26.84 -5.26
CA ALA A 645 -37.25 26.12 -5.74
C ALA A 645 -36.95 24.65 -5.80
N GLN A 646 -35.84 24.22 -6.33
CA GLN A 646 -35.52 22.84 -6.24
C GLN A 646 -35.36 22.41 -4.82
N ALA A 647 -34.76 23.25 -4.01
CA ALA A 647 -34.45 22.86 -2.66
C ALA A 647 -35.75 22.59 -1.98
N LEU A 648 -36.74 23.35 -2.34
CA LEU A 648 -38.05 23.25 -1.74
C LEU A 648 -38.74 21.93 -2.01
N LYS A 649 -38.40 21.28 -3.10
CA LYS A 649 -38.99 20.02 -3.45
C LYS A 649 -38.68 18.99 -2.40
N THR A 650 -37.50 19.07 -1.83
CA THR A 650 -36.96 18.06 -0.97
C THR A 650 -37.01 18.31 0.53
N ASN A 651 -36.51 19.45 1.00
CA ASN A 651 -36.60 19.80 2.40
C ASN A 651 -37.12 21.18 2.45
N PRO A 652 -38.50 21.29 2.22
CA PRO A 652 -38.99 22.66 2.18
C PRO A 652 -38.78 23.38 3.48
N GLU A 653 -38.74 22.67 4.58
CA GLU A 653 -38.60 23.28 5.89
C GLU A 653 -37.26 23.90 6.26
N LYS A 654 -36.20 23.14 6.12
CA LYS A 654 -34.84 23.55 6.39
C LYS A 654 -34.38 24.69 5.44
N THR A 655 -34.75 24.62 4.16
CA THR A 655 -34.43 25.62 3.09
C THR A 655 -34.99 27.01 3.31
N GLU A 656 -36.29 27.10 3.56
CA GLU A 656 -36.90 28.38 3.89
C GLU A 656 -36.31 28.94 5.19
N GLU A 657 -36.04 28.10 6.16
CA GLU A 657 -35.54 28.61 7.42
C GLU A 657 -34.27 29.38 7.15
N ALA A 658 -33.44 28.82 6.25
CA ALA A 658 -32.08 29.28 6.01
C ALA A 658 -32.00 30.47 5.12
N LEU A 659 -32.78 30.47 4.08
CA LEU A 659 -32.71 31.57 3.19
C LEU A 659 -33.25 32.81 3.85
N GLN A 660 -34.15 32.65 4.78
CA GLN A 660 -34.66 33.82 5.42
C GLN A 660 -33.71 34.25 6.51
N LYS A 661 -33.06 33.30 7.19
CA LYS A 661 -31.95 33.60 8.11
C LYS A 661 -30.94 34.48 7.35
N ILE A 662 -30.54 34.05 6.16
CA ILE A 662 -29.58 34.79 5.33
C ILE A 662 -30.11 36.16 5.01
N GLU A 663 -31.34 36.24 4.60
CA GLU A 663 -31.90 37.54 4.25
C GLU A 663 -31.91 38.50 5.44
N ASN A 664 -32.13 38.00 6.65
CA ASN A 664 -32.11 38.88 7.81
C ASN A 664 -30.78 39.49 7.99
N TYR A 665 -29.77 38.66 8.05
CA TYR A 665 -28.46 39.18 8.22
C TYR A 665 -28.08 40.24 7.15
N LEU A 666 -28.35 39.98 5.87
CA LEU A 666 -28.10 41.00 4.83
C LEU A 666 -28.87 42.28 5.11
N LEU A 667 -30.07 42.14 5.61
CA LEU A 667 -30.90 43.30 5.85
C LEU A 667 -30.25 44.08 6.96
N ARG A 668 -29.67 43.39 7.94
CA ARG A 668 -29.06 44.11 9.07
C ARG A 668 -27.80 44.85 8.68
N ASN A 669 -27.04 44.28 7.76
CA ASN A 669 -25.83 44.89 7.31
C ASN A 669 -26.08 46.15 6.46
N GLU B 5 37.12 9.61 19.70
CA GLU B 5 35.70 9.74 19.96
C GLU B 5 35.38 11.09 20.59
N SER B 6 34.13 11.54 20.42
CA SER B 6 33.70 12.82 20.98
C SER B 6 32.43 12.67 21.80
N SER B 7 31.81 13.78 22.14
CA SER B 7 30.58 13.76 22.92
C SER B 7 29.36 14.07 22.06
N ASP B 8 29.61 14.59 20.86
CA ASP B 8 28.52 14.93 19.93
C ASP B 8 28.13 13.79 19.00
N VAL B 9 27.52 14.14 17.87
CA VAL B 9 27.27 13.18 16.80
C VAL B 9 28.02 13.59 15.55
N PRO B 10 28.81 12.60 14.94
CA PRO B 10 29.62 13.11 13.82
C PRO B 10 28.82 13.71 12.67
N ARG B 11 29.36 14.77 12.08
CA ARG B 11 28.66 15.50 11.04
C ARG B 11 28.32 14.61 9.88
N GLU B 12 29.23 13.72 9.51
CA GLU B 12 28.97 12.87 8.37
C GLU B 12 27.78 12.00 8.68
N LEU B 13 27.73 11.45 9.87
CA LEU B 13 26.77 10.42 10.18
C LEU B 13 25.42 11.06 10.20
N MSE B 14 25.45 12.37 10.41
CA MSE B 14 24.25 13.20 10.46
C MSE B 14 23.55 13.24 9.14
O MSE B 14 22.30 13.20 9.09
CB MSE B 14 24.63 14.61 10.87
CG MSE B 14 24.89 14.70 12.37
SE MSE B 14 23.29 14.13 13.35
CE MSE B 14 21.94 15.06 12.26
N GLU B 15 24.30 13.32 8.06
CA GLU B 15 23.73 13.46 6.73
C GLU B 15 22.88 12.24 6.42
N SER B 16 23.38 11.07 6.82
CA SER B 16 22.64 9.83 6.66
C SER B 16 21.36 9.89 7.48
N ILE B 17 21.44 10.45 8.68
CA ILE B 17 20.30 10.51 9.57
C ILE B 17 19.23 11.41 8.97
N LYS B 18 19.58 12.61 8.53
CA LYS B 18 18.60 13.55 7.96
C LYS B 18 17.95 12.92 6.75
N ASP B 19 18.74 12.21 5.95
CA ASP B 19 18.21 11.53 4.78
C ASP B 19 17.11 10.56 5.16
N VAL B 20 17.26 9.84 6.27
CA VAL B 20 16.21 8.91 6.71
C VAL B 20 15.00 9.54 7.42
N ILE B 21 15.18 10.59 8.20
CA ILE B 21 14.06 11.25 8.82
C ILE B 21 13.66 12.57 8.21
N GLY B 22 14.26 12.94 7.12
CA GLY B 22 13.80 14.10 6.38
C GLY B 22 14.45 15.34 6.89
N ARG B 23 14.50 16.37 6.07
CA ARG B 23 15.10 17.60 6.46
C ARG B 23 14.08 18.72 6.61
N LYS B 24 12.81 18.43 6.41
CA LYS B 24 11.81 19.44 6.72
C LYS B 24 11.81 19.67 8.20
N ILE B 25 11.78 18.59 8.95
CA ILE B 25 11.77 18.70 10.37
C ILE B 25 13.12 19.08 10.84
N LYS B 26 13.12 19.86 11.88
CA LYS B 26 14.36 20.38 12.45
C LYS B 26 14.72 19.64 13.70
N ILE B 27 15.94 19.10 13.70
CA ILE B 27 16.42 18.37 14.85
C ILE B 27 17.14 19.37 15.72
N SER B 28 16.56 19.68 16.88
CA SER B 28 17.13 20.68 17.81
C SER B 28 18.21 20.10 18.71
N VAL B 29 18.22 18.79 18.94
CA VAL B 29 19.32 18.19 19.72
C VAL B 29 19.83 16.81 19.23
N LYS B 30 21.15 16.65 19.14
CA LYS B 30 21.74 15.39 18.67
C LYS B 30 22.67 14.86 19.73
N LYS B 31 22.58 13.55 20.01
CA LYS B 31 23.37 12.94 21.06
C LYS B 31 23.64 11.46 20.76
N LYS B 32 24.83 11.02 21.15
CA LYS B 32 25.24 9.64 21.01
C LYS B 32 25.12 8.97 22.34
N VAL B 33 24.42 7.84 22.36
CA VAL B 33 24.00 7.22 23.59
C VAL B 33 23.95 5.72 23.41
N LYS B 34 24.06 5.03 24.54
CA LYS B 34 24.12 3.60 24.57
C LYS B 34 22.86 3.07 25.17
N LEU B 35 22.16 2.29 24.38
CA LEU B 35 20.82 1.91 24.70
C LEU B 35 20.77 0.45 24.95
N GLU B 36 20.15 0.05 26.04
CA GLU B 36 20.08 -1.36 26.35
C GLU B 36 19.31 -1.98 25.22
N VAL B 37 19.90 -2.98 24.61
CA VAL B 37 19.38 -3.52 23.38
C VAL B 37 18.43 -4.66 23.68
N LYS B 38 17.82 -5.17 22.63
CA LYS B 38 16.84 -6.23 22.73
C LYS B 38 17.50 -7.47 23.32
N GLY B 39 18.68 -7.80 22.84
CA GLY B 39 19.43 -8.90 23.38
C GLY B 39 19.98 -8.29 24.63
N ASP B 40 20.67 -9.05 25.47
CA ASP B 40 21.33 -8.43 26.60
C ASP B 40 22.33 -7.44 26.02
N ARG B 41 22.90 -7.83 24.89
CA ARG B 41 23.94 -7.01 24.30
C ARG B 41 23.34 -5.67 24.00
N VAL B 42 24.13 -4.64 24.21
CA VAL B 42 23.64 -3.29 24.08
C VAL B 42 24.50 -2.53 23.11
N GLU B 43 23.87 -1.61 22.39
CA GLU B 43 24.46 -1.00 21.23
C GLU B 43 24.34 0.49 21.26
N ASN B 44 25.10 1.17 20.39
CA ASN B 44 25.09 2.64 20.40
C ASN B 44 24.35 3.24 19.20
N LYS B 45 23.41 4.13 19.48
CA LYS B 45 22.64 4.80 18.44
C LYS B 45 22.44 6.29 18.72
N VAL B 46 22.33 7.08 17.66
CA VAL B 46 22.08 8.51 17.77
C VAL B 46 20.68 8.81 18.29
N LEU B 47 20.52 9.91 19.02
CA LEU B 47 19.23 10.27 19.59
C LEU B 47 19.07 11.61 18.93
N VAL B 48 17.91 11.83 18.34
CA VAL B 48 17.63 13.10 17.71
C VAL B 48 16.29 13.58 18.25
N LEU B 49 16.29 14.82 18.74
CA LEU B 49 15.11 15.41 19.31
C LEU B 49 14.68 16.52 18.37
N THR B 50 13.45 16.38 17.89
CA THR B 50 12.75 17.39 17.11
C THR B 50 11.72 18.09 18.02
N SER B 51 10.98 19.04 17.47
CA SER B 51 10.00 19.73 18.30
C SER B 51 8.98 18.75 18.84
N CYS B 52 8.53 17.81 18.01
CA CYS B 52 7.51 16.85 18.42
C CYS B 52 7.94 15.43 18.79
N ARG B 53 9.17 15.02 18.46
CA ARG B 53 9.53 13.62 18.65
C ARG B 53 11.03 13.28 18.81
N ALA B 54 11.30 12.10 19.35
CA ALA B 54 12.66 11.50 19.40
C ALA B 54 12.81 10.21 18.56
N PHE B 55 13.98 10.16 17.89
CA PHE B 55 14.43 9.10 16.96
C PHE B 55 15.74 8.49 17.41
N LEU B 56 15.82 7.17 17.29
CA LEU B 56 17.01 6.45 17.73
C LEU B 56 17.45 5.65 16.54
N LEU B 57 18.60 6.03 16.01
CA LEU B 57 19.04 5.55 14.73
C LEU B 57 20.36 4.87 14.91
N SER B 58 20.55 3.75 14.21
CA SER B 58 21.81 3.01 14.24
C SER B 58 22.82 4.05 13.84
N ALA B 59 24.06 3.98 14.30
CA ALA B 59 25.03 4.90 13.73
C ALA B 59 25.74 4.15 12.64
N ARG B 60 25.17 4.20 11.45
CA ARG B 60 25.74 3.56 10.29
C ARG B 60 25.37 4.50 9.12
N ILE B 61 26.04 4.32 8.01
CA ILE B 61 25.71 4.95 6.75
C ILE B 61 25.57 3.94 5.60
N PRO B 62 24.41 3.86 5.02
CA PRO B 62 23.29 4.70 5.37
C PRO B 62 22.68 4.31 6.68
N SER B 63 22.35 5.30 7.49
CA SER B 63 21.72 5.12 8.77
C SER B 63 20.30 4.64 8.62
N LYS B 64 19.83 3.86 9.59
CA LYS B 64 18.46 3.33 9.57
C LYS B 64 17.82 3.54 10.94
N LEU B 65 16.50 3.67 11.01
CA LEU B 65 15.88 4.02 12.28
C LEU B 65 15.19 2.85 12.98
N GLU B 66 15.75 2.43 14.10
CA GLU B 66 15.16 1.37 14.92
C GLU B 66 13.82 1.75 15.56
N LEU B 67 13.75 2.97 16.11
CA LEU B 67 12.57 3.40 16.84
C LEU B 67 12.40 4.92 16.97
N THR B 68 11.18 5.33 17.31
CA THR B 68 10.87 6.71 17.67
C THR B 68 9.69 6.73 18.63
N PHE B 69 9.57 7.78 19.45
CA PHE B 69 8.44 7.89 20.32
C PHE B 69 8.16 9.36 20.40
N SER B 70 6.92 9.72 20.70
CA SER B 70 6.48 11.11 20.66
C SER B 70 6.59 11.66 22.03
N TYR B 71 7.05 12.90 22.15
CA TYR B 71 7.12 13.52 23.47
C TYR B 71 5.78 13.34 24.22
N LEU B 72 4.70 13.22 23.46
CA LEU B 72 3.38 12.99 24.03
C LEU B 72 3.15 11.52 24.32
N GLU B 73 4.24 10.77 24.41
CA GLU B 73 4.17 9.33 24.66
C GLU B 73 5.00 8.94 25.87
N ILE B 74 5.26 9.91 26.74
CA ILE B 74 6.08 9.67 27.92
C ILE B 74 5.26 9.51 29.19
N HIS B 75 5.19 8.28 29.70
CA HIS B 75 4.49 8.00 30.93
C HIS B 75 5.39 7.95 32.15
N GLY B 76 6.71 8.02 31.93
CA GLY B 76 7.70 8.40 32.94
C GLY B 76 9.15 8.60 32.48
N VAL B 77 9.89 9.49 33.11
CA VAL B 77 11.33 9.64 32.87
C VAL B 77 12.10 9.51 34.17
N ILE B 78 13.03 8.56 34.26
CA ILE B 78 13.77 8.34 35.50
C ILE B 78 15.29 8.39 35.33
N CYS B 79 15.94 9.14 36.21
CA CYS B 79 17.33 9.50 36.03
C CYS B 79 18.32 9.16 37.15
N HIS B 80 18.16 8.03 37.80
CA HIS B 80 18.95 7.73 38.97
C HIS B 80 20.43 7.66 38.77
N LYS B 81 20.90 6.95 37.75
CA LYS B 81 22.33 6.87 37.55
C LYS B 81 22.82 8.19 36.98
N PRO B 82 24.18 8.48 37.18
CA PRO B 82 24.51 9.88 36.84
C PRO B 82 24.22 10.22 35.39
N ALA B 83 24.56 9.32 34.47
CA ALA B 83 24.44 9.59 33.06
C ALA B 83 23.48 8.70 32.35
N GLN B 84 22.66 7.97 33.07
CA GLN B 84 21.73 7.07 32.45
C GLN B 84 20.31 7.57 32.65
N MSE B 85 19.58 7.68 31.56
CA MSE B 85 18.23 8.18 31.59
C MSE B 85 17.37 7.06 31.14
O MSE B 85 17.77 6.37 30.20
CB MSE B 85 18.20 9.31 30.57
CG MSE B 85 16.78 9.71 30.25
SE MSE B 85 16.73 10.98 28.77
CE MSE B 85 18.07 12.24 29.38
N VAL B 86 16.23 6.83 31.77
CA VAL B 86 15.31 5.81 31.28
C VAL B 86 14.00 6.45 30.92
N VAL B 87 13.48 6.07 29.77
CA VAL B 87 12.28 6.67 29.29
C VAL B 87 11.26 5.60 29.13
N GLU B 88 10.13 5.73 29.81
CA GLU B 88 9.09 4.73 29.65
C GLU B 88 7.86 5.27 28.95
N THR B 89 7.61 4.74 27.75
CA THR B 89 6.34 4.92 27.05
C THR B 89 5.39 3.84 27.57
N GLU B 90 4.10 4.04 27.36
CA GLU B 90 3.14 3.05 27.83
C GLU B 90 3.39 1.71 27.13
N LYS B 91 3.66 1.75 25.83
CA LYS B 91 3.94 0.54 25.06
C LYS B 91 5.41 0.11 25.06
N CYS B 92 6.31 0.98 25.51
CA CYS B 92 7.74 0.68 25.45
C CYS B 92 8.55 1.24 26.62
N ASN B 93 9.71 0.64 26.86
CA ASN B 93 10.62 1.09 27.89
C ASN B 93 12.01 1.09 27.30
N MSE B 94 12.72 2.20 27.40
CA MSE B 94 14.07 2.19 26.88
C MSE B 94 14.98 2.85 27.86
O MSE B 94 14.64 3.84 28.52
CB MSE B 94 14.13 2.76 25.46
CG MSE B 94 13.68 4.21 25.30
SE MSE B 94 12.76 4.47 23.58
CE MSE B 94 13.62 3.04 22.58
N SER B 95 16.16 2.28 27.97
CA SER B 95 17.20 2.87 28.81
C SER B 95 18.47 3.19 28.04
N MSE B 96 19.17 4.27 28.42
CA MSE B 96 20.27 4.80 27.60
C MSE B 96 21.39 5.17 28.55
O MSE B 96 21.14 5.41 29.74
CB MSE B 96 19.85 6.08 26.88
CG MSE B 96 19.25 5.92 25.48
SE MSE B 96 17.95 7.31 24.99
CE MSE B 96 16.33 6.67 25.92
N LYS B 97 22.61 5.22 28.03
CA LYS B 97 23.70 5.75 28.85
C LYS B 97 24.55 6.71 28.02
N MSE B 98 24.54 8.00 28.38
CA MSE B 98 25.17 9.04 27.56
C MSE B 98 26.61 9.19 27.96
O MSE B 98 27.15 8.30 28.61
CB MSE B 98 24.48 10.43 27.63
CG MSE B 98 23.18 10.61 28.45
SE MSE B 98 21.46 10.40 27.46
CE MSE B 98 21.83 11.55 25.91
N VAL B 99 27.26 10.25 27.50
CA VAL B 99 28.65 10.54 27.84
C VAL B 99 28.81 11.25 29.21
N SER B 100 27.85 12.10 29.58
CA SER B 100 27.88 12.78 30.87
C SER B 100 26.48 13.02 31.43
N PRO B 101 26.38 13.31 32.75
CA PRO B 101 25.06 13.72 33.22
C PRO B 101 24.59 15.05 32.59
N GLU B 102 25.54 15.91 32.19
CA GLU B 102 25.16 17.20 31.57
C GLU B 102 24.35 16.88 30.32
N ASP B 103 24.63 15.74 29.69
CA ASP B 103 23.91 15.31 28.49
C ASP B 103 22.49 14.79 28.80
N VAL B 104 22.29 13.97 29.83
CA VAL B 104 20.91 13.58 30.17
C VAL B 104 20.06 14.83 30.49
N SER B 105 20.70 15.85 31.11
CA SER B 105 20.04 17.15 31.45
C SER B 105 19.77 18.09 30.28
N GLU B 106 20.69 18.18 29.33
CA GLU B 106 20.43 18.98 28.14
C GLU B 106 19.25 18.33 27.38
N VAL B 107 19.14 16.99 27.45
CA VAL B 107 17.98 16.29 26.88
C VAL B 107 16.61 16.62 27.49
N LEU B 108 16.45 16.41 28.80
CA LEU B 108 15.20 16.76 29.47
C LEU B 108 14.91 18.23 29.35
N ALA B 109 15.94 19.05 29.31
CA ALA B 109 15.68 20.48 29.31
C ALA B 109 15.06 20.86 27.98
N HIS B 110 15.58 20.27 26.91
CA HIS B 110 14.93 20.49 25.65
C HIS B 110 13.48 19.92 25.69
N ILE B 111 13.32 18.60 25.89
CA ILE B 111 11.97 17.98 25.80
C ILE B 111 10.93 18.78 26.59
N GLY B 112 11.39 19.39 27.68
CA GLY B 112 10.48 20.10 28.53
C GLY B 112 10.17 21.46 27.99
N THR B 113 11.14 22.07 27.35
CA THR B 113 10.92 23.36 26.70
C THR B 113 9.90 23.23 25.60
N CYS B 114 9.89 22.07 24.96
CA CYS B 114 8.98 21.80 23.86
C CYS B 114 7.56 21.50 24.35
N LEU B 115 7.43 20.66 25.36
CA LEU B 115 6.13 20.48 26.02
C LEU B 115 5.62 21.77 26.71
N ARG B 116 6.51 22.73 27.00
CA ARG B 116 6.12 24.05 27.49
C ARG B 116 5.70 25.07 26.40
N ARG B 117 6.33 24.96 25.23
CA ARG B 117 5.98 25.76 24.03
C ARG B 117 4.63 25.33 23.41
N ILE B 118 4.46 24.03 23.12
CA ILE B 118 3.11 23.46 22.95
C ILE B 118 2.51 23.37 24.33
N PHE B 119 1.21 23.30 24.43
CA PHE B 119 0.59 23.15 25.75
C PHE B 119 0.98 24.27 26.72
N PRO B 120 0.80 25.56 26.32
CA PRO B 120 1.20 26.68 27.16
C PRO B 120 0.51 26.62 28.49
N GLY B 121 1.17 27.17 29.50
CA GLY B 121 0.66 27.16 30.86
C GLY B 121 0.42 25.77 31.36
N LEU B 122 1.40 24.87 31.15
CA LEU B 122 1.43 23.57 31.83
C LEU B 122 2.85 23.48 32.42
N SER B 123 3.03 22.76 33.51
CA SER B 123 4.39 22.30 33.81
C SER B 123 4.67 21.08 32.92
N PRO B 124 5.84 21.04 32.33
CA PRO B 124 6.22 19.90 31.50
C PRO B 124 6.21 18.67 32.35
N LEU B 125 6.53 18.90 33.60
CA LEU B 125 6.59 17.84 34.58
C LEU B 125 5.20 17.25 34.62
N ARG B 126 4.21 18.11 34.48
CA ARG B 126 2.84 17.65 34.53
C ARG B 126 2.47 16.71 33.41
N ILE B 127 2.74 17.12 32.17
CA ILE B 127 2.38 16.28 31.04
C ILE B 127 3.15 15.00 31.15
N MSE B 128 4.43 15.10 31.46
CA MSE B 128 5.25 13.94 31.57
C MSE B 128 4.89 13.54 32.95
O MSE B 128 5.17 14.28 33.91
CB MSE B 128 6.69 14.43 31.58
CG MSE B 128 7.19 15.00 30.27
SE MSE B 128 9.15 15.01 30.21
CE MSE B 128 9.50 16.79 30.96
N LYS B 129 4.22 12.42 33.07
CA LYS B 129 3.55 12.13 34.31
C LYS B 129 4.46 11.96 35.50
N LYS B 130 5.54 11.21 35.37
CA LYS B 130 6.48 11.07 36.47
C LYS B 130 7.89 11.29 35.98
N VAL B 131 8.52 12.36 36.46
CA VAL B 131 9.89 12.64 36.09
C VAL B 131 10.77 12.79 37.30
N SER B 132 11.81 11.98 37.39
CA SER B 132 12.74 12.11 38.49
C SER B 132 14.16 11.86 38.04
N MSE B 133 15.07 12.68 38.53
CA MSE B 133 16.47 12.47 38.32
C MSE B 133 16.83 12.54 39.74
O MSE B 133 16.28 13.40 40.43
CB MSE B 133 17.10 13.65 37.63
CG MSE B 133 16.20 14.19 36.56
SE MSE B 133 16.77 16.03 36.35
CE MSE B 133 18.42 15.61 35.39
N GLU B 134 17.68 11.66 40.23
CA GLU B 134 17.75 11.48 41.65
C GLU B 134 18.22 12.67 42.48
N PRO B 135 19.34 13.38 41.99
CA PRO B 135 19.71 14.50 42.87
C PRO B 135 18.56 15.48 42.84
N SER B 136 17.99 15.73 44.00
CA SER B 136 16.73 16.41 44.08
C SER B 136 16.89 17.78 43.51
N GLU B 137 18.02 18.38 43.82
CA GLU B 137 18.34 19.71 43.35
C GLU B 137 18.56 19.70 41.84
N ARG B 138 18.86 18.53 41.29
CA ARG B 138 19.09 18.44 39.86
C ARG B 138 17.86 18.80 39.04
N LEU B 139 16.72 18.24 39.40
CA LEU B 139 15.51 18.50 38.66
C LEU B 139 15.11 19.93 38.83
N ALA B 140 15.17 20.36 40.06
CA ALA B 140 14.82 21.76 40.36
C ALA B 140 15.67 22.72 39.52
N SER B 141 16.96 22.43 39.35
CA SER B 141 17.79 23.25 38.44
C SER B 141 17.30 23.23 36.96
N LEU B 142 16.63 22.16 36.55
CA LEU B 142 15.80 22.15 35.30
C LEU B 142 14.53 22.97 35.37
N GLN B 143 13.80 22.85 36.48
CA GLN B 143 12.55 23.60 36.70
C GLN B 143 12.83 25.13 36.72
N ALA B 144 14.08 25.45 37.07
CA ALA B 144 14.60 26.81 37.01
C ALA B 144 15.03 27.22 35.59
N LEU B 145 15.71 26.33 34.86
CA LEU B 145 16.01 26.59 33.43
C LEU B 145 14.74 26.90 32.63
N TRP B 146 13.62 26.21 32.93
CA TRP B 146 12.36 26.37 32.17
C TRP B 146 11.61 27.61 32.56
N ASP B 147 11.53 27.88 33.87
CA ASP B 147 11.02 29.16 34.36
C ASP B 147 12.03 30.30 34.06
N SER B 148 13.28 29.97 33.75
CA SER B 148 14.28 30.99 33.48
C SER B 148 14.18 31.50 32.03
N GLN B 149 13.73 30.64 31.12
CA GLN B 149 13.43 30.97 29.72
C GLN B 149 12.00 31.49 29.51
N THR B 150 11.79 32.35 28.50
CA THR B 150 10.46 32.90 28.22
C THR B 150 9.89 32.36 26.90
N LEU B 151 8.61 32.05 26.85
CA LEU B 151 8.08 31.56 25.59
C LEU B 151 7.33 32.64 24.85
N ALA B 152 7.58 32.74 23.55
CA ALA B 152 6.90 33.72 22.72
C ALA B 152 5.47 33.29 22.63
N GLU B 153 4.58 34.23 22.38
CA GLU B 153 3.18 34.00 22.59
C GLU B 153 2.73 32.86 21.75
N PRO B 154 1.76 32.06 22.36
CA PRO B 154 1.51 30.82 21.63
C PRO B 154 0.61 31.04 20.46
N GLY B 155 0.22 29.93 19.85
CA GLY B 155 -0.56 29.95 18.65
C GLY B 155 -1.94 30.45 18.95
N PRO B 156 -2.74 30.72 17.83
CA PRO B 156 -4.05 31.26 18.16
C PRO B 156 -4.84 30.21 18.88
N CYS B 157 -5.85 30.58 19.64
CA CYS B 157 -6.62 29.59 20.33
C CYS B 157 -5.76 28.80 21.28
N GLY B 158 -4.89 29.50 21.97
CA GLY B 158 -4.03 28.84 22.92
C GLY B 158 -3.27 27.74 22.22
N GLY B 159 -2.76 28.06 21.04
CA GLY B 159 -1.91 27.15 20.31
C GLY B 159 -2.48 25.82 19.94
N PHE B 160 -3.73 25.78 19.53
CA PHE B 160 -4.31 24.53 19.09
C PHE B 160 -3.62 24.04 17.86
N SER B 161 -3.33 24.91 16.93
CA SER B 161 -2.91 24.39 15.68
C SER B 161 -1.61 23.63 15.88
N GLN B 162 -0.72 24.18 16.68
CA GLN B 162 0.55 23.51 16.92
C GLN B 162 0.38 22.17 17.61
N MSE B 163 -0.44 22.10 18.64
CA MSE B 163 -0.68 20.87 19.35
C MSE B 163 -1.37 19.93 18.45
O MSE B 163 -1.31 18.74 18.65
CB MSE B 163 -1.59 21.00 20.55
CG MSE B 163 -1.97 22.41 20.94
SE MSE B 163 -3.09 22.22 22.53
CE MSE B 163 -2.75 23.96 23.31
N TYR B 164 -2.13 20.47 17.52
CA TYR B 164 -2.89 19.65 16.61
C TYR B 164 -1.89 18.86 15.86
N ALA B 165 -0.78 19.49 15.52
CA ALA B 165 0.18 18.86 14.65
C ALA B 165 0.66 17.62 15.29
N CYS B 166 1.01 17.73 16.55
CA CYS B 166 1.60 16.66 17.31
C CYS B 166 0.71 15.48 17.50
N VAL B 167 -0.53 15.77 17.77
CA VAL B 167 -1.45 14.73 18.09
C VAL B 167 -1.55 13.87 16.87
N CYS B 168 -1.56 14.48 15.71
CA CYS B 168 -1.65 13.74 14.48
C CYS B 168 -0.46 12.86 14.31
N ASP B 169 0.69 13.41 14.67
CA ASP B 169 1.94 12.72 14.51
C ASP B 169 1.89 11.49 15.37
N TRP B 170 1.29 11.66 16.52
CA TRP B 170 1.25 10.71 17.61
C TRP B 170 0.23 9.56 17.32
N LEU B 171 -0.95 9.82 16.78
CA LEU B 171 -1.94 8.75 16.61
C LEU B 171 -1.93 8.23 15.19
N GLY B 172 -1.09 8.84 14.34
CA GLY B 172 -0.96 8.45 12.94
C GLY B 172 -2.03 8.97 12.01
N PHE B 173 -2.29 10.28 12.06
CA PHE B 173 -3.30 10.86 11.17
C PHE B 173 -2.58 11.82 10.28
N SER B 174 -3.16 12.16 9.10
CA SER B 174 -2.47 13.03 8.12
C SER B 174 -2.78 14.48 8.40
N TYR B 175 -1.81 15.24 8.91
CA TYR B 175 -2.10 16.59 9.37
C TYR B 175 -2.78 17.29 8.24
N LYS B 176 -3.98 17.80 8.49
CA LYS B 176 -4.76 18.49 7.49
C LYS B 176 -4.52 20.00 7.55
N GLU B 177 -3.84 20.58 6.54
CA GLU B 177 -3.57 22.00 6.52
C GLU B 177 -4.87 22.75 6.84
N GLU B 178 -6.01 22.20 6.46
CA GLU B 178 -7.27 22.96 6.61
C GLU B 178 -7.59 23.40 8.00
N VAL B 179 -7.35 22.53 8.95
CA VAL B 179 -7.69 22.82 10.32
C VAL B 179 -6.91 23.98 10.85
N GLN B 180 -5.60 23.93 10.69
CA GLN B 180 -4.74 24.99 11.21
C GLN B 180 -5.01 26.31 10.52
N TRP B 181 -5.13 26.27 9.20
CA TRP B 181 -5.45 27.46 8.45
C TRP B 181 -6.82 27.96 8.81
N ASP B 182 -7.77 27.03 8.89
CA ASP B 182 -9.13 27.36 9.24
C ASP B 182 -9.26 27.89 10.67
N VAL B 183 -8.59 27.23 11.60
CA VAL B 183 -8.72 27.59 13.00
C VAL B 183 -8.19 28.98 13.33
N ASP B 184 -7.00 29.31 12.84
CA ASP B 184 -6.46 30.64 13.09
C ASP B 184 -7.24 31.74 12.37
N THR B 185 -7.53 31.50 11.10
CA THR B 185 -8.31 32.44 10.30
C THR B 185 -9.78 32.53 10.70
N ILE B 186 -10.46 31.40 10.75
CA ILE B 186 -11.83 31.38 11.27
C ILE B 186 -12.01 31.53 12.78
N TYR B 187 -11.26 30.73 13.55
CA TYR B 187 -11.39 30.66 15.01
C TYR B 187 -10.95 31.89 15.80
N LEU B 188 -9.81 32.45 15.40
CA LEU B 188 -9.20 33.57 16.04
C LEU B 188 -9.96 34.81 15.68
N THR B 189 -10.32 34.95 14.42
CA THR B 189 -10.94 36.16 13.98
C THR B 189 -12.21 36.29 14.73
N GLN B 190 -12.89 35.19 14.93
CA GLN B 190 -14.17 35.23 15.59
C GLN B 190 -14.03 35.18 17.07
N ASP B 191 -12.81 35.02 17.52
CA ASP B 191 -12.58 34.87 18.98
C ASP B 191 -13.54 33.84 19.58
N THR B 192 -13.80 32.72 18.89
CA THR B 192 -14.74 31.71 19.39
C THR B 192 -13.99 30.81 20.28
N ARG B 193 -14.64 30.37 21.37
CA ARG B 193 -14.08 29.35 22.24
C ARG B 193 -14.69 27.98 21.97
N GLU B 194 -15.52 27.89 20.94
CA GLU B 194 -16.28 26.69 20.65
C GLU B 194 -15.64 25.93 19.56
N LEU B 195 -15.29 24.69 19.79
CA LEU B 195 -14.94 23.83 18.66
C LEU B 195 -16.18 23.17 18.10
N ASN B 196 -16.61 23.52 16.88
CA ASN B 196 -17.83 22.99 16.23
C ASN B 196 -17.50 21.94 15.20
N LEU B 197 -17.80 20.68 15.48
CA LEU B 197 -17.45 19.61 14.58
C LEU B 197 -17.97 19.86 13.14
N GLN B 198 -19.06 20.59 12.98
CA GLN B 198 -19.52 20.83 11.61
C GLN B 198 -18.62 21.81 10.80
N ASP B 199 -17.66 22.50 11.43
CA ASP B 199 -16.77 23.37 10.69
C ASP B 199 -15.79 22.52 9.88
N PHE B 200 -15.56 21.28 10.33
CA PHE B 200 -14.62 20.33 9.72
C PHE B 200 -15.32 19.31 8.84
N SER B 201 -16.60 19.57 8.58
CA SER B 201 -17.41 18.73 7.71
C SER B 201 -16.85 18.56 6.28
N HIS B 202 -15.94 19.43 5.86
CA HIS B 202 -15.23 19.31 4.55
C HIS B 202 -14.04 18.34 4.55
N LEU B 203 -13.71 17.80 5.72
CA LEU B 203 -12.67 16.80 5.86
C LEU B 203 -13.41 15.49 5.98
N GLU B 204 -12.69 14.39 6.10
CA GLU B 204 -13.32 13.07 6.27
C GLU B 204 -13.82 12.89 7.68
N HIS B 205 -14.70 11.91 7.92
CA HIS B 205 -15.13 11.70 9.33
C HIS B 205 -13.97 11.36 10.25
N ARG B 206 -13.20 10.33 9.92
CA ARG B 206 -12.08 9.93 10.78
C ARG B 206 -11.16 11.14 11.13
N ASP B 207 -11.19 12.18 10.33
CA ASP B 207 -10.26 13.30 10.50
C ASP B 207 -10.48 14.16 11.70
N LEU B 208 -11.61 13.97 12.36
CA LEU B 208 -11.99 14.73 13.56
C LEU B 208 -11.28 14.15 14.78
N ILE B 209 -10.71 12.97 14.63
CA ILE B 209 -10.20 12.27 15.80
C ILE B 209 -9.02 13.04 16.37
N PRO B 210 -8.04 13.38 15.54
CA PRO B 210 -6.94 14.14 16.11
C PRO B 210 -7.38 15.52 16.50
N ILE B 211 -8.44 16.02 15.89
CA ILE B 211 -8.89 17.39 16.15
C ILE B 211 -9.43 17.48 17.54
N ILE B 212 -10.29 16.54 17.89
CA ILE B 212 -10.92 16.52 19.20
C ILE B 212 -9.87 16.20 20.26
N ALA B 213 -8.96 15.25 20.00
CA ALA B 213 -8.05 14.75 21.03
C ALA B 213 -7.02 15.81 21.41
N ALA B 214 -6.84 16.79 20.54
CA ALA B 214 -5.93 17.88 20.85
C ALA B 214 -6.50 18.80 21.93
N LEU B 215 -7.78 18.65 22.21
CA LEU B 215 -8.42 19.50 23.20
C LEU B 215 -8.07 19.06 24.64
N GLU B 216 -7.53 17.87 24.83
CA GLU B 216 -7.35 17.44 26.21
C GLU B 216 -6.41 18.39 26.93
N TYR B 217 -5.34 18.87 26.34
CA TYR B 217 -4.44 19.75 27.09
C TYR B 217 -4.71 21.21 26.78
N ASN B 218 -5.72 21.44 25.97
CA ASN B 218 -5.91 22.78 25.44
C ASN B 218 -6.62 23.63 26.46
N GLN B 219 -6.07 24.80 26.71
CA GLN B 219 -6.57 25.70 27.74
C GLN B 219 -7.51 26.82 27.26
N TRP B 220 -7.65 26.92 25.94
CA TRP B 220 -8.39 28.00 25.32
C TRP B 220 -9.79 27.66 24.87
N PHE B 221 -10.14 26.38 24.90
CA PHE B 221 -11.45 25.99 24.40
C PHE B 221 -12.40 25.64 25.53
N THR B 222 -13.49 26.41 25.62
CA THR B 222 -14.47 26.22 26.67
C THR B 222 -15.75 25.51 26.21
N LYS B 223 -15.84 25.14 24.94
CA LYS B 223 -17.10 24.54 24.47
C LYS B 223 -16.85 23.59 23.28
N LEU B 224 -17.32 22.34 23.37
CA LEU B 224 -17.26 21.35 22.27
C LEU B 224 -18.63 20.89 21.77
N SER B 225 -18.95 21.09 20.50
CA SER B 225 -20.34 21.04 20.07
C SER B 225 -20.49 20.47 18.66
N SER B 226 -21.55 19.69 18.42
CA SER B 226 -21.92 19.06 17.14
C SER B 226 -23.45 18.90 17.13
N LYS B 227 -24.13 19.15 16.02
CA LYS B 227 -25.56 18.85 15.96
C LYS B 227 -25.84 18.17 14.68
N ASP B 228 -26.64 17.14 14.71
CA ASP B 228 -27.11 16.49 13.51
C ASP B 228 -26.01 15.79 12.77
N LEU B 229 -24.91 15.45 13.45
CA LEU B 229 -23.85 14.67 12.82
C LEU B 229 -23.77 13.38 13.54
N LYS B 230 -23.95 12.27 12.85
CA LYS B 230 -23.90 10.98 13.50
C LYS B 230 -22.44 10.65 13.77
N LEU B 231 -22.09 10.54 15.05
CA LEU B 231 -20.71 10.46 15.47
C LEU B 231 -20.25 9.01 15.55
N SER B 232 -19.05 8.75 15.02
CA SER B 232 -18.50 7.42 14.85
C SER B 232 -17.90 6.96 16.16
N THR B 233 -17.81 5.66 16.31
CA THR B 233 -17.36 5.04 17.53
C THR B 233 -15.97 5.55 17.99
N ASP B 234 -15.10 5.89 17.04
CA ASP B 234 -13.76 6.38 17.41
C ASP B 234 -13.76 7.86 17.75
N VAL B 235 -14.64 8.62 17.08
CA VAL B 235 -14.84 10.03 17.42
C VAL B 235 -15.38 10.15 18.83
N CYS B 236 -16.37 9.33 19.17
CA CYS B 236 -16.83 9.25 20.58
C CYS B 236 -15.71 8.89 21.52
N GLU B 237 -14.90 7.90 21.19
CA GLU B 237 -13.85 7.55 22.13
C GLU B 237 -13.06 8.76 22.51
N GLN B 238 -12.80 9.61 21.53
CA GLN B 238 -12.05 10.84 21.79
C GLN B 238 -12.80 11.95 22.49
N ILE B 239 -14.10 12.07 22.25
CA ILE B 239 -14.85 13.04 23.02
C ILE B 239 -14.75 12.63 24.49
N LEU B 240 -15.19 11.41 24.77
CA LEU B 240 -15.09 10.85 26.08
C LEU B 240 -13.73 11.11 26.73
N ARG B 241 -12.61 10.76 26.05
CA ARG B 241 -11.32 10.98 26.67
C ARG B 241 -11.12 12.43 27.03
N VAL B 242 -11.56 13.33 26.16
CA VAL B 242 -11.42 14.75 26.47
C VAL B 242 -12.18 15.12 27.73
N VAL B 243 -13.34 14.48 27.91
CA VAL B 243 -14.18 14.73 29.08
C VAL B 243 -13.56 14.16 30.38
N SER B 244 -12.81 13.06 30.22
CA SER B 244 -12.12 12.42 31.34
C SER B 244 -11.03 13.30 31.83
N ARG B 245 -10.22 13.82 30.90
CA ARG B 245 -9.07 14.65 31.23
C ARG B 245 -9.20 16.19 31.24
N SER B 246 -10.28 16.80 30.73
CA SER B 246 -10.17 18.23 30.49
C SER B 246 -10.70 18.96 31.70
N ASN B 247 -9.85 19.80 32.26
CA ASN B 247 -10.24 20.67 33.34
C ASN B 247 -10.89 21.93 32.78
N ARG B 248 -10.67 22.17 31.47
CA ARG B 248 -11.09 23.42 30.81
C ARG B 248 -12.44 23.39 30.12
N LEU B 249 -13.01 22.20 29.91
CA LEU B 249 -14.18 22.11 29.04
C LEU B 249 -15.49 22.38 29.80
N GLU B 250 -16.10 23.52 29.55
CA GLU B 250 -17.32 23.91 30.26
C GLU B 250 -18.61 23.39 29.65
N GLU B 251 -18.67 23.15 28.35
CA GLU B 251 -19.97 22.89 27.71
C GLU B 251 -19.83 21.81 26.66
N LEU B 252 -20.67 20.81 26.74
CA LEU B 252 -20.70 19.72 25.78
C LEU B 252 -22.05 19.69 25.08
N VAL B 253 -22.07 19.74 23.76
CA VAL B 253 -23.31 19.64 23.02
C VAL B 253 -23.17 18.62 21.93
N LEU B 254 -23.88 17.51 22.01
CA LEU B 254 -23.86 16.51 20.97
C LEU B 254 -25.29 16.21 20.69
N GLU B 255 -25.82 16.82 19.68
CA GLU B 255 -27.24 16.83 19.51
C GLU B 255 -27.55 15.93 18.33
N ASN B 256 -28.61 15.15 18.46
CA ASN B 256 -29.00 14.26 17.39
C ASN B 256 -27.79 13.65 16.76
N ALA B 257 -26.90 13.11 17.59
CA ALA B 257 -25.68 12.44 17.12
C ALA B 257 -25.84 10.94 17.06
N GLY B 258 -27.06 10.44 17.24
CA GLY B 258 -27.25 9.00 17.27
C GLY B 258 -26.39 8.25 18.28
N LEU B 259 -26.00 8.94 19.35
CA LEU B 259 -25.47 8.28 20.53
C LEU B 259 -26.62 7.43 21.12
N ARG B 260 -26.26 6.42 21.91
CA ARG B 260 -27.27 5.62 22.57
C ARG B 260 -26.79 5.29 23.96
N ILE B 261 -27.57 4.46 24.58
CA ILE B 261 -27.38 4.06 25.95
C ILE B 261 -25.98 3.70 26.46
N ASP B 262 -25.17 3.03 25.66
CA ASP B 262 -23.80 2.66 26.06
C ASP B 262 -22.91 3.90 26.16
N PHE B 263 -23.18 4.91 25.33
CA PHE B 263 -22.37 6.11 25.35
C PHE B 263 -22.78 6.92 26.56
N ALA B 264 -24.09 6.98 26.80
CA ALA B 264 -24.51 7.61 28.02
C ALA B 264 -23.65 7.04 29.17
N GLN B 265 -23.54 5.71 29.24
CA GLN B 265 -22.77 5.08 30.33
C GLN B 265 -21.30 5.42 30.32
N LYS B 266 -20.69 5.38 29.13
CA LYS B 266 -19.26 5.73 29.02
C LYS B 266 -19.02 7.20 29.46
N LEU B 267 -20.04 8.04 29.31
CA LEU B 267 -19.88 9.45 29.63
C LEU B 267 -19.96 9.61 31.13
N ALA B 268 -20.86 8.85 31.72
CA ALA B 268 -20.93 8.79 33.16
C ALA B 268 -19.53 8.47 33.57
N GLY B 269 -18.97 7.51 32.85
CA GLY B 269 -17.66 6.99 33.23
C GLY B 269 -16.62 8.10 33.32
N ALA B 270 -16.53 8.85 32.23
CA ALA B 270 -15.55 9.91 32.07
C ALA B 270 -15.69 10.93 33.20
N LEU B 271 -16.93 11.27 33.53
CA LEU B 271 -17.16 12.32 34.49
C LEU B 271 -16.69 11.87 35.87
N ALA B 272 -16.98 10.61 36.18
CA ALA B 272 -16.63 10.04 37.47
C ALA B 272 -15.14 10.14 37.63
N HIS B 273 -14.47 9.59 36.65
CA HIS B 273 -13.05 9.67 36.46
C HIS B 273 -12.41 11.05 36.64
N ASN B 274 -13.11 12.11 36.28
CA ASN B 274 -12.44 13.38 36.19
C ASN B 274 -12.48 14.12 37.52
N PRO B 275 -11.31 14.31 38.14
CA PRO B 275 -11.24 14.98 39.46
C PRO B 275 -11.96 16.34 39.54
N ASN B 276 -11.74 17.23 38.59
CA ASN B 276 -12.51 18.43 38.54
C ASN B 276 -12.99 18.66 37.12
N SER B 277 -14.26 18.38 36.85
CA SER B 277 -14.79 18.72 35.54
C SER B 277 -15.09 20.19 35.59
N GLY B 278 -15.03 20.85 34.45
CA GLY B 278 -15.46 22.23 34.40
C GLY B 278 -16.86 22.34 33.84
N LEU B 279 -17.58 21.21 33.75
CA LEU B 279 -18.75 21.07 32.86
C LEU B 279 -19.97 21.56 33.54
N HIS B 280 -20.48 22.74 33.18
CA HIS B 280 -21.77 23.15 33.67
C HIS B 280 -22.92 23.07 32.66
N THR B 281 -22.64 22.78 31.40
CA THR B 281 -23.70 22.81 30.39
C THR B 281 -23.72 21.59 29.49
N ILE B 282 -24.82 20.86 29.43
CA ILE B 282 -24.86 19.62 28.66
C ILE B 282 -26.13 19.54 27.83
N ASN B 283 -25.98 19.36 26.54
CA ASN B 283 -27.08 19.14 25.61
C ASN B 283 -26.88 17.80 24.90
N LEU B 284 -27.68 16.81 25.19
CA LEU B 284 -27.66 15.55 24.48
C LEU B 284 -28.92 15.36 23.66
N ALA B 285 -29.66 16.41 23.40
CA ALA B 285 -31.00 16.26 22.81
C ALA B 285 -30.98 15.40 21.55
N GLY B 286 -32.00 14.59 21.34
CA GLY B 286 -32.11 13.86 20.10
C GLY B 286 -31.40 12.52 19.96
N ASN B 287 -30.70 12.11 21.02
CA ASN B 287 -30.07 10.81 21.08
C ASN B 287 -30.80 9.95 22.10
N SER B 288 -31.19 8.78 21.67
CA SER B 288 -32.08 7.98 22.44
C SER B 288 -31.25 7.25 23.42
N LEU B 289 -30.80 7.99 24.42
CA LEU B 289 -30.11 7.47 25.58
C LEU B 289 -30.93 6.59 26.49
N GLU B 290 -32.20 6.90 26.70
CA GLU B 290 -33.09 5.99 27.39
C GLU B 290 -32.86 6.06 28.85
N ASP B 291 -33.76 5.52 29.64
CA ASP B 291 -33.69 5.68 31.06
C ASP B 291 -32.44 5.08 31.58
N ARG B 292 -32.03 3.95 31.08
CA ARG B 292 -30.89 3.27 31.64
C ARG B 292 -29.72 4.20 31.51
N GLY B 293 -29.67 4.89 30.41
CA GLY B 293 -28.62 5.83 30.10
C GLY B 293 -28.58 7.09 30.89
N VAL B 294 -29.73 7.70 31.09
CA VAL B 294 -29.83 8.87 31.91
C VAL B 294 -29.60 8.61 33.37
N SER B 295 -30.13 7.50 33.85
CA SER B 295 -30.01 7.18 35.24
C SER B 295 -28.55 7.03 35.53
N SER B 296 -27.81 6.48 34.59
CA SER B 296 -26.38 6.39 34.76
C SER B 296 -25.76 7.74 34.87
N LEU B 297 -26.18 8.71 34.06
CA LEU B 297 -25.55 10.02 34.12
C LEU B 297 -25.86 10.82 35.37
N SER B 298 -27.13 10.95 35.64
CA SER B 298 -27.61 11.84 36.67
C SER B 298 -26.91 11.53 37.98
N ILE B 299 -26.62 10.26 38.21
CA ILE B 299 -25.82 9.83 39.34
C ILE B 299 -24.58 10.64 39.51
N GLN B 300 -23.95 10.95 38.38
CA GLN B 300 -22.79 11.82 38.35
C GLN B 300 -23.08 13.31 38.32
N PHE B 301 -24.23 13.67 37.75
CA PHE B 301 -24.69 15.04 37.80
C PHE B 301 -24.92 15.46 39.26
N ALA B 302 -25.24 14.50 40.10
CA ALA B 302 -25.47 14.76 41.52
C ALA B 302 -24.18 15.20 42.14
N LYS B 303 -23.10 14.45 41.88
CA LYS B 303 -21.79 14.85 42.39
C LYS B 303 -20.94 15.49 41.28
N LEU B 304 -21.05 16.79 41.14
CA LEU B 304 -20.38 17.44 40.07
C LEU B 304 -19.92 18.67 40.77
N PRO B 305 -18.67 19.04 40.58
CA PRO B 305 -18.18 20.12 41.40
C PRO B 305 -18.93 21.42 41.14
N LYS B 306 -19.29 21.66 39.88
CA LYS B 306 -19.83 22.96 39.49
C LYS B 306 -21.37 23.16 39.58
N GLY B 307 -22.16 22.08 39.47
CA GLY B 307 -23.63 22.15 39.45
C GLY B 307 -24.05 22.66 38.10
N LEU B 308 -25.20 22.27 37.61
CA LEU B 308 -25.46 22.43 36.17
C LEU B 308 -26.06 23.75 35.86
N LYS B 309 -25.61 24.41 34.81
CA LYS B 309 -26.20 25.67 34.42
C LYS B 309 -27.35 25.44 33.53
N HIS B 310 -27.09 24.60 32.54
CA HIS B 310 -27.95 24.34 31.43
C HIS B 310 -28.01 22.92 31.06
N LEU B 311 -29.16 22.29 31.08
CA LEU B 311 -29.27 20.89 30.72
C LEU B 311 -30.33 20.66 29.72
N ASN B 312 -30.00 20.02 28.63
CA ASN B 312 -30.97 19.67 27.63
C ASN B 312 -30.92 18.22 27.30
N LEU B 313 -31.95 17.52 27.67
CA LEU B 313 -32.06 16.11 27.46
C LEU B 313 -33.38 15.87 26.81
N SER B 314 -33.69 16.71 25.87
CA SER B 314 -34.83 16.57 25.02
C SER B 314 -34.74 15.42 24.06
N LYS B 315 -35.86 14.76 23.84
CA LYS B 315 -35.98 13.71 22.85
C LYS B 315 -34.92 12.67 23.04
N THR B 316 -34.63 12.40 24.28
CA THR B 316 -33.65 11.39 24.67
C THR B 316 -34.36 10.06 25.00
N SER B 317 -35.64 9.95 24.70
CA SER B 317 -36.34 8.67 24.90
C SER B 317 -36.51 8.29 26.40
N LEU B 318 -36.69 9.29 27.23
CA LEU B 318 -36.95 9.06 28.64
C LEU B 318 -38.41 8.74 28.89
N SER B 319 -38.60 8.04 30.00
CA SER B 319 -39.90 7.70 30.52
C SER B 319 -40.00 8.40 31.86
N PRO B 320 -41.15 8.27 32.49
CA PRO B 320 -41.23 8.94 33.77
C PRO B 320 -40.19 8.41 34.75
N LYS B 321 -39.83 7.16 34.65
CA LYS B 321 -38.83 6.58 35.55
C LYS B 321 -37.50 7.29 35.39
N GLY B 322 -37.11 7.62 34.16
CA GLY B 322 -35.84 8.28 33.94
C GLY B 322 -35.89 9.73 34.34
N VAL B 323 -37.01 10.39 34.14
CA VAL B 323 -37.10 11.79 34.54
C VAL B 323 -37.02 11.86 36.06
N ASN B 324 -37.63 10.89 36.71
CA ASN B 324 -37.67 10.92 38.16
C ASN B 324 -36.23 10.73 38.61
N SER B 325 -35.58 9.67 38.17
CA SER B 325 -34.22 9.39 38.62
C SER B 325 -33.41 10.64 38.46
N LEU B 326 -33.60 11.33 37.34
CA LEU B 326 -32.77 12.45 36.98
C LEU B 326 -33.05 13.58 37.93
N CYS B 327 -34.32 13.81 38.22
CA CYS B 327 -34.65 15.01 38.92
C CYS B 327 -34.19 14.78 40.34
N GLN B 328 -34.15 13.51 40.73
CA GLN B 328 -33.84 13.20 42.09
C GLN B 328 -32.41 13.51 42.24
N SER B 329 -31.67 13.22 41.18
CA SER B 329 -30.23 13.45 41.15
C SER B 329 -29.91 14.91 41.14
N LEU B 330 -30.70 15.71 40.44
CA LEU B 330 -30.47 17.15 40.41
C LEU B 330 -30.64 17.77 41.80
N SER B 331 -31.75 17.46 42.47
CA SER B 331 -31.99 17.96 43.83
C SER B 331 -30.98 17.35 44.80
N ALA B 332 -30.40 16.20 44.47
CA ALA B 332 -29.32 15.65 45.27
C ALA B 332 -28.12 16.60 45.41
N ASN B 333 -27.67 17.14 44.30
CA ASN B 333 -26.61 18.14 44.32
C ASN B 333 -27.10 19.44 44.97
N PRO B 334 -26.41 19.92 45.99
CA PRO B 334 -26.87 21.13 46.69
C PRO B 334 -26.86 22.36 45.79
N LEU B 335 -26.03 22.34 44.77
CA LEU B 335 -25.89 23.50 43.89
C LEU B 335 -26.98 23.69 42.80
N THR B 336 -27.45 22.62 42.16
CA THR B 336 -28.31 22.77 40.97
C THR B 336 -29.42 23.75 41.21
N ALA B 337 -29.90 23.80 42.44
CA ALA B 337 -30.90 24.77 42.80
C ALA B 337 -30.47 26.22 42.56
N SER B 338 -29.25 26.59 42.97
CA SER B 338 -28.75 27.96 42.77
C SER B 338 -28.02 28.19 41.45
N THR B 339 -27.56 27.12 40.80
CA THR B 339 -26.92 27.22 39.48
C THR B 339 -27.73 26.92 38.23
N LEU B 340 -28.83 26.19 38.33
CA LEU B 340 -29.44 25.65 37.10
C LEU B 340 -30.44 26.62 36.57
N THR B 341 -30.10 27.24 35.43
CA THR B 341 -31.02 28.19 34.81
C THR B 341 -31.80 27.77 33.55
N HIS B 342 -31.49 26.63 32.93
CA HIS B 342 -32.22 26.19 31.75
C HIS B 342 -32.45 24.67 31.71
N LEU B 343 -33.69 24.18 31.69
CA LEU B 343 -33.97 22.74 31.80
C LEU B 343 -34.86 22.36 30.69
N ASP B 344 -34.44 21.49 29.78
CA ASP B 344 -35.32 21.16 28.65
C ASP B 344 -35.53 19.68 28.61
N LEU B 345 -36.72 19.18 28.87
CA LEU B 345 -36.98 17.76 28.84
C LEU B 345 -38.08 17.40 27.89
N SER B 346 -38.28 18.21 26.88
CA SER B 346 -39.33 18.00 25.94
C SER B 346 -39.11 16.82 25.06
N GLY B 347 -40.19 16.15 24.67
CA GLY B 347 -40.15 15.04 23.74
C GLY B 347 -40.09 13.71 24.40
N ASN B 348 -39.90 13.75 25.69
CA ASN B 348 -39.84 12.58 26.51
C ASN B 348 -41.21 12.36 27.02
N ALA B 349 -41.44 11.37 27.85
CA ALA B 349 -42.77 11.11 28.36
C ALA B 349 -42.91 11.36 29.82
N LEU B 350 -43.84 12.21 30.16
CA LEU B 350 -44.07 12.61 31.54
C LEU B 350 -45.43 12.26 32.12
N ARG B 351 -46.14 11.34 31.52
CA ARG B 351 -47.41 10.84 32.00
C ARG B 351 -47.28 9.36 32.00
N GLY B 352 -48.06 8.66 32.78
CA GLY B 352 -48.63 9.16 34.00
C GLY B 352 -48.13 8.06 34.87
N ASP B 353 -47.19 8.43 35.72
CA ASP B 353 -46.48 7.55 36.64
C ASP B 353 -46.02 8.50 37.74
N ASP B 354 -45.57 7.99 38.87
CA ASP B 354 -45.24 8.88 39.97
C ASP B 354 -44.18 9.87 39.51
N LEU B 355 -44.43 11.15 39.78
CA LEU B 355 -43.57 12.24 39.35
C LEU B 355 -43.02 13.06 40.51
N SER B 356 -43.01 12.48 41.70
CA SER B 356 -42.71 13.21 42.92
C SER B 356 -41.32 13.83 42.88
N HIS B 357 -40.35 13.11 42.35
CA HIS B 357 -38.99 13.59 42.28
C HIS B 357 -38.89 14.83 41.44
N MSE B 358 -39.62 14.87 40.33
CA MSE B 358 -39.65 16.05 39.49
C MSE B 358 -40.46 17.12 40.15
O MSE B 358 -39.96 18.20 40.30
CB MSE B 358 -40.26 15.76 38.11
CG MSE B 358 -40.39 16.96 37.22
SE MSE B 358 -41.14 16.56 35.44
CE MSE B 358 -43.02 16.85 35.61
N TYR B 359 -41.70 16.86 40.54
CA TYR B 359 -42.50 17.94 41.09
C TYR B 359 -41.75 18.50 42.29
N ASN B 360 -41.11 17.60 43.01
CA ASN B 360 -40.33 17.93 44.19
C ASN B 360 -39.16 18.83 43.90
N PHE B 361 -38.49 18.60 42.81
CA PHE B 361 -37.35 19.44 42.48
C PHE B 361 -37.76 20.81 41.96
N LEU B 362 -38.75 20.81 41.11
CA LEU B 362 -39.27 22.04 40.56
C LEU B 362 -39.84 22.85 41.72
N ALA B 363 -40.27 22.18 42.78
CA ALA B 363 -40.82 22.90 43.90
C ALA B 363 -39.78 23.55 44.83
N GLN B 364 -38.59 23.00 44.99
CA GLN B 364 -37.61 23.68 45.87
C GLN B 364 -37.24 24.95 45.18
N PRO B 365 -37.35 26.08 45.86
CA PRO B 365 -37.01 27.32 45.21
C PRO B 365 -35.71 27.20 44.53
N ASN B 366 -35.69 27.68 43.30
CA ASN B 366 -34.59 27.47 42.43
C ASN B 366 -34.35 28.65 41.48
N THR B 367 -33.29 28.56 40.70
CA THR B 367 -32.88 29.68 39.86
C THR B 367 -33.25 29.51 38.39
N ILE B 368 -34.04 28.47 38.05
CA ILE B 368 -34.42 28.15 36.65
C ILE B 368 -35.17 29.27 35.92
N VAL B 369 -34.61 29.68 34.79
CA VAL B 369 -35.18 30.73 33.93
C VAL B 369 -35.95 30.29 32.70
N HIS B 370 -35.72 29.07 32.25
CA HIS B 370 -36.34 28.52 31.06
C HIS B 370 -36.69 27.08 31.37
N LEU B 371 -37.95 26.72 31.32
CA LEU B 371 -38.33 25.35 31.59
C LEU B 371 -39.07 24.93 30.37
N ASP B 372 -38.61 23.88 29.71
CA ASP B 372 -39.32 23.33 28.58
C ASP B 372 -39.79 21.88 28.83
N LEU B 373 -41.06 21.69 29.07
CA LEU B 373 -41.66 20.36 29.19
C LEU B 373 -42.55 19.96 28.00
N SER B 374 -42.51 20.68 26.90
CA SER B 374 -43.43 20.50 25.80
C SER B 374 -43.39 19.09 25.15
N ASN B 375 -44.49 18.69 24.48
CA ASN B 375 -44.69 17.33 23.91
C ASN B 375 -44.20 16.36 24.89
N THR B 376 -44.40 16.64 26.16
CA THR B 376 -44.16 15.68 27.22
C THR B 376 -45.49 15.11 27.73
N GLU B 377 -46.61 15.69 27.32
CA GLU B 377 -47.92 15.24 27.79
C GLU B 377 -48.03 15.29 29.26
N CYS B 378 -47.36 16.22 29.91
CA CYS B 378 -47.31 16.34 31.36
C CYS B 378 -48.61 16.85 31.96
N SER B 379 -48.71 16.95 33.27
CA SER B 379 -49.95 17.41 33.84
C SER B 379 -49.81 18.86 34.18
N LEU B 380 -50.52 19.72 33.48
CA LEU B 380 -50.49 21.15 33.80
C LEU B 380 -50.78 21.43 35.25
N GLU B 381 -51.85 20.84 35.78
CA GLU B 381 -52.32 21.19 37.12
C GLU B 381 -51.24 20.89 38.17
N MSE B 382 -50.47 19.83 37.93
CA MSE B 382 -49.40 19.33 38.80
C MSE B 382 -48.08 20.04 38.66
O MSE B 382 -47.35 20.21 39.64
CB MSE B 382 -49.12 17.83 38.53
CG MSE B 382 -50.22 16.84 38.98
SE MSE B 382 -50.28 16.41 40.92
CE MSE B 382 -48.51 16.81 41.65
N VAL B 383 -47.76 20.41 37.44
CA VAL B 383 -46.55 21.14 37.21
C VAL B 383 -46.69 22.53 37.79
N CYS B 384 -47.74 23.27 37.43
CA CYS B 384 -48.01 24.57 38.08
C CYS B 384 -48.20 24.47 39.63
N SER B 385 -48.78 23.40 40.15
CA SER B 385 -48.68 23.17 41.58
C SER B 385 -47.23 23.33 42.06
N ALA B 386 -46.29 22.69 41.42
CA ALA B 386 -44.90 22.82 41.88
C ALA B 386 -44.25 24.17 41.56
N LEU B 387 -44.54 24.74 40.41
CA LEU B 387 -43.88 25.95 39.96
C LEU B 387 -44.30 27.09 40.87
N LEU B 388 -45.44 26.91 41.50
CA LEU B 388 -45.96 27.87 42.44
C LEU B 388 -45.07 28.04 43.62
N ARG B 389 -44.55 26.94 44.10
CA ARG B 389 -43.63 26.94 45.21
C ARG B 389 -42.21 27.37 44.80
N GLY B 390 -41.60 26.64 43.90
CA GLY B 390 -40.27 26.91 43.41
C GLY B 390 -39.92 28.08 42.51
N CYS B 391 -40.75 28.32 41.53
CA CYS B 391 -40.34 29.09 40.39
C CYS B 391 -40.80 30.52 40.28
N LEU B 392 -41.35 31.10 41.33
CA LEU B 392 -41.84 32.46 41.26
C LEU B 392 -40.76 33.46 40.95
N GLN B 393 -39.59 33.30 41.54
CA GLN B 393 -38.55 34.29 41.38
C GLN B 393 -37.91 34.45 40.01
N CYS B 394 -37.44 33.39 39.39
CA CYS B 394 -36.76 33.54 38.12
C CYS B 394 -37.31 32.97 36.83
N LEU B 395 -38.26 32.05 36.86
CA LEU B 395 -38.62 31.34 35.65
C LEU B 395 -39.18 32.35 34.77
N ALA B 396 -38.69 32.44 33.55
CA ALA B 396 -39.11 33.46 32.64
C ALA B 396 -39.77 32.99 31.41
N VAL B 397 -39.40 31.84 30.90
CA VAL B 397 -40.08 31.29 29.76
C VAL B 397 -40.49 29.88 30.06
N LEU B 398 -41.78 29.60 30.06
CA LEU B 398 -42.29 28.30 30.41
C LEU B 398 -42.98 27.74 29.23
N ASN B 399 -42.63 26.56 28.79
CA ASN B 399 -43.23 26.00 27.62
C ASN B 399 -43.90 24.71 27.93
N LEU B 400 -45.20 24.65 27.84
CA LEU B 400 -45.92 23.44 28.17
C LEU B 400 -46.87 22.94 27.11
N SER B 401 -46.52 23.12 25.85
CA SER B 401 -47.41 22.85 24.77
C SER B 401 -47.60 21.42 24.71
N ARG B 402 -48.70 21.03 24.14
CA ARG B 402 -48.99 19.64 23.98
C ARG B 402 -48.87 18.93 25.29
N SER B 403 -49.66 19.36 26.25
CA SER B 403 -49.80 18.62 27.46
C SER B 403 -51.22 18.72 27.86
N VAL B 404 -51.66 17.85 28.76
CA VAL B 404 -53.02 17.84 29.27
C VAL B 404 -53.22 18.82 30.39
N PHE B 405 -54.45 19.17 30.71
CA PHE B 405 -54.64 19.96 31.90
C PHE B 405 -54.58 19.01 33.09
N SER B 406 -55.36 17.94 33.10
CA SER B 406 -55.24 17.00 34.21
C SER B 406 -55.03 15.63 33.69
N HIS B 407 -54.41 14.80 34.50
CA HIS B 407 -54.26 13.41 34.18
C HIS B 407 -55.45 12.62 34.70
N ARG B 408 -56.34 13.31 35.39
CA ARG B 408 -57.52 12.71 35.96
C ARG B 408 -58.74 13.33 35.38
N LYS B 409 -59.68 12.53 34.94
CA LYS B 409 -60.94 13.04 34.46
C LYS B 409 -61.62 13.64 35.64
N GLY B 410 -62.29 14.75 35.45
CA GLY B 410 -62.88 15.44 36.57
C GLY B 410 -62.48 16.88 36.63
N LYS B 411 -63.50 17.68 36.75
CA LYS B 411 -63.47 19.09 36.45
C LYS B 411 -62.60 20.01 37.29
N GLU B 412 -62.50 19.75 38.57
CA GLU B 412 -61.95 20.75 39.46
C GLU B 412 -60.56 21.08 39.02
N VAL B 413 -60.24 22.34 39.18
CA VAL B 413 -59.00 22.95 38.73
C VAL B 413 -58.50 23.45 40.02
N PRO B 414 -57.35 22.94 40.45
CA PRO B 414 -56.88 23.35 41.75
C PRO B 414 -56.41 24.78 41.76
N PRO B 415 -56.27 25.32 42.96
CA PRO B 415 -55.93 26.73 43.22
C PRO B 415 -54.57 27.13 42.68
N SER B 416 -53.62 26.20 42.73
CA SER B 416 -52.25 26.47 42.35
C SER B 416 -52.20 26.95 40.91
N PHE B 417 -53.06 26.40 40.07
CA PHE B 417 -53.06 26.76 38.66
C PHE B 417 -53.34 28.24 38.44
N LYS B 418 -54.28 28.84 39.18
CA LYS B 418 -54.46 30.27 39.06
C LYS B 418 -53.47 31.01 39.92
N GLN B 419 -53.12 30.44 41.06
CA GLN B 419 -52.29 31.17 42.02
C GLN B 419 -50.92 31.39 41.45
N PHE B 420 -50.37 30.38 40.78
CA PHE B 420 -49.05 30.50 40.16
C PHE B 420 -49.02 31.62 39.22
N PHE B 421 -50.03 31.75 38.37
CA PHE B 421 -49.99 32.89 37.44
C PHE B 421 -50.29 34.23 38.11
N SER B 422 -51.03 34.23 39.22
CA SER B 422 -51.18 35.44 40.02
C SER B 422 -49.86 35.85 40.65
N SER B 423 -49.10 34.85 41.07
CA SER B 423 -47.89 34.98 41.89
C SER B 423 -46.53 35.08 41.16
N SER B 424 -46.43 34.79 39.87
CA SER B 424 -45.13 34.70 39.27
C SER B 424 -44.60 36.10 39.15
N LEU B 425 -43.33 36.32 39.51
CA LEU B 425 -42.59 37.58 39.32
C LEU B 425 -41.89 37.78 38.00
N ALA B 426 -41.37 36.73 37.41
CA ALA B 426 -40.63 36.90 36.20
C ALA B 426 -41.19 36.34 34.93
N LEU B 427 -42.41 35.82 34.90
CA LEU B 427 -42.87 35.10 33.74
C LEU B 427 -42.91 36.06 32.66
N ILE B 428 -42.40 35.70 31.50
CA ILE B 428 -42.51 36.55 30.36
C ILE B 428 -43.03 35.93 29.09
N GLN B 429 -42.81 34.65 28.89
CA GLN B 429 -43.29 33.97 27.71
C GLN B 429 -43.96 32.71 28.15
N ILE B 430 -45.22 32.49 27.83
CA ILE B 430 -45.89 31.28 28.22
C ILE B 430 -46.45 30.61 27.02
N ASN B 431 -46.06 29.40 26.76
CA ASN B 431 -46.67 28.61 25.68
C ASN B 431 -47.46 27.42 26.15
N LEU B 432 -48.77 27.50 26.04
CA LEU B 432 -49.66 26.38 26.31
C LEU B 432 -50.19 25.72 25.04
N SER B 433 -49.72 26.12 23.85
CA SER B 433 -50.30 25.69 22.60
C SER B 433 -50.43 24.24 22.48
N GLY B 434 -51.52 23.82 21.84
CA GLY B 434 -51.70 22.41 21.54
C GLY B 434 -52.26 21.53 22.64
N THR B 435 -52.75 22.17 23.72
CA THR B 435 -53.33 21.48 24.87
C THR B 435 -54.78 21.93 25.11
N LYS B 436 -55.74 21.00 25.24
CA LYS B 436 -57.12 21.40 25.29
C LYS B 436 -57.29 22.14 26.57
N LEU B 437 -57.76 23.38 26.50
CA LEU B 437 -58.11 24.12 27.72
C LEU B 437 -59.61 24.26 27.75
N SER B 438 -60.25 23.64 28.73
CA SER B 438 -61.72 23.72 28.89
C SER B 438 -62.08 25.07 29.47
N PRO B 439 -63.35 25.38 29.67
CA PRO B 439 -63.58 26.75 30.10
C PRO B 439 -63.03 27.06 31.50
N GLU B 440 -63.07 26.10 32.41
CA GLU B 440 -62.66 26.42 33.75
C GLU B 440 -61.15 26.69 33.91
N PRO B 441 -60.29 25.84 33.35
CA PRO B 441 -58.86 26.14 33.38
C PRO B 441 -58.44 27.40 32.63
N LEU B 442 -59.06 27.69 31.48
CA LEU B 442 -58.73 28.89 30.72
C LEU B 442 -59.15 30.06 31.56
N LYS B 443 -60.29 29.98 32.25
CA LYS B 443 -60.74 31.12 33.01
C LYS B 443 -59.82 31.37 34.22
N ALA B 444 -59.30 30.29 34.79
CA ALA B 444 -58.35 30.39 35.90
C ALA B 444 -57.04 31.04 35.48
N LEU B 445 -56.58 30.70 34.28
CA LEU B 445 -55.31 31.18 33.81
C LEU B 445 -55.40 32.62 33.48
N LEU B 446 -56.42 32.99 32.72
CA LEU B 446 -56.54 34.37 32.31
C LEU B 446 -56.72 35.25 33.52
N LEU B 447 -57.55 34.82 34.45
CA LEU B 447 -57.78 35.57 35.68
C LEU B 447 -56.55 35.68 36.51
N GLY B 448 -55.76 34.61 36.57
CA GLY B 448 -54.52 34.63 37.31
C GLY B 448 -53.54 35.64 36.75
N LEU B 449 -53.44 35.67 35.41
CA LEU B 449 -52.57 36.62 34.74
C LEU B 449 -53.03 38.06 34.97
N ALA B 450 -54.35 38.26 34.89
CA ALA B 450 -54.94 39.57 35.10
C ALA B 450 -54.70 40.05 36.53
N CYS B 451 -54.82 39.12 37.48
CA CYS B 451 -54.65 39.41 38.88
C CYS B 451 -53.20 39.65 39.26
N ASN B 452 -52.29 39.68 38.31
CA ASN B 452 -50.90 39.76 38.67
C ASN B 452 -50.35 41.13 38.34
N HIS B 453 -49.99 41.79 39.41
CA HIS B 453 -49.30 43.04 39.51
C HIS B 453 -47.86 43.11 39.07
N SER B 454 -47.09 42.07 39.31
CA SER B 454 -45.70 41.98 39.01
C SER B 454 -45.39 41.86 37.54
N LEU B 455 -46.31 41.29 36.80
CA LEU B 455 -46.06 40.97 35.45
C LEU B 455 -46.58 42.04 34.58
N LYS B 456 -45.77 42.42 33.63
CA LYS B 456 -46.21 43.33 32.63
C LYS B 456 -45.68 42.69 31.39
N GLY B 457 -46.31 42.95 30.27
CA GLY B 457 -45.76 42.47 29.02
C GLY B 457 -45.48 41.01 28.97
N VAL B 458 -46.48 40.18 29.22
CA VAL B 458 -46.38 38.75 29.00
C VAL B 458 -46.77 38.38 27.59
N SER B 459 -46.20 37.32 27.00
CA SER B 459 -46.61 36.80 25.72
C SER B 459 -47.18 35.41 25.97
N LEU B 460 -48.41 35.20 25.55
CA LEU B 460 -49.10 33.92 25.77
C LEU B 460 -49.44 33.20 24.45
N ASP B 461 -49.07 31.94 24.27
CA ASP B 461 -49.41 31.21 23.04
C ASP B 461 -50.45 30.18 23.39
N LEU B 462 -51.69 30.45 22.97
CA LEU B 462 -52.86 29.57 23.07
C LEU B 462 -53.26 28.93 21.76
N SER B 463 -52.42 28.95 20.76
CA SER B 463 -52.84 28.37 19.49
C SER B 463 -53.19 26.95 19.67
N ASN B 464 -54.18 26.52 18.93
CA ASN B 464 -54.54 25.12 18.90
C ASN B 464 -54.88 24.55 20.26
N CYS B 465 -55.56 25.34 21.08
CA CYS B 465 -56.06 24.94 22.40
C CYS B 465 -57.52 24.59 22.45
N GLU B 466 -58.20 24.56 21.33
CA GLU B 466 -59.61 24.19 21.31
C GLU B 466 -60.38 25.25 22.07
N LEU B 467 -60.00 26.50 21.90
CA LEU B 467 -60.76 27.59 22.52
C LEU B 467 -62.07 27.73 21.76
N GLY B 468 -62.18 27.14 20.59
CA GLY B 468 -63.44 27.23 19.89
C GLY B 468 -64.50 26.48 20.66
N HIS B 469 -64.30 25.20 20.81
CA HIS B 469 -65.22 24.32 21.46
C HIS B 469 -65.40 24.78 22.86
N CYS B 470 -64.38 25.30 23.49
CA CYS B 470 -64.53 25.88 24.81
C CYS B 470 -65.43 27.11 24.86
N LEU B 471 -65.28 28.04 23.94
CA LEU B 471 -66.09 29.25 23.97
C LEU B 471 -67.52 28.91 23.69
N ARG B 472 -67.73 27.93 22.84
CA ARG B 472 -69.08 27.45 22.57
C ARG B 472 -69.65 26.70 23.77
N SER B 473 -68.81 26.34 24.72
CA SER B 473 -69.16 25.34 25.71
C SER B 473 -68.98 25.86 27.12
N GLY B 474 -69.88 26.73 27.53
CA GLY B 474 -69.69 27.43 28.78
C GLY B 474 -68.80 28.53 28.29
N GLY B 475 -68.36 29.43 29.15
CA GLY B 475 -67.34 30.36 28.75
C GLY B 475 -67.96 31.44 27.92
N ALA B 476 -67.13 32.35 27.44
CA ALA B 476 -67.62 33.54 26.75
C ALA B 476 -67.96 34.62 27.78
N GLN B 477 -67.69 34.33 29.04
CA GLN B 477 -67.43 35.35 30.04
C GLN B 477 -65.96 35.37 30.37
N VAL B 478 -65.26 34.33 29.95
CA VAL B 478 -64.05 33.90 30.58
C VAL B 478 -63.11 35.06 30.54
N LEU B 479 -63.17 35.75 29.43
CA LEU B 479 -62.16 36.74 29.12
C LEU B 479 -62.22 37.96 30.05
N GLU B 485 -61.10 44.12 31.09
CA GLU B 485 -60.46 42.94 30.55
C GLU B 485 -59.08 42.70 31.24
N ILE B 486 -57.96 42.95 30.54
CA ILE B 486 -56.62 42.55 30.99
C ILE B 486 -55.58 43.64 30.64
N HIS B 487 -54.53 43.72 31.44
CA HIS B 487 -53.49 44.67 31.28
C HIS B 487 -52.18 44.02 31.03
N ASN B 488 -52.12 42.73 31.26
CA ASN B 488 -50.88 41.97 31.41
C ASN B 488 -50.19 41.52 30.16
N ILE B 489 -51.00 41.30 29.13
CA ILE B 489 -50.60 40.48 28.02
C ILE B 489 -50.36 41.31 26.79
N THR B 490 -49.11 41.47 26.37
CA THR B 490 -48.78 42.32 25.26
C THR B 490 -48.68 41.50 23.99
N SER B 491 -48.79 40.20 24.06
CA SER B 491 -48.82 39.40 22.83
C SER B 491 -49.68 38.18 23.10
N LEU B 492 -50.53 37.83 22.13
CA LEU B 492 -51.52 36.74 22.27
C LEU B 492 -51.69 36.04 20.96
N ASP B 493 -51.60 34.71 20.94
CA ASP B 493 -51.81 33.94 19.71
C ASP B 493 -53.01 33.10 19.94
N ILE B 494 -54.14 33.38 19.31
CA ILE B 494 -55.32 32.56 19.45
C ILE B 494 -55.59 31.67 18.20
N SER B 495 -54.65 31.62 17.27
CA SER B 495 -54.88 30.99 15.96
C SER B 495 -55.27 29.54 16.05
N ASP B 496 -56.06 29.07 15.09
CA ASP B 496 -56.33 27.63 14.92
C ASP B 496 -57.14 27.01 16.04
N ASN B 497 -58.03 27.80 16.63
CA ASN B 497 -59.04 27.38 17.61
C ASN B 497 -60.43 27.23 17.04
N GLY B 498 -60.56 27.23 15.74
CA GLY B 498 -61.88 27.05 15.24
C GLY B 498 -62.77 28.01 15.98
N LEU B 499 -62.32 29.23 16.20
CA LEU B 499 -63.16 30.17 16.87
C LEU B 499 -64.33 30.47 16.01
N GLU B 500 -64.12 30.57 14.72
CA GLU B 500 -65.18 30.67 13.75
C GLU B 500 -66.13 31.73 14.16
N SER B 501 -67.41 31.44 14.24
CA SER B 501 -68.42 32.47 14.43
C SER B 501 -68.12 33.22 15.69
N ASP B 502 -67.66 32.50 16.67
CA ASP B 502 -67.44 33.06 17.97
C ASP B 502 -66.38 34.10 17.86
N LEU B 503 -65.69 34.18 16.74
CA LEU B 503 -64.52 35.01 16.68
C LEU B 503 -64.84 36.43 17.00
N SER B 504 -65.96 36.94 16.55
CA SER B 504 -66.30 38.32 16.84
C SER B 504 -66.48 38.56 18.34
N THR B 505 -67.19 37.68 19.04
CA THR B 505 -67.33 37.83 20.47
C THR B 505 -65.98 38.28 20.96
N LEU B 506 -64.95 37.63 20.39
CA LEU B 506 -63.59 37.71 20.88
C LEU B 506 -62.99 39.03 20.49
N ILE B 507 -63.41 39.50 19.33
CA ILE B 507 -62.79 40.66 18.76
C ILE B 507 -63.13 41.82 19.66
N VAL B 508 -64.41 42.00 19.94
CA VAL B 508 -64.79 43.11 20.79
C VAL B 508 -64.06 43.09 22.14
N TRP B 509 -63.98 41.92 22.79
CA TRP B 509 -63.28 41.85 24.06
C TRP B 509 -61.89 42.43 23.87
N LEU B 510 -61.28 42.17 22.72
CA LEU B 510 -59.90 42.55 22.50
C LEU B 510 -59.78 44.05 22.25
N SER B 511 -60.84 44.68 21.73
CA SER B 511 -60.74 46.09 21.36
C SER B 511 -60.96 46.98 22.57
N LYS B 512 -61.42 46.36 23.63
CA LYS B 512 -61.47 47.04 24.89
C LYS B 512 -60.18 46.83 25.64
N ASN B 513 -59.24 46.15 25.03
CA ASN B 513 -58.00 45.86 25.68
C ASN B 513 -56.95 46.79 25.15
N ARG B 514 -56.21 47.40 26.05
CA ARG B 514 -55.28 48.41 25.66
C ARG B 514 -53.87 47.99 25.84
N SER B 515 -53.64 46.70 26.05
CA SER B 515 -52.30 46.22 26.30
C SER B 515 -51.64 45.55 25.13
N ILE B 516 -52.40 44.71 24.47
CA ILE B 516 -51.98 43.73 23.45
C ILE B 516 -51.38 44.43 22.23
N GLN B 517 -50.10 44.23 22.03
CA GLN B 517 -49.42 44.80 20.92
C GLN B 517 -49.28 43.85 19.75
N HIS B 518 -49.49 42.55 19.95
CA HIS B 518 -49.31 41.59 18.86
C HIS B 518 -50.35 40.53 19.00
N LEU B 519 -51.13 40.30 17.97
CA LEU B 519 -52.27 39.39 18.04
C LEU B 519 -52.24 38.43 16.86
N ALA B 520 -52.40 37.13 17.07
CA ALA B 520 -52.44 36.21 15.95
C ALA B 520 -53.77 35.50 15.93
N LEU B 521 -54.62 35.82 14.96
CA LEU B 521 -55.95 35.18 14.78
C LEU B 521 -56.06 34.10 13.65
N GLY B 522 -54.99 33.74 12.96
CA GLY B 522 -55.17 33.02 11.72
C GLY B 522 -55.82 31.69 11.92
N LYS B 523 -56.42 31.11 10.90
CA LYS B 523 -56.95 29.75 10.97
C LYS B 523 -58.15 29.53 11.91
N ASN B 524 -58.91 30.59 12.10
CA ASN B 524 -60.15 30.55 12.78
C ASN B 524 -61.30 30.75 11.85
N PHE B 525 -61.03 30.72 10.56
CA PHE B 525 -62.05 31.00 9.60
C PHE B 525 -62.52 29.85 8.76
N ASN B 526 -62.09 28.63 9.03
CA ASN B 526 -62.41 27.51 8.18
C ASN B 526 -63.88 27.21 8.06
N ASN B 527 -64.36 26.92 6.86
CA ASN B 527 -65.76 26.56 6.61
C ASN B 527 -66.86 27.51 7.10
N MSE B 528 -66.74 28.80 6.79
CA MSE B 528 -67.69 29.76 7.31
C MSE B 528 -68.33 30.36 6.14
O MSE B 528 -67.74 30.33 5.08
CB MSE B 528 -66.89 30.84 7.97
CG MSE B 528 -66.73 30.71 9.47
SE MSE B 528 -66.10 32.46 9.93
CE MSE B 528 -67.73 33.49 9.83
N LYS B 529 -69.53 30.88 6.28
CA LYS B 529 -70.28 31.36 5.12
C LYS B 529 -70.18 32.84 4.99
N SER B 530 -69.96 33.28 3.80
CA SER B 530 -69.55 34.65 3.58
C SER B 530 -70.38 35.71 4.29
N LYS B 531 -71.69 35.53 4.30
CA LYS B 531 -72.58 36.42 5.07
C LYS B 531 -72.15 36.50 6.56
N ASN B 532 -71.59 35.41 7.09
CA ASN B 532 -71.04 35.34 8.44
C ASN B 532 -69.70 35.98 8.60
N LEU B 533 -68.83 35.71 7.63
CA LEU B 533 -67.43 36.12 7.65
C LEU B 533 -67.18 37.61 7.57
N THR B 534 -67.93 38.29 6.71
CA THR B 534 -67.68 39.70 6.44
C THR B 534 -67.83 40.48 7.73
N PRO B 535 -68.94 40.29 8.43
CA PRO B 535 -69.01 41.01 9.71
C PRO B 535 -67.75 40.87 10.61
N VAL B 536 -67.12 39.71 10.67
CA VAL B 536 -65.97 39.49 11.53
C VAL B 536 -64.81 40.33 11.02
N LEU B 537 -64.45 40.14 9.77
CA LEU B 537 -63.37 40.89 9.19
C LEU B 537 -63.66 42.38 9.37
N ASP B 538 -64.93 42.74 9.43
CA ASP B 538 -65.29 44.15 9.56
C ASP B 538 -64.98 44.70 10.94
N ASN B 539 -65.23 43.91 11.97
CA ASN B 539 -64.91 44.30 13.32
C ASN B 539 -63.42 44.38 13.39
N LEU B 540 -62.76 43.45 12.70
CA LEU B 540 -61.31 43.41 12.78
C LEU B 540 -60.74 44.70 12.22
N VAL B 541 -61.29 45.21 11.13
CA VAL B 541 -60.81 46.48 10.62
C VAL B 541 -61.09 47.57 11.62
N GLN B 542 -62.26 47.58 12.25
CA GLN B 542 -62.63 48.66 13.16
C GLN B 542 -61.56 48.83 14.18
N MSE B 543 -61.03 47.70 14.64
CA MSE B 543 -60.02 47.63 15.71
C MSE B 543 -58.69 48.15 15.26
O MSE B 543 -58.09 49.01 15.89
CB MSE B 543 -59.83 46.17 16.17
CG MSE B 543 -58.77 45.95 17.24
SE MSE B 543 -58.39 44.03 17.51
CE MSE B 543 -60.20 43.60 18.08
N ILE B 544 -58.19 47.61 14.17
CA ILE B 544 -56.97 48.08 13.56
C ILE B 544 -57.00 49.61 13.41
N GLN B 545 -58.15 50.14 12.99
CA GLN B 545 -58.27 51.51 12.56
C GLN B 545 -58.65 52.45 13.70
N ASP B 546 -59.04 51.90 14.84
CA ASP B 546 -59.34 52.76 15.97
C ASP B 546 -58.09 53.57 16.22
N GLU B 547 -58.29 54.80 16.69
CA GLU B 547 -57.19 55.73 16.92
C GLU B 547 -56.37 55.37 18.16
N ASP B 548 -56.93 54.51 18.99
CA ASP B 548 -56.21 54.01 20.15
C ASP B 548 -55.63 52.62 20.01
N SER B 549 -55.76 51.99 18.87
CA SER B 549 -55.30 50.62 18.77
C SER B 549 -53.86 50.57 19.26
N PRO B 550 -53.62 49.78 20.30
CA PRO B 550 -52.30 49.41 20.86
C PRO B 550 -51.57 48.45 19.94
N LEU B 551 -52.28 47.91 18.95
CA LEU B 551 -51.83 46.77 18.15
C LEU B 551 -50.81 47.18 17.13
N GLN B 552 -49.60 46.63 17.25
CA GLN B 552 -48.54 46.79 16.29
C GLN B 552 -48.29 45.67 15.33
N SER B 553 -48.82 44.49 15.60
CA SER B 553 -48.62 43.37 14.71
C SER B 553 -49.92 42.55 14.63
N LEU B 554 -50.40 42.24 13.42
CA LEU B 554 -51.58 41.37 13.23
C LEU B 554 -51.19 40.13 12.44
N SER B 555 -51.56 38.92 12.84
CA SER B 555 -51.38 37.80 11.94
C SER B 555 -52.67 37.06 11.58
N LEU B 556 -53.10 37.21 10.33
CA LEU B 556 -54.19 36.46 9.71
C LEU B 556 -53.68 35.18 9.00
N ALA B 557 -52.47 34.75 9.32
CA ALA B 557 -51.80 33.73 8.56
C ALA B 557 -52.62 32.49 8.36
N ASP B 558 -52.47 31.91 7.16
CA ASP B 558 -52.99 30.60 6.79
C ASP B 558 -54.49 30.43 7.02
N SER B 559 -55.26 31.48 6.88
CA SER B 559 -56.68 31.37 7.03
C SER B 559 -57.45 31.12 5.77
N LYS B 560 -56.79 31.11 4.64
CA LYS B 560 -57.40 30.72 3.41
C LYS B 560 -58.61 31.55 3.20
N LEU B 561 -58.49 32.79 3.59
CA LEU B 561 -59.47 33.83 3.37
C LEU B 561 -59.70 34.17 1.91
N LYS B 562 -58.65 34.15 1.11
CA LYS B 562 -58.75 34.50 -0.29
C LYS B 562 -59.14 35.93 -0.60
N ALA B 563 -60.14 36.16 -1.41
CA ALA B 563 -60.49 37.50 -1.83
C ALA B 563 -60.94 38.29 -0.65
N GLU B 564 -61.40 37.61 0.35
CA GLU B 564 -61.90 38.26 1.53
C GLU B 564 -60.87 39.02 2.32
N VAL B 565 -59.63 38.58 2.27
CA VAL B 565 -58.57 39.26 2.99
C VAL B 565 -58.37 40.61 2.42
N THR B 566 -58.98 40.91 1.30
CA THR B 566 -58.87 42.22 0.72
C THR B 566 -59.41 43.24 1.69
N ILE B 567 -60.45 42.94 2.41
CA ILE B 567 -61.12 44.00 3.18
C ILE B 567 -60.22 44.46 4.28
N ILE B 568 -59.20 43.67 4.55
CA ILE B 568 -58.15 43.99 5.51
C ILE B 568 -57.06 44.73 4.80
N ILE B 569 -56.51 44.12 3.79
CA ILE B 569 -55.41 44.69 3.06
C ILE B 569 -55.72 46.14 2.70
N ASN B 570 -56.92 46.41 2.23
CA ASN B 570 -57.33 47.73 1.84
C ASN B 570 -57.32 48.71 3.03
N ALA B 571 -57.62 48.24 4.23
CA ALA B 571 -57.54 49.11 5.37
C ALA B 571 -56.13 49.60 5.60
N LEU B 572 -55.12 48.82 5.24
CA LEU B 572 -53.74 49.18 5.56
C LEU B 572 -53.33 50.41 4.75
N GLY B 573 -54.11 50.81 3.77
CA GLY B 573 -53.71 51.97 3.00
C GLY B 573 -53.58 53.14 3.95
N SER B 574 -54.64 53.33 4.71
CA SER B 574 -54.81 54.49 5.56
C SER B 574 -54.42 54.24 6.99
N ASN B 575 -53.98 53.03 7.30
CA ASN B 575 -53.77 52.66 8.68
C ASN B 575 -52.47 53.22 9.19
N THR B 576 -52.54 53.93 10.31
CA THR B 576 -51.42 54.62 10.93
C THR B 576 -50.83 53.85 12.16
N SER B 577 -51.45 52.71 12.51
CA SER B 577 -51.07 51.96 13.73
C SER B 577 -50.11 50.77 13.56
N LEU B 578 -50.52 49.76 12.77
CA LEU B 578 -49.75 48.52 12.60
C LEU B 578 -48.37 48.69 12.04
N THR B 579 -47.35 48.12 12.69
CA THR B 579 -46.00 47.96 12.08
C THR B 579 -45.63 46.63 11.44
N LYS B 580 -46.35 45.58 11.76
CA LYS B 580 -46.11 44.26 11.19
C LYS B 580 -47.41 43.60 10.79
N VAL B 581 -47.43 42.95 9.64
CA VAL B 581 -48.59 42.19 9.22
C VAL B 581 -48.20 40.85 8.60
N ASP B 582 -49.03 39.83 8.82
CA ASP B 582 -48.84 38.54 8.15
C ASP B 582 -50.14 38.20 7.49
N ILE B 583 -50.19 38.34 6.16
CA ILE B 583 -51.27 37.84 5.36
C ILE B 583 -50.93 36.53 4.63
N SER B 584 -49.88 35.81 5.02
CA SER B 584 -49.50 34.61 4.27
C SER B 584 -50.63 33.62 4.27
N GLY B 585 -50.63 32.69 3.33
CA GLY B 585 -51.55 31.60 3.40
C GLY B 585 -53.00 31.90 3.26
N ASN B 586 -53.37 32.99 2.60
CA ASN B 586 -54.76 33.23 2.19
C ASN B 586 -55.24 33.01 0.73
N GLY B 587 -54.35 32.57 -0.13
CA GLY B 587 -54.73 32.37 -1.51
C GLY B 587 -55.36 33.59 -2.12
N MSE B 588 -54.79 34.76 -1.86
CA MSE B 588 -55.38 36.01 -2.34
C MSE B 588 -55.12 36.27 -3.80
O MSE B 588 -55.87 36.99 -4.43
CB MSE B 588 -54.99 37.22 -1.50
CG MSE B 588 -53.54 37.45 -1.39
SE MSE B 588 -53.17 39.15 -0.50
CE MSE B 588 -51.42 39.48 -1.17
N GLY B 589 -54.09 35.68 -4.36
CA GLY B 589 -53.91 35.75 -5.80
C GLY B 589 -53.47 37.09 -6.26
N ASP B 590 -53.40 37.29 -7.57
CA ASP B 590 -52.79 38.52 -8.09
C ASP B 590 -53.68 39.71 -7.83
N MSE B 591 -54.96 39.47 -7.59
CA MSE B 591 -55.86 40.54 -7.20
C MSE B 591 -55.38 41.06 -5.83
O MSE B 591 -55.06 42.22 -5.62
CB MSE B 591 -57.30 40.05 -7.14
CG MSE B 591 -58.30 41.16 -6.77
SE MSE B 591 -58.14 42.78 -7.97
CE MSE B 591 -59.58 43.91 -7.14
N GLY B 592 -55.29 40.16 -4.87
CA GLY B 592 -54.79 40.52 -3.58
C GLY B 592 -53.51 41.31 -3.67
N ALA B 593 -52.59 40.85 -4.49
CA ALA B 593 -51.33 41.57 -4.59
C ALA B 593 -51.48 42.98 -5.15
N LYS B 594 -52.23 43.16 -6.23
CA LYS B 594 -52.47 44.50 -6.76
C LYS B 594 -52.95 45.39 -5.60
N MSE B 595 -53.89 44.90 -4.81
CA MSE B 595 -54.43 45.64 -3.68
C MSE B 595 -53.43 45.90 -2.56
O MSE B 595 -53.42 46.98 -1.99
CB MSE B 595 -55.63 44.88 -3.11
CG MSE B 595 -56.94 45.62 -3.23
SE MSE B 595 -57.17 46.55 -4.91
CE MSE B 595 -59.16 46.57 -4.75
N LEU B 596 -52.57 44.93 -2.27
CA LEU B 596 -51.53 45.09 -1.28
C LEU B 596 -50.53 46.07 -1.78
N ALA B 597 -50.40 46.17 -3.10
CA ALA B 597 -49.40 47.05 -3.68
C ALA B 597 -49.85 48.49 -3.50
N LYS B 598 -51.12 48.74 -3.72
CA LYS B 598 -51.64 50.08 -3.51
C LYS B 598 -51.49 50.49 -2.04
N ALA B 599 -51.86 49.60 -1.15
CA ALA B 599 -51.67 49.90 0.25
C ALA B 599 -50.23 50.36 0.49
N LEU B 600 -49.24 49.60 0.09
CA LEU B 600 -47.85 50.00 0.28
C LEU B 600 -47.47 51.33 -0.41
N GLN B 601 -48.12 51.73 -1.49
CA GLN B 601 -47.90 53.06 -2.07
C GLN B 601 -48.32 54.21 -1.15
N ILE B 602 -49.45 54.10 -0.51
CA ILE B 602 -49.84 55.12 0.44
C ILE B 602 -49.23 54.97 1.84
N ASN B 603 -49.01 53.75 2.30
CA ASN B 603 -48.84 53.50 3.74
C ASN B 603 -47.43 53.79 4.21
N THR B 604 -47.29 54.64 5.22
CA THR B 604 -45.97 54.92 5.77
C THR B 604 -45.56 54.20 7.09
N LYS B 605 -46.41 53.45 7.75
CA LYS B 605 -45.95 52.77 8.98
C LYS B 605 -45.69 51.26 9.08
N LEU B 606 -45.61 50.53 7.99
CA LEU B 606 -45.36 49.11 8.04
C LEU B 606 -43.89 48.77 7.97
N ARG B 607 -43.32 48.19 9.01
CA ARG B 607 -41.94 47.73 8.91
C ARG B 607 -41.87 46.42 8.14
N THR B 608 -42.75 45.49 8.45
CA THR B 608 -42.65 44.18 7.84
C THR B 608 -44.03 43.59 7.40
N VAL B 609 -44.03 42.90 6.28
CA VAL B 609 -45.21 42.25 5.73
C VAL B 609 -44.80 40.82 5.32
N ILE B 610 -45.59 39.82 5.67
CA ILE B 610 -45.26 38.47 5.31
C ILE B 610 -46.38 38.06 4.44
N TRP B 611 -46.12 37.68 3.21
CA TRP B 611 -47.17 37.46 2.28
C TRP B 611 -47.14 36.23 1.44
N ASP B 612 -46.30 35.28 1.77
CA ASP B 612 -46.07 34.15 0.94
C ASP B 612 -47.25 33.31 1.02
N LYS B 613 -47.28 32.29 0.19
CA LYS B 613 -48.36 31.35 0.15
C LYS B 613 -49.65 31.96 -0.27
N ASN B 614 -49.60 33.00 -1.08
CA ASN B 614 -50.79 33.67 -1.53
C ASN B 614 -51.09 33.40 -2.97
N ASN B 615 -50.38 32.49 -3.59
CA ASN B 615 -50.71 32.08 -4.95
C ASN B 615 -50.47 33.18 -5.92
N ILE B 616 -49.59 34.07 -5.55
CA ILE B 616 -49.16 35.17 -6.37
C ILE B 616 -48.25 34.68 -7.46
N THR B 617 -48.42 35.27 -8.63
CA THR B 617 -47.70 34.91 -9.86
C THR B 617 -46.89 36.06 -10.38
N ALA B 618 -46.18 35.84 -11.48
CA ALA B 618 -45.22 36.83 -11.91
C ALA B 618 -45.86 38.21 -11.98
N GLN B 619 -47.15 38.30 -12.16
CA GLN B 619 -47.77 39.61 -12.19
C GLN B 619 -47.80 40.25 -10.85
N GLY B 620 -48.30 39.54 -9.86
CA GLY B 620 -48.43 40.11 -8.53
C GLY B 620 -47.08 40.63 -8.07
N PHE B 621 -46.05 39.89 -8.41
CA PHE B 621 -44.72 40.23 -8.01
C PHE B 621 -44.37 41.54 -8.67
N GLN B 622 -44.70 41.70 -9.93
CA GLN B 622 -44.48 42.97 -10.59
C GLN B 622 -45.23 44.12 -9.90
N ASP B 623 -46.50 43.98 -9.62
CA ASP B 623 -47.23 45.09 -9.05
C ASP B 623 -46.60 45.52 -7.71
N ILE B 624 -46.12 44.55 -6.96
CA ILE B 624 -45.45 44.79 -5.69
C ILE B 624 -44.02 45.39 -5.91
N ALA B 625 -43.33 44.93 -6.93
CA ALA B 625 -42.00 45.45 -7.17
C ALA B 625 -42.12 46.90 -7.66
N VAL B 626 -43.25 47.28 -8.20
CA VAL B 626 -43.47 48.66 -8.60
C VAL B 626 -43.83 49.55 -7.45
N ALA B 627 -44.73 49.12 -6.59
CA ALA B 627 -45.08 49.90 -5.40
C ALA B 627 -43.85 50.21 -4.58
N MSE B 628 -42.96 49.26 -4.45
CA MSE B 628 -41.78 49.42 -3.62
C MSE B 628 -40.82 50.51 -4.10
O MSE B 628 -40.18 51.19 -3.28
CB MSE B 628 -41.01 48.11 -3.44
CG MSE B 628 -41.75 47.06 -2.68
SE MSE B 628 -42.03 47.59 -0.85
CE MSE B 628 -40.18 47.56 -0.29
N GLU B 629 -40.69 50.74 -5.39
CA GLU B 629 -39.71 51.75 -5.76
C GLU B 629 -40.12 53.09 -5.12
N LYS B 630 -41.42 53.33 -4.96
CA LYS B 630 -41.89 54.54 -4.34
C LYS B 630 -42.19 54.40 -2.83
N ASN B 631 -41.88 53.27 -2.20
CA ASN B 631 -42.12 53.08 -0.74
C ASN B 631 -40.84 52.92 0.07
N TYR B 632 -40.64 53.85 0.98
CA TYR B 632 -39.36 53.98 1.63
C TYR B 632 -39.35 53.45 3.06
N THR B 633 -40.55 53.12 3.56
CA THR B 633 -40.72 52.59 4.91
C THR B 633 -40.58 51.06 5.18
N LEU B 634 -41.15 50.23 4.29
CA LEU B 634 -41.07 48.77 4.47
C LEU B 634 -39.60 48.29 4.44
N ARG B 635 -39.23 47.48 5.39
CA ARG B 635 -37.88 46.95 5.49
C ARG B 635 -37.77 45.42 5.22
N PHE B 636 -38.62 44.62 5.81
CA PHE B 636 -38.59 43.19 5.53
C PHE B 636 -39.89 42.68 4.93
N MSE B 637 -39.82 42.09 3.75
CA MSE B 637 -40.90 41.33 3.24
C MSE B 637 -40.20 40.09 2.85
O MSE B 637 -39.55 40.09 1.81
CB MSE B 637 -41.40 42.06 2.01
CG MSE B 637 -42.68 41.54 1.39
SE MSE B 637 -43.17 43.05 0.34
CE MSE B 637 -45.07 42.95 0.14
N PRO B 638 -40.38 38.97 3.66
CA PRO B 638 -39.59 37.82 3.26
C PRO B 638 -39.93 37.36 1.88
N ILE B 639 -38.96 36.97 1.07
CA ILE B 639 -39.27 36.56 -0.29
C ILE B 639 -40.14 35.38 -0.17
N PRO B 640 -41.26 35.37 -1.02
CA PRO B 640 -42.12 34.22 -0.80
C PRO B 640 -41.62 33.13 -1.64
N MSE B 641 -40.87 32.23 -1.05
CA MSE B 641 -40.28 31.16 -1.79
C MSE B 641 -41.30 30.21 -2.31
O MSE B 641 -41.10 29.67 -3.36
CB MSE B 641 -39.11 30.60 -0.98
CG MSE B 641 -38.00 30.06 -1.87
SE MSE B 641 -37.39 31.29 -3.26
CE MSE B 641 -37.86 30.56 -5.00
N TYR B 642 -42.36 29.91 -1.58
CA TYR B 642 -43.35 28.96 -2.05
C TYR B 642 -44.18 29.40 -3.24
N ASP B 643 -44.70 30.58 -3.23
CA ASP B 643 -45.26 31.23 -4.41
C ASP B 643 -44.30 31.41 -5.59
N ALA B 644 -43.05 31.75 -5.28
CA ALA B 644 -42.09 32.04 -6.34
C ALA B 644 -41.73 30.77 -7.07
N ALA B 645 -41.38 29.74 -6.32
CA ALA B 645 -41.05 28.47 -6.95
C ALA B 645 -42.11 28.07 -7.94
N GLN B 646 -43.39 28.14 -7.59
CA GLN B 646 -44.50 27.86 -8.51
C GLN B 646 -44.64 28.82 -9.67
N ALA B 647 -44.37 30.08 -9.42
CA ALA B 647 -44.33 31.08 -10.44
C ALA B 647 -43.23 30.86 -11.42
N LEU B 648 -42.13 30.31 -10.99
CA LEU B 648 -40.99 30.09 -11.85
C LEU B 648 -41.37 29.16 -12.94
N LYS B 649 -42.39 28.39 -12.72
CA LYS B 649 -42.83 27.39 -13.66
C LYS B 649 -43.33 28.00 -14.95
N THR B 650 -44.02 29.12 -14.89
CA THR B 650 -44.58 29.70 -16.09
C THR B 650 -43.77 30.82 -16.66
N ASN B 651 -43.41 31.77 -15.82
CA ASN B 651 -42.68 32.95 -16.25
C ASN B 651 -41.48 33.17 -15.38
N PRO B 652 -40.44 32.27 -15.58
CA PRO B 652 -39.35 32.41 -14.61
C PRO B 652 -38.67 33.74 -14.69
N GLU B 653 -38.48 34.20 -15.90
CA GLU B 653 -37.75 35.41 -16.12
C GLU B 653 -38.37 36.65 -15.55
N LYS B 654 -39.67 36.87 -15.74
CA LYS B 654 -40.37 38.03 -15.15
C LYS B 654 -40.38 37.98 -13.60
N THR B 655 -40.57 36.77 -13.05
CA THR B 655 -40.57 36.50 -11.61
C THR B 655 -39.26 36.90 -10.94
N GLU B 656 -38.15 36.39 -11.45
CA GLU B 656 -36.86 36.67 -10.86
C GLU B 656 -36.62 38.14 -10.91
N GLU B 657 -36.90 38.70 -12.05
CA GLU B 657 -36.61 40.12 -12.21
C GLU B 657 -37.27 40.90 -11.07
N ALA B 658 -38.51 40.55 -10.76
CA ALA B 658 -39.31 41.32 -9.81
C ALA B 658 -38.97 41.08 -8.40
N LEU B 659 -38.66 39.85 -8.05
CA LEU B 659 -38.42 39.58 -6.64
C LEU B 659 -37.08 40.14 -6.27
N GLN B 660 -36.19 40.25 -7.25
CA GLN B 660 -34.92 40.83 -6.90
C GLN B 660 -35.07 42.35 -6.88
N LYS B 661 -35.86 42.91 -7.79
CA LYS B 661 -36.25 44.33 -7.76
C LYS B 661 -36.77 44.64 -6.33
N ILE B 662 -37.67 43.83 -5.83
CA ILE B 662 -38.27 44.05 -4.54
C ILE B 662 -37.22 43.96 -3.45
N GLU B 663 -36.35 42.97 -3.53
CA GLU B 663 -35.33 42.83 -2.53
C GLU B 663 -34.42 44.05 -2.47
N ASN B 664 -34.12 44.64 -3.62
CA ASN B 664 -33.23 45.78 -3.65
C ASN B 664 -33.83 46.88 -2.87
N TYR B 665 -35.05 47.23 -3.21
CA TYR B 665 -35.68 48.33 -2.53
C TYR B 665 -35.76 48.12 -1.02
N LEU B 666 -36.06 46.92 -0.55
CA LEU B 666 -36.03 46.64 0.88
C LEU B 666 -34.66 46.78 1.46
N LEU B 667 -33.66 46.43 0.71
CA LEU B 667 -32.33 46.55 1.22
C LEU B 667 -31.98 48.03 1.38
N ARG B 668 -32.43 48.88 0.46
CA ARG B 668 -32.08 50.31 0.51
C ARG B 668 -32.75 50.97 1.71
N ASN B 669 -33.96 50.53 2.06
CA ASN B 669 -34.71 51.12 3.18
C ASN B 669 -34.14 50.70 4.53
N VAL C 9 -31.85 -12.09 -0.69
CA VAL C 9 -30.82 -11.11 -0.36
C VAL C 9 -30.55 -10.18 -1.54
N PRO C 10 -29.86 -8.99 -1.23
CA PRO C 10 -29.63 -8.13 -2.41
C PRO C 10 -28.21 -8.27 -2.92
N ARG C 11 -27.87 -7.53 -3.98
CA ARG C 11 -26.54 -7.58 -4.56
C ARG C 11 -25.77 -6.28 -4.30
N GLU C 12 -26.40 -5.15 -4.62
CA GLU C 12 -25.78 -3.86 -4.42
C GLU C 12 -25.10 -3.76 -3.06
N LEU C 13 -25.51 -4.63 -2.14
CA LEU C 13 -24.95 -4.65 -0.80
C LEU C 13 -23.78 -5.62 -0.70
N MSE C 14 -23.95 -6.81 -1.25
CA MSE C 14 -22.91 -7.83 -1.22
C MSE C 14 -21.62 -7.23 -1.69
O MSE C 14 -20.58 -7.41 -1.03
CB MSE C 14 -23.30 -8.99 -2.12
CG MSE C 14 -24.40 -9.83 -1.48
SE MSE C 14 -23.76 -10.56 0.23
CE MSE C 14 -25.50 -10.78 1.11
N GLU C 15 -21.66 -6.54 -2.83
CA GLU C 15 -20.46 -5.90 -3.38
C GLU C 15 -19.69 -5.18 -2.28
N SER C 16 -20.42 -4.50 -1.41
CA SER C 16 -19.81 -3.79 -0.29
C SER C 16 -19.15 -4.70 0.72
N ILE C 17 -19.79 -5.81 1.06
CA ILE C 17 -19.22 -6.71 2.04
C ILE C 17 -17.91 -7.22 1.48
N LYS C 18 -17.89 -7.56 0.22
CA LYS C 18 -16.74 -8.18 -0.36
C LYS C 18 -15.61 -7.21 -0.20
N ASP C 19 -15.91 -5.93 -0.27
CA ASP C 19 -14.91 -4.93 -0.07
C ASP C 19 -14.35 -4.99 1.31
N VAL C 20 -15.23 -5.14 2.29
CA VAL C 20 -14.79 -5.20 3.67
C VAL C 20 -14.02 -6.45 4.05
N ILE C 21 -14.45 -7.60 3.56
CA ILE C 21 -13.73 -8.84 3.82
C ILE C 21 -12.86 -9.30 2.66
N GLY C 22 -12.78 -8.51 1.62
CA GLY C 22 -11.90 -8.82 0.53
C GLY C 22 -12.64 -9.78 -0.34
N ARG C 23 -12.24 -9.87 -1.60
CA ARG C 23 -12.85 -10.83 -2.51
C ARG C 23 -11.94 -12.02 -2.68
N LYS C 24 -10.90 -12.07 -1.86
CA LYS C 24 -10.01 -13.21 -1.90
C LYS C 24 -10.78 -14.43 -1.49
N ILE C 25 -11.63 -14.26 -0.51
CA ILE C 25 -12.23 -15.38 0.16
C ILE C 25 -13.63 -15.60 -0.35
N LYS C 26 -13.94 -16.81 -0.75
CA LYS C 26 -15.23 -17.12 -1.31
C LYS C 26 -16.24 -17.33 -0.22
N ILE C 27 -17.39 -16.70 -0.45
CA ILE C 27 -18.53 -16.72 0.39
C ILE C 27 -19.44 -17.79 -0.09
N SER C 28 -19.50 -18.86 0.67
CA SER C 28 -20.45 -19.92 0.47
C SER C 28 -21.89 -19.61 0.79
N VAL C 29 -22.13 -18.88 1.87
CA VAL C 29 -23.50 -18.59 2.27
C VAL C 29 -23.67 -17.20 2.82
N LYS C 30 -24.84 -16.62 2.62
CA LYS C 30 -25.15 -15.34 3.18
C LYS C 30 -26.50 -15.44 3.76
N LYS C 31 -26.73 -14.79 4.88
CA LYS C 31 -28.05 -14.74 5.42
C LYS C 31 -28.34 -13.43 6.05
N LYS C 32 -29.61 -13.04 6.02
CA LYS C 32 -30.09 -11.84 6.64
C LYS C 32 -30.40 -12.33 7.98
N VAL C 33 -29.89 -11.67 9.01
CA VAL C 33 -30.01 -12.21 10.34
C VAL C 33 -30.31 -11.10 11.29
N LYS C 34 -30.88 -11.43 12.43
CA LYS C 34 -31.11 -10.42 13.43
C LYS C 34 -30.36 -10.79 14.64
N LEU C 35 -29.54 -9.89 15.15
CA LEU C 35 -28.66 -10.20 16.24
C LEU C 35 -28.89 -9.29 17.42
N GLU C 36 -29.00 -9.85 18.62
CA GLU C 36 -29.11 -9.07 19.84
C GLU C 36 -27.83 -8.32 20.10
N VAL C 37 -27.94 -7.18 20.76
CA VAL C 37 -26.85 -6.23 20.83
C VAL C 37 -26.79 -5.48 22.15
N LYS C 38 -25.97 -4.43 22.22
CA LYS C 38 -25.55 -3.74 23.46
C LYS C 38 -26.60 -3.05 24.34
N GLY C 39 -27.61 -2.48 23.73
CA GLY C 39 -28.79 -2.04 24.45
C GLY C 39 -29.58 -3.33 24.49
N ASP C 40 -30.87 -3.32 24.67
CA ASP C 40 -31.58 -4.57 24.60
C ASP C 40 -32.20 -4.64 23.25
N ARG C 41 -31.56 -3.99 22.29
CA ARG C 41 -32.11 -3.87 20.95
C ARG C 41 -31.44 -4.86 20.03
N VAL C 42 -32.09 -5.13 18.91
CA VAL C 42 -31.54 -6.07 17.93
C VAL C 42 -31.39 -5.42 16.57
N GLU C 43 -30.28 -5.63 15.88
CA GLU C 43 -30.05 -4.99 14.60
C GLU C 43 -29.88 -5.98 13.48
N ASN C 44 -30.23 -5.56 12.27
CA ASN C 44 -30.08 -6.40 11.11
C ASN C 44 -28.60 -6.60 10.83
N LYS C 45 -28.23 -7.83 10.52
CA LYS C 45 -26.85 -8.15 10.22
C LYS C 45 -26.79 -9.12 9.07
N VAL C 46 -25.68 -9.13 8.35
CA VAL C 46 -25.48 -10.10 7.30
C VAL C 46 -24.48 -11.12 7.82
N LEU C 47 -24.88 -12.38 7.82
CA LEU C 47 -24.00 -13.45 8.27
C LEU C 47 -23.46 -14.11 7.03
N VAL C 48 -22.14 -14.13 6.90
CA VAL C 48 -21.54 -14.66 5.69
C VAL C 48 -20.59 -15.75 6.05
N LEU C 49 -20.75 -16.91 5.49
CA LEU C 49 -20.05 -18.07 5.94
C LEU C 49 -19.11 -18.48 4.88
N THR C 50 -17.85 -18.63 5.24
CA THR C 50 -16.84 -19.07 4.33
C THR C 50 -16.45 -20.49 4.60
N SER C 51 -15.28 -20.87 4.11
CA SER C 51 -14.67 -22.16 4.34
C SER C 51 -14.28 -22.45 5.77
N CYS C 52 -13.74 -21.47 6.48
CA CYS C 52 -13.43 -21.67 7.89
C CYS C 52 -13.94 -20.66 8.88
N ARG C 53 -14.55 -19.60 8.41
CA ARG C 53 -14.85 -18.44 9.24
C ARG C 53 -16.26 -17.95 9.02
N ALA C 54 -16.82 -17.25 9.99
CA ALA C 54 -18.16 -16.71 9.91
C ALA C 54 -18.04 -15.25 10.10
N PHE C 55 -18.73 -14.47 9.31
CA PHE C 55 -18.62 -13.03 9.42
C PHE C 55 -19.99 -12.46 9.67
N LEU C 56 -20.11 -11.50 10.58
CA LEU C 56 -21.35 -10.75 10.78
C LEU C 56 -21.17 -9.28 10.52
N LEU C 57 -22.04 -8.76 9.66
CA LEU C 57 -21.89 -7.43 9.16
C LEU C 57 -23.17 -6.61 9.23
N SER C 58 -23.03 -5.31 9.24
CA SER C 58 -24.18 -4.44 9.22
C SER C 58 -24.82 -4.50 7.88
N ALA C 59 -26.14 -4.55 7.84
CA ALA C 59 -26.82 -4.58 6.56
C ALA C 59 -27.01 -3.18 6.00
N ARG C 60 -25.92 -2.53 5.64
CA ARG C 60 -26.01 -1.18 5.13
C ARG C 60 -24.85 -0.87 4.25
N ILE C 61 -24.99 0.09 3.36
CA ILE C 61 -23.87 0.48 2.55
C ILE C 61 -23.44 1.85 3.01
N PRO C 62 -22.11 2.12 3.38
CA PRO C 62 -21.17 1.00 3.26
C PRO C 62 -21.31 0.04 4.40
N SER C 63 -21.13 -1.25 4.14
CA SER C 63 -21.13 -2.27 5.17
C SER C 63 -19.86 -2.24 6.00
N LYS C 64 -19.98 -2.62 7.26
CA LYS C 64 -18.84 -2.65 8.16
C LYS C 64 -18.94 -3.87 9.03
N LEU C 65 -17.80 -4.36 9.50
CA LEU C 65 -17.68 -5.66 10.14
C LEU C 65 -17.83 -5.60 11.64
N GLU C 66 -18.86 -6.28 12.13
CA GLU C 66 -19.18 -6.20 13.54
C GLU C 66 -18.64 -7.36 14.35
N LEU C 67 -18.75 -8.56 13.81
CA LEU C 67 -18.03 -9.73 14.41
C LEU C 67 -17.50 -10.83 13.44
N THR C 68 -16.54 -11.64 13.89
CA THR C 68 -16.20 -12.87 13.20
C THR C 68 -15.94 -14.02 14.11
N PHE C 69 -16.16 -15.23 13.63
CA PHE C 69 -15.73 -16.38 14.35
C PHE C 69 -15.25 -17.50 13.44
N SER C 70 -14.40 -18.35 13.96
CA SER C 70 -13.80 -19.41 13.21
C SER C 70 -14.50 -20.61 13.70
N TYR C 71 -14.80 -21.57 12.84
CA TYR C 71 -15.57 -22.70 13.27
C TYR C 71 -14.82 -23.35 14.39
N LEU C 72 -13.51 -23.22 14.38
CA LEU C 72 -12.69 -23.77 15.42
C LEU C 72 -12.95 -23.12 16.77
N GLU C 73 -13.38 -21.87 16.77
CA GLU C 73 -13.80 -21.07 17.94
C GLU C 73 -15.09 -21.47 18.61
N ILE C 74 -15.97 -22.08 17.86
CA ILE C 74 -17.26 -22.39 18.35
C ILE C 74 -17.08 -23.43 19.39
N HIS C 75 -17.54 -23.11 20.58
CA HIS C 75 -17.71 -24.08 21.65
C HIS C 75 -19.17 -24.38 22.01
N GLY C 76 -20.14 -23.74 21.38
CA GLY C 76 -21.49 -24.20 21.60
C GLY C 76 -22.51 -23.59 20.70
N VAL C 77 -23.53 -24.37 20.37
CA VAL C 77 -24.56 -23.97 19.41
C VAL C 77 -25.94 -24.38 19.95
N ILE C 78 -26.82 -23.40 20.13
CA ILE C 78 -28.13 -23.69 20.66
C ILE C 78 -29.24 -23.09 19.83
N CYS C 79 -30.03 -23.92 19.14
CA CYS C 79 -31.23 -23.39 18.52
C CYS C 79 -32.44 -23.91 19.25
N HIS C 80 -32.85 -23.14 20.28
CA HIS C 80 -33.91 -23.49 21.26
C HIS C 80 -35.33 -23.09 20.88
N LYS C 81 -35.47 -21.87 20.37
CA LYS C 81 -36.72 -21.41 19.74
C LYS C 81 -36.58 -21.71 18.24
N PRO C 82 -37.69 -21.90 17.52
CA PRO C 82 -37.62 -22.46 16.15
C PRO C 82 -36.69 -21.75 15.15
N ALA C 83 -36.77 -20.43 15.05
CA ALA C 83 -35.98 -19.70 14.07
C ALA C 83 -34.66 -19.12 14.63
N GLN C 84 -34.29 -19.46 15.86
CA GLN C 84 -33.16 -18.84 16.58
C GLN C 84 -31.93 -19.78 16.67
N MSE C 85 -30.75 -19.19 16.65
CA MSE C 85 -29.50 -19.94 16.76
C MSE C 85 -28.65 -19.03 17.62
O MSE C 85 -28.65 -17.83 17.40
CB MSE C 85 -28.82 -20.09 15.39
CG MSE C 85 -27.77 -21.20 15.28
SE MSE C 85 -26.37 -20.95 13.88
CE MSE C 85 -27.44 -19.97 12.57
N VAL C 86 -27.99 -19.60 18.61
CA VAL C 86 -27.05 -18.87 19.45
C VAL C 86 -25.72 -19.59 19.41
N VAL C 87 -24.64 -18.87 19.16
CA VAL C 87 -23.36 -19.50 19.07
C VAL C 87 -22.58 -19.04 20.25
N GLU C 88 -21.80 -19.92 20.85
CA GLU C 88 -20.98 -19.54 21.96
C GLU C 88 -19.52 -19.79 21.58
N THR C 89 -18.68 -18.78 21.73
CA THR C 89 -17.27 -18.91 21.42
C THR C 89 -16.60 -18.56 22.72
N GLU C 90 -15.29 -18.73 22.79
CA GLU C 90 -14.55 -18.35 23.98
C GLU C 90 -14.73 -16.86 24.20
N LYS C 91 -14.72 -16.10 23.11
CA LYS C 91 -14.79 -14.65 23.17
C LYS C 91 -16.13 -14.16 23.73
N CYS C 92 -17.25 -14.68 23.23
CA CYS C 92 -18.57 -14.10 23.56
C CYS C 92 -19.70 -15.04 23.22
N ASN C 93 -20.93 -14.53 23.32
CA ASN C 93 -22.10 -15.27 22.88
C ASN C 93 -22.92 -14.44 21.94
N MSE C 94 -23.25 -15.03 20.81
CA MSE C 94 -24.03 -14.39 19.79
C MSE C 94 -25.37 -15.02 19.85
O MSE C 94 -25.46 -16.24 19.93
CB MSE C 94 -23.45 -14.60 18.39
CG MSE C 94 -22.20 -15.43 18.29
SE MSE C 94 -20.77 -14.34 17.54
CE MSE C 94 -20.69 -15.22 15.88
N SER C 95 -26.41 -14.20 19.86
CA SER C 95 -27.76 -14.68 19.64
C SER C 95 -28.22 -14.23 18.26
N MSE C 96 -28.98 -15.08 17.56
CA MSE C 96 -29.48 -14.75 16.22
C MSE C 96 -30.88 -15.27 16.00
O MSE C 96 -31.33 -16.23 16.68
CB MSE C 96 -28.61 -15.30 15.08
CG MSE C 96 -27.35 -14.51 14.76
SE MSE C 96 -25.91 -15.61 13.96
CE MSE C 96 -24.52 -14.37 13.82
N LYS C 97 -31.55 -14.65 15.04
CA LYS C 97 -32.88 -15.01 14.65
C LYS C 97 -32.92 -14.93 13.14
N MSE C 98 -33.39 -15.99 12.49
CA MSE C 98 -33.43 -16.00 11.02
C MSE C 98 -34.86 -16.12 10.47
O MSE C 98 -35.78 -16.50 11.21
CB MSE C 98 -32.56 -17.12 10.45
CG MSE C 98 -31.88 -18.03 11.50
SE MSE C 98 -29.98 -17.89 11.65
CE MSE C 98 -29.49 -17.63 9.76
N VAL C 99 -35.03 -15.81 9.20
CA VAL C 99 -36.38 -15.74 8.63
C VAL C 99 -37.25 -17.00 8.75
N SER C 100 -36.64 -18.19 8.77
CA SER C 100 -37.36 -19.44 9.08
C SER C 100 -36.39 -20.38 9.74
N PRO C 101 -36.85 -21.38 10.49
CA PRO C 101 -35.91 -22.37 11.02
C PRO C 101 -35.16 -23.12 9.90
N GLU C 102 -35.69 -23.06 8.69
CA GLU C 102 -35.06 -23.70 7.54
C GLU C 102 -33.72 -23.00 7.26
N ASP C 103 -33.57 -21.79 7.75
CA ASP C 103 -32.30 -21.13 7.64
C ASP C 103 -31.31 -21.62 8.71
N VAL C 104 -31.69 -21.88 9.97
CA VAL C 104 -30.66 -22.37 10.88
C VAL C 104 -30.23 -23.70 10.28
N SER C 105 -31.13 -24.64 10.07
CA SER C 105 -30.64 -25.95 9.61
C SER C 105 -29.78 -25.84 8.32
N GLU C 106 -29.96 -24.85 7.43
CA GLU C 106 -28.95 -24.58 6.35
C GLU C 106 -27.58 -24.06 6.83
N VAL C 107 -27.54 -23.05 7.70
CA VAL C 107 -26.28 -22.50 8.23
C VAL C 107 -25.54 -23.63 8.96
N LEU C 108 -26.18 -24.22 9.97
CA LEU C 108 -25.58 -25.30 10.74
C LEU C 108 -25.11 -26.43 9.85
N ALA C 109 -25.99 -26.98 9.04
CA ALA C 109 -25.52 -28.03 8.19
C ALA C 109 -24.21 -27.56 7.58
N HIS C 110 -24.14 -26.34 7.05
CA HIS C 110 -22.92 -25.90 6.31
C HIS C 110 -21.67 -25.69 7.13
N ILE C 111 -21.83 -25.38 8.39
CA ILE C 111 -20.67 -25.29 9.25
C ILE C 111 -20.17 -26.71 9.52
N GLY C 112 -21.09 -27.67 9.58
CA GLY C 112 -20.74 -29.05 9.87
C GLY C 112 -20.14 -29.75 8.68
N THR C 113 -20.56 -29.35 7.49
CA THR C 113 -19.98 -29.83 6.24
C THR C 113 -18.54 -29.25 6.18
N CYS C 114 -18.43 -27.93 6.27
CA CYS C 114 -17.12 -27.27 6.23
C CYS C 114 -16.14 -27.95 7.19
N LEU C 115 -16.62 -28.28 8.38
CA LEU C 115 -15.79 -28.90 9.40
C LEU C 115 -15.39 -30.32 9.01
N ARG C 116 -16.37 -31.13 8.64
CA ARG C 116 -16.13 -32.52 8.26
C ARG C 116 -15.10 -32.61 7.14
N ARG C 117 -14.99 -31.55 6.35
CA ARG C 117 -14.05 -31.50 5.25
C ARG C 117 -12.63 -31.51 5.74
N ILE C 118 -12.40 -30.69 6.75
CA ILE C 118 -11.17 -30.60 7.47
C ILE C 118 -11.46 -31.44 8.64
N PHE C 119 -10.46 -31.98 9.30
CA PHE C 119 -10.73 -32.83 10.42
C PHE C 119 -11.55 -33.99 9.94
N PRO C 120 -10.92 -34.70 8.91
CA PRO C 120 -11.67 -35.87 8.48
C PRO C 120 -11.77 -36.82 9.62
N GLY C 121 -12.76 -37.70 9.61
CA GLY C 121 -12.98 -38.63 10.69
C GLY C 121 -13.30 -38.02 12.02
N LEU C 122 -14.14 -37.00 12.07
CA LEU C 122 -14.35 -36.38 13.36
C LEU C 122 -15.70 -35.70 13.29
N SER C 123 -16.46 -35.70 14.38
CA SER C 123 -17.83 -35.25 14.20
C SER C 123 -17.98 -33.81 14.47
N PRO C 124 -18.57 -33.07 13.51
CA PRO C 124 -18.71 -31.63 13.71
C PRO C 124 -19.34 -31.40 15.08
N LEU C 125 -20.15 -32.34 15.51
CA LEU C 125 -20.80 -32.18 16.79
C LEU C 125 -19.78 -32.40 17.90
N ARG C 126 -18.70 -33.15 17.66
CA ARG C 126 -17.63 -33.18 18.66
C ARG C 126 -16.67 -31.95 18.58
N ILE C 127 -16.49 -31.37 17.41
CA ILE C 127 -15.62 -30.25 17.28
C ILE C 127 -16.21 -29.03 17.95
N MSE C 128 -17.49 -28.76 17.75
CA MSE C 128 -18.19 -27.73 18.55
C MSE C 128 -18.57 -28.57 19.70
O MSE C 128 -18.89 -29.71 19.49
CB MSE C 128 -19.42 -27.21 17.83
CG MSE C 128 -19.14 -27.01 16.30
SE MSE C 128 -20.49 -26.50 14.97
CE MSE C 128 -21.37 -28.21 14.50
N LYS C 129 -18.44 -28.13 20.92
CA LYS C 129 -18.50 -29.16 21.94
C LYS C 129 -19.93 -29.58 22.34
N LYS C 130 -20.84 -28.61 22.40
CA LYS C 130 -22.23 -28.87 22.81
C LYS C 130 -23.25 -28.38 21.77
N VAL C 131 -23.95 -29.27 21.09
CA VAL C 131 -25.01 -28.82 20.15
C VAL C 131 -26.36 -29.46 20.45
N SER C 132 -27.32 -28.62 20.80
CA SER C 132 -28.68 -29.05 21.02
C SER C 132 -29.59 -28.24 20.15
N MSE C 133 -30.53 -28.89 19.51
CA MSE C 133 -31.59 -28.22 18.80
C MSE C 133 -32.77 -28.72 19.50
O MSE C 133 -32.85 -29.94 19.65
CB MSE C 133 -31.57 -28.79 17.42
CG MSE C 133 -30.31 -28.29 16.78
SE MSE C 133 -30.62 -28.60 14.89
CE MSE C 133 -30.70 -26.82 14.11
N GLU C 134 -33.66 -27.87 19.97
CA GLU C 134 -34.68 -28.36 20.86
C GLU C 134 -35.60 -29.36 20.21
N PRO C 135 -36.06 -29.02 18.93
CA PRO C 135 -36.89 -30.07 18.33
C PRO C 135 -35.94 -31.09 17.77
N SER C 136 -35.70 -32.09 18.61
CA SER C 136 -34.53 -32.90 18.53
C SER C 136 -34.47 -33.65 17.25
N GLU C 137 -35.63 -33.87 16.66
CA GLU C 137 -35.69 -34.60 15.42
C GLU C 137 -34.84 -33.84 14.43
N ARG C 138 -34.78 -32.54 14.60
CA ARG C 138 -34.07 -31.72 13.66
C ARG C 138 -32.60 -32.13 13.63
N LEU C 139 -32.03 -32.37 14.80
CA LEU C 139 -30.61 -32.72 14.88
C LEU C 139 -30.37 -33.98 14.14
N ALA C 140 -31.28 -34.92 14.30
CA ALA C 140 -31.15 -36.18 13.62
C ALA C 140 -31.15 -35.88 12.15
N SER C 141 -31.85 -34.85 11.77
CA SER C 141 -32.00 -34.48 10.39
C SER C 141 -30.69 -34.11 9.75
N LEU C 142 -29.81 -33.46 10.50
CA LEU C 142 -28.49 -33.06 10.00
C LEU C 142 -27.61 -34.25 9.93
N GLN C 143 -27.52 -35.01 11.02
CA GLN C 143 -26.56 -36.11 11.05
C GLN C 143 -26.83 -36.95 9.86
N ALA C 144 -28.08 -36.97 9.43
CA ALA C 144 -28.45 -37.65 8.19
C ALA C 144 -27.90 -36.87 7.02
N LEU C 145 -28.17 -35.58 7.00
CA LEU C 145 -27.71 -34.72 5.92
C LEU C 145 -26.19 -34.86 5.78
N TRP C 146 -25.48 -34.92 6.89
CA TRP C 146 -24.05 -35.04 6.83
C TRP C 146 -23.70 -36.43 6.34
N ASP C 147 -24.44 -37.45 6.77
CA ASP C 147 -24.09 -38.83 6.40
C ASP C 147 -24.36 -39.01 4.92
N SER C 148 -25.43 -38.36 4.45
CA SER C 148 -25.81 -38.32 3.02
C SER C 148 -24.72 -37.89 2.08
N GLN C 149 -24.08 -36.77 2.39
CA GLN C 149 -23.02 -36.30 1.52
C GLN C 149 -21.84 -37.20 1.70
N THR C 150 -20.82 -37.05 0.85
CA THR C 150 -19.56 -37.80 0.96
C THR C 150 -18.47 -36.75 0.91
N LEU C 151 -17.23 -37.06 1.28
CA LEU C 151 -16.23 -35.99 1.23
C LEU C 151 -15.06 -36.46 0.41
N ALA C 152 -14.34 -35.53 -0.19
CA ALA C 152 -13.34 -35.96 -1.13
C ALA C 152 -12.17 -36.65 -0.37
N GLU C 153 -11.22 -37.20 -1.11
CA GLU C 153 -10.04 -37.82 -0.51
C GLU C 153 -9.43 -36.80 0.43
N PRO C 154 -9.06 -37.18 1.63
CA PRO C 154 -8.47 -36.24 2.55
C PRO C 154 -7.14 -35.90 2.04
N GLY C 155 -6.62 -34.81 2.51
CA GLY C 155 -5.35 -34.33 2.06
C GLY C 155 -4.32 -35.28 2.60
N PRO C 156 -3.02 -35.07 2.14
CA PRO C 156 -2.06 -36.03 2.64
C PRO C 156 -1.85 -35.82 4.10
N CYS C 157 -1.36 -36.81 4.81
CA CYS C 157 -1.15 -36.68 6.23
C CYS C 157 -2.44 -36.45 6.95
N GLY C 158 -3.47 -37.10 6.47
CA GLY C 158 -4.77 -36.97 7.08
C GLY C 158 -5.25 -35.56 7.07
N GLY C 159 -4.96 -34.86 5.99
CA GLY C 159 -5.41 -33.51 5.80
C GLY C 159 -4.73 -32.46 6.60
N PHE C 160 -3.49 -32.70 7.00
CA PHE C 160 -2.83 -31.75 7.86
C PHE C 160 -2.76 -30.46 7.13
N SER C 161 -2.52 -30.48 5.86
CA SER C 161 -2.35 -29.14 5.27
C SER C 161 -3.55 -28.19 5.43
N GLN C 162 -4.75 -28.68 5.13
CA GLN C 162 -6.00 -27.92 5.29
C GLN C 162 -6.23 -27.52 6.75
N MSE C 163 -6.15 -28.47 7.69
CA MSE C 163 -6.19 -28.13 9.12
C MSE C 163 -5.25 -27.00 9.55
O MSE C 163 -5.61 -26.10 10.27
CB MSE C 163 -5.81 -29.34 9.96
CG MSE C 163 -6.69 -30.49 9.84
SE MSE C 163 -5.83 -31.70 10.92
CE MSE C 163 -6.59 -33.41 10.27
N TYR C 164 -3.99 -27.09 9.12
CA TYR C 164 -3.00 -26.08 9.41
C TYR C 164 -3.61 -24.75 9.02
N ALA C 165 -4.14 -24.66 7.81
CA ALA C 165 -4.74 -23.42 7.34
C ALA C 165 -5.77 -22.85 8.29
N CYS C 166 -6.81 -23.62 8.60
CA CYS C 166 -7.83 -23.18 9.55
C CYS C 166 -7.26 -22.75 10.91
N VAL C 167 -6.22 -23.42 11.37
CA VAL C 167 -5.69 -23.15 12.66
C VAL C 167 -4.99 -21.84 12.65
N CYS C 168 -4.39 -21.51 11.54
CA CYS C 168 -3.70 -20.24 11.43
C CYS C 168 -4.71 -19.12 11.48
N ASP C 169 -5.75 -19.28 10.69
CA ASP C 169 -6.85 -18.31 10.66
C ASP C 169 -7.43 -18.17 12.04
N TRP C 170 -7.55 -19.27 12.76
CA TRP C 170 -8.16 -19.29 14.07
C TRP C 170 -7.28 -18.56 15.10
N LEU C 171 -5.97 -18.84 15.15
CA LEU C 171 -5.11 -18.29 16.23
C LEU C 171 -4.42 -17.01 15.82
N GLY C 172 -4.62 -16.63 14.56
CA GLY C 172 -4.05 -15.42 14.02
C GLY C 172 -2.62 -15.50 13.52
N PHE C 173 -2.28 -16.52 12.76
CA PHE C 173 -0.91 -16.66 12.29
C PHE C 173 -0.96 -16.60 10.80
N SER C 174 0.16 -16.29 10.14
CA SER C 174 0.13 -16.15 8.68
C SER C 174 0.42 -17.45 7.97
N TYR C 175 -0.59 -18.05 7.35
CA TYR C 175 -0.43 -19.36 6.76
C TYR C 175 0.83 -19.31 5.93
N LYS C 176 1.74 -20.24 6.20
CA LYS C 176 3.00 -20.30 5.50
C LYS C 176 2.92 -21.37 4.44
N GLU C 177 3.10 -20.99 3.21
CA GLU C 177 3.04 -21.86 2.07
C GLU C 177 4.10 -22.90 2.28
N GLU C 178 5.18 -22.51 2.91
CA GLU C 178 6.32 -23.37 3.03
C GLU C 178 5.89 -24.62 3.72
N VAL C 179 5.05 -24.54 4.72
CA VAL C 179 4.62 -25.71 5.46
C VAL C 179 3.85 -26.68 4.61
N GLN C 180 3.01 -26.16 3.74
CA GLN C 180 2.21 -27.01 2.88
C GLN C 180 3.07 -27.80 1.93
N TRP C 181 4.10 -27.17 1.39
CA TRP C 181 4.93 -27.84 0.44
C TRP C 181 5.55 -28.97 1.12
N ASP C 182 6.02 -28.74 2.33
CA ASP C 182 6.72 -29.79 3.03
C ASP C 182 5.84 -30.94 3.35
N VAL C 183 4.69 -30.67 3.91
CA VAL C 183 3.84 -31.73 4.38
C VAL C 183 3.31 -32.46 3.19
N ASP C 184 2.87 -31.72 2.19
CA ASP C 184 2.27 -32.30 1.00
C ASP C 184 3.22 -33.07 0.11
N THR C 185 4.45 -32.62 -0.02
CA THR C 185 5.42 -33.35 -0.82
C THR C 185 6.43 -34.19 -0.09
N ILE C 186 7.19 -33.63 0.82
CA ILE C 186 8.19 -34.42 1.50
C ILE C 186 7.66 -35.48 2.42
N TYR C 187 6.71 -35.13 3.25
CA TYR C 187 6.18 -36.04 4.22
C TYR C 187 5.43 -37.13 3.57
N LEU C 188 4.71 -36.77 2.54
CA LEU C 188 3.92 -37.73 1.83
C LEU C 188 4.77 -38.76 1.18
N THR C 189 5.86 -38.36 0.56
CA THR C 189 6.73 -39.32 -0.07
C THR C 189 7.35 -40.21 1.00
N GLN C 190 7.80 -39.63 2.09
CA GLN C 190 8.52 -40.40 3.09
C GLN C 190 7.59 -41.27 3.81
N ASP C 191 6.31 -40.98 3.72
CA ASP C 191 5.38 -41.77 4.49
C ASP C 191 5.88 -41.82 5.91
N THR C 192 6.09 -40.63 6.48
CA THR C 192 6.47 -40.47 7.88
C THR C 192 5.26 -40.20 8.67
N ARG C 193 5.23 -40.68 9.89
CA ARG C 193 4.16 -40.35 10.77
C ARG C 193 4.64 -39.46 11.85
N GLU C 194 5.77 -38.84 11.63
CA GLU C 194 6.46 -38.02 12.61
C GLU C 194 6.51 -36.60 12.20
N LEU C 195 6.25 -35.68 13.12
CA LEU C 195 6.35 -34.29 12.84
C LEU C 195 7.56 -33.78 13.53
N ASN C 196 8.52 -33.30 12.79
CA ASN C 196 9.84 -32.98 13.31
C ASN C 196 9.98 -31.50 13.29
N LEU C 197 9.98 -30.88 14.45
CA LEU C 197 10.05 -29.43 14.48
C LEU C 197 11.23 -28.91 13.65
N GLN C 198 12.33 -29.66 13.55
CA GLN C 198 13.50 -29.12 12.83
C GLN C 198 13.29 -28.99 11.34
N ASP C 199 12.19 -29.50 10.81
CA ASP C 199 11.93 -29.43 9.37
C ASP C 199 11.50 -28.00 9.04
N PHE C 200 10.96 -27.35 10.06
CA PHE C 200 10.33 -26.02 9.95
C PHE C 200 11.27 -24.95 10.47
N SER C 201 12.52 -25.36 10.69
CA SER C 201 13.57 -24.45 11.13
C SER C 201 13.80 -23.27 10.19
N HIS C 202 13.35 -23.39 8.93
CA HIS C 202 13.42 -22.30 7.94
C HIS C 202 12.35 -21.20 8.11
N LEU C 203 11.39 -21.44 9.00
CA LEU C 203 10.34 -20.50 9.27
C LEU C 203 10.74 -19.90 10.60
N GLU C 204 9.95 -18.96 11.12
CA GLU C 204 10.27 -18.32 12.39
C GLU C 204 9.94 -19.20 13.56
N HIS C 205 10.48 -18.95 14.74
CA HIS C 205 10.11 -19.81 15.85
C HIS C 205 8.59 -19.78 16.09
N ARG C 206 7.99 -18.61 16.16
CA ARG C 206 6.61 -18.54 16.55
C ARG C 206 5.80 -19.33 15.58
N ASP C 207 6.30 -19.51 14.39
CA ASP C 207 5.60 -20.19 13.30
C ASP C 207 5.25 -21.66 13.52
N LEU C 208 5.82 -22.27 14.56
CA LEU C 208 5.56 -23.64 14.93
C LEU C 208 4.26 -23.76 15.67
N ILE C 209 3.71 -22.63 16.11
CA ILE C 209 2.57 -22.70 17.01
C ILE C 209 1.31 -23.24 16.33
N PRO C 210 0.96 -22.67 15.19
CA PRO C 210 -0.15 -23.26 14.48
C PRO C 210 0.14 -24.66 13.97
N ILE C 211 1.40 -24.95 13.65
CA ILE C 211 1.78 -26.26 13.09
C ILE C 211 1.52 -27.33 14.11
N ILE C 212 1.97 -27.07 15.34
CA ILE C 212 1.84 -28.02 16.44
C ILE C 212 0.38 -28.20 16.81
N ALA C 213 -0.35 -27.08 16.90
CA ALA C 213 -1.75 -27.10 17.37
C ALA C 213 -2.67 -27.77 16.39
N ALA C 214 -2.23 -27.95 15.17
CA ALA C 214 -3.03 -28.62 14.17
C ALA C 214 -3.11 -30.11 14.46
N LEU C 215 -2.24 -30.57 15.35
CA LEU C 215 -2.10 -31.99 15.55
C LEU C 215 -3.18 -32.45 16.47
N GLU C 216 -3.96 -31.54 17.05
CA GLU C 216 -4.84 -32.04 18.10
C GLU C 216 -5.93 -32.90 17.55
N TYR C 217 -6.45 -32.52 16.41
CA TYR C 217 -7.47 -33.37 15.81
C TYR C 217 -6.94 -34.29 14.70
N ASN C 218 -5.69 -34.14 14.38
CA ASN C 218 -5.16 -34.87 13.31
C ASN C 218 -5.11 -36.28 13.68
N GLN C 219 -5.42 -37.15 12.75
CA GLN C 219 -5.33 -38.55 13.00
C GLN C 219 -4.17 -39.23 12.32
N TRP C 220 -3.25 -38.49 11.73
CA TRP C 220 -2.14 -39.10 11.04
C TRP C 220 -0.86 -39.20 11.78
N PHE C 221 -0.40 -38.15 12.43
CA PHE C 221 0.91 -38.15 13.01
C PHE C 221 0.87 -38.87 14.31
N THR C 222 1.82 -39.76 14.52
CA THR C 222 1.90 -40.47 15.76
C THR C 222 3.05 -40.07 16.59
N LYS C 223 4.03 -39.40 16.02
CA LYS C 223 5.18 -39.02 16.75
C LYS C 223 5.37 -37.57 16.55
N LEU C 224 5.61 -36.84 17.61
CA LEU C 224 6.06 -35.45 17.55
C LEU C 224 7.42 -35.29 18.19
N SER C 225 8.40 -34.74 17.47
CA SER C 225 9.80 -34.81 17.90
C SER C 225 10.60 -33.53 17.59
N SER C 226 11.50 -33.12 18.50
CA SER C 226 12.41 -31.98 18.31
C SER C 226 13.71 -32.29 19.08
N LYS C 227 14.91 -31.99 18.55
CA LYS C 227 16.14 -32.20 19.33
C LYS C 227 17.00 -31.02 19.16
N ASP C 228 17.56 -30.52 20.26
CA ASP C 228 18.50 -29.42 20.22
C ASP C 228 17.86 -28.10 19.79
N LEU C 229 16.56 -27.95 19.92
CA LEU C 229 15.92 -26.67 19.64
C LEU C 229 15.35 -26.23 20.92
N LYS C 230 15.75 -25.04 21.41
CA LYS C 230 15.23 -24.50 22.69
C LYS C 230 13.82 -23.96 22.45
N LEU C 231 12.82 -24.53 23.12
CA LEU C 231 11.41 -24.37 22.72
C LEU C 231 10.82 -23.28 23.58
N SER C 232 10.06 -22.40 22.92
CA SER C 232 9.56 -21.18 23.52
C SER C 232 8.37 -21.49 24.40
N THR C 233 8.07 -20.61 25.31
CA THR C 233 6.97 -20.84 26.19
C THR C 233 5.67 -21.10 25.46
N ASP C 234 5.44 -20.46 24.31
CA ASP C 234 4.17 -20.61 23.59
C ASP C 234 4.10 -21.90 22.79
N VAL C 235 5.21 -22.24 22.16
CA VAL C 235 5.34 -23.53 21.50
C VAL C 235 5.06 -24.63 22.53
N CYS C 236 5.54 -24.49 23.75
CA CYS C 236 5.33 -25.53 24.74
C CYS C 236 3.88 -25.54 25.08
N GLU C 237 3.28 -24.38 25.19
CA GLU C 237 1.87 -24.43 25.52
C GLU C 237 1.12 -25.34 24.54
N GLN C 238 1.46 -25.23 23.27
CA GLN C 238 0.77 -26.03 22.26
C GLN C 238 1.17 -27.46 22.27
N ILE C 239 2.40 -27.80 22.64
CA ILE C 239 2.77 -29.20 22.75
C ILE C 239 1.85 -29.78 23.82
N LEU C 240 1.88 -29.15 24.99
CA LEU C 240 1.08 -29.58 26.11
C LEU C 240 -0.38 -29.79 25.75
N ARG C 241 -0.99 -28.85 25.05
CA ARG C 241 -2.41 -29.02 24.70
C ARG C 241 -2.56 -30.21 23.80
N VAL C 242 -1.63 -30.47 22.88
CA VAL C 242 -1.76 -31.63 22.01
C VAL C 242 -1.73 -32.89 22.80
N VAL C 243 -0.88 -32.94 23.82
CA VAL C 243 -0.77 -34.10 24.71
C VAL C 243 -2.06 -34.29 25.55
N SER C 244 -2.70 -33.19 25.93
CA SER C 244 -3.96 -33.25 26.71
C SER C 244 -5.12 -33.78 25.89
N ARG C 245 -5.23 -33.33 24.65
CA ARG C 245 -6.28 -33.77 23.78
C ARG C 245 -6.03 -34.92 22.77
N SER C 246 -4.78 -35.35 22.52
CA SER C 246 -4.58 -36.23 21.37
C SER C 246 -4.65 -37.67 21.78
N ASN C 247 -5.60 -38.39 21.20
CA ASN C 247 -5.72 -39.84 21.42
C ASN C 247 -4.76 -40.58 20.49
N ARG C 248 -4.28 -39.88 19.45
CA ARG C 248 -3.47 -40.50 18.40
C ARG C 248 -1.96 -40.35 18.59
N LEU C 249 -1.47 -39.62 19.60
CA LEU C 249 -0.03 -39.35 19.64
C LEU C 249 0.74 -40.41 20.44
N GLU C 250 1.48 -41.27 19.75
CA GLU C 250 2.19 -42.33 20.45
C GLU C 250 3.56 -42.01 21.01
N GLU C 251 4.26 -41.02 20.47
CA GLU C 251 5.63 -40.79 20.87
C GLU C 251 5.97 -39.34 20.96
N LEU C 252 6.49 -38.93 22.10
CA LEU C 252 6.95 -37.57 22.27
C LEU C 252 8.46 -37.47 22.49
N VAL C 253 9.15 -36.69 21.67
CA VAL C 253 10.56 -36.54 21.84
C VAL C 253 10.83 -35.08 21.91
N LEU C 254 11.29 -34.57 23.04
CA LEU C 254 11.78 -33.16 23.11
C LEU C 254 13.14 -33.13 23.79
N GLU C 255 14.19 -33.08 23.01
CA GLU C 255 15.47 -33.48 23.52
C GLU C 255 16.30 -32.23 23.59
N ASN C 256 17.04 -32.09 24.67
CA ASN C 256 17.84 -30.89 24.84
C ASN C 256 17.05 -29.66 24.39
N ALA C 257 15.81 -29.51 24.86
CA ALA C 257 14.99 -28.39 24.49
C ALA C 257 14.96 -27.32 25.58
N GLY C 258 15.77 -27.49 26.61
CA GLY C 258 15.80 -26.49 27.67
C GLY C 258 14.45 -26.32 28.34
N LEU C 259 13.70 -27.42 28.39
CA LEU C 259 12.43 -27.44 29.11
C LEU C 259 12.69 -27.57 30.61
N ARG C 260 12.30 -26.54 31.36
CA ARG C 260 12.52 -26.53 32.80
C ARG C 260 11.63 -27.53 33.52
N ILE C 261 11.71 -27.54 34.86
CA ILE C 261 10.93 -28.45 35.68
C ILE C 261 9.44 -28.13 35.61
N ASP C 262 9.11 -26.84 35.60
CA ASP C 262 7.71 -26.40 35.52
C ASP C 262 7.01 -27.08 34.39
N PHE C 263 7.76 -27.32 33.31
CA PHE C 263 7.22 -28.03 32.15
C PHE C 263 7.01 -29.49 32.43
N ALA C 264 7.97 -30.07 33.09
CA ALA C 264 7.76 -31.41 33.58
C ALA C 264 6.41 -31.49 34.26
N GLN C 265 6.13 -30.50 35.13
CA GLN C 265 4.86 -30.52 35.86
C GLN C 265 3.60 -30.33 35.00
N LYS C 266 3.63 -29.33 34.11
CA LYS C 266 2.52 -29.09 33.17
C LYS C 266 2.30 -30.37 32.31
N LEU C 267 3.33 -31.13 32.01
CA LEU C 267 3.17 -32.31 31.19
C LEU C 267 2.51 -33.37 32.03
N ALA C 268 2.90 -33.47 33.29
CA ALA C 268 2.21 -34.36 34.18
C ALA C 268 0.77 -34.02 34.05
N GLY C 269 0.52 -32.72 34.04
CA GLY C 269 -0.84 -32.24 34.01
C GLY C 269 -1.55 -32.81 32.80
N ALA C 270 -1.03 -32.53 31.62
CA ALA C 270 -1.71 -32.86 30.39
C ALA C 270 -2.07 -34.34 30.39
N LEU C 271 -1.18 -35.18 30.93
CA LEU C 271 -1.36 -36.64 30.88
C LEU C 271 -2.46 -37.09 31.78
N ALA C 272 -2.55 -36.45 32.94
CA ALA C 272 -3.62 -36.71 33.90
C ALA C 272 -4.99 -36.44 33.29
N HIS C 273 -5.07 -35.22 32.82
CA HIS C 273 -6.16 -34.73 32.01
C HIS C 273 -6.61 -35.68 30.89
N ASN C 274 -5.69 -36.38 30.23
CA ASN C 274 -6.07 -37.00 29.02
C ASN C 274 -6.65 -38.38 29.26
N PRO C 275 -7.96 -38.59 28.95
CA PRO C 275 -8.66 -39.87 29.26
C PRO C 275 -7.96 -41.12 28.73
N ASN C 276 -7.62 -41.11 27.45
CA ASN C 276 -6.78 -42.15 26.93
C ASN C 276 -5.60 -41.52 26.16
N SER C 277 -4.42 -41.46 26.75
CA SER C 277 -3.26 -41.15 25.95
C SER C 277 -2.85 -42.35 25.10
N GLY C 278 -2.24 -42.08 23.96
CA GLY C 278 -1.69 -43.14 23.15
C GLY C 278 -0.19 -43.24 23.36
N LEU C 279 0.34 -42.52 24.36
CA LEU C 279 1.75 -42.31 24.47
C LEU C 279 2.37 -43.52 25.09
N HIS C 280 3.15 -44.28 24.35
CA HIS C 280 4.06 -45.24 24.93
C HIS C 280 5.57 -44.93 24.90
N THR C 281 6.01 -43.86 24.24
CA THR C 281 7.44 -43.57 24.09
C THR C 281 7.75 -42.14 24.46
N ILE C 282 8.63 -41.90 25.41
CA ILE C 282 8.97 -40.54 25.82
C ILE C 282 10.46 -40.38 25.93
N ASN C 283 11.03 -39.42 25.21
CA ASN C 283 12.41 -38.99 25.38
C ASN C 283 12.47 -37.51 25.74
N LEU C 284 12.81 -37.21 27.01
CA LEU C 284 13.09 -35.86 27.49
C LEU C 284 14.58 -35.53 27.74
N ALA C 285 15.45 -36.37 27.28
CA ALA C 285 16.86 -36.21 27.56
C ALA C 285 17.39 -34.81 27.32
N GLY C 286 18.28 -34.35 28.19
CA GLY C 286 19.00 -33.12 27.95
C GLY C 286 18.31 -31.90 28.50
N ASN C 287 17.14 -32.13 29.07
CA ASN C 287 16.33 -31.12 29.69
C ASN C 287 16.48 -31.32 31.17
N SER C 288 16.79 -30.26 31.89
CA SER C 288 16.94 -30.37 33.33
C SER C 288 15.64 -30.22 34.14
N LEU C 289 14.79 -31.23 34.10
CA LEU C 289 13.64 -31.26 34.93
C LEU C 289 14.14 -32.02 36.09
N GLU C 290 14.02 -31.48 37.28
CA GLU C 290 14.75 -31.97 38.41
C GLU C 290 14.04 -33.14 38.99
N ASP C 291 14.46 -33.57 40.16
CA ASP C 291 13.89 -34.74 40.77
C ASP C 291 12.44 -34.49 41.00
N ARG C 292 12.10 -33.29 41.43
CA ARG C 292 10.72 -33.00 41.73
C ARG C 292 9.92 -33.11 40.50
N GLY C 293 10.47 -32.74 39.37
CA GLY C 293 9.72 -32.88 38.15
C GLY C 293 9.41 -34.27 37.70
N VAL C 294 10.39 -35.14 37.71
CA VAL C 294 10.22 -36.46 37.17
C VAL C 294 9.23 -37.22 38.00
N SER C 295 9.28 -36.99 39.28
CA SER C 295 8.33 -37.61 40.17
C SER C 295 6.94 -37.16 39.82
N SER C 296 6.73 -35.87 39.56
CA SER C 296 5.42 -35.50 39.04
C SER C 296 5.07 -36.39 37.90
N LEU C 297 5.98 -36.51 36.92
CA LEU C 297 5.69 -37.31 35.73
C LEU C 297 5.38 -38.76 36.14
N SER C 298 6.34 -39.36 36.80
CA SER C 298 6.30 -40.78 37.04
C SER C 298 4.96 -41.17 37.63
N ILE C 299 4.47 -40.34 38.54
CA ILE C 299 3.15 -40.55 39.20
C ILE C 299 2.14 -40.93 38.12
N GLN C 300 2.26 -40.24 36.98
CA GLN C 300 1.38 -40.35 35.82
C GLN C 300 1.81 -41.48 34.90
N PHE C 301 3.10 -41.75 34.89
CA PHE C 301 3.58 -42.91 34.14
C PHE C 301 3.02 -44.20 34.79
N ALA C 302 2.75 -44.12 36.10
CA ALA C 302 2.26 -45.29 36.84
C ALA C 302 0.87 -45.59 36.30
N LYS C 303 0.01 -44.57 36.19
CA LYS C 303 -1.35 -44.80 35.65
C LYS C 303 -1.40 -44.31 34.20
N LEU C 304 -1.04 -45.19 33.29
CA LEU C 304 -0.95 -44.79 31.93
C LEU C 304 -1.63 -45.94 31.30
N PRO C 305 -2.54 -45.69 30.33
CA PRO C 305 -3.29 -46.84 29.83
C PRO C 305 -2.38 -47.85 29.15
N LYS C 306 -1.40 -47.37 28.40
CA LYS C 306 -0.63 -48.27 27.55
C LYS C 306 0.65 -48.91 28.13
N GLY C 307 1.21 -48.32 29.18
CA GLY C 307 2.47 -48.80 29.73
C GLY C 307 3.60 -48.34 28.79
N LEU C 308 4.77 -47.97 29.33
CA LEU C 308 5.79 -47.35 28.50
C LEU C 308 6.57 -48.36 27.68
N LYS C 309 6.75 -48.11 26.38
CA LYS C 309 7.67 -48.95 25.62
C LYS C 309 9.13 -48.50 25.77
N HIS C 310 9.38 -47.20 25.80
CA HIS C 310 10.70 -46.67 25.62
C HIS C 310 10.75 -45.39 26.40
N LEU C 311 11.63 -45.24 27.35
CA LEU C 311 11.68 -44.02 28.10
C LEU C 311 13.12 -43.58 28.16
N ASN C 312 13.40 -42.41 27.65
CA ASN C 312 14.71 -41.88 27.72
C ASN C 312 14.72 -40.69 28.60
N LEU C 313 15.50 -40.72 29.67
CA LEU C 313 15.58 -39.61 30.55
C LEU C 313 17.01 -39.28 30.87
N SER C 314 17.87 -39.33 29.88
CA SER C 314 19.27 -39.05 30.04
C SER C 314 19.43 -37.63 30.44
N LYS C 315 20.46 -37.32 31.18
CA LYS C 315 20.86 -35.97 31.38
C LYS C 315 19.66 -35.05 31.70
N THR C 316 18.72 -35.57 32.48
CA THR C 316 17.63 -34.78 33.04
C THR C 316 17.91 -34.23 34.48
N SER C 317 19.16 -34.31 34.93
CA SER C 317 19.52 -33.74 36.22
C SER C 317 18.90 -34.45 37.43
N LEU C 318 18.75 -35.77 37.30
CA LEU C 318 18.19 -36.59 38.37
C LEU C 318 19.23 -36.95 39.42
N SER C 319 18.73 -37.17 40.64
CA SER C 319 19.55 -37.65 41.73
C SER C 319 18.95 -39.00 42.08
N PRO C 320 19.55 -39.64 43.04
CA PRO C 320 19.02 -40.95 43.33
C PRO C 320 17.58 -40.88 43.81
N LYS C 321 17.23 -39.78 44.46
CA LYS C 321 15.86 -39.62 44.94
C LYS C 321 14.86 -39.65 43.77
N GLY C 322 15.23 -38.94 42.70
CA GLY C 322 14.41 -38.92 41.50
C GLY C 322 14.28 -40.28 40.82
N VAL C 323 15.41 -40.98 40.69
CA VAL C 323 15.41 -42.26 40.00
C VAL C 323 14.59 -43.26 40.81
N ASN C 324 14.65 -43.12 42.13
CA ASN C 324 13.92 -44.06 42.97
C ASN C 324 12.41 -43.84 42.80
N SER C 325 12.01 -42.57 42.91
CA SER C 325 10.60 -42.21 42.74
C SER C 325 10.14 -42.77 41.42
N LEU C 326 10.97 -42.59 40.39
CA LEU C 326 10.59 -42.98 39.05
C LEU C 326 10.43 -44.49 38.96
N CYS C 327 11.37 -45.23 39.53
CA CYS C 327 11.37 -46.67 39.31
C CYS C 327 10.22 -47.27 40.08
N GLN C 328 9.91 -46.63 41.18
CA GLN C 328 8.86 -47.12 42.04
C GLN C 328 7.57 -46.99 41.24
N SER C 329 7.45 -45.85 40.55
CA SER C 329 6.29 -45.52 39.75
C SER C 329 6.16 -46.45 38.60
N LEU C 330 7.28 -46.78 37.96
CA LEU C 330 7.28 -47.73 36.85
C LEU C 330 6.76 -49.11 37.28
N SER C 331 7.25 -49.63 38.43
CA SER C 331 6.82 -50.93 38.92
C SER C 331 5.43 -50.84 39.54
N ALA C 332 4.98 -49.63 39.86
CA ALA C 332 3.59 -49.43 40.22
C ALA C 332 2.65 -49.91 39.08
N ASN C 333 2.86 -49.44 37.86
CA ASN C 333 2.07 -49.84 36.72
C ASN C 333 2.29 -51.33 36.46
N PRO C 334 1.19 -52.09 36.34
CA PRO C 334 1.35 -53.54 36.10
C PRO C 334 1.94 -53.85 34.74
N LEU C 335 1.77 -52.92 33.79
CA LEU C 335 2.24 -53.19 32.45
C LEU C 335 3.74 -53.00 32.21
N THR C 336 4.36 -51.98 32.81
CA THR C 336 5.69 -51.56 32.37
C THR C 336 6.61 -52.77 32.29
N ALA C 337 6.40 -53.71 33.19
CA ALA C 337 7.17 -54.95 33.15
C ALA C 337 7.04 -55.73 31.83
N SER C 338 5.85 -55.77 31.25
CA SER C 338 5.69 -56.48 30.00
C SER C 338 5.80 -55.64 28.79
N THR C 339 5.71 -54.31 28.95
CA THR C 339 5.83 -53.37 27.82
C THR C 339 7.13 -52.58 27.59
N LEU C 340 7.96 -52.43 28.62
CA LEU C 340 9.08 -51.48 28.59
C LEU C 340 10.30 -52.17 28.07
N THR C 341 10.70 -51.80 26.86
CA THR C 341 11.84 -52.39 26.24
C THR C 341 13.11 -51.56 26.21
N HIS C 342 13.04 -50.28 26.57
CA HIS C 342 14.22 -49.41 26.47
C HIS C 342 14.21 -48.39 27.62
N LEU C 343 15.25 -48.39 28.42
CA LEU C 343 15.29 -47.51 29.56
C LEU C 343 16.62 -46.83 29.54
N ASP C 344 16.63 -45.51 29.47
CA ASP C 344 17.88 -44.75 29.41
C ASP C 344 17.91 -43.65 30.46
N LEU C 345 18.72 -43.85 31.50
CA LEU C 345 18.84 -42.87 32.58
C LEU C 345 20.27 -42.39 32.75
N SER C 346 21.10 -42.64 31.74
CA SER C 346 22.49 -42.22 31.76
C SER C 346 22.62 -40.71 31.87
N GLY C 347 23.70 -40.25 32.49
CA GLY C 347 23.96 -38.84 32.63
C GLY C 347 23.49 -38.30 33.97
N ASN C 348 22.75 -39.11 34.67
CA ASN C 348 22.23 -38.76 35.96
C ASN C 348 23.25 -39.21 36.97
N ALA C 349 22.95 -39.10 38.26
CA ALA C 349 23.88 -39.60 39.26
C ALA C 349 23.27 -40.67 40.13
N LEU C 350 23.91 -41.82 40.20
CA LEU C 350 23.42 -42.88 41.03
C LEU C 350 24.20 -43.17 42.28
N ARG C 351 25.10 -42.28 42.62
CA ARG C 351 25.82 -42.39 43.87
C ARG C 351 25.30 -41.33 44.78
N GLY C 352 24.96 -41.76 45.98
CA GLY C 352 24.16 -41.00 46.90
C GLY C 352 23.30 -42.05 47.57
N ASP C 353 22.08 -41.68 47.91
CA ASP C 353 21.24 -42.46 48.79
C ASP C 353 20.56 -43.57 48.07
N ASP C 354 19.58 -44.15 48.73
CA ASP C 354 19.03 -45.46 48.46
C ASP C 354 18.57 -45.51 47.04
N LEU C 355 18.77 -46.64 46.38
CA LEU C 355 18.27 -46.85 45.05
C LEU C 355 17.40 -48.08 45.08
N SER C 356 16.88 -48.39 46.24
CA SER C 356 16.26 -49.66 46.48
C SER C 356 15.15 -50.02 45.52
N HIS C 357 14.46 -49.04 45.00
CA HIS C 357 13.45 -49.29 44.00
C HIS C 357 13.96 -49.63 42.63
N MSE C 358 15.03 -48.98 42.23
CA MSE C 358 15.59 -49.25 40.94
C MSE C 358 16.06 -50.64 40.93
O MSE C 358 15.93 -51.30 39.91
CB MSE C 358 16.81 -48.40 40.68
CG MSE C 358 17.42 -48.71 39.32
SE MSE C 358 18.75 -47.33 39.08
CE MSE C 358 20.34 -48.32 39.54
N TYR C 359 16.65 -51.10 42.00
CA TYR C 359 17.19 -52.47 41.92
C TYR C 359 16.00 -53.39 41.95
N ASN C 360 14.99 -52.95 42.70
CA ASN C 360 13.76 -53.73 42.83
C ASN C 360 13.07 -53.88 41.49
N PHE C 361 13.09 -52.80 40.71
CA PHE C 361 12.33 -52.78 39.47
C PHE C 361 13.07 -53.59 38.44
N LEU C 362 14.37 -53.46 38.50
CA LEU C 362 15.23 -54.09 37.54
C LEU C 362 15.18 -55.56 37.80
N ALA C 363 14.95 -55.91 39.06
CA ALA C 363 14.83 -57.29 39.48
C ALA C 363 13.52 -58.03 39.08
N GLN C 364 12.37 -57.36 39.03
CA GLN C 364 11.19 -58.10 38.62
C GLN C 364 11.41 -58.44 37.17
N PRO C 365 11.25 -59.73 36.83
CA PRO C 365 11.42 -60.15 35.43
C PRO C 365 10.65 -59.24 34.51
N ASN C 366 11.32 -58.82 33.47
CA ASN C 366 10.79 -57.76 32.66
C ASN C 366 11.18 -57.95 31.19
N THR C 367 10.69 -57.07 30.33
CA THR C 367 10.89 -57.24 28.92
C THR C 367 11.95 -56.30 28.37
N ILE C 368 12.67 -55.57 29.24
CA ILE C 368 13.75 -54.62 28.84
C ILE C 368 14.87 -55.25 27.96
N VAL C 369 15.05 -54.69 26.77
CA VAL C 369 16.11 -55.06 25.88
C VAL C 369 17.34 -54.14 25.82
N HIS C 370 17.24 -52.91 26.30
CA HIS C 370 18.34 -51.95 26.22
C HIS C 370 18.35 -51.19 27.52
N LEU C 371 19.40 -51.30 28.31
CA LEU C 371 19.45 -50.56 29.58
C LEU C 371 20.66 -49.72 29.53
N ASP C 372 20.54 -48.43 29.78
CA ASP C 372 21.70 -47.60 29.67
C ASP C 372 21.81 -46.79 30.94
N LEU C 373 22.79 -47.16 31.75
CA LEU C 373 23.04 -46.48 33.01
C LEU C 373 24.32 -45.66 33.02
N SER C 374 24.93 -45.48 31.85
CA SER C 374 26.26 -44.93 31.77
C SER C 374 26.42 -43.52 32.36
N ASN C 375 27.66 -43.16 32.72
CA ASN C 375 27.98 -41.90 33.40
C ASN C 375 27.00 -41.66 34.50
N THR C 376 26.55 -42.74 35.11
CA THR C 376 25.67 -42.64 36.26
C THR C 376 26.47 -42.91 37.54
N GLU C 377 27.72 -43.36 37.37
CA GLU C 377 28.54 -43.76 38.52
C GLU C 377 27.84 -44.77 39.42
N CYS C 378 27.03 -45.66 38.84
CA CYS C 378 26.21 -46.61 39.59
C CYS C 378 27.07 -47.70 40.23
N SER C 379 26.49 -48.64 40.95
CA SER C 379 27.30 -49.74 41.46
C SER C 379 27.06 -50.96 40.59
N LEU C 380 28.12 -51.35 39.86
CA LEU C 380 28.06 -52.57 39.02
C LEU C 380 27.55 -53.79 39.79
N GLU C 381 28.13 -54.00 40.99
CA GLU C 381 27.87 -55.22 41.77
C GLU C 381 26.40 -55.36 42.19
N MSE C 382 25.84 -54.23 42.60
CA MSE C 382 24.43 -54.14 42.88
C MSE C 382 23.52 -54.21 41.69
O MSE C 382 22.54 -54.94 41.72
CB MSE C 382 24.21 -52.86 43.67
CG MSE C 382 24.79 -52.96 45.07
SE MSE C 382 23.61 -54.05 46.16
CE MSE C 382 22.40 -54.74 44.79
N VAL C 383 23.84 -53.50 40.61
CA VAL C 383 22.94 -53.46 39.50
C VAL C 383 22.84 -54.84 38.98
N CYS C 384 24.00 -55.45 38.89
CA CYS C 384 24.15 -56.77 38.33
C CYS C 384 23.44 -57.80 39.15
N SER C 385 23.45 -57.60 40.45
CA SER C 385 22.65 -58.43 41.32
C SER C 385 21.19 -58.26 40.99
N ALA C 386 20.79 -57.01 40.75
CA ALA C 386 19.43 -56.72 40.34
C ALA C 386 19.21 -57.32 39.02
N LEU C 387 20.20 -57.23 38.16
CA LEU C 387 20.04 -57.70 36.80
C LEU C 387 19.80 -59.17 36.81
N LEU C 388 20.43 -59.86 37.73
CA LEU C 388 20.48 -61.30 37.69
C LEU C 388 19.12 -61.94 37.79
N ARG C 389 18.31 -61.42 38.71
CA ARG C 389 16.94 -61.87 38.91
C ARG C 389 15.98 -61.60 37.75
N GLY C 390 16.07 -60.41 37.14
CA GLY C 390 15.12 -60.03 36.14
C GLY C 390 15.45 -60.06 34.67
N CYS C 391 16.67 -59.67 34.36
CA CYS C 391 17.00 -59.33 33.01
C CYS C 391 17.68 -60.41 32.26
N LEU C 392 17.68 -61.61 32.80
CA LEU C 392 18.31 -62.71 32.15
C LEU C 392 17.66 -63.00 30.84
N GLN C 393 16.36 -62.85 30.80
CA GLN C 393 15.60 -63.24 29.64
C GLN C 393 15.73 -62.50 28.32
N CYS C 394 15.77 -61.18 28.35
CA CYS C 394 15.88 -60.44 27.11
C CYS C 394 16.87 -59.29 27.00
N LEU C 395 17.54 -58.93 28.06
CA LEU C 395 18.38 -57.76 28.03
C LEU C 395 19.42 -58.00 27.02
N ALA C 396 19.59 -57.07 26.07
CA ALA C 396 20.45 -57.28 24.94
C ALA C 396 21.61 -56.37 24.87
N VAL C 397 21.37 -55.10 25.08
CA VAL C 397 22.44 -54.15 25.11
C VAL C 397 22.37 -53.51 26.44
N LEU C 398 23.48 -53.49 27.15
CA LEU C 398 23.53 -52.86 28.43
C LEU C 398 24.73 -52.01 28.38
N ASN C 399 24.64 -50.74 28.71
CA ASN C 399 25.79 -49.93 28.67
C ASN C 399 25.94 -49.40 30.03
N LEU C 400 27.08 -49.63 30.66
CA LEU C 400 27.30 -49.23 32.04
C LEU C 400 28.53 -48.37 32.25
N SER C 401 28.95 -47.61 31.26
CA SER C 401 30.23 -46.97 31.31
C SER C 401 30.30 -46.09 32.47
N ARG C 402 31.52 -45.78 32.92
CA ARG C 402 31.73 -44.86 34.02
C ARG C 402 31.38 -45.47 35.37
N SER C 403 31.16 -46.78 35.38
CA SER C 403 30.77 -47.50 36.59
C SER C 403 31.88 -47.65 37.63
N VAL C 404 31.48 -47.69 38.90
CA VAL C 404 32.39 -48.02 39.99
C VAL C 404 31.95 -49.39 40.48
N PHE C 405 32.89 -50.33 40.60
CA PHE C 405 32.51 -51.72 40.75
C PHE C 405 31.69 -51.86 42.00
N SER C 406 32.21 -51.28 43.07
CA SER C 406 31.40 -51.20 44.28
C SER C 406 31.43 -49.80 44.85
N HIS C 407 30.37 -49.48 45.56
CA HIS C 407 30.27 -48.28 46.37
C HIS C 407 31.09 -48.27 47.61
N ARG C 408 31.16 -49.41 48.26
CA ARG C 408 31.72 -49.54 49.59
C ARG C 408 33.15 -50.05 49.58
N LYS C 409 33.97 -49.55 50.49
CA LYS C 409 35.39 -49.86 50.50
C LYS C 409 35.68 -51.32 50.73
N GLY C 410 36.75 -51.78 50.11
CA GLY C 410 37.17 -53.16 50.23
C GLY C 410 36.34 -53.91 49.23
N LYS C 411 36.58 -55.19 49.10
CA LYS C 411 35.77 -55.97 48.19
C LYS C 411 35.64 -57.44 48.48
N GLU C 412 34.43 -57.92 48.34
CA GLU C 412 34.22 -59.26 47.92
C GLU C 412 33.31 -59.07 46.74
N VAL C 413 33.61 -59.73 45.66
CA VAL C 413 32.89 -59.52 44.46
C VAL C 413 31.82 -60.55 44.68
N PRO C 414 30.61 -60.08 44.85
CA PRO C 414 29.59 -61.10 45.02
C PRO C 414 29.44 -61.98 43.76
N PRO C 415 28.98 -63.20 43.97
CA PRO C 415 28.64 -64.16 42.91
C PRO C 415 27.46 -63.74 42.02
N SER C 416 26.79 -62.67 42.41
CA SER C 416 25.72 -62.18 41.62
C SER C 416 26.33 -61.83 40.30
N PHE C 417 27.50 -61.23 40.31
CA PHE C 417 28.08 -60.74 39.08
C PHE C 417 28.38 -61.86 38.08
N LYS C 418 29.17 -62.83 38.52
CA LYS C 418 29.55 -63.94 37.67
C LYS C 418 28.31 -64.73 37.24
N GLN C 419 27.38 -64.90 38.18
CA GLN C 419 26.14 -65.63 37.92
C GLN C 419 25.31 -64.95 36.83
N PHE C 420 25.25 -63.62 36.87
CA PHE C 420 24.44 -62.86 35.93
C PHE C 420 24.88 -63.07 34.49
N PHE C 421 26.20 -63.08 34.27
CA PHE C 421 26.74 -63.26 32.92
C PHE C 421 26.47 -64.65 32.34
N SER C 422 26.68 -65.69 33.15
CA SER C 422 26.39 -67.05 32.72
C SER C 422 24.91 -67.25 32.46
N SER C 423 24.09 -66.71 33.36
CA SER C 423 22.64 -66.84 33.28
C SER C 423 22.03 -66.16 32.06
N SER C 424 22.54 -64.98 31.74
CA SER C 424 21.93 -64.15 30.70
C SER C 424 21.78 -64.92 29.39
N LEU C 425 20.56 -64.90 28.84
CA LEU C 425 20.28 -65.56 27.61
C LEU C 425 20.36 -64.68 26.40
N ALA C 426 20.33 -63.36 26.60
CA ALA C 426 20.28 -62.48 25.47
C ALA C 426 21.34 -61.41 25.35
N LEU C 427 22.34 -61.39 26.20
CA LEU C 427 23.37 -60.37 26.10
C LEU C 427 24.11 -60.47 24.79
N ILE C 428 24.25 -59.31 24.16
CA ILE C 428 24.89 -59.22 22.87
C ILE C 428 25.94 -58.13 22.83
N GLN C 429 25.68 -57.03 23.51
CA GLN C 429 26.54 -55.88 23.54
C GLN C 429 26.65 -55.51 24.97
N ILE C 430 27.84 -55.37 25.49
CA ILE C 430 28.02 -54.91 26.84
C ILE C 430 29.05 -53.86 26.75
N ASN C 431 28.90 -52.77 27.46
CA ASN C 431 29.92 -51.73 27.54
C ASN C 431 30.20 -51.36 29.01
N LEU C 432 31.37 -51.72 29.47
CA LEU C 432 31.82 -51.33 30.80
C LEU C 432 32.88 -50.23 30.74
N SER C 433 33.14 -49.69 29.55
CA SER C 433 34.23 -48.72 29.39
C SER C 433 34.28 -47.62 30.45
N GLY C 434 35.47 -47.29 30.90
CA GLY C 434 35.66 -46.10 31.70
C GLY C 434 35.54 -46.37 33.17
N THR C 435 35.43 -47.65 33.52
CA THR C 435 35.27 -48.02 34.93
C THR C 435 36.39 -48.94 35.44
N LYS C 436 37.03 -48.61 36.57
CA LYS C 436 38.17 -49.42 36.98
C LYS C 436 37.72 -50.86 37.21
N LEU C 437 38.32 -51.80 36.49
CA LEU C 437 38.09 -53.21 36.80
C LEU C 437 39.35 -53.80 37.47
N SER C 438 39.27 -54.13 38.76
CA SER C 438 40.41 -54.69 39.44
C SER C 438 40.49 -56.16 39.04
N PRO C 439 41.49 -56.90 39.54
CA PRO C 439 41.63 -58.20 38.88
C PRO C 439 40.50 -59.17 39.18
N GLU C 440 39.96 -59.06 40.38
CA GLU C 440 38.95 -60.01 40.79
C GLU C 440 37.63 -59.86 39.99
N PRO C 441 37.06 -58.63 39.94
CA PRO C 441 35.86 -58.44 39.11
C PRO C 441 36.08 -58.82 37.63
N LEU C 442 37.20 -58.41 37.02
CA LEU C 442 37.43 -58.68 35.61
C LEU C 442 37.47 -60.17 35.42
N LYS C 443 38.04 -60.87 36.40
CA LYS C 443 38.14 -62.31 36.30
C LYS C 443 36.73 -62.92 36.36
N ALA C 444 35.92 -62.37 37.25
CA ALA C 444 34.57 -62.89 37.42
C ALA C 444 33.80 -62.76 36.12
N LEU C 445 33.99 -61.61 35.47
CA LEU C 445 33.20 -61.21 34.33
C LEU C 445 33.54 -62.05 33.10
N LEU C 446 34.84 -62.15 32.84
CA LEU C 446 35.32 -62.94 31.71
C LEU C 446 34.97 -64.41 31.93
N LEU C 447 35.10 -64.91 33.15
CA LEU C 447 34.76 -66.31 33.45
C LEU C 447 33.31 -66.58 33.25
N GLY C 448 32.47 -65.63 33.65
CA GLY C 448 31.04 -65.76 33.48
C GLY C 448 30.65 -65.85 32.01
N LEU C 449 31.20 -64.96 31.21
CA LEU C 449 30.93 -64.95 29.78
C LEU C 449 31.34 -66.26 29.14
N ALA C 450 32.48 -66.80 29.59
CA ALA C 450 32.96 -68.08 29.10
C ALA C 450 32.08 -69.20 29.64
N CYS C 451 31.66 -69.06 30.90
CA CYS C 451 30.86 -70.08 31.55
C CYS C 451 29.53 -70.32 30.85
N ASN C 452 28.88 -69.23 30.42
CA ASN C 452 27.57 -69.35 29.77
C ASN C 452 27.63 -70.07 28.42
N HIS C 453 26.71 -70.99 28.20
CA HIS C 453 26.58 -71.66 26.93
C HIS C 453 25.46 -71.07 26.12
N SER C 454 24.82 -70.06 26.68
CA SER C 454 23.66 -69.43 26.05
C SER C 454 23.92 -68.42 24.95
N LEU C 455 24.90 -67.58 25.19
CA LEU C 455 25.24 -66.44 24.36
C LEU C 455 25.94 -66.80 23.11
N LYS C 456 25.74 -66.03 22.08
CA LYS C 456 26.52 -66.23 20.89
C LYS C 456 26.80 -64.84 20.40
N GLY C 457 28.00 -64.59 19.94
CA GLY C 457 28.37 -63.27 19.48
C GLY C 457 28.34 -62.04 20.37
N VAL C 458 28.84 -62.12 21.58
CA VAL C 458 28.92 -60.96 22.43
C VAL C 458 29.94 -59.97 21.89
N SER C 459 29.77 -58.67 22.18
CA SER C 459 30.71 -57.59 21.91
C SER C 459 30.91 -56.91 23.27
N LEU C 460 32.16 -56.74 23.66
CA LEU C 460 32.44 -56.26 25.01
C LEU C 460 33.33 -55.04 24.89
N ASP C 461 32.97 -53.91 25.51
CA ASP C 461 33.84 -52.76 25.49
C ASP C 461 34.42 -52.60 26.87
N LEU C 462 35.70 -52.93 27.02
CA LEU C 462 36.51 -52.60 28.18
C LEU C 462 37.52 -51.43 27.98
N SER C 463 37.45 -50.66 26.89
CA SER C 463 38.36 -49.54 26.78
C SER C 463 38.44 -48.70 28.09
N ASN C 464 39.61 -48.19 28.42
CA ASN C 464 39.76 -47.31 29.57
C ASN C 464 39.25 -47.89 30.88
N CYS C 465 39.46 -49.19 31.06
CA CYS C 465 39.10 -49.86 32.30
C CYS C 465 40.25 -50.00 33.30
N GLU C 466 41.45 -49.53 32.95
CA GLU C 466 42.60 -49.73 33.85
C GLU C 466 42.97 -51.21 33.89
N LEU C 467 42.92 -51.87 32.75
CA LEU C 467 43.33 -53.24 32.71
C LEU C 467 44.86 -53.26 32.78
N GLY C 468 45.49 -52.12 32.56
CA GLY C 468 46.93 -52.11 32.65
C GLY C 468 47.31 -52.38 34.09
N HIS C 469 46.91 -51.49 34.99
CA HIS C 469 47.25 -51.56 36.41
C HIS C 469 46.64 -52.85 37.00
N CYS C 470 45.73 -53.43 36.23
CA CYS C 470 45.08 -54.70 36.57
C CYS C 470 45.91 -55.95 36.20
N LEU C 471 46.46 -56.01 35.01
CA LEU C 471 47.35 -57.11 34.68
C LEU C 471 48.66 -57.00 35.44
N ARG C 472 49.10 -55.78 35.68
CA ARG C 472 50.37 -55.58 36.38
C ARG C 472 50.31 -56.10 37.80
N SER C 473 49.17 -55.91 38.45
CA SER C 473 49.02 -56.28 39.84
C SER C 473 48.27 -57.59 40.02
N GLY C 474 47.99 -58.27 38.92
CA GLY C 474 47.25 -59.51 39.02
C GLY C 474 47.62 -60.33 37.83
N GLY C 475 47.13 -61.56 37.78
CA GLY C 475 47.44 -62.41 36.65
C GLY C 475 46.78 -61.78 35.47
N ALA C 476 47.36 -61.82 34.28
CA ALA C 476 48.42 -62.74 33.98
C ALA C 476 47.73 -64.08 33.94
N GLN C 477 47.06 -64.39 35.05
CA GLN C 477 46.37 -65.66 35.25
C GLN C 477 44.93 -65.58 34.87
N VAL C 478 44.52 -64.41 34.39
CA VAL C 478 43.15 -64.25 34.00
C VAL C 478 43.02 -64.13 32.50
N LEU C 479 42.48 -65.16 31.85
CA LEU C 479 42.13 -66.42 32.47
C LEU C 479 43.31 -67.36 32.59
N GLU C 485 40.14 -68.37 26.07
CA GLU C 485 39.74 -68.60 24.69
C GLU C 485 38.22 -68.57 24.55
N ILE C 486 37.58 -67.73 25.35
CA ILE C 486 36.12 -67.60 25.32
C ILE C 486 35.58 -67.56 23.90
N HIS C 487 34.83 -68.59 23.54
CA HIS C 487 34.21 -68.66 22.22
C HIS C 487 33.05 -67.72 22.15
N ASN C 488 32.67 -67.17 23.31
CA ASN C 488 31.56 -66.24 23.41
C ASN C 488 31.63 -64.93 22.68
N ILE C 489 32.78 -64.29 22.71
CA ILE C 489 32.94 -62.91 22.40
C ILE C 489 33.48 -62.71 20.98
N THR C 490 32.68 -62.19 20.07
CA THR C 490 33.13 -61.96 18.71
C THR C 490 33.61 -60.54 18.51
N SER C 491 33.51 -59.69 19.51
CA SER C 491 34.10 -58.37 19.39
C SER C 491 34.60 -57.90 20.73
N LEU C 492 35.80 -57.35 20.80
CA LEU C 492 36.37 -56.90 22.06
C LEU C 492 37.14 -55.62 21.84
N ASP C 493 36.95 -54.60 22.68
CA ASP C 493 37.75 -53.39 22.54
C ASP C 493 38.54 -53.25 23.83
N ILE C 494 39.86 -53.45 23.77
CA ILE C 494 40.70 -53.23 24.98
C ILE C 494 41.51 -51.91 25.01
N SER C 495 41.26 -51.02 24.07
CA SER C 495 42.05 -49.79 23.90
C SER C 495 42.18 -48.93 25.15
N ASP C 496 43.26 -48.20 25.27
CA ASP C 496 43.32 -47.13 26.27
C ASP C 496 43.28 -47.65 27.71
N ASN C 497 43.79 -48.85 27.84
CA ASN C 497 44.09 -49.46 29.12
C ASN C 497 45.54 -49.37 29.56
N GLY C 498 46.40 -48.90 28.68
CA GLY C 498 47.79 -48.78 29.02
C GLY C 498 48.43 -50.07 29.43
N LEU C 499 48.16 -51.11 28.65
CA LEU C 499 48.78 -52.40 28.89
C LEU C 499 50.28 -52.38 28.71
N GLU C 500 50.71 -51.68 27.66
CA GLU C 500 52.13 -51.51 27.37
C GLU C 500 52.84 -52.84 27.07
N SER C 501 53.93 -53.11 27.79
CA SER C 501 54.76 -54.28 27.51
C SER C 501 53.94 -55.55 27.66
N ASP C 502 52.99 -55.46 28.58
CA ASP C 502 52.05 -56.49 28.97
C ASP C 502 51.02 -56.70 27.92
N LEU C 503 51.00 -55.82 26.96
CA LEU C 503 50.01 -55.92 25.91
C LEU C 503 50.23 -57.22 25.23
N SER C 504 51.46 -57.68 25.18
CA SER C 504 51.75 -58.90 24.47
C SER C 504 50.94 -60.00 25.13
N THR C 505 50.86 -59.96 26.44
CA THR C 505 50.29 -61.06 27.17
C THR C 505 48.88 -61.21 26.70
N LEU C 506 48.17 -60.11 26.59
CA LEU C 506 46.79 -60.19 26.19
C LEU C 506 46.80 -60.77 24.80
N ILE C 507 47.87 -60.49 24.10
CA ILE C 507 47.93 -60.98 22.73
C ILE C 507 47.61 -62.47 22.65
N VAL C 508 48.14 -63.22 23.62
CA VAL C 508 48.05 -64.67 23.63
C VAL C 508 46.62 -65.20 23.71
N TRP C 509 45.81 -64.56 24.53
CA TRP C 509 44.43 -65.01 24.71
C TRP C 509 43.70 -64.92 23.40
N LEU C 510 43.92 -63.83 22.68
CA LEU C 510 43.32 -63.65 21.37
C LEU C 510 43.80 -64.71 20.38
N SER C 511 45.09 -65.01 20.42
CA SER C 511 45.68 -66.00 19.51
C SER C 511 45.09 -67.38 19.75
N LYS C 512 44.97 -67.75 21.02
CA LYS C 512 44.34 -69.00 21.40
C LYS C 512 42.88 -68.96 20.97
N ASN C 513 42.28 -67.79 21.15
CA ASN C 513 40.86 -67.60 20.85
C ASN C 513 40.49 -67.76 19.38
N ARG C 514 39.33 -68.39 19.16
CA ARG C 514 38.75 -68.54 17.83
C ARG C 514 37.44 -67.77 17.60
N SER C 515 36.95 -67.04 18.62
CA SER C 515 35.69 -66.33 18.48
C SER C 515 35.84 -64.93 17.90
N ILE C 516 36.96 -64.26 18.26
CA ILE C 516 37.05 -62.80 18.15
C ILE C 516 37.26 -62.39 16.74
N GLN C 517 36.25 -61.74 16.21
CA GLN C 517 36.28 -61.20 14.86
C GLN C 517 36.65 -59.72 14.77
N HIS C 518 36.60 -58.99 15.87
CA HIS C 518 36.94 -57.60 15.79
C HIS C 518 37.62 -57.19 17.07
N LEU C 519 38.81 -56.62 16.96
CA LEU C 519 39.65 -56.35 18.12
C LEU C 519 40.13 -54.90 18.10
N ALA C 520 40.00 -54.17 19.21
CA ALA C 520 40.51 -52.83 19.24
C ALA C 520 41.57 -52.67 20.34
N LEU C 521 42.82 -52.50 19.93
CA LEU C 521 43.98 -52.37 20.83
C LEU C 521 44.53 -50.97 21.00
N GLY C 522 44.00 -49.97 20.32
CA GLY C 522 44.77 -48.73 20.22
C GLY C 522 45.08 -48.11 21.56
N LYS C 523 46.08 -47.24 21.62
CA LYS C 523 46.28 -46.40 22.81
C LYS C 523 46.71 -47.15 24.05
N ASN C 524 47.32 -48.31 23.83
CA ASN C 524 48.01 -49.05 24.88
C ASN C 524 49.54 -48.87 24.79
N PHE C 525 50.03 -48.13 23.83
CA PHE C 525 51.47 -48.08 23.68
C PHE C 525 52.14 -46.84 24.21
N ASN C 526 51.45 -46.08 25.03
CA ASN C 526 51.92 -44.78 25.36
C ASN C 526 53.27 -44.84 25.95
N ASN C 527 54.21 -44.10 25.39
CA ASN C 527 55.48 -43.91 26.03
C ASN C 527 56.21 -45.16 26.44
N MSE C 528 56.48 -46.01 25.45
CA MSE C 528 57.25 -47.20 25.63
C MSE C 528 58.47 -47.06 24.78
O MSE C 528 58.34 -46.79 23.57
CB MSE C 528 56.45 -48.37 25.07
CG MSE C 528 55.99 -49.34 26.14
SE MSE C 528 54.80 -50.68 25.31
CE MSE C 528 55.31 -50.40 23.42
N LYS C 529 59.65 -47.23 25.37
CA LYS C 529 60.88 -47.25 24.58
C LYS C 529 60.99 -48.47 23.65
N SER C 530 61.59 -48.28 22.50
CA SER C 530 61.35 -49.07 21.31
C SER C 530 61.61 -50.55 21.42
N LYS C 531 62.61 -50.93 22.18
CA LYS C 531 62.99 -52.33 22.21
C LYS C 531 61.79 -53.11 22.69
N ASN C 532 61.09 -52.56 23.66
CA ASN C 532 59.87 -53.18 24.15
C ASN C 532 58.71 -53.23 23.14
N LEU C 533 58.53 -52.18 22.37
CA LEU C 533 57.45 -52.11 21.40
C LEU C 533 57.55 -53.09 20.26
N THR C 534 58.75 -53.25 19.74
CA THR C 534 58.95 -53.92 18.49
C THR C 534 58.50 -55.34 18.62
N PRO C 535 58.76 -55.91 19.86
CA PRO C 535 58.25 -57.28 20.01
C PRO C 535 56.73 -57.39 19.94
N VAL C 536 56.05 -56.46 20.60
CA VAL C 536 54.58 -56.50 20.69
C VAL C 536 53.92 -56.41 19.29
N LEU C 537 54.32 -55.38 18.53
CA LEU C 537 53.81 -55.20 17.19
C LEU C 537 54.11 -56.49 16.39
N ASP C 538 55.25 -57.12 16.71
CA ASP C 538 55.63 -58.38 16.07
C ASP C 538 54.66 -59.53 16.35
N ASN C 539 54.33 -59.74 17.62
CA ASN C 539 53.31 -60.72 17.97
C ASN C 539 52.01 -60.38 17.26
N LEU C 540 51.77 -59.08 17.11
CA LEU C 540 50.52 -58.64 16.55
C LEU C 540 50.45 -59.06 15.11
N VAL C 541 51.57 -58.91 14.41
CA VAL C 541 51.64 -59.27 13.01
C VAL C 541 51.40 -60.76 12.78
N GLN C 542 51.96 -61.58 13.67
CA GLN C 542 51.81 -63.03 13.56
C GLN C 542 50.36 -63.46 13.72
N MSE C 543 49.65 -62.84 14.66
CA MSE C 543 48.26 -63.15 14.90
C MSE C 543 47.45 -62.81 13.68
O MSE C 543 46.54 -63.57 13.31
CB MSE C 543 47.77 -62.32 16.08
CG MSE C 543 46.26 -62.51 16.28
SE MSE C 543 45.62 -61.25 17.66
CE MSE C 543 47.29 -61.13 18.72
N ILE C 544 47.77 -61.68 13.05
CA ILE C 544 47.06 -61.22 11.86
C ILE C 544 47.28 -62.24 10.73
N GLN C 545 48.54 -62.65 10.66
CA GLN C 545 49.04 -63.44 9.55
C GLN C 545 48.77 -64.92 9.74
N ASP C 546 48.53 -65.37 10.96
CA ASP C 546 48.27 -66.80 11.15
C ASP C 546 47.14 -67.20 10.19
N GLU C 547 47.20 -68.44 9.70
CA GLU C 547 46.27 -68.89 8.64
C GLU C 547 44.87 -69.11 9.20
N ASP C 548 44.80 -69.20 10.52
CA ASP C 548 43.53 -69.42 11.21
C ASP C 548 42.91 -68.17 11.81
N SER C 549 43.56 -67.02 11.66
CA SER C 549 43.07 -65.82 12.32
C SER C 549 41.60 -65.61 11.93
N PRO C 550 40.74 -65.64 12.95
CA PRO C 550 39.30 -65.36 12.94
C PRO C 550 39.01 -63.88 12.76
N LEU C 551 40.07 -63.07 12.87
CA LEU C 551 39.99 -61.62 13.02
C LEU C 551 39.77 -61.02 11.70
N GLN C 552 38.64 -60.36 11.56
CA GLN C 552 38.31 -59.53 10.38
C GLN C 552 38.50 -58.01 10.49
N SER C 553 38.66 -57.49 11.70
CA SER C 553 38.80 -56.05 11.91
C SER C 553 39.84 -55.74 12.99
N LEU C 554 40.82 -54.88 12.71
CA LEU C 554 41.83 -54.56 13.73
C LEU C 554 41.85 -53.05 13.93
N SER C 555 41.90 -52.59 15.18
CA SER C 555 41.91 -51.16 15.46
C SER C 555 43.12 -50.74 16.29
N LEU C 556 43.91 -49.82 15.75
CA LEU C 556 45.08 -49.30 16.44
C LEU C 556 45.06 -47.78 16.45
N ALA C 557 43.86 -47.21 16.30
CA ALA C 557 43.70 -45.76 16.24
C ALA C 557 44.18 -45.06 17.49
N ASP C 558 44.86 -43.93 17.30
CA ASP C 558 45.35 -43.13 18.42
C ASP C 558 46.49 -43.81 19.16
N SER C 559 47.08 -44.84 18.54
CA SER C 559 48.19 -45.57 19.14
C SER C 559 49.41 -44.66 19.28
N LYS C 560 49.66 -43.85 18.26
CA LYS C 560 50.77 -42.90 18.28
C LYS C 560 52.11 -43.55 17.96
N LEU C 561 52.06 -44.70 17.30
CA LEU C 561 53.27 -45.40 16.89
C LEU C 561 53.75 -44.90 15.54
N LYS C 562 54.31 -43.70 15.51
CA LYS C 562 54.81 -43.12 14.27
C LYS C 562 55.96 -43.96 13.74
N ALA C 563 55.99 -44.17 12.42
CA ALA C 563 57.06 -44.95 11.81
C ALA C 563 56.88 -46.43 12.11
N GLU C 564 56.78 -46.77 13.39
CA GLU C 564 56.73 -48.16 13.82
C GLU C 564 55.50 -48.90 13.29
N VAL C 565 54.35 -48.25 13.29
CA VAL C 565 53.14 -48.89 12.77
C VAL C 565 53.36 -49.40 11.35
N THR C 566 54.51 -49.06 10.77
CA THR C 566 54.83 -49.49 9.42
C THR C 566 55.08 -50.99 9.35
N ILE C 567 55.34 -51.59 10.51
CA ILE C 567 55.60 -53.03 10.57
C ILE C 567 54.29 -53.79 10.47
N ILE C 568 53.20 -53.07 10.81
CA ILE C 568 51.85 -53.59 10.62
C ILE C 568 51.37 -53.40 9.21
N ILE C 569 51.48 -52.15 8.75
CA ILE C 569 50.92 -51.74 7.47
C ILE C 569 51.52 -52.64 6.42
N ASN C 570 52.84 -52.84 6.54
CA ASN C 570 53.53 -53.75 5.65
C ASN C 570 52.98 -55.19 5.62
N ALA C 571 52.53 -55.68 6.77
CA ALA C 571 51.92 -57.01 6.84
C ALA C 571 50.67 -57.11 5.97
N LEU C 572 49.97 -55.97 5.77
CA LEU C 572 48.69 -56.02 5.06
C LEU C 572 48.88 -56.32 3.58
N GLY C 573 50.10 -56.22 3.10
CA GLY C 573 50.25 -56.52 1.71
C GLY C 573 49.92 -57.95 1.40
N SER C 574 50.42 -58.86 2.22
CA SER C 574 50.24 -60.27 2.01
C SER C 574 49.14 -60.81 2.85
N ASN C 575 48.58 -59.96 3.70
CA ASN C 575 47.53 -60.39 4.57
C ASN C 575 46.34 -60.79 3.79
N THR C 576 45.67 -61.84 4.23
CA THR C 576 44.53 -62.33 3.50
C THR C 576 43.26 -62.35 4.34
N SER C 577 43.37 -61.91 5.57
CA SER C 577 42.27 -62.08 6.49
C SER C 577 41.48 -60.84 6.83
N LEU C 578 42.14 -59.76 7.19
CA LEU C 578 41.46 -58.57 7.68
C LEU C 578 40.61 -57.98 6.61
N THR C 579 39.42 -57.55 6.97
CA THR C 579 38.61 -56.85 6.02
C THR C 579 38.37 -55.44 6.49
N LYS C 580 38.87 -55.06 7.65
CA LYS C 580 38.86 -53.67 8.02
C LYS C 580 40.03 -53.35 8.96
N VAL C 581 40.63 -52.20 8.78
CA VAL C 581 41.70 -51.81 9.71
C VAL C 581 41.63 -50.31 9.98
N ASP C 582 41.90 -49.94 11.22
CA ASP C 582 41.91 -48.55 11.59
C ASP C 582 43.32 -48.24 12.05
N ILE C 583 44.05 -47.54 11.20
CA ILE C 583 45.34 -46.97 11.55
C ILE C 583 45.34 -45.48 11.86
N SER C 584 44.16 -44.91 12.10
CA SER C 584 44.08 -43.48 12.34
C SER C 584 44.89 -43.13 13.56
N GLY C 585 45.27 -41.87 13.66
CA GLY C 585 45.84 -41.36 14.88
C GLY C 585 47.21 -41.87 15.24
N ASN C 586 48.00 -42.36 14.28
CA ASN C 586 49.42 -42.70 14.51
C ASN C 586 50.56 -41.78 14.05
N GLY C 587 50.27 -40.68 13.38
CA GLY C 587 51.35 -39.79 12.97
C GLY C 587 52.37 -40.41 12.04
N MSE C 588 51.90 -41.36 11.23
CA MSE C 588 52.78 -42.12 10.36
C MSE C 588 53.31 -41.29 9.15
O MSE C 588 54.23 -41.69 8.45
CB MSE C 588 52.09 -43.41 9.88
CG MSE C 588 50.87 -43.20 9.02
SE MSE C 588 50.42 -44.82 8.06
CE MSE C 588 49.18 -44.18 6.74
N GLY C 589 52.71 -40.14 8.88
CA GLY C 589 53.22 -39.26 7.86
C GLY C 589 53.27 -39.85 6.46
N ASP C 590 53.96 -39.15 5.56
CA ASP C 590 53.93 -39.55 4.17
C ASP C 590 54.65 -40.88 3.90
N MSE C 591 55.56 -41.25 4.80
CA MSE C 591 56.23 -42.54 4.70
C MSE C 591 55.18 -43.61 4.88
O MSE C 591 55.00 -44.50 4.03
CB MSE C 591 57.33 -42.70 5.76
CG MSE C 591 58.11 -44.00 5.64
SE MSE C 591 58.74 -44.32 3.80
CE MSE C 591 59.76 -46.00 4.10
N GLY C 592 54.47 -43.48 5.99
CA GLY C 592 53.41 -44.42 6.28
C GLY C 592 52.54 -44.58 5.05
N ALA C 593 52.12 -43.47 4.46
CA ALA C 593 51.17 -43.53 3.38
C ALA C 593 51.74 -44.23 2.16
N LYS C 594 52.99 -43.95 1.80
CA LYS C 594 53.62 -44.66 0.69
C LYS C 594 53.46 -46.14 0.96
N MSE C 595 53.74 -46.53 2.20
CA MSE C 595 53.75 -47.94 2.59
C MSE C 595 52.35 -48.58 2.52
O MSE C 595 52.17 -49.68 2.03
CB MSE C 595 54.35 -48.10 4.00
CG MSE C 595 55.66 -48.92 4.04
SE MSE C 595 56.95 -48.68 2.57
CE MSE C 595 58.49 -49.40 3.54
N LEU C 596 51.37 -47.81 2.98
CA LEU C 596 49.97 -48.22 2.93
C LEU C 596 49.53 -48.34 1.48
N ALA C 597 50.14 -47.53 0.62
CA ALA C 597 49.72 -47.51 -0.76
C ALA C 597 50.19 -48.78 -1.40
N LYS C 598 51.41 -49.21 -1.12
CA LYS C 598 51.87 -50.44 -1.73
C LYS C 598 51.01 -51.60 -1.25
N ALA C 599 50.75 -51.63 0.06
CA ALA C 599 49.88 -52.63 0.61
C ALA C 599 48.63 -52.73 -0.25
N LEU C 600 47.97 -51.60 -0.47
CA LEU C 600 46.71 -51.58 -1.21
C LEU C 600 46.87 -52.04 -2.68
N GLN C 601 48.06 -51.87 -3.24
CA GLN C 601 48.34 -52.35 -4.60
C GLN C 601 48.34 -53.86 -4.71
N ILE C 602 48.86 -54.51 -3.68
CA ILE C 602 48.83 -55.98 -3.60
C ILE C 602 47.54 -56.59 -2.99
N ASN C 603 47.00 -55.91 -2.00
CA ASN C 603 46.05 -56.56 -1.11
C ASN C 603 44.67 -56.69 -1.72
N THR C 604 44.13 -57.92 -1.73
CA THR C 604 42.79 -58.11 -2.23
C THR C 604 41.66 -58.29 -1.23
N LYS C 605 41.89 -58.40 0.08
CA LYS C 605 40.65 -58.32 0.87
C LYS C 605 40.55 -57.32 2.01
N LEU C 606 40.53 -56.03 1.70
CA LEU C 606 40.26 -55.00 2.71
C LEU C 606 39.06 -54.28 2.20
N ARG C 607 37.95 -54.33 2.92
CA ARG C 607 36.78 -53.54 2.51
C ARG C 607 37.00 -52.11 2.92
N THR C 608 37.47 -51.93 4.14
CA THR C 608 37.60 -50.58 4.66
C THR C 608 38.86 -50.27 5.48
N VAL C 609 39.36 -49.04 5.32
CA VAL C 609 40.55 -48.56 6.00
C VAL C 609 40.28 -47.19 6.54
N ILE C 610 40.71 -46.88 7.75
CA ILE C 610 40.55 -45.56 8.30
C ILE C 610 41.90 -45.01 8.69
N TRP C 611 42.33 -43.93 8.07
CA TRP C 611 43.68 -43.49 8.21
C TRP C 611 43.98 -42.11 8.64
N ASP C 612 43.03 -41.45 9.20
CA ASP C 612 43.16 -40.05 9.43
C ASP C 612 44.10 -39.76 10.55
N LYS C 613 44.44 -38.51 10.71
CA LYS C 613 45.22 -38.08 11.83
C LYS C 613 46.64 -38.53 11.78
N ASN C 614 47.13 -38.84 10.60
CA ASN C 614 48.49 -39.30 10.47
C ASN C 614 49.46 -38.29 9.92
N ASN C 615 49.05 -37.05 9.83
CA ASN C 615 49.92 -36.05 9.28
C ASN C 615 50.21 -36.32 7.85
N ILE C 616 49.32 -36.98 7.16
CA ILE C 616 49.56 -37.18 5.78
C ILE C 616 49.34 -35.88 5.07
N THR C 617 50.11 -35.68 4.00
CA THR C 617 50.13 -34.42 3.24
C THR C 617 49.82 -34.72 1.82
N ALA C 618 49.78 -33.65 1.03
CA ALA C 618 49.33 -33.79 -0.34
C ALA C 618 50.12 -34.90 -1.05
N GLN C 619 51.34 -35.20 -0.59
CA GLN C 619 52.07 -36.29 -1.19
C GLN C 619 51.41 -37.63 -0.89
N GLY C 620 51.25 -37.92 0.40
CA GLY C 620 50.68 -39.18 0.79
C GLY C 620 49.36 -39.41 0.07
N PHE C 621 48.57 -38.35 -0.06
CA PHE C 621 47.30 -38.48 -0.74
C PHE C 621 47.50 -38.91 -2.17
N GLN C 622 48.51 -38.35 -2.83
CA GLN C 622 48.81 -38.78 -4.18
C GLN C 622 49.14 -40.26 -4.25
N ASP C 623 50.10 -40.69 -3.44
CA ASP C 623 50.55 -42.09 -3.48
C ASP C 623 49.31 -43.03 -3.34
N ILE C 624 48.40 -42.64 -2.45
CA ILE C 624 47.21 -43.43 -2.14
C ILE C 624 46.26 -43.36 -3.33
N ALA C 625 46.19 -42.19 -3.94
CA ALA C 625 45.22 -41.99 -4.97
C ALA C 625 45.74 -42.74 -6.21
N VAL C 626 47.04 -43.00 -6.21
CA VAL C 626 47.61 -43.80 -7.31
C VAL C 626 47.35 -45.29 -7.11
N ALA C 627 47.58 -45.77 -5.90
CA ALA C 627 47.37 -47.18 -5.63
C ALA C 627 45.91 -47.57 -5.95
N MSE C 628 45.00 -46.71 -5.55
CA MSE C 628 43.59 -46.99 -5.77
C MSE C 628 43.23 -47.22 -7.23
O MSE C 628 42.35 -48.05 -7.50
CB MSE C 628 42.73 -45.88 -5.20
CG MSE C 628 42.83 -45.80 -3.71
SE MSE C 628 42.15 -47.44 -2.95
CE MSE C 628 40.27 -47.26 -3.39
N GLU C 629 43.87 -46.55 -8.19
CA GLU C 629 43.34 -46.74 -9.54
C GLU C 629 43.49 -48.21 -9.92
N LYS C 630 44.48 -48.86 -9.33
CA LYS C 630 44.70 -50.29 -9.61
C LYS C 630 44.09 -51.22 -8.54
N ASN C 631 43.47 -50.66 -7.52
CA ASN C 631 42.83 -51.45 -6.47
C ASN C 631 41.35 -51.42 -6.64
N TYR C 632 40.78 -52.58 -6.89
CA TYR C 632 39.38 -52.66 -7.16
C TYR C 632 38.57 -53.19 -6.02
N THR C 633 39.17 -53.35 -4.85
CA THR C 633 38.47 -54.00 -3.76
C THR C 633 38.11 -53.18 -2.53
N LEU C 634 38.81 -52.09 -2.26
CA LEU C 634 38.53 -51.25 -1.12
C LEU C 634 37.23 -50.54 -1.38
N ARG C 635 36.43 -50.30 -0.35
CA ARG C 635 35.13 -49.69 -0.54
C ARG C 635 34.95 -48.37 0.21
N PHE C 636 35.37 -48.33 1.47
CA PHE C 636 35.19 -47.17 2.30
C PHE C 636 36.50 -46.73 2.82
N MSE C 637 36.92 -45.52 2.53
CA MSE C 637 38.14 -45.06 3.09
C MSE C 637 37.76 -43.74 3.60
O MSE C 637 37.87 -42.77 2.86
CB MSE C 637 39.11 -44.99 1.95
CG MSE C 637 40.39 -44.34 2.43
SE MSE C 637 41.84 -45.27 1.59
CE MSE C 637 43.03 -44.48 2.90
N PRO C 638 37.28 -43.71 4.92
CA PRO C 638 36.82 -42.39 5.32
C PRO C 638 37.85 -41.34 5.14
N ILE C 639 37.40 -40.27 4.52
CA ILE C 639 38.25 -39.24 4.06
C ILE C 639 38.84 -38.66 5.28
N PRO C 640 40.24 -38.43 5.24
CA PRO C 640 40.76 -37.93 6.50
C PRO C 640 40.63 -36.44 6.56
N MSE C 641 39.48 -35.95 6.96
CA MSE C 641 39.27 -34.56 6.85
C MSE C 641 40.29 -33.90 7.68
O MSE C 641 40.86 -32.95 7.21
CB MSE C 641 37.88 -34.09 7.32
CG MSE C 641 36.88 -33.76 6.23
SE MSE C 641 37.65 -32.98 4.60
CE MSE C 641 38.28 -31.38 5.50
N TYR C 642 40.56 -34.35 8.88
CA TYR C 642 41.37 -33.57 9.78
C TYR C 642 42.72 -33.39 9.17
N ASP C 643 43.25 -34.47 8.64
CA ASP C 643 44.52 -34.45 7.99
C ASP C 643 44.50 -33.67 6.73
N ALA C 644 43.44 -33.82 5.97
CA ALA C 644 43.30 -33.10 4.73
C ALA C 644 43.17 -31.62 4.96
N ALA C 645 42.60 -31.22 6.08
CA ALA C 645 42.39 -29.81 6.32
C ALA C 645 43.72 -29.12 6.33
N GLN C 646 44.71 -29.65 7.00
CA GLN C 646 46.04 -29.05 7.06
C GLN C 646 46.65 -29.08 5.69
N ALA C 647 46.48 -30.19 5.04
CA ALA C 647 47.14 -30.43 3.81
C ALA C 647 46.71 -29.39 2.85
N LEU C 648 45.47 -28.98 2.94
CA LEU C 648 44.95 -27.99 2.03
C LEU C 648 45.63 -26.64 2.17
N LYS C 649 46.04 -26.28 3.37
CA LYS C 649 46.62 -24.99 3.53
C LYS C 649 47.88 -24.90 2.75
N THR C 650 48.71 -25.91 2.87
CA THR C 650 49.98 -25.93 2.21
C THR C 650 49.99 -26.14 0.70
N ASN C 651 49.14 -27.02 0.21
CA ASN C 651 49.14 -27.36 -1.21
C ASN C 651 47.72 -27.52 -1.76
N PRO C 652 46.87 -26.40 -1.70
CA PRO C 652 45.45 -26.77 -1.73
C PRO C 652 44.81 -27.46 -2.92
N GLU C 653 45.00 -27.02 -4.14
CA GLU C 653 45.92 -27.45 -5.09
C GLU C 653 45.72 -28.95 -5.29
N LYS C 654 46.81 -29.69 -5.12
CA LYS C 654 46.96 -31.11 -5.23
C LYS C 654 46.17 -31.97 -4.27
N THR C 655 45.99 -31.54 -3.04
CA THR C 655 45.26 -32.34 -2.09
C THR C 655 43.86 -32.61 -2.58
N GLU C 656 43.20 -31.59 -3.08
CA GLU C 656 41.84 -31.75 -3.54
C GLU C 656 41.82 -32.67 -4.69
N GLU C 657 42.82 -32.57 -5.52
CA GLU C 657 42.78 -33.34 -6.75
C GLU C 657 42.82 -34.82 -6.43
N ALA C 658 43.64 -35.14 -5.42
CA ALA C 658 43.91 -36.51 -5.02
C ALA C 658 42.78 -37.13 -4.19
N LEU C 659 42.28 -36.37 -3.20
CA LEU C 659 41.26 -36.92 -2.34
C LEU C 659 40.04 -37.24 -3.17
N GLN C 660 39.82 -36.46 -4.22
CA GLN C 660 38.63 -36.71 -5.00
C GLN C 660 38.92 -37.84 -5.98
N LYS C 661 40.17 -37.94 -6.40
CA LYS C 661 40.60 -39.07 -7.21
C LYS C 661 40.29 -40.36 -6.42
N ILE C 662 40.70 -40.34 -5.14
CA ILE C 662 40.52 -41.51 -4.30
C ILE C 662 39.05 -41.84 -4.20
N GLU C 663 38.24 -40.79 -3.98
CA GLU C 663 36.84 -40.99 -3.68
C GLU C 663 36.19 -41.59 -4.90
N ASN C 664 36.57 -41.15 -6.08
CA ASN C 664 36.00 -41.75 -7.27
C ASN C 664 36.20 -43.26 -7.28
N TYR C 665 37.44 -43.68 -7.08
CA TYR C 665 37.79 -45.07 -7.21
C TYR C 665 36.99 -45.90 -6.17
N LEU C 666 36.87 -45.40 -4.94
CA LEU C 666 36.07 -46.12 -3.96
C LEU C 666 34.60 -46.22 -4.38
N LEU C 667 34.08 -45.13 -4.94
CA LEU C 667 32.71 -45.12 -5.39
C LEU C 667 32.56 -46.19 -6.45
N ARG C 668 33.53 -46.32 -7.38
CA ARG C 668 33.39 -47.28 -8.49
C ARG C 668 33.41 -48.68 -7.97
N ASN C 669 34.18 -48.92 -6.93
CA ASN C 669 34.26 -50.25 -6.36
C ASN C 669 32.97 -50.71 -5.63
N PRO D 10 94.94 -76.80 -2.65
CA PRO D 10 94.02 -77.93 -2.63
C PRO D 10 92.81 -77.64 -1.75
N ARG D 11 92.92 -77.91 -0.45
CA ARG D 11 91.83 -77.68 0.48
C ARG D 11 92.26 -76.72 1.60
N GLU D 12 93.54 -76.76 1.94
CA GLU D 12 94.07 -75.91 2.99
C GLU D 12 94.15 -74.46 2.52
N LEU D 13 94.30 -74.27 1.22
CA LEU D 13 94.37 -72.92 0.63
C LEU D 13 92.98 -72.35 0.30
N MSE D 14 92.09 -73.22 -0.15
CA MSE D 14 90.71 -72.91 -0.54
C MSE D 14 89.92 -72.27 0.59
O MSE D 14 89.06 -71.41 0.37
CB MSE D 14 90.05 -74.23 -0.96
CG MSE D 14 89.17 -74.19 -2.20
SE MSE D 14 89.62 -72.96 -3.63
CE MSE D 14 87.74 -72.60 -4.03
N GLU D 15 90.23 -72.74 1.80
CA GLU D 15 89.57 -72.32 3.03
C GLU D 15 90.00 -70.88 3.35
N SER D 16 91.28 -70.61 3.12
CA SER D 16 91.86 -69.27 3.28
C SER D 16 91.32 -68.24 2.26
N ILE D 17 91.11 -68.71 1.02
CA ILE D 17 90.43 -67.94 -0.02
C ILE D 17 89.00 -67.59 0.43
N LYS D 18 88.21 -68.57 0.87
CA LYS D 18 86.83 -68.27 1.29
C LYS D 18 86.87 -67.25 2.43
N ASP D 19 87.85 -67.40 3.31
CA ASP D 19 88.02 -66.45 4.42
C ASP D 19 88.20 -65.01 3.93
N VAL D 20 89.00 -64.79 2.89
CA VAL D 20 89.17 -63.43 2.33
C VAL D 20 87.96 -62.86 1.49
N ILE D 21 87.40 -63.63 0.54
CA ILE D 21 86.28 -63.20 -0.38
C ILE D 21 84.80 -63.33 0.12
N GLY D 22 84.56 -64.32 0.96
CA GLY D 22 83.27 -64.44 1.61
C GLY D 22 82.78 -65.87 1.76
N ARG D 23 81.77 -66.00 2.61
CA ARG D 23 81.06 -67.23 2.91
C ARG D 23 79.81 -67.22 2.09
N LYS D 24 79.16 -66.11 2.30
CA LYS D 24 77.92 -65.76 1.67
C LYS D 24 78.01 -66.11 0.17
N ILE D 25 79.02 -65.62 -0.55
CA ILE D 25 79.10 -65.88 -1.99
C ILE D 25 79.69 -67.27 -2.42
N LYS D 26 78.93 -68.04 -3.18
CA LYS D 26 79.32 -69.44 -3.37
C LYS D 26 80.05 -69.68 -4.67
N ILE D 27 81.36 -69.85 -4.60
CA ILE D 27 82.13 -69.86 -5.83
C ILE D 27 81.80 -71.09 -6.63
N SER D 28 81.38 -70.88 -7.86
CA SER D 28 81.13 -71.97 -8.77
C SER D 28 82.33 -72.75 -9.27
N VAL D 29 83.42 -72.07 -9.60
CA VAL D 29 84.50 -72.74 -10.29
C VAL D 29 85.91 -72.38 -9.83
N LYS D 30 86.77 -73.39 -9.66
CA LYS D 30 88.15 -73.20 -9.24
C LYS D 30 89.12 -73.59 -10.32
N LYS D 31 90.02 -72.67 -10.64
CA LYS D 31 91.07 -72.91 -11.61
C LYS D 31 92.33 -72.22 -11.14
N LYS D 32 93.46 -72.79 -11.50
CA LYS D 32 94.74 -72.33 -11.03
C LYS D 32 95.33 -71.83 -12.29
N VAL D 33 96.08 -70.75 -12.23
CA VAL D 33 96.48 -70.13 -13.47
C VAL D 33 97.68 -69.18 -13.26
N LYS D 34 98.38 -68.88 -14.34
CA LYS D 34 99.61 -68.09 -14.29
C LYS D 34 99.40 -66.70 -14.94
N LEU D 35 99.82 -65.64 -14.27
CA LEU D 35 99.48 -64.31 -14.74
C LEU D 35 100.66 -63.61 -15.36
N GLU D 36 100.54 -63.22 -16.62
CA GLU D 36 101.68 -62.64 -17.30
C GLU D 36 102.00 -61.40 -16.54
N VAL D 37 103.24 -61.27 -16.12
CA VAL D 37 103.64 -60.08 -15.42
C VAL D 37 104.95 -59.57 -15.90
N LYS D 38 105.00 -58.27 -16.12
CA LYS D 38 106.24 -57.55 -16.16
C LYS D 38 106.82 -57.47 -14.71
N GLY D 39 108.12 -57.68 -14.56
CA GLY D 39 109.02 -57.88 -15.66
C GLY D 39 109.00 -59.30 -16.17
N ASP D 40 107.95 -59.65 -16.90
CA ASP D 40 107.95 -60.85 -17.70
C ASP D 40 108.21 -62.10 -16.87
N ARG D 41 107.75 -62.10 -15.62
CA ARG D 41 107.87 -63.28 -14.78
C ARG D 41 106.52 -63.77 -14.29
N VAL D 42 106.30 -65.05 -14.48
CA VAL D 42 105.02 -65.66 -14.21
C VAL D 42 104.72 -65.73 -12.73
N GLU D 43 103.48 -65.43 -12.37
CA GLU D 43 103.05 -65.53 -10.98
C GLU D 43 101.83 -66.41 -10.80
N ASN D 44 101.88 -67.29 -9.80
CA ASN D 44 100.79 -68.21 -9.50
C ASN D 44 99.56 -67.55 -8.92
N LYS D 45 98.39 -68.00 -9.36
CA LYS D 45 97.12 -67.43 -8.87
C LYS D 45 95.96 -68.44 -8.94
N VAL D 46 94.78 -68.01 -8.51
CA VAL D 46 93.57 -68.83 -8.59
C VAL D 46 92.40 -68.05 -9.20
N LEU D 47 91.95 -68.48 -10.37
CA LEU D 47 90.74 -67.93 -10.96
C LEU D 47 89.49 -68.60 -10.36
N VAL D 48 88.67 -67.82 -9.69
CA VAL D 48 87.48 -68.39 -9.09
C VAL D 48 86.24 -67.57 -9.50
N LEU D 49 85.23 -68.25 -10.05
CA LEU D 49 84.04 -67.64 -10.65
C LEU D 49 82.84 -67.85 -9.80
N THR D 50 82.33 -66.78 -9.20
CA THR D 50 81.06 -66.78 -8.48
C THR D 50 79.93 -66.54 -9.48
N SER D 51 78.75 -66.24 -8.95
CA SER D 51 77.61 -65.92 -9.80
C SER D 51 77.85 -64.66 -10.67
N CYS D 52 78.06 -63.51 -10.02
CA CYS D 52 78.16 -62.20 -10.70
C CYS D 52 79.60 -61.73 -11.01
N ARG D 53 80.61 -62.43 -10.45
CA ARG D 53 81.98 -61.88 -10.25
C ARG D 53 83.07 -62.94 -10.38
N ALA D 54 84.23 -62.54 -10.94
CA ALA D 54 85.48 -63.34 -10.90
C ALA D 54 86.49 -62.72 -9.95
N PHE D 55 86.98 -63.54 -9.02
CA PHE D 55 88.08 -63.18 -8.13
C PHE D 55 89.35 -63.82 -8.63
N LEU D 56 90.46 -63.12 -8.39
CA LEU D 56 91.80 -63.62 -8.75
C LEU D 56 92.76 -63.46 -7.59
N LEU D 57 93.16 -64.63 -7.09
CA LEU D 57 93.87 -64.74 -5.80
C LEU D 57 95.29 -65.37 -5.83
N SER D 58 96.10 -65.01 -4.83
CA SER D 58 97.41 -65.63 -4.67
C SER D 58 97.25 -67.06 -4.12
N ALA D 59 98.17 -67.93 -4.54
CA ALA D 59 98.28 -69.27 -4.00
C ALA D 59 98.68 -69.24 -2.53
N ARG D 60 99.57 -68.33 -2.17
CA ARG D 60 100.24 -68.42 -0.89
C ARG D 60 99.33 -68.10 0.28
N ILE D 61 99.19 -69.06 1.18
CA ILE D 61 98.33 -68.82 2.32
C ILE D 61 99.04 -67.74 3.09
N PRO D 62 98.31 -66.80 3.84
CA PRO D 62 96.90 -66.65 3.46
C PRO D 62 96.77 -65.89 2.13
N SER D 63 95.68 -66.14 1.42
CA SER D 63 95.45 -65.50 0.14
C SER D 63 95.21 -64.03 0.30
N LYS D 64 95.83 -63.25 -0.58
CA LYS D 64 95.54 -61.85 -0.64
C LYS D 64 94.96 -61.66 -2.02
N LEU D 65 93.80 -61.05 -2.10
CA LEU D 65 93.17 -60.90 -3.38
C LEU D 65 93.96 -59.93 -4.19
N GLU D 66 94.24 -60.34 -5.40
CA GLU D 66 95.00 -59.56 -6.37
C GLU D 66 94.12 -58.60 -7.15
N LEU D 67 93.04 -59.16 -7.72
CA LEU D 67 92.00 -58.39 -8.42
C LEU D 67 90.64 -59.13 -8.50
N THR D 68 89.53 -58.37 -8.59
CA THR D 68 88.24 -58.90 -9.04
C THR D 68 87.67 -58.09 -10.17
N PHE D 69 86.70 -58.66 -10.83
CA PHE D 69 85.90 -57.89 -11.76
C PHE D 69 84.50 -58.52 -11.82
N SER D 70 83.46 -57.71 -12.11
CA SER D 70 82.14 -58.25 -12.46
C SER D 70 82.02 -58.55 -13.94
N TYR D 71 81.18 -59.51 -14.29
CA TYR D 71 81.07 -59.95 -15.70
C TYR D 71 80.41 -58.88 -16.64
N LEU D 72 79.99 -57.76 -16.04
CA LEU D 72 79.44 -56.62 -16.77
C LEU D 72 80.57 -55.59 -17.04
N GLU D 73 81.72 -55.88 -16.44
CA GLU D 73 82.88 -55.04 -16.46
C GLU D 73 83.81 -55.46 -17.57
N ILE D 74 83.49 -56.56 -18.26
CA ILE D 74 84.46 -57.17 -19.18
C ILE D 74 84.35 -56.56 -20.58
N HIS D 75 85.32 -55.71 -20.92
CA HIS D 75 85.35 -55.00 -22.22
C HIS D 75 86.15 -55.58 -23.37
N GLY D 76 86.83 -56.71 -23.14
CA GLY D 76 87.30 -57.58 -24.21
C GLY D 76 87.68 -58.95 -23.68
N VAL D 77 87.54 -59.97 -24.53
CA VAL D 77 88.20 -61.25 -24.28
C VAL D 77 88.84 -61.70 -25.61
N ILE D 78 90.06 -62.21 -25.50
CA ILE D 78 90.79 -62.77 -26.63
C ILE D 78 91.54 -64.01 -26.11
N CYS D 79 91.44 -65.15 -26.79
CA CYS D 79 92.46 -66.18 -26.60
C CYS D 79 93.28 -66.39 -27.87
N HIS D 80 94.41 -65.72 -27.90
CA HIS D 80 95.31 -65.83 -29.03
C HIS D 80 95.96 -67.20 -28.95
N LYS D 81 96.62 -67.48 -27.82
CA LYS D 81 97.23 -68.78 -27.57
C LYS D 81 96.14 -69.75 -27.07
N PRO D 82 96.28 -71.05 -27.35
CA PRO D 82 95.24 -71.97 -26.88
C PRO D 82 95.04 -71.99 -25.34
N ALA D 83 96.15 -72.06 -24.60
CA ALA D 83 96.14 -72.06 -23.13
C ALA D 83 96.34 -70.69 -22.41
N GLN D 84 96.29 -69.56 -23.10
CA GLN D 84 96.44 -68.24 -22.45
C GLN D 84 95.13 -67.44 -22.68
N MSE D 85 94.75 -66.56 -21.73
CA MSE D 85 93.51 -65.75 -21.84
C MSE D 85 93.67 -64.26 -21.42
O MSE D 85 93.95 -63.94 -20.27
CB MSE D 85 92.36 -66.36 -21.01
CG MSE D 85 90.99 -65.67 -21.22
SE MSE D 85 89.49 -66.29 -20.07
CE MSE D 85 90.19 -67.99 -19.42
N VAL D 86 93.31 -63.36 -22.32
CA VAL D 86 93.29 -61.95 -22.02
C VAL D 86 91.88 -61.51 -21.68
N VAL D 87 91.69 -60.89 -20.52
CA VAL D 87 90.40 -60.37 -20.10
C VAL D 87 90.60 -58.88 -19.96
N GLU D 88 89.80 -58.08 -20.64
CA GLU D 88 89.96 -56.65 -20.57
C GLU D 88 88.76 -55.97 -19.90
N THR D 89 89.03 -55.19 -18.86
CA THR D 89 87.98 -54.64 -18.01
C THR D 89 88.18 -53.17 -17.80
N GLU D 90 87.17 -52.49 -17.31
CA GLU D 90 87.26 -51.05 -17.23
C GLU D 90 88.43 -50.71 -16.36
N LYS D 91 88.54 -51.42 -15.25
CA LYS D 91 89.55 -51.07 -14.29
C LYS D 91 90.97 -51.31 -14.75
N CYS D 92 91.27 -52.50 -15.28
CA CYS D 92 92.63 -52.77 -15.71
C CYS D 92 92.78 -53.95 -16.64
N ASN D 93 93.72 -53.89 -17.56
CA ASN D 93 93.96 -55.00 -18.45
C ASN D 93 94.57 -56.05 -17.59
N MSE D 94 94.41 -57.31 -17.92
CA MSE D 94 95.13 -58.35 -17.22
C MSE D 94 95.20 -59.57 -18.07
O MSE D 94 94.30 -59.74 -18.90
CB MSE D 94 94.38 -58.67 -15.96
CG MSE D 94 92.98 -59.03 -16.36
SE MSE D 94 92.64 -60.65 -15.36
CE MSE D 94 91.89 -59.81 -13.75
N SER D 95 96.19 -60.42 -17.86
CA SER D 95 96.46 -61.53 -18.77
C SER D 95 96.71 -62.80 -18.01
N MSE D 96 96.38 -63.93 -18.59
CA MSE D 96 96.57 -65.23 -17.92
C MSE D 96 97.26 -66.29 -18.80
O MSE D 96 97.25 -66.23 -20.02
CB MSE D 96 95.23 -65.81 -17.41
CG MSE D 96 94.65 -65.14 -16.15
SE MSE D 96 92.67 -64.87 -16.15
CE MSE D 96 92.25 -65.35 -14.32
N LYS D 97 97.79 -67.32 -18.15
CA LYS D 97 98.13 -68.54 -18.84
C LYS D 97 97.34 -69.63 -18.18
N MSE D 98 96.72 -70.47 -18.98
CA MSE D 98 95.81 -71.44 -18.46
C MSE D 98 96.37 -72.79 -18.74
O MSE D 98 97.00 -73.00 -19.79
CB MSE D 98 94.52 -71.24 -19.23
CG MSE D 98 94.07 -69.81 -19.05
SE MSE D 98 93.03 -69.88 -17.41
CE MSE D 98 91.73 -71.21 -18.03
N VAL D 99 96.12 -73.73 -17.85
CA VAL D 99 96.82 -74.99 -17.89
C VAL D 99 96.52 -75.60 -19.22
N SER D 100 95.29 -75.50 -19.65
CA SER D 100 94.91 -76.08 -20.90
C SER D 100 93.84 -75.29 -21.63
N PRO D 101 93.84 -75.43 -22.94
CA PRO D 101 92.88 -74.78 -23.81
C PRO D 101 91.54 -75.30 -23.36
N GLU D 102 91.50 -76.57 -22.98
CA GLU D 102 90.28 -77.16 -22.49
C GLU D 102 89.89 -76.35 -21.27
N ASP D 103 90.89 -75.92 -20.50
CA ASP D 103 90.68 -75.01 -19.41
C ASP D 103 90.18 -73.60 -19.78
N VAL D 104 90.74 -72.99 -20.81
CA VAL D 104 90.31 -71.64 -21.19
C VAL D 104 88.86 -71.73 -21.58
N SER D 105 88.51 -72.78 -22.30
CA SER D 105 87.14 -72.93 -22.72
C SER D 105 86.19 -73.10 -21.55
N GLU D 106 86.59 -73.84 -20.53
CA GLU D 106 85.71 -74.09 -19.41
C GLU D 106 85.34 -72.81 -18.67
N VAL D 107 86.32 -71.94 -18.46
CA VAL D 107 86.09 -70.67 -17.80
C VAL D 107 85.18 -69.74 -18.57
N LEU D 108 85.41 -69.61 -19.85
CA LEU D 108 84.65 -68.67 -20.63
C LEU D 108 83.22 -69.09 -20.60
N ALA D 109 83.01 -70.39 -20.71
CA ALA D 109 81.68 -70.88 -20.88
C ALA D 109 80.92 -70.49 -19.66
N HIS D 110 81.55 -70.61 -18.51
CA HIS D 110 80.88 -70.39 -17.28
C HIS D 110 80.45 -68.98 -17.15
N ILE D 111 81.30 -68.07 -17.57
CA ILE D 111 80.98 -66.67 -17.40
C ILE D 111 79.75 -66.40 -18.22
N GLY D 112 79.76 -66.87 -19.46
CA GLY D 112 78.64 -66.66 -20.37
C GLY D 112 77.36 -67.29 -19.87
N THR D 113 77.46 -68.49 -19.29
CA THR D 113 76.29 -69.18 -18.79
C THR D 113 75.62 -68.36 -17.68
N CYS D 114 76.42 -67.80 -16.80
CA CYS D 114 75.91 -66.86 -15.80
C CYS D 114 75.37 -65.65 -16.52
N LEU D 115 76.10 -65.23 -17.56
CA LEU D 115 75.71 -64.13 -18.43
C LEU D 115 74.37 -64.42 -19.08
N ARG D 116 74.23 -65.64 -19.60
CA ARG D 116 72.97 -66.07 -20.21
C ARG D 116 71.89 -66.19 -19.16
N ARG D 117 72.32 -66.20 -17.91
CA ARG D 117 71.44 -66.35 -16.78
C ARG D 117 70.89 -65.00 -16.37
N ILE D 118 71.70 -63.98 -16.54
CA ILE D 118 71.32 -62.60 -16.27
C ILE D 118 71.15 -62.07 -17.67
N PHE D 119 70.35 -61.04 -17.87
CA PHE D 119 70.11 -60.58 -19.23
C PHE D 119 69.63 -61.76 -20.05
N PRO D 120 68.45 -62.35 -19.58
CA PRO D 120 68.02 -63.49 -20.38
C PRO D 120 67.74 -63.02 -21.77
N GLY D 121 68.02 -63.84 -22.76
CA GLY D 121 67.78 -63.46 -24.13
C GLY D 121 68.83 -62.62 -24.79
N LEU D 122 70.02 -62.59 -24.22
CA LEU D 122 71.11 -61.84 -24.85
C LEU D 122 72.29 -62.75 -24.99
N SER D 123 73.23 -62.38 -25.85
CA SER D 123 74.40 -63.19 -26.04
C SER D 123 75.53 -62.63 -25.27
N PRO D 124 76.23 -63.56 -24.52
CA PRO D 124 77.30 -62.97 -23.73
C PRO D 124 78.27 -62.23 -24.60
N LEU D 125 78.49 -62.67 -25.83
CA LEU D 125 79.44 -61.98 -26.68
C LEU D 125 78.99 -60.54 -26.79
N ARG D 126 77.69 -60.32 -26.84
CA ARG D 126 77.18 -58.95 -26.87
C ARG D 126 77.53 -58.20 -25.60
N ILE D 127 77.31 -58.86 -24.48
CA ILE D 127 77.56 -58.26 -23.19
C ILE D 127 79.03 -57.94 -23.00
N MSE D 128 79.88 -58.81 -23.51
CA MSE D 128 81.31 -58.73 -23.28
C MSE D 128 82.02 -57.85 -24.23
O MSE D 128 83.23 -57.69 -24.09
CB MSE D 128 81.87 -60.11 -23.52
CG MSE D 128 82.72 -60.58 -22.38
SE MSE D 128 82.41 -62.49 -22.28
CE MSE D 128 82.63 -62.67 -20.35
N LYS D 129 81.33 -57.29 -25.20
CA LYS D 129 82.01 -56.53 -26.22
C LYS D 129 82.95 -57.46 -26.98
N LYS D 130 84.23 -57.12 -27.12
CA LYS D 130 85.08 -57.88 -28.03
C LYS D 130 85.53 -59.16 -27.41
N VAL D 131 85.07 -60.26 -27.97
CA VAL D 131 85.57 -61.55 -27.60
C VAL D 131 85.90 -62.28 -28.86
N SER D 132 87.09 -62.89 -28.91
CA SER D 132 87.43 -63.79 -29.98
C SER D 132 88.42 -64.84 -29.49
N MSE D 133 88.43 -65.98 -30.16
CA MSE D 133 89.40 -66.97 -29.85
C MSE D 133 90.21 -67.23 -31.10
O MSE D 133 89.68 -67.53 -32.18
CB MSE D 133 88.71 -68.20 -29.32
CG MSE D 133 88.49 -68.02 -27.83
SE MSE D 133 86.95 -69.11 -27.39
CE MSE D 133 87.73 -70.68 -26.52
N GLU D 134 91.52 -67.10 -30.95
CA GLU D 134 92.42 -67.27 -32.10
C GLU D 134 92.06 -68.52 -32.87
N PRO D 135 92.09 -69.69 -32.21
CA PRO D 135 91.46 -70.71 -33.06
C PRO D 135 90.00 -70.27 -33.31
N SER D 136 89.55 -70.14 -34.57
CA SER D 136 88.27 -69.46 -34.84
C SER D 136 87.07 -70.35 -34.60
N GLU D 137 87.30 -71.65 -34.66
CA GLU D 137 86.24 -72.64 -34.49
C GLU D 137 85.85 -72.86 -33.02
N ARG D 138 86.76 -72.57 -32.10
CA ARG D 138 86.41 -72.74 -30.71
C ARG D 138 85.22 -71.83 -30.42
N LEU D 139 85.24 -70.64 -31.01
CA LEU D 139 84.27 -69.63 -30.65
C LEU D 139 82.86 -70.06 -30.93
N ALA D 140 82.62 -70.57 -32.13
CA ALA D 140 81.30 -71.05 -32.48
C ALA D 140 80.99 -72.21 -31.58
N SER D 141 82.04 -72.99 -31.34
CA SER D 141 81.98 -74.22 -30.62
C SER D 141 81.50 -73.95 -29.21
N LEU D 142 81.92 -72.82 -28.67
CA LEU D 142 81.40 -72.40 -27.37
C LEU D 142 79.93 -72.18 -27.53
N GLN D 143 79.56 -71.56 -28.66
CA GLN D 143 78.20 -71.07 -28.88
C GLN D 143 77.18 -72.21 -28.83
N ALA D 144 77.53 -73.36 -29.39
CA ALA D 144 76.63 -74.50 -29.36
C ALA D 144 76.36 -74.91 -27.92
N LEU D 145 77.39 -74.87 -27.09
CA LEU D 145 77.24 -75.20 -25.67
C LEU D 145 76.33 -74.20 -24.96
N TRP D 146 76.47 -72.93 -25.29
CA TRP D 146 75.66 -71.90 -24.69
C TRP D 146 74.22 -71.98 -25.07
N ASP D 147 73.95 -72.19 -26.36
CA ASP D 147 72.60 -72.40 -26.86
C ASP D 147 72.01 -73.69 -26.31
N SER D 148 72.84 -74.73 -26.23
CA SER D 148 72.38 -76.06 -25.84
C SER D 148 71.78 -76.08 -24.44
N GLN D 149 72.41 -75.35 -23.53
CA GLN D 149 71.93 -75.27 -22.16
C GLN D 149 70.56 -74.60 -22.09
N THR D 150 69.71 -75.08 -21.20
CA THR D 150 68.37 -74.52 -21.03
C THR D 150 68.34 -73.73 -19.73
N LEU D 151 67.89 -72.49 -19.80
CA LEU D 151 67.98 -71.58 -18.64
C LEU D 151 66.66 -71.47 -17.89
N ALA D 152 66.66 -71.84 -16.62
CA ALA D 152 65.41 -71.94 -15.83
C ALA D 152 64.63 -70.63 -15.92
N GLU D 153 63.37 -70.67 -16.35
CA GLU D 153 62.70 -69.45 -16.84
C GLU D 153 62.92 -68.33 -15.80
N PRO D 154 63.09 -67.06 -16.27
CA PRO D 154 63.80 -66.02 -15.52
C PRO D 154 62.91 -65.31 -14.53
N GLY D 155 63.44 -64.28 -13.86
CA GLY D 155 62.69 -63.60 -12.83
C GLY D 155 61.40 -62.92 -13.33
N PRO D 156 60.58 -62.43 -12.39
CA PRO D 156 59.49 -61.61 -12.90
C PRO D 156 60.09 -60.40 -13.59
N CYS D 157 59.40 -59.89 -14.62
CA CYS D 157 59.81 -58.69 -15.35
C CYS D 157 61.05 -58.88 -16.19
N GLY D 158 61.07 -59.96 -16.98
CA GLY D 158 62.25 -60.27 -17.77
C GLY D 158 63.53 -60.33 -16.93
N GLY D 159 63.42 -60.82 -15.70
CA GLY D 159 64.56 -60.99 -14.81
C GLY D 159 65.11 -59.71 -14.19
N PHE D 160 64.30 -58.67 -14.02
CA PHE D 160 64.87 -57.43 -13.54
C PHE D 160 65.52 -57.71 -12.19
N SER D 161 64.84 -58.34 -11.26
CA SER D 161 65.38 -58.39 -9.91
C SER D 161 66.84 -58.88 -9.82
N GLN D 162 67.16 -59.96 -10.55
CA GLN D 162 68.54 -60.53 -10.57
C GLN D 162 69.56 -59.59 -11.18
N MSE D 163 69.22 -59.05 -12.34
CA MSE D 163 70.02 -57.99 -12.95
C MSE D 163 70.31 -56.83 -12.01
O MSE D 163 71.44 -56.43 -11.94
CB MSE D 163 69.31 -57.38 -14.15
CG MSE D 163 68.98 -58.27 -15.30
SE MSE D 163 68.11 -57.11 -16.60
CE MSE D 163 67.13 -58.52 -17.57
N TYR D 164 69.29 -56.24 -11.39
CA TYR D 164 69.48 -55.21 -10.37
C TYR D 164 70.60 -55.62 -9.40
N ALA D 165 70.56 -56.87 -8.91
CA ALA D 165 71.56 -57.36 -7.98
C ALA D 165 72.96 -57.26 -8.55
N CYS D 166 73.17 -57.92 -9.69
CA CYS D 166 74.46 -57.82 -10.37
C CYS D 166 74.99 -56.38 -10.59
N VAL D 167 74.12 -55.49 -11.04
CA VAL D 167 74.45 -54.10 -11.28
C VAL D 167 74.87 -53.36 -10.02
N CYS D 168 74.23 -53.65 -8.88
CA CYS D 168 74.63 -53.01 -7.62
C CYS D 168 76.03 -53.48 -7.25
N ASP D 169 76.22 -54.80 -7.34
CA ASP D 169 77.53 -55.35 -7.09
C ASP D 169 78.60 -54.67 -8.01
N TRP D 170 78.21 -54.49 -9.26
CA TRP D 170 79.12 -53.97 -10.26
C TRP D 170 79.49 -52.49 -9.99
N LEU D 171 78.53 -51.59 -9.72
CA LEU D 171 78.84 -50.14 -9.58
C LEU D 171 79.06 -49.76 -8.12
N GLY D 172 78.95 -50.75 -7.22
CA GLY D 172 79.15 -50.54 -5.81
C GLY D 172 78.01 -49.88 -5.06
N PHE D 173 76.79 -50.40 -5.20
CA PHE D 173 75.62 -49.88 -4.49
C PHE D 173 75.05 -50.99 -3.61
N SER D 174 74.32 -50.61 -2.54
CA SER D 174 73.88 -51.60 -1.55
C SER D 174 72.58 -52.18 -2.00
N TYR D 175 72.57 -53.44 -2.42
CA TYR D 175 71.33 -54.02 -2.97
C TYR D 175 70.20 -53.81 -1.98
N LYS D 176 69.16 -53.10 -2.42
CA LYS D 176 68.02 -52.78 -1.58
C LYS D 176 66.93 -53.85 -1.80
N GLU D 177 66.70 -54.68 -0.78
CA GLU D 177 65.68 -55.75 -0.82
C GLU D 177 64.37 -55.17 -1.37
N GLU D 178 64.11 -53.92 -0.94
CA GLU D 178 62.89 -53.16 -1.23
C GLU D 178 62.54 -53.26 -2.68
N VAL D 179 63.59 -53.15 -3.50
CA VAL D 179 63.41 -53.03 -4.94
C VAL D 179 62.94 -54.37 -5.46
N GLN D 180 63.49 -55.42 -4.90
CA GLN D 180 63.19 -56.71 -5.45
C GLN D 180 61.79 -57.15 -5.07
N TRP D 181 61.42 -56.85 -3.81
CA TRP D 181 60.04 -57.10 -3.38
C TRP D 181 59.15 -56.33 -4.36
N ASP D 182 59.40 -55.04 -4.45
CA ASP D 182 58.54 -54.11 -5.14
C ASP D 182 58.22 -54.62 -6.54
N VAL D 183 59.28 -55.02 -7.25
CA VAL D 183 59.23 -55.42 -8.67
C VAL D 183 58.71 -56.84 -8.87
N ASP D 184 58.96 -57.70 -7.90
CA ASP D 184 58.59 -59.09 -8.03
C ASP D 184 57.18 -59.39 -7.54
N THR D 185 56.62 -58.45 -6.77
CA THR D 185 55.24 -58.58 -6.28
C THR D 185 54.31 -57.53 -6.88
N ILE D 186 54.60 -56.26 -6.62
CA ILE D 186 53.74 -55.20 -7.12
C ILE D 186 53.77 -55.13 -8.65
N TYR D 187 54.94 -55.04 -9.25
CA TYR D 187 55.01 -54.79 -10.68
C TYR D 187 54.54 -56.00 -11.41
N LEU D 188 54.80 -57.14 -10.78
CA LEU D 188 54.53 -58.42 -11.40
C LEU D 188 53.05 -58.55 -11.54
N THR D 189 52.37 -58.46 -10.40
CA THR D 189 50.92 -58.50 -10.33
C THR D 189 50.29 -57.56 -11.33
N GLN D 190 50.78 -56.34 -11.31
CA GLN D 190 50.15 -55.28 -12.04
C GLN D 190 50.39 -55.45 -13.52
N ASP D 191 51.26 -56.40 -13.88
CA ASP D 191 51.75 -56.56 -15.25
C ASP D 191 52.18 -55.23 -15.90
N THR D 192 52.86 -54.34 -15.15
CA THR D 192 53.26 -53.03 -15.70
C THR D 192 54.56 -53.19 -16.44
N ARG D 193 54.65 -52.56 -17.60
CA ARG D 193 55.90 -52.41 -18.30
C ARG D 193 56.55 -51.01 -18.09
N GLU D 194 56.08 -50.30 -17.08
CA GLU D 194 56.61 -48.99 -16.76
C GLU D 194 57.41 -49.04 -15.49
N LEU D 195 58.67 -48.61 -15.58
CA LEU D 195 59.43 -48.33 -14.37
C LEU D 195 59.22 -46.87 -14.00
N ASN D 196 58.64 -46.65 -12.82
CA ASN D 196 58.23 -45.32 -12.35
C ASN D 196 59.15 -44.94 -11.24
N LEU D 197 60.07 -44.03 -11.50
CA LEU D 197 60.99 -43.61 -10.44
C LEU D 197 60.30 -43.24 -9.10
N GLN D 198 59.06 -42.75 -9.12
CA GLN D 198 58.39 -42.38 -7.84
C GLN D 198 57.97 -43.59 -6.97
N ASP D 199 58.05 -44.80 -7.53
CA ASP D 199 57.75 -46.00 -6.74
C ASP D 199 58.90 -46.21 -5.75
N PHE D 200 60.09 -45.73 -6.12
CA PHE D 200 61.31 -45.93 -5.33
C PHE D 200 61.64 -44.71 -4.48
N SER D 201 60.64 -43.84 -4.32
CA SER D 201 60.75 -42.59 -3.54
C SER D 201 61.02 -42.85 -2.07
N HIS D 202 60.74 -44.08 -1.62
CA HIS D 202 61.09 -44.54 -0.24
C HIS D 202 62.55 -44.97 -0.02
N LEU D 203 63.33 -45.05 -1.09
CA LEU D 203 64.75 -45.31 -0.99
C LEU D 203 65.42 -43.95 -1.08
N GLU D 204 66.77 -43.90 -1.07
CA GLU D 204 67.50 -42.64 -1.21
C GLU D 204 67.48 -42.22 -2.65
N HIS D 205 67.79 -40.96 -2.94
CA HIS D 205 67.94 -40.59 -4.35
C HIS D 205 69.04 -41.44 -5.06
N ARG D 206 70.26 -41.52 -4.49
CA ARG D 206 71.34 -42.17 -5.20
C ARG D 206 70.96 -43.58 -5.57
N ASP D 207 70.02 -44.13 -4.80
CA ASP D 207 69.52 -45.52 -4.97
C ASP D 207 68.85 -45.93 -6.31
N LEU D 208 68.47 -44.95 -7.10
CA LEU D 208 67.86 -45.14 -8.39
C LEU D 208 68.92 -45.44 -9.43
N ILE D 209 70.18 -45.22 -9.08
CA ILE D 209 71.16 -45.33 -10.12
C ILE D 209 71.29 -46.77 -10.61
N PRO D 210 71.43 -47.72 -9.72
CA PRO D 210 71.53 -49.11 -10.16
C PRO D 210 70.20 -49.62 -10.75
N ILE D 211 69.11 -49.12 -10.20
CA ILE D 211 67.78 -49.46 -10.70
C ILE D 211 67.58 -49.07 -12.17
N ILE D 212 67.88 -47.83 -12.53
CA ILE D 212 67.78 -47.39 -13.91
C ILE D 212 68.76 -48.15 -14.81
N ALA D 213 70.01 -48.31 -14.37
CA ALA D 213 71.06 -48.91 -15.20
C ALA D 213 70.82 -50.37 -15.48
N ALA D 214 69.98 -51.00 -14.66
CA ALA D 214 69.62 -52.39 -14.91
C ALA D 214 68.75 -52.53 -16.16
N LEU D 215 68.21 -51.42 -16.61
CA LEU D 215 67.29 -51.45 -17.74
C LEU D 215 68.01 -51.60 -19.04
N GLU D 216 69.32 -51.41 -19.07
CA GLU D 216 69.98 -51.38 -20.36
C GLU D 216 69.85 -52.73 -21.09
N TYR D 217 70.03 -53.86 -20.42
CA TYR D 217 69.87 -55.13 -21.13
C TYR D 217 68.47 -55.75 -20.92
N ASN D 218 67.60 -55.03 -20.22
CA ASN D 218 66.34 -55.64 -19.85
C ASN D 218 65.33 -55.57 -20.98
N GLN D 219 64.73 -56.72 -21.22
CA GLN D 219 63.84 -56.92 -22.36
C GLN D 219 62.37 -56.73 -22.10
N TRP D 220 62.04 -56.43 -20.85
CA TRP D 220 60.65 -56.37 -20.38
C TRP D 220 60.15 -54.95 -20.41
N PHE D 221 60.81 -54.06 -19.67
CA PHE D 221 60.30 -52.70 -19.49
C PHE D 221 60.42 -51.92 -20.79
N THR D 222 59.27 -51.40 -21.23
CA THR D 222 59.19 -50.51 -22.38
C THR D 222 59.02 -49.04 -22.06
N LYS D 223 58.84 -48.70 -20.81
CA LYS D 223 58.54 -47.30 -20.51
C LYS D 223 59.26 -46.89 -19.25
N LEU D 224 60.01 -45.80 -19.28
CA LEU D 224 60.66 -45.25 -18.08
C LEU D 224 60.17 -43.84 -17.81
N SER D 225 59.68 -43.59 -16.60
CA SER D 225 58.93 -42.38 -16.32
C SER D 225 59.19 -41.80 -14.91
N SER D 226 59.19 -40.48 -14.78
CA SER D 226 59.24 -39.80 -13.49
C SER D 226 58.56 -38.41 -13.70
N LYS D 227 57.78 -37.92 -12.74
CA LYS D 227 57.24 -36.56 -12.84
C LYS D 227 57.44 -35.87 -11.53
N ASP D 228 57.83 -34.62 -11.59
CA ASP D 228 57.98 -33.78 -10.40
C ASP D 228 59.11 -34.21 -9.48
N LEU D 229 60.08 -34.97 -9.99
CA LEU D 229 61.21 -35.35 -9.17
C LEU D 229 62.36 -34.74 -9.83
N LYS D 230 63.08 -33.88 -9.11
CA LYS D 230 64.28 -33.25 -9.67
C LYS D 230 65.43 -34.29 -9.65
N LEU D 231 65.92 -34.63 -10.84
CA LEU D 231 66.78 -35.77 -11.04
C LEU D 231 68.22 -35.34 -10.99
N SER D 232 69.02 -36.14 -10.31
CA SER D 232 70.40 -35.80 -9.99
C SER D 232 71.27 -36.08 -11.15
N THR D 233 72.43 -35.44 -11.14
CA THR D 233 73.33 -35.51 -12.27
C THR D 233 73.64 -36.97 -12.64
N ASP D 234 73.85 -37.81 -11.62
CA ASP D 234 74.27 -39.21 -11.79
C ASP D 234 73.12 -40.07 -12.23
N VAL D 235 71.92 -39.72 -11.73
CA VAL D 235 70.70 -40.37 -12.21
C VAL D 235 70.51 -40.15 -13.71
N CYS D 236 70.62 -38.89 -14.09
CA CYS D 236 70.59 -38.57 -15.48
C CYS D 236 71.63 -39.33 -16.28
N GLU D 237 72.86 -39.40 -15.79
CA GLU D 237 73.88 -40.07 -16.59
C GLU D 237 73.33 -41.46 -16.92
N GLN D 238 72.64 -42.07 -15.96
CA GLN D 238 72.11 -43.41 -16.18
C GLN D 238 70.94 -43.46 -17.13
N ILE D 239 70.06 -42.48 -17.04
CA ILE D 239 68.94 -42.45 -17.96
C ILE D 239 69.53 -42.42 -19.36
N LEU D 240 70.35 -41.41 -19.61
CA LEU D 240 71.05 -41.25 -20.87
C LEU D 240 71.67 -42.53 -21.36
N ARG D 241 72.44 -43.22 -20.49
CA ARG D 241 73.13 -44.42 -20.94
C ARG D 241 72.07 -45.43 -21.44
N VAL D 242 70.98 -45.60 -20.66
CA VAL D 242 69.93 -46.56 -21.05
C VAL D 242 69.36 -46.23 -22.40
N VAL D 243 69.25 -44.92 -22.69
CA VAL D 243 68.71 -44.48 -23.97
C VAL D 243 69.69 -44.76 -25.06
N SER D 244 70.99 -44.73 -24.75
CA SER D 244 72.05 -45.01 -25.73
C SER D 244 72.01 -46.46 -26.17
N ARG D 245 71.97 -47.35 -25.18
CA ARG D 245 72.02 -48.77 -25.43
C ARG D 245 70.69 -49.57 -25.55
N SER D 246 69.55 -49.02 -25.14
CA SER D 246 68.34 -49.87 -25.06
C SER D 246 67.59 -49.93 -26.38
N ASN D 247 67.44 -51.15 -26.88
CA ASN D 247 66.65 -51.37 -28.08
C ASN D 247 65.20 -51.54 -27.71
N ARG D 248 64.94 -51.79 -26.43
CA ARG D 248 63.59 -52.11 -25.95
C ARG D 248 62.77 -50.91 -25.44
N LEU D 249 63.37 -49.73 -25.26
CA LEU D 249 62.68 -48.69 -24.51
C LEU D 249 61.86 -47.86 -25.46
N GLU D 250 60.55 -47.99 -25.38
CA GLU D 250 59.63 -47.20 -26.24
C GLU D 250 59.26 -45.77 -25.78
N GLU D 251 59.23 -45.54 -24.47
CA GLU D 251 58.65 -44.30 -23.94
C GLU D 251 59.42 -43.70 -22.82
N LEU D 252 59.82 -42.46 -22.99
CA LEU D 252 60.57 -41.74 -21.97
C LEU D 252 59.77 -40.56 -21.46
N VAL D 253 59.51 -40.50 -20.16
CA VAL D 253 58.81 -39.38 -19.59
C VAL D 253 59.58 -38.85 -18.42
N LEU D 254 60.14 -37.64 -18.54
CA LEU D 254 60.82 -37.02 -17.40
C LEU D 254 60.26 -35.65 -17.29
N GLU D 255 59.31 -35.47 -16.39
CA GLU D 255 58.44 -34.30 -16.42
C GLU D 255 58.78 -33.43 -15.24
N ASN D 256 58.90 -32.14 -15.46
CA ASN D 256 59.25 -31.24 -14.40
C ASN D 256 60.37 -31.81 -13.57
N ALA D 257 61.38 -32.33 -14.25
CA ALA D 257 62.53 -32.90 -13.53
C ALA D 257 63.70 -31.90 -13.36
N GLY D 258 63.49 -30.64 -13.75
CA GLY D 258 64.57 -29.66 -13.66
C GLY D 258 65.81 -30.03 -14.47
N LEU D 259 65.58 -30.78 -15.55
CA LEU D 259 66.56 -30.91 -16.59
C LEU D 259 66.73 -29.53 -17.20
N ARG D 260 67.87 -29.31 -17.84
CA ARG D 260 68.07 -28.09 -18.60
C ARG D 260 68.77 -28.40 -19.91
N ILE D 261 69.07 -27.33 -20.60
CA ILE D 261 69.62 -27.37 -21.90
C ILE D 261 70.78 -28.37 -22.12
N ASP D 262 71.69 -28.56 -21.16
CA ASP D 262 72.83 -29.48 -21.36
C ASP D 262 72.36 -30.92 -21.46
N PHE D 263 71.33 -31.24 -20.66
CA PHE D 263 70.67 -32.54 -20.67
C PHE D 263 69.93 -32.83 -21.98
N ALA D 264 69.20 -31.82 -22.47
CA ALA D 264 68.64 -31.91 -23.79
C ALA D 264 69.71 -32.34 -24.82
N GLN D 265 70.88 -31.69 -24.79
CA GLN D 265 71.96 -32.02 -25.72
C GLN D 265 72.50 -33.43 -25.51
N LYS D 266 72.74 -33.81 -24.25
CA LYS D 266 73.27 -35.13 -23.96
C LYS D 266 72.28 -36.19 -24.50
N LEU D 267 70.99 -35.86 -24.51
CA LEU D 267 69.97 -36.83 -24.92
C LEU D 267 69.99 -36.94 -26.42
N ALA D 268 70.09 -35.79 -27.09
CA ALA D 268 70.35 -35.81 -28.51
C ALA D 268 71.49 -36.80 -28.72
N GLY D 269 72.52 -36.66 -27.89
CA GLY D 269 73.73 -37.48 -28.03
C GLY D 269 73.34 -38.95 -28.01
N ALA D 270 72.64 -39.36 -26.96
CA ALA D 270 72.30 -40.76 -26.73
C ALA D 270 71.51 -41.33 -27.91
N LEU D 271 70.65 -40.52 -28.50
CA LEU D 271 69.79 -40.95 -29.58
C LEU D 271 70.61 -41.18 -30.83
N ALA D 272 71.53 -40.25 -31.09
CA ALA D 272 72.35 -40.33 -32.29
C ALA D 272 73.11 -41.65 -32.25
N HIS D 273 73.77 -41.81 -31.10
CA HIS D 273 74.49 -42.98 -30.66
C HIS D 273 73.78 -44.32 -30.79
N ASN D 274 72.47 -44.33 -30.70
CA ASN D 274 71.80 -45.60 -30.65
C ASN D 274 71.38 -46.08 -32.05
N PRO D 275 71.97 -47.21 -32.50
CA PRO D 275 71.66 -47.71 -33.86
C PRO D 275 70.15 -47.88 -34.13
N ASN D 276 69.43 -48.55 -33.22
CA ASN D 276 67.99 -48.59 -33.32
C ASN D 276 67.34 -48.22 -32.00
N SER D 277 66.84 -46.99 -31.86
CA SER D 277 66.06 -46.72 -30.70
C SER D 277 64.66 -47.31 -30.92
N GLY D 278 64.01 -47.66 -29.82
CA GLY D 278 62.63 -48.09 -29.84
C GLY D 278 61.66 -46.96 -29.47
N LEU D 279 62.16 -45.73 -29.42
CA LEU D 279 61.53 -44.62 -28.71
C LEU D 279 60.56 -43.96 -29.65
N HIS D 280 59.26 -44.15 -29.42
CA HIS D 280 58.24 -43.34 -30.11
C HIS D 280 57.50 -42.31 -29.30
N THR D 281 57.67 -42.30 -27.97
CA THR D 281 56.91 -41.39 -27.11
C THR D 281 57.78 -40.64 -26.13
N ILE D 282 57.77 -39.30 -26.16
CA ILE D 282 58.71 -38.52 -25.33
C ILE D 282 57.94 -37.41 -24.66
N ASN D 283 58.10 -37.28 -23.34
CA ASN D 283 57.45 -36.20 -22.59
C ASN D 283 58.43 -35.57 -21.61
N LEU D 284 58.90 -34.37 -21.95
CA LEU D 284 59.85 -33.66 -21.10
C LEU D 284 59.31 -32.31 -20.66
N ALA D 285 58.01 -32.25 -20.41
CA ALA D 285 57.38 -31.01 -19.97
C ALA D 285 57.75 -30.65 -18.55
N GLY D 286 58.06 -29.38 -18.32
CA GLY D 286 58.42 -28.90 -16.99
C GLY D 286 59.86 -28.45 -16.88
N ASN D 287 60.69 -28.93 -17.81
CA ASN D 287 62.11 -28.58 -17.82
C ASN D 287 62.42 -27.56 -18.92
N SER D 288 63.09 -26.47 -18.54
CA SER D 288 63.45 -25.46 -19.50
C SER D 288 64.65 -25.92 -20.24
N LEU D 289 64.44 -26.87 -21.12
CA LEU D 289 65.46 -27.24 -22.04
C LEU D 289 65.10 -26.41 -23.23
N GLU D 290 65.90 -25.42 -23.55
CA GLU D 290 65.47 -24.37 -24.42
C GLU D 290 65.59 -24.65 -25.86
N ASP D 291 65.49 -23.62 -26.68
CA ASP D 291 65.35 -23.77 -28.10
C ASP D 291 66.53 -24.57 -28.54
N ARG D 292 67.67 -24.29 -27.95
CA ARG D 292 68.88 -24.94 -28.35
C ARG D 292 68.82 -26.43 -28.13
N GLY D 293 68.33 -26.82 -26.97
CA GLY D 293 68.19 -28.23 -26.69
C GLY D 293 67.19 -28.86 -27.60
N VAL D 294 66.07 -28.21 -27.77
CA VAL D 294 65.04 -28.74 -28.62
C VAL D 294 65.56 -28.71 -30.02
N SER D 295 66.44 -27.77 -30.33
CA SER D 295 66.95 -27.82 -31.69
C SER D 295 67.90 -29.03 -31.84
N SER D 296 68.78 -29.21 -30.85
CA SER D 296 69.60 -30.42 -30.81
C SER D 296 68.70 -31.66 -30.98
N LEU D 297 67.70 -31.76 -30.10
CA LEU D 297 66.85 -32.92 -30.08
C LEU D 297 66.28 -33.12 -31.46
N SER D 298 65.46 -32.17 -31.87
CA SER D 298 64.63 -32.34 -33.05
C SER D 298 65.46 -32.89 -34.20
N ILE D 299 66.73 -32.43 -34.28
CA ILE D 299 67.66 -32.85 -35.32
C ILE D 299 67.67 -34.36 -35.43
N GLN D 300 67.66 -34.99 -34.25
CA GLN D 300 67.61 -36.44 -34.08
C GLN D 300 66.22 -37.06 -34.16
N PHE D 301 65.22 -36.27 -33.78
CA PHE D 301 63.83 -36.66 -34.00
C PHE D 301 63.57 -36.86 -35.52
N ALA D 302 64.26 -36.05 -36.33
CA ALA D 302 64.10 -36.12 -37.78
C ALA D 302 64.55 -37.48 -38.24
N LYS D 303 65.73 -37.92 -37.77
CA LYS D 303 66.22 -39.25 -38.16
C LYS D 303 65.99 -40.19 -36.99
N LEU D 304 64.82 -40.80 -36.97
CA LEU D 304 64.50 -41.66 -35.88
C LEU D 304 63.90 -42.79 -36.63
N PRO D 305 64.28 -44.02 -36.26
CA PRO D 305 63.77 -45.14 -37.06
C PRO D 305 62.26 -45.23 -37.02
N LYS D 306 61.68 -45.03 -35.84
CA LYS D 306 60.26 -45.30 -35.67
C LYS D 306 59.23 -44.16 -35.95
N GLY D 307 59.67 -42.89 -35.89
CA GLY D 307 58.77 -41.75 -36.08
C GLY D 307 57.98 -41.61 -34.79
N LEU D 308 57.64 -40.38 -34.42
CA LEU D 308 57.18 -40.14 -33.03
C LEU D 308 55.71 -40.40 -32.93
N LYS D 309 55.29 -41.09 -31.86
CA LYS D 309 53.85 -41.23 -31.65
C LYS D 309 53.23 -40.03 -30.93
N HIS D 310 53.93 -39.58 -29.93
CA HIS D 310 53.39 -38.68 -28.94
C HIS D 310 54.53 -37.84 -28.42
N LEU D 311 54.40 -36.53 -28.45
CA LEU D 311 55.52 -35.71 -28.07
C LEU D 311 54.95 -34.63 -27.18
N ASN D 312 55.33 -34.57 -25.92
CA ASN D 312 54.91 -33.45 -25.11
C ASN D 312 56.10 -32.63 -24.70
N LEU D 313 56.24 -31.45 -25.28
CA LEU D 313 57.28 -30.44 -24.89
C LEU D 313 56.76 -29.23 -24.13
N SER D 314 55.71 -29.44 -23.37
CA SER D 314 55.03 -28.38 -22.66
C SER D 314 55.96 -27.58 -21.79
N LYS D 315 55.80 -26.26 -21.74
CA LYS D 315 56.50 -25.53 -20.69
C LYS D 315 57.99 -25.97 -20.68
N THR D 316 58.53 -26.13 -21.88
CA THR D 316 59.95 -26.34 -22.09
C THR D 316 60.70 -25.00 -22.42
N SER D 317 60.05 -23.84 -22.27
CA SER D 317 60.72 -22.55 -22.41
C SER D 317 61.15 -22.33 -23.84
N LEU D 318 60.38 -22.85 -24.76
CA LEU D 318 60.58 -22.55 -26.18
C LEU D 318 60.10 -21.14 -26.61
N SER D 319 60.83 -20.67 -27.61
CA SER D 319 60.61 -19.46 -28.33
C SER D 319 59.81 -19.91 -29.48
N PRO D 320 59.40 -18.86 -30.30
CA PRO D 320 58.93 -19.32 -31.60
C PRO D 320 60.11 -19.92 -32.33
N LYS D 321 61.30 -19.45 -32.01
CA LYS D 321 62.46 -19.86 -32.78
C LYS D 321 62.58 -21.34 -32.61
N GLY D 322 62.44 -21.79 -31.38
CA GLY D 322 62.60 -23.19 -31.11
C GLY D 322 61.58 -24.03 -31.81
N VAL D 323 60.33 -23.55 -31.78
CA VAL D 323 59.20 -24.30 -32.30
C VAL D 323 59.32 -24.58 -33.80
N ASN D 324 59.79 -23.59 -34.55
CA ASN D 324 59.95 -23.74 -35.98
C ASN D 324 60.94 -24.85 -36.31
N SER D 325 62.01 -24.90 -35.53
CA SER D 325 63.05 -25.92 -35.72
C SER D 325 62.50 -27.33 -35.50
N LEU D 326 61.65 -27.50 -34.50
CA LEU D 326 61.12 -28.81 -34.18
C LEU D 326 60.12 -29.26 -35.21
N CYS D 327 59.29 -28.32 -35.61
CA CYS D 327 58.32 -28.57 -36.62
C CYS D 327 59.02 -28.87 -37.90
N GLN D 328 60.13 -28.20 -38.14
CA GLN D 328 60.79 -28.40 -39.42
C GLN D 328 61.42 -29.77 -39.43
N SER D 329 62.01 -30.08 -38.28
CA SER D 329 62.57 -31.40 -38.02
C SER D 329 61.51 -32.49 -38.04
N LEU D 330 60.30 -32.24 -37.56
CA LEU D 330 59.26 -33.26 -37.57
C LEU D 330 58.84 -33.58 -39.00
N SER D 331 58.65 -32.53 -39.80
CA SER D 331 58.26 -32.72 -41.19
C SER D 331 59.42 -33.26 -42.01
N ALA D 332 60.64 -33.02 -41.56
CA ALA D 332 61.80 -33.67 -42.20
C ALA D 332 61.68 -35.21 -42.24
N ASN D 333 61.36 -35.83 -41.10
CA ASN D 333 61.12 -37.27 -41.04
C ASN D 333 59.86 -37.59 -41.88
N PRO D 334 60.00 -38.54 -42.82
CA PRO D 334 58.84 -38.91 -43.65
C PRO D 334 57.73 -39.55 -42.79
N LEU D 335 58.09 -40.15 -41.65
CA LEU D 335 57.10 -40.87 -40.83
C LEU D 335 56.17 -40.04 -39.92
N THR D 336 56.69 -38.99 -39.30
CA THR D 336 55.94 -38.32 -38.23
C THR D 336 54.53 -38.02 -38.70
N ALA D 337 54.39 -37.67 -39.98
CA ALA D 337 53.08 -37.42 -40.58
C ALA D 337 52.10 -38.61 -40.39
N SER D 338 52.56 -39.83 -40.64
CA SER D 338 51.75 -41.04 -40.42
C SER D 338 51.82 -41.64 -39.02
N THR D 339 52.79 -41.23 -38.20
CA THR D 339 52.91 -41.86 -36.85
C THR D 339 52.50 -40.99 -35.66
N LEU D 340 52.47 -39.67 -35.84
CA LEU D 340 52.40 -38.75 -34.70
C LEU D 340 50.98 -38.44 -34.41
N THR D 341 50.48 -38.99 -33.31
CA THR D 341 49.11 -38.77 -32.91
C THR D 341 48.85 -37.72 -31.82
N HIS D 342 49.88 -37.28 -31.07
CA HIS D 342 49.68 -36.36 -29.94
C HIS D 342 50.79 -35.33 -29.86
N LEU D 343 50.48 -34.06 -29.91
CA LEU D 343 51.52 -33.02 -29.93
C LEU D 343 51.13 -31.96 -28.94
N ASP D 344 51.89 -31.79 -27.87
CA ASP D 344 51.58 -30.77 -26.89
C ASP D 344 52.74 -29.85 -26.72
N LEU D 345 52.60 -28.63 -27.23
CA LEU D 345 53.65 -27.62 -27.18
C LEU D 345 53.34 -26.51 -26.18
N SER D 346 52.35 -26.74 -25.32
CA SER D 346 51.84 -25.73 -24.42
C SER D 346 52.88 -25.25 -23.39
N GLY D 347 52.76 -23.99 -23.00
CA GLY D 347 53.70 -23.36 -22.09
C GLY D 347 54.89 -22.71 -22.78
N ASN D 348 54.88 -22.73 -24.11
CA ASN D 348 55.91 -22.04 -24.89
C ASN D 348 55.27 -20.96 -25.76
N ALA D 349 55.84 -19.75 -25.72
CA ALA D 349 55.24 -18.63 -26.47
C ALA D 349 55.47 -18.63 -27.97
N LEU D 350 54.42 -18.63 -28.77
CA LEU D 350 54.53 -18.53 -30.21
C LEU D 350 54.17 -17.15 -30.80
N ARG D 351 54.19 -16.12 -29.99
CA ARG D 351 53.92 -14.81 -30.54
C ARG D 351 55.28 -14.20 -30.77
N GLY D 352 55.50 -13.78 -32.00
CA GLY D 352 56.82 -13.49 -32.52
C GLY D 352 56.99 -13.90 -33.97
N ASP D 353 58.16 -14.47 -34.25
CA ASP D 353 58.62 -14.82 -35.57
C ASP D 353 57.82 -15.93 -36.16
N ASP D 354 58.05 -16.20 -37.44
CA ASP D 354 57.15 -17.02 -38.22
C ASP D 354 57.00 -18.45 -37.70
N LEU D 355 55.75 -18.90 -37.68
CA LEU D 355 55.39 -20.25 -37.28
C LEU D 355 55.04 -21.06 -38.53
N SER D 356 55.41 -20.53 -39.68
CA SER D 356 55.00 -21.09 -40.96
C SER D 356 55.50 -22.51 -41.12
N HIS D 357 56.73 -22.77 -40.66
CA HIS D 357 57.24 -24.11 -40.69
C HIS D 357 56.37 -24.97 -39.82
N MSE D 358 55.98 -24.44 -38.67
CA MSE D 358 55.04 -25.12 -37.80
C MSE D 358 53.72 -25.24 -38.50
O MSE D 358 53.08 -26.31 -38.45
CB MSE D 358 54.87 -24.32 -36.52
CG MSE D 358 53.73 -24.86 -35.67
SE MSE D 358 53.13 -23.48 -34.40
CE MSE D 358 54.09 -24.14 -32.80
N TYR D 359 53.29 -24.16 -39.16
CA TYR D 359 52.04 -24.16 -39.92
C TYR D 359 52.15 -25.14 -41.08
N ASN D 360 53.33 -25.14 -41.71
CA ASN D 360 53.60 -26.01 -42.82
C ASN D 360 53.52 -27.43 -42.36
N PHE D 361 53.96 -27.71 -41.15
CA PHE D 361 53.85 -29.05 -40.64
C PHE D 361 52.44 -29.45 -40.35
N LEU D 362 51.70 -28.54 -39.74
CA LEU D 362 50.37 -28.85 -39.32
C LEU D 362 49.61 -29.09 -40.58
N ALA D 363 49.92 -28.27 -41.57
CA ALA D 363 49.25 -28.28 -42.86
C ALA D 363 49.39 -29.58 -43.71
N GLN D 364 50.49 -30.32 -43.61
CA GLN D 364 50.60 -31.56 -44.39
C GLN D 364 49.68 -32.54 -43.74
N PRO D 365 48.80 -33.20 -44.53
CA PRO D 365 47.84 -34.14 -43.92
C PRO D 365 48.58 -35.09 -43.06
N ASN D 366 48.02 -35.24 -41.85
CA ASN D 366 48.72 -35.96 -40.80
C ASN D 366 47.75 -36.74 -39.92
N THR D 367 48.32 -37.57 -39.08
CA THR D 367 47.52 -38.45 -38.28
C THR D 367 47.23 -37.93 -36.85
N ILE D 368 47.62 -36.67 -36.55
CA ILE D 368 47.49 -36.06 -35.21
C ILE D 368 46.03 -36.10 -34.70
N VAL D 369 45.84 -36.73 -33.55
CA VAL D 369 44.57 -36.76 -32.81
C VAL D 369 44.34 -35.69 -31.73
N HIS D 370 45.41 -35.18 -31.14
CA HIS D 370 45.34 -34.32 -29.94
C HIS D 370 46.36 -33.24 -30.22
N LEU D 371 45.96 -31.99 -30.30
CA LEU D 371 46.92 -30.92 -30.53
C LEU D 371 46.73 -29.96 -29.41
N ASP D 372 47.78 -29.61 -28.70
CA ASP D 372 47.55 -28.73 -27.56
C ASP D 372 48.53 -27.58 -27.71
N LEU D 373 47.97 -26.42 -28.08
CA LEU D 373 48.76 -25.19 -28.19
C LEU D 373 48.47 -24.15 -27.10
N SER D 374 47.68 -24.52 -26.11
CA SER D 374 47.25 -23.62 -25.07
C SER D 374 48.36 -22.82 -24.32
N ASN D 375 47.96 -21.65 -23.76
CA ASN D 375 48.85 -20.67 -23.15
C ASN D 375 50.04 -20.46 -24.02
N THR D 376 49.82 -20.57 -25.33
CA THR D 376 50.90 -20.31 -26.25
C THR D 376 50.74 -18.92 -26.89
N GLU D 377 49.58 -18.32 -26.62
CA GLU D 377 49.27 -17.02 -27.25
C GLU D 377 49.41 -17.07 -28.77
N CYS D 378 49.05 -18.20 -29.36
CA CYS D 378 49.21 -18.41 -30.78
C CYS D 378 48.17 -17.61 -31.59
N SER D 379 48.23 -17.72 -32.92
CA SER D 379 47.22 -17.07 -33.77
C SER D 379 46.18 -18.11 -34.19
N LEU D 380 44.96 -17.93 -33.66
CA LEU D 380 43.81 -18.77 -34.04
C LEU D 380 43.65 -18.82 -35.56
N GLU D 381 43.59 -17.64 -36.17
CA GLU D 381 43.25 -17.54 -37.59
C GLU D 381 44.28 -18.25 -38.49
N MSE D 382 45.53 -18.26 -38.01
CA MSE D 382 46.64 -18.89 -38.69
C MSE D 382 46.72 -20.38 -38.45
O MSE D 382 47.02 -21.17 -39.39
CB MSE D 382 47.91 -18.19 -38.26
CG MSE D 382 47.85 -16.72 -38.73
SE MSE D 382 48.64 -16.58 -40.64
CE MSE D 382 49.26 -18.44 -41.18
N VAL D 383 46.48 -20.77 -37.20
CA VAL D 383 46.51 -22.19 -36.85
C VAL D 383 45.40 -22.94 -37.60
N CYS D 384 44.20 -22.46 -37.40
CA CYS D 384 43.07 -23.05 -38.10
C CYS D 384 43.36 -22.99 -39.61
N SER D 385 43.89 -21.88 -40.14
CA SER D 385 44.18 -21.92 -41.58
C SER D 385 44.93 -23.30 -41.85
N ALA D 386 45.98 -23.58 -41.04
CA ALA D 386 46.73 -24.82 -41.29
C ALA D 386 45.91 -26.12 -41.03
N LEU D 387 45.13 -26.11 -39.95
CA LEU D 387 44.48 -27.33 -39.50
C LEU D 387 43.50 -27.71 -40.60
N LEU D 388 43.11 -26.69 -41.37
CA LEU D 388 42.10 -26.81 -42.42
C LEU D 388 42.60 -27.68 -43.50
N ARG D 389 43.87 -27.41 -43.85
CA ARG D 389 44.56 -28.32 -44.78
C ARG D 389 44.87 -29.73 -44.24
N GLY D 390 45.55 -29.76 -43.11
CA GLY D 390 45.95 -31.01 -42.51
C GLY D 390 45.04 -31.98 -41.81
N CYS D 391 44.30 -31.49 -40.84
CA CYS D 391 43.79 -32.29 -39.77
C CYS D 391 42.39 -32.81 -39.86
N LEU D 392 41.74 -32.61 -40.98
CA LEU D 392 40.34 -32.89 -41.06
C LEU D 392 40.15 -34.34 -40.73
N GLN D 393 41.01 -35.21 -41.21
CA GLN D 393 40.80 -36.64 -41.06
C GLN D 393 40.84 -37.21 -39.66
N CYS D 394 41.79 -36.78 -38.85
CA CYS D 394 41.97 -37.40 -37.55
C CYS D 394 41.82 -36.56 -36.32
N LEU D 395 41.96 -35.24 -36.42
CA LEU D 395 42.11 -34.44 -35.23
C LEU D 395 40.88 -34.49 -34.39
N ALA D 396 41.02 -34.84 -33.13
CA ALA D 396 39.87 -34.93 -32.26
C ALA D 396 39.83 -33.89 -31.16
N VAL D 397 40.89 -33.77 -30.39
CA VAL D 397 40.89 -32.84 -29.28
C VAL D 397 41.83 -31.69 -29.56
N LEU D 398 41.33 -30.49 -29.64
CA LEU D 398 42.21 -29.39 -29.93
C LEU D 398 42.11 -28.40 -28.83
N ASN D 399 43.24 -28.06 -28.24
CA ASN D 399 43.24 -27.08 -27.19
C ASN D 399 43.96 -25.83 -27.56
N LEU D 400 43.20 -24.78 -27.70
CA LEU D 400 43.71 -23.42 -28.02
C LEU D 400 43.56 -22.38 -26.87
N SER D 401 43.22 -22.84 -25.67
CA SER D 401 42.90 -21.89 -24.60
C SER D 401 43.98 -20.82 -24.51
N ARG D 402 43.55 -19.61 -24.22
CA ARG D 402 44.38 -18.44 -24.02
C ARG D 402 45.20 -18.01 -25.20
N SER D 403 44.68 -18.20 -26.40
CA SER D 403 45.36 -17.75 -27.59
C SER D 403 45.01 -16.33 -27.93
N VAL D 404 45.35 -15.91 -29.14
CA VAL D 404 44.85 -14.67 -29.72
C VAL D 404 44.24 -14.96 -31.06
N PHE D 405 43.14 -14.30 -31.41
CA PHE D 405 42.58 -14.52 -32.72
C PHE D 405 43.50 -14.07 -33.82
N SER D 406 44.07 -12.88 -33.68
CA SER D 406 45.12 -12.48 -34.60
C SER D 406 46.11 -11.48 -34.04
N HIS D 407 47.35 -11.70 -34.42
CA HIS D 407 48.46 -10.82 -34.19
C HIS D 407 48.37 -9.54 -34.97
N ARG D 408 47.91 -9.62 -36.20
CA ARG D 408 47.88 -8.47 -37.06
C ARG D 408 47.03 -7.44 -36.36
N LYS D 409 47.46 -6.19 -36.37
CA LYS D 409 46.75 -5.19 -35.60
C LYS D 409 45.34 -5.05 -36.10
N GLY D 410 45.18 -5.07 -37.41
CA GLY D 410 43.88 -4.88 -38.02
C GLY D 410 42.93 -6.03 -37.84
N LYS D 411 41.64 -5.72 -37.78
CA LYS D 411 40.65 -6.76 -37.75
C LYS D 411 40.23 -7.09 -39.16
N GLU D 412 40.31 -8.36 -39.51
CA GLU D 412 39.68 -8.93 -40.68
C GLU D 412 39.60 -10.42 -40.38
N VAL D 413 38.68 -11.15 -40.98
CA VAL D 413 38.56 -12.57 -40.65
C VAL D 413 38.59 -13.51 -41.83
N PRO D 414 39.49 -14.49 -41.83
CA PRO D 414 39.59 -15.34 -43.01
C PRO D 414 38.57 -16.47 -42.95
N PRO D 415 38.16 -16.89 -44.12
CA PRO D 415 37.22 -18.01 -44.29
C PRO D 415 37.86 -19.34 -43.86
N SER D 416 39.20 -19.36 -43.74
CA SER D 416 39.98 -20.53 -43.30
C SER D 416 39.33 -21.01 -42.01
N PHE D 417 39.05 -20.03 -41.16
CA PHE D 417 38.57 -20.25 -39.82
C PHE D 417 37.24 -21.00 -39.84
N LYS D 418 36.20 -20.37 -40.38
CA LYS D 418 34.88 -21.02 -40.39
C LYS D 418 34.94 -22.36 -41.13
N GLN D 419 35.74 -22.38 -42.17
CA GLN D 419 35.73 -23.52 -43.09
C GLN D 419 36.21 -24.78 -42.37
N PHE D 420 37.25 -24.61 -41.55
CA PHE D 420 37.84 -25.69 -40.77
C PHE D 420 36.80 -26.41 -39.98
N PHE D 421 36.02 -25.60 -39.24
CA PHE D 421 35.00 -26.17 -38.37
C PHE D 421 33.88 -26.72 -39.20
N SER D 422 33.64 -26.17 -40.39
CA SER D 422 32.65 -26.78 -41.29
C SER D 422 33.18 -28.15 -41.75
N SER D 423 34.50 -28.19 -41.93
CA SER D 423 35.18 -29.29 -42.64
C SER D 423 35.73 -30.43 -41.78
N SER D 424 35.86 -30.23 -40.47
CA SER D 424 36.53 -31.25 -39.66
C SER D 424 35.70 -32.51 -39.56
N LEU D 425 36.34 -33.64 -39.78
CA LEU D 425 35.64 -34.89 -39.70
C LEU D 425 35.75 -35.57 -38.35
N ALA D 426 36.58 -35.07 -37.46
CA ALA D 426 36.75 -35.76 -36.19
C ALA D 426 36.57 -35.02 -34.90
N LEU D 427 36.38 -33.72 -34.90
CA LEU D 427 36.46 -32.98 -33.67
C LEU D 427 35.46 -33.48 -32.70
N ILE D 428 35.90 -33.69 -31.48
CA ILE D 428 35.01 -34.08 -30.45
C ILE D 428 35.21 -33.22 -29.22
N GLN D 429 36.26 -32.43 -29.19
CA GLN D 429 36.52 -31.51 -28.09
C GLN D 429 37.19 -30.30 -28.62
N ILE D 430 36.75 -29.11 -28.26
CA ILE D 430 37.42 -27.90 -28.67
C ILE D 430 37.51 -27.02 -27.49
N ASN D 431 38.69 -26.53 -27.18
CA ASN D 431 38.84 -25.61 -26.08
C ASN D 431 39.44 -24.29 -26.53
N LEU D 432 38.63 -23.24 -26.58
CA LEU D 432 39.11 -21.87 -26.84
C LEU D 432 39.18 -20.98 -25.60
N SER D 433 38.95 -21.55 -24.43
CA SER D 433 38.76 -20.75 -23.22
C SER D 433 39.84 -19.72 -23.10
N GLY D 434 39.49 -18.55 -22.58
CA GLY D 434 40.46 -17.57 -22.13
C GLY D 434 40.98 -16.67 -23.24
N THR D 435 40.32 -16.71 -24.38
CA THR D 435 40.78 -15.93 -25.55
C THR D 435 39.66 -15.04 -26.06
N LYS D 436 39.92 -13.74 -26.20
CA LYS D 436 38.81 -12.84 -26.53
C LYS D 436 38.20 -13.25 -27.88
N LEU D 437 36.91 -13.54 -27.90
CA LEU D 437 36.26 -13.78 -29.17
C LEU D 437 35.35 -12.57 -29.45
N SER D 438 35.68 -11.82 -30.51
CA SER D 438 34.82 -10.70 -30.93
C SER D 438 33.63 -11.26 -31.70
N PRO D 439 32.70 -10.36 -32.08
CA PRO D 439 31.46 -10.99 -32.56
C PRO D 439 31.67 -11.72 -33.86
N GLU D 440 32.56 -11.18 -34.69
CA GLU D 440 32.72 -11.78 -36.01
C GLU D 440 33.35 -13.19 -35.98
N PRO D 441 34.47 -13.36 -35.25
CA PRO D 441 35.04 -14.71 -35.16
C PRO D 441 34.07 -15.68 -34.47
N LEU D 442 33.43 -15.25 -33.37
CA LEU D 442 32.53 -16.14 -32.64
C LEU D 442 31.44 -16.62 -33.60
N LYS D 443 30.98 -15.70 -34.44
CA LYS D 443 29.87 -16.04 -35.32
C LYS D 443 30.39 -17.06 -36.34
N ALA D 444 31.62 -16.85 -36.77
CA ALA D 444 32.22 -17.72 -37.79
C ALA D 444 32.31 -19.12 -37.24
N LEU D 445 32.64 -19.18 -35.96
CA LEU D 445 32.95 -20.47 -35.35
C LEU D 445 31.69 -21.32 -35.15
N LEU D 446 30.70 -20.64 -34.56
CA LEU D 446 29.45 -21.29 -34.25
C LEU D 446 28.80 -21.73 -35.55
N LEU D 447 28.87 -20.86 -36.58
CA LEU D 447 28.21 -21.12 -37.86
C LEU D 447 28.86 -22.29 -38.55
N GLY D 448 30.19 -22.33 -38.42
CA GLY D 448 30.96 -23.40 -38.99
C GLY D 448 30.55 -24.70 -38.35
N LEU D 449 30.36 -24.69 -37.03
CA LEU D 449 30.04 -25.94 -36.36
C LEU D 449 28.64 -26.40 -36.77
N ALA D 450 27.68 -25.49 -36.73
CA ALA D 450 26.33 -25.75 -37.22
C ALA D 450 26.39 -26.31 -38.66
N CYS D 451 27.25 -25.74 -39.49
CA CYS D 451 27.29 -26.11 -40.90
C CYS D 451 27.86 -27.51 -41.09
N ASN D 452 28.24 -28.16 -40.00
CA ASN D 452 29.03 -29.39 -40.10
C ASN D 452 28.24 -30.65 -39.80
N HIS D 453 28.14 -31.48 -40.84
CA HIS D 453 27.36 -32.70 -40.81
C HIS D 453 28.15 -33.77 -40.12
N SER D 454 29.45 -33.77 -40.32
CA SER D 454 30.27 -34.89 -39.97
C SER D 454 30.42 -35.01 -38.47
N LEU D 455 30.41 -33.88 -37.77
CA LEU D 455 30.64 -33.92 -36.32
C LEU D 455 29.37 -34.29 -35.59
N LYS D 456 29.51 -35.05 -34.50
CA LYS D 456 28.45 -35.20 -33.56
C LYS D 456 29.08 -35.39 -32.18
N GLY D 457 28.42 -34.85 -31.16
CA GLY D 457 28.86 -35.02 -29.80
C GLY D 457 30.03 -34.11 -29.45
N VAL D 458 30.09 -32.95 -30.13
CA VAL D 458 31.15 -31.99 -29.84
C VAL D 458 30.98 -31.33 -28.49
N SER D 459 32.10 -31.05 -27.84
CA SER D 459 32.10 -30.32 -26.59
C SER D 459 33.01 -29.08 -26.77
N LEU D 460 32.48 -27.90 -26.48
CA LEU D 460 33.14 -26.63 -26.75
C LEU D 460 33.34 -25.90 -25.44
N ASP D 461 34.55 -25.47 -25.14
CA ASP D 461 34.81 -24.67 -23.95
C ASP D 461 35.07 -23.23 -24.35
N LEU D 462 34.09 -22.36 -24.14
CA LEU D 462 34.21 -20.91 -24.35
C LEU D 462 34.36 -20.10 -23.06
N SER D 463 34.63 -20.76 -21.94
CA SER D 463 34.72 -20.01 -20.68
C SER D 463 35.69 -18.85 -20.82
N ASN D 464 35.40 -17.75 -20.13
CA ASN D 464 36.29 -16.60 -20.10
C ASN D 464 36.79 -16.16 -21.47
N CYS D 465 35.86 -16.09 -22.42
CA CYS D 465 36.11 -15.55 -23.76
C CYS D 465 35.61 -14.15 -23.99
N GLU D 466 35.25 -13.51 -22.89
CA GLU D 466 34.87 -12.15 -22.91
C GLU D 466 33.61 -12.06 -23.71
N LEU D 467 32.82 -13.12 -23.72
CA LEU D 467 31.69 -13.22 -24.61
C LEU D 467 30.65 -12.15 -24.41
N GLY D 468 30.37 -11.79 -23.17
CA GLY D 468 29.27 -10.90 -22.92
C GLY D 468 29.50 -9.60 -23.63
N HIS D 469 30.70 -9.09 -23.56
CA HIS D 469 31.01 -7.84 -24.21
C HIS D 469 30.76 -8.03 -25.65
N CYS D 470 31.04 -9.21 -26.15
CA CYS D 470 30.78 -9.47 -27.53
C CYS D 470 29.30 -9.31 -27.74
N LEU D 471 28.48 -9.86 -26.86
CA LEU D 471 27.04 -9.80 -27.06
C LEU D 471 26.48 -8.39 -27.00
N ARG D 472 26.90 -7.64 -25.99
CA ARG D 472 26.47 -6.25 -25.85
C ARG D 472 27.02 -5.37 -26.94
N SER D 473 28.26 -5.61 -27.32
CA SER D 473 28.95 -4.85 -28.34
C SER D 473 28.27 -5.11 -29.66
N GLY D 474 27.90 -6.36 -29.86
CA GLY D 474 27.52 -6.85 -31.16
C GLY D 474 26.27 -7.69 -31.08
N GLY D 475 25.70 -7.98 -32.24
CA GLY D 475 24.46 -8.71 -32.29
C GLY D 475 24.77 -10.05 -31.68
N ALA D 476 23.78 -10.72 -31.11
CA ALA D 476 22.36 -10.37 -31.29
C ALA D 476 21.99 -10.52 -32.77
N GLN D 477 22.89 -11.14 -33.51
CA GLN D 477 22.78 -11.55 -34.89
C GLN D 477 23.50 -12.91 -35.00
N VAL D 478 23.65 -13.60 -33.88
CA VAL D 478 24.33 -14.88 -33.85
C VAL D 478 23.38 -15.99 -33.45
N LEU D 479 23.45 -17.10 -34.17
CA LEU D 479 22.64 -18.25 -33.84
C LEU D 479 22.78 -19.36 -34.89
N GLU D 485 19.14 -22.51 -34.41
CA GLU D 485 19.59 -23.38 -33.35
C GLU D 485 20.70 -24.30 -33.85
N ILE D 486 21.44 -24.86 -32.92
CA ILE D 486 22.51 -25.77 -33.22
C ILE D 486 22.06 -27.20 -32.81
N HIS D 487 22.49 -28.20 -33.58
CA HIS D 487 22.33 -29.63 -33.21
C HIS D 487 23.66 -30.34 -32.79
N ASN D 488 24.79 -29.63 -32.92
CA ASN D 488 26.15 -30.25 -32.91
C ASN D 488 26.85 -30.49 -31.59
N ILE D 489 26.51 -29.62 -30.65
CA ILE D 489 27.27 -29.40 -29.42
C ILE D 489 26.52 -29.95 -28.21
N THR D 490 27.04 -31.03 -27.64
CA THR D 490 26.36 -31.64 -26.51
C THR D 490 26.93 -31.20 -25.19
N SER D 491 27.92 -30.33 -25.23
CA SER D 491 28.40 -29.71 -24.01
C SER D 491 28.94 -28.32 -24.31
N LEU D 492 28.61 -27.36 -23.45
CA LEU D 492 29.06 -25.98 -23.65
C LEU D 492 29.40 -25.30 -22.33
N ASP D 493 30.55 -24.63 -22.29
CA ASP D 493 30.88 -23.81 -21.14
C ASP D 493 30.96 -22.34 -21.54
N ILE D 494 30.09 -21.52 -20.96
CA ILE D 494 30.10 -20.08 -21.21
C ILE D 494 30.52 -19.31 -19.96
N SER D 495 30.95 -20.06 -18.96
CA SER D 495 31.29 -19.53 -17.64
C SER D 495 32.52 -18.63 -17.61
N ASP D 496 32.48 -17.65 -16.71
CA ASP D 496 33.57 -16.71 -16.50
C ASP D 496 33.48 -15.57 -17.50
N ASN D 497 32.52 -15.66 -18.39
CA ASN D 497 32.20 -14.57 -19.30
C ASN D 497 31.48 -13.47 -18.53
N GLY D 498 31.71 -12.23 -18.92
CA GLY D 498 31.00 -11.13 -18.29
C GLY D 498 29.65 -10.98 -18.96
N LEU D 499 28.76 -11.92 -18.68
CA LEU D 499 27.46 -11.94 -19.31
C LEU D 499 26.36 -11.15 -18.67
N GLU D 500 26.42 -11.01 -17.36
CA GLU D 500 25.56 -10.09 -16.68
C GLU D 500 24.11 -10.34 -17.02
N SER D 501 23.34 -9.32 -17.31
CA SER D 501 21.93 -9.49 -17.62
C SER D 501 21.82 -10.36 -18.83
N ASP D 502 22.75 -10.21 -19.74
CA ASP D 502 22.62 -10.65 -21.10
C ASP D 502 22.53 -12.15 -21.18
N LEU D 503 22.60 -12.78 -20.03
CA LEU D 503 22.44 -14.20 -19.96
C LEU D 503 21.07 -14.56 -20.45
N SER D 504 20.09 -13.73 -20.11
CA SER D 504 18.73 -14.05 -20.49
C SER D 504 18.72 -14.12 -21.99
N THR D 505 19.33 -13.16 -22.65
CA THR D 505 19.38 -13.30 -24.12
C THR D 505 19.83 -14.72 -24.47
N LEU D 506 20.84 -15.20 -23.75
CA LEU D 506 21.40 -16.52 -23.98
C LEU D 506 20.45 -17.63 -23.53
N ILE D 507 19.96 -17.50 -22.30
CA ILE D 507 19.05 -18.50 -21.74
C ILE D 507 17.98 -18.91 -22.76
N VAL D 508 17.35 -17.91 -23.37
CA VAL D 508 16.31 -18.16 -24.36
C VAL D 508 16.82 -19.04 -25.49
N TRP D 509 17.86 -18.57 -26.18
CA TRP D 509 18.44 -19.31 -27.28
C TRP D 509 18.64 -20.76 -26.90
N LEU D 510 19.53 -20.99 -25.95
CA LEU D 510 19.82 -22.35 -25.49
C LEU D 510 18.55 -23.14 -25.28
N SER D 511 17.52 -22.48 -24.74
CA SER D 511 16.24 -23.12 -24.48
C SER D 511 15.65 -23.71 -25.76
N LYS D 512 16.07 -23.17 -26.90
CA LYS D 512 15.58 -23.64 -28.20
C LYS D 512 16.58 -24.60 -28.84
N ASN D 513 17.50 -25.10 -28.04
CA ASN D 513 18.50 -26.03 -28.53
C ASN D 513 18.29 -27.39 -27.95
N ARG D 514 18.12 -28.38 -28.81
CA ARG D 514 18.04 -29.78 -28.44
C ARG D 514 19.31 -30.39 -27.91
N SER D 515 20.43 -30.01 -28.51
CA SER D 515 21.69 -30.72 -28.44
C SER D 515 22.37 -30.85 -27.11
N ILE D 516 22.33 -29.76 -26.37
CA ILE D 516 23.24 -29.50 -25.28
C ILE D 516 22.83 -30.27 -24.05
N GLN D 517 23.64 -31.25 -23.67
CA GLN D 517 23.40 -32.05 -22.49
C GLN D 517 24.15 -31.55 -21.25
N HIS D 518 25.13 -30.69 -21.41
CA HIS D 518 25.83 -30.20 -20.25
C HIS D 518 26.21 -28.75 -20.45
N LEU D 519 25.80 -27.89 -19.53
CA LEU D 519 25.94 -26.45 -19.71
C LEU D 519 26.60 -25.86 -18.48
N ALA D 520 27.66 -25.06 -18.67
CA ALA D 520 28.28 -24.36 -17.55
C ALA D 520 28.19 -22.82 -17.63
N LEU D 521 27.34 -22.23 -16.80
CA LEU D 521 27.06 -20.80 -16.76
C LEU D 521 27.74 -20.00 -15.65
N GLY D 522 28.55 -20.62 -14.83
CA GLY D 522 28.93 -19.95 -13.59
C GLY D 522 29.68 -18.64 -13.76
N LYS D 523 29.61 -17.76 -12.76
CA LYS D 523 30.50 -16.62 -12.75
C LYS D 523 30.20 -15.65 -13.87
N ASN D 524 28.95 -15.67 -14.30
CA ASN D 524 28.38 -14.63 -15.15
C ASN D 524 27.51 -13.62 -14.36
N PHE D 525 27.46 -13.81 -13.06
CA PHE D 525 26.51 -13.15 -12.24
C PHE D 525 27.14 -12.07 -11.39
N ASN D 526 28.31 -11.62 -11.80
CA ASN D 526 29.07 -10.70 -11.00
C ASN D 526 28.24 -9.48 -10.69
N ASN D 527 28.22 -9.07 -9.43
CA ASN D 527 27.75 -7.74 -9.09
C ASN D 527 26.40 -7.41 -9.70
N MSE D 528 25.43 -8.32 -9.57
CA MSE D 528 24.16 -8.10 -10.22
C MSE D 528 23.20 -7.61 -9.21
O MSE D 528 23.10 -8.12 -8.11
CB MSE D 528 23.65 -9.37 -10.88
CG MSE D 528 24.05 -9.35 -12.34
SE MSE D 528 22.97 -10.65 -13.26
CE MSE D 528 23.58 -10.32 -15.08
N LYS D 529 22.49 -6.57 -9.60
CA LYS D 529 21.52 -5.97 -8.72
C LYS D 529 20.24 -6.74 -8.82
N SER D 530 19.84 -7.19 -7.66
CA SER D 530 18.89 -8.28 -7.47
C SER D 530 17.61 -8.22 -8.40
N LYS D 531 17.03 -7.02 -8.58
CA LYS D 531 15.92 -6.81 -9.52
C LYS D 531 16.26 -7.30 -10.94
N ASN D 532 17.55 -7.26 -11.29
CA ASN D 532 18.04 -7.79 -12.54
C ASN D 532 18.24 -9.29 -12.55
N LEU D 533 18.63 -9.80 -11.39
CA LEU D 533 19.19 -11.14 -11.25
C LEU D 533 18.12 -12.18 -11.23
N THR D 534 17.05 -11.84 -10.54
CA THR D 534 15.97 -12.80 -10.37
C THR D 534 15.39 -13.23 -11.73
N PRO D 535 15.02 -12.28 -12.56
CA PRO D 535 14.52 -12.71 -13.86
C PRO D 535 15.41 -13.75 -14.56
N VAL D 536 16.73 -13.65 -14.41
CA VAL D 536 17.64 -14.55 -15.11
C VAL D 536 17.54 -15.93 -14.51
N LEU D 537 17.73 -15.98 -13.21
CA LEU D 537 17.63 -17.27 -12.54
C LEU D 537 16.24 -17.88 -12.82
N ASP D 538 15.24 -17.04 -13.04
CA ASP D 538 13.92 -17.55 -13.37
C ASP D 538 13.87 -18.25 -14.75
N ASN D 539 14.44 -17.63 -15.77
CA ASN D 539 14.46 -18.23 -17.07
C ASN D 539 15.18 -19.53 -16.94
N LEU D 540 16.22 -19.52 -16.10
CA LEU D 540 17.05 -20.69 -15.92
C LEU D 540 16.21 -21.85 -15.38
N VAL D 541 15.37 -21.56 -14.41
CA VAL D 541 14.50 -22.60 -13.92
C VAL D 541 13.54 -23.06 -14.99
N GLN D 542 12.95 -22.13 -15.71
CA GLN D 542 12.01 -22.51 -16.75
C GLN D 542 12.60 -23.60 -17.64
N MSE D 543 13.88 -23.41 -18.00
CA MSE D 543 14.59 -24.26 -18.93
C MSE D 543 14.82 -25.62 -18.34
O MSE D 543 14.54 -26.65 -18.99
CB MSE D 543 15.93 -23.64 -19.28
CG MSE D 543 16.81 -24.50 -20.20
SE MSE D 543 18.62 -23.77 -20.42
CE MSE D 543 18.13 -22.05 -21.08
N ILE D 544 15.37 -25.65 -17.12
CA ILE D 544 15.64 -26.90 -16.40
C ILE D 544 14.36 -27.72 -16.32
N GLN D 545 13.26 -27.01 -16.06
CA GLN D 545 11.98 -27.61 -15.75
C GLN D 545 11.15 -27.96 -16.98
N ASP D 546 11.44 -27.32 -18.12
CA ASP D 546 10.70 -27.66 -19.32
C ASP D 546 10.75 -29.19 -19.48
N GLU D 547 9.65 -29.76 -19.97
CA GLU D 547 9.54 -31.22 -20.09
C GLU D 547 10.46 -31.83 -21.15
N ASP D 548 10.98 -30.99 -22.03
CA ASP D 548 11.87 -31.43 -23.07
C ASP D 548 13.32 -31.21 -22.79
N SER D 549 13.64 -30.64 -21.63
CA SER D 549 15.02 -30.21 -21.42
C SER D 549 15.94 -31.41 -21.69
N PRO D 550 16.85 -31.27 -22.65
CA PRO D 550 17.94 -32.20 -23.02
C PRO D 550 19.03 -32.19 -21.96
N LEU D 551 18.94 -31.22 -21.06
CA LEU D 551 20.05 -30.90 -20.16
C LEU D 551 20.12 -31.88 -19.03
N GLN D 552 21.24 -32.61 -18.96
CA GLN D 552 21.55 -33.50 -17.84
C GLN D 552 22.52 -32.95 -16.78
N SER D 553 23.24 -31.87 -17.08
CA SER D 553 24.19 -31.31 -16.12
C SER D 553 24.22 -29.78 -16.19
N LEU D 554 24.14 -29.12 -15.02
CA LEU D 554 24.14 -27.66 -14.97
C LEU D 554 25.23 -27.23 -14.04
N SER D 555 26.03 -26.24 -14.41
CA SER D 555 27.00 -25.73 -13.42
C SER D 555 26.91 -24.27 -13.23
N LEU D 556 26.45 -23.89 -12.05
CA LEU D 556 26.40 -22.51 -11.60
C LEU D 556 27.66 -22.14 -10.79
N ALA D 557 28.71 -22.92 -10.96
CA ALA D 557 29.84 -22.88 -10.05
C ALA D 557 30.43 -21.52 -9.81
N ASP D 558 30.78 -21.23 -8.58
CA ASP D 558 31.54 -20.03 -8.23
C ASP D 558 30.89 -18.72 -8.71
N SER D 559 29.58 -18.65 -8.70
CA SER D 559 28.86 -17.46 -9.10
C SER D 559 28.53 -16.50 -8.01
N LYS D 560 28.75 -16.90 -6.78
CA LYS D 560 28.57 -16.01 -5.66
C LYS D 560 27.16 -15.54 -5.56
N LEU D 561 26.22 -16.34 -6.03
CA LEU D 561 24.80 -16.00 -5.98
C LEU D 561 24.27 -15.87 -4.58
N LYS D 562 24.72 -16.73 -3.71
CA LYS D 562 24.27 -16.71 -2.35
C LYS D 562 22.81 -17.01 -2.26
N ALA D 563 22.03 -16.15 -1.65
CA ALA D 563 20.71 -16.48 -1.20
C ALA D 563 19.87 -16.88 -2.37
N GLU D 564 20.06 -16.20 -3.48
CA GLU D 564 19.24 -16.45 -4.65
C GLU D 564 19.36 -17.86 -5.16
N VAL D 565 20.54 -18.41 -5.12
CA VAL D 565 20.69 -19.71 -5.75
C VAL D 565 19.46 -20.50 -5.36
N THR D 566 19.01 -20.28 -4.15
CA THR D 566 17.91 -20.97 -3.58
C THR D 566 16.77 -21.07 -4.55
N ILE D 567 16.69 -20.18 -5.50
CA ILE D 567 15.55 -20.28 -6.43
C ILE D 567 15.74 -21.37 -7.46
N ILE D 568 17.00 -21.80 -7.58
CA ILE D 568 17.41 -22.97 -8.38
C ILE D 568 17.25 -24.24 -7.57
N ILE D 569 17.95 -24.29 -6.43
CA ILE D 569 18.03 -25.46 -5.61
C ILE D 569 16.66 -25.94 -5.34
N ASN D 570 15.73 -25.01 -5.11
CA ASN D 570 14.31 -25.37 -4.87
C ASN D 570 13.65 -26.04 -6.08
N ALA D 571 14.02 -25.63 -7.27
CA ALA D 571 13.50 -26.30 -8.44
C ALA D 571 13.90 -27.75 -8.50
N LEU D 572 15.05 -28.10 -7.93
CA LEU D 572 15.54 -29.49 -8.05
C LEU D 572 14.65 -30.48 -7.27
N GLY D 573 13.74 -29.98 -6.47
CA GLY D 573 12.94 -30.93 -5.73
C GLY D 573 12.10 -31.71 -6.71
N SER D 574 11.49 -30.97 -7.62
CA SER D 574 10.58 -31.53 -8.57
C SER D 574 11.16 -31.77 -9.93
N ASN D 575 12.43 -31.48 -10.12
CA ASN D 575 13.06 -31.72 -11.39
C ASN D 575 13.28 -33.17 -11.66
N THR D 576 13.09 -33.59 -12.89
CA THR D 576 13.22 -34.98 -13.26
C THR D 576 14.32 -35.25 -14.29
N SER D 577 14.92 -34.19 -14.82
CA SER D 577 15.82 -34.35 -15.92
C SER D 577 17.28 -34.30 -15.55
N LEU D 578 17.70 -33.32 -14.77
CA LEU D 578 19.10 -33.12 -14.50
C LEU D 578 19.70 -34.25 -13.73
N THR D 579 20.86 -34.73 -14.11
CA THR D 579 21.56 -35.70 -13.30
C THR D 579 22.87 -35.28 -12.66
N LYS D 580 23.34 -34.07 -12.91
CA LYS D 580 24.44 -33.55 -12.13
C LYS D 580 24.26 -32.10 -11.99
N VAL D 581 24.54 -31.55 -10.85
CA VAL D 581 24.53 -30.12 -10.70
C VAL D 581 25.66 -29.67 -9.83
N ASP D 582 26.27 -28.56 -10.21
CA ASP D 582 27.34 -27.94 -9.45
C ASP D 582 26.89 -26.57 -8.98
N ILE D 583 26.56 -26.47 -7.70
CA ILE D 583 26.30 -25.22 -7.01
C ILE D 583 27.44 -24.76 -6.14
N SER D 584 28.67 -25.28 -6.31
CA SER D 584 29.76 -24.90 -5.44
C SER D 584 30.04 -23.44 -5.56
N GLY D 585 30.71 -22.88 -4.56
CA GLY D 585 31.17 -21.51 -4.65
C GLY D 585 30.10 -20.44 -4.79
N ASN D 586 28.89 -20.67 -4.22
CA ASN D 586 27.85 -19.62 -4.07
C ASN D 586 27.63 -18.95 -2.69
N GLY D 587 28.35 -19.33 -1.64
CA GLY D 587 28.12 -18.73 -0.34
C GLY D 587 26.70 -18.88 0.13
N MSE D 588 26.04 -19.98 -0.19
CA MSE D 588 24.64 -20.14 0.16
C MSE D 588 24.40 -20.42 1.65
O MSE D 588 23.34 -20.13 2.18
CB MSE D 588 24.00 -21.21 -0.71
CG MSE D 588 24.56 -22.53 -0.57
SE MSE D 588 23.48 -23.79 -1.46
CE MSE D 588 24.01 -25.50 -0.60
N GLY D 589 25.39 -20.99 2.32
CA GLY D 589 25.31 -21.17 3.75
C GLY D 589 24.35 -22.25 4.19
N ASP D 590 23.96 -22.20 5.47
CA ASP D 590 23.03 -23.17 6.03
C ASP D 590 21.65 -23.11 5.39
N MSE D 591 21.16 -21.90 5.11
CA MSE D 591 19.83 -21.75 4.55
C MSE D 591 19.78 -22.46 3.22
O MSE D 591 18.78 -23.15 2.92
CB MSE D 591 19.51 -20.27 4.35
CG MSE D 591 18.08 -20.08 3.87
SE MSE D 591 16.87 -21.24 4.90
CE MSE D 591 15.21 -20.85 3.92
N GLY D 592 20.84 -22.32 2.44
CA GLY D 592 21.00 -23.11 1.24
C GLY D 592 21.08 -24.60 1.51
N ALA D 593 21.87 -25.03 2.47
CA ALA D 593 21.94 -26.46 2.70
C ALA D 593 20.60 -27.06 3.13
N LYS D 594 19.89 -26.38 4.01
CA LYS D 594 18.59 -26.87 4.46
C LYS D 594 17.73 -27.11 3.24
N MSE D 595 17.82 -26.16 2.31
CA MSE D 595 16.97 -26.21 1.13
C MSE D 595 17.38 -27.35 0.21
O MSE D 595 16.50 -28.04 -0.32
CB MSE D 595 17.00 -24.89 0.40
CG MSE D 595 15.67 -24.19 0.32
SE MSE D 595 14.63 -24.21 1.98
CE MSE D 595 13.53 -22.64 1.47
N LEU D 596 18.69 -27.55 0.09
CA LEU D 596 19.27 -28.56 -0.78
C LEU D 596 18.88 -29.89 -0.25
N ALA D 597 18.77 -29.94 1.06
CA ALA D 597 18.49 -31.20 1.71
C ALA D 597 17.06 -31.61 1.39
N LYS D 598 16.13 -30.67 1.47
CA LYS D 598 14.76 -30.99 1.13
C LYS D 598 14.70 -31.44 -0.32
N ALA D 599 15.40 -30.73 -1.20
CA ALA D 599 15.45 -31.13 -2.60
C ALA D 599 15.81 -32.58 -2.71
N LEU D 600 16.90 -32.98 -2.08
CA LEU D 600 17.35 -34.40 -2.11
C LEU D 600 16.36 -35.44 -1.49
N GLN D 601 15.58 -35.03 -0.48
CA GLN D 601 14.51 -35.88 0.08
C GLN D 601 13.41 -36.20 -0.92
N ILE D 602 13.04 -35.24 -1.75
CA ILE D 602 12.09 -35.47 -2.85
C ILE D 602 12.67 -36.06 -4.13
N ASN D 603 13.86 -35.61 -4.49
CA ASN D 603 14.33 -35.76 -5.85
C ASN D 603 14.85 -37.18 -6.16
N THR D 604 14.38 -37.77 -7.25
CA THR D 604 14.90 -39.07 -7.62
C THR D 604 15.88 -39.14 -8.78
N LYS D 605 16.19 -38.08 -9.51
CA LYS D 605 17.27 -38.35 -10.45
C LYS D 605 18.46 -37.44 -10.50
N LEU D 606 19.16 -37.26 -9.40
CA LEU D 606 20.45 -36.65 -9.50
C LEU D 606 21.53 -37.61 -9.06
N ARG D 607 22.40 -38.03 -9.96
CA ARG D 607 23.49 -38.92 -9.64
C ARG D 607 24.49 -38.14 -8.82
N THR D 608 24.80 -36.91 -9.24
CA THR D 608 25.90 -36.18 -8.57
C THR D 608 25.62 -34.69 -8.30
N VAL D 609 26.14 -34.24 -7.17
CA VAL D 609 25.99 -32.87 -6.68
C VAL D 609 27.37 -32.38 -6.21
N ILE D 610 27.75 -31.17 -6.65
CA ILE D 610 29.00 -30.55 -6.26
C ILE D 610 28.74 -29.29 -5.47
N TRP D 611 28.96 -29.34 -4.18
CA TRP D 611 28.47 -28.29 -3.31
C TRP D 611 29.48 -27.46 -2.48
N ASP D 612 30.78 -27.63 -2.69
CA ASP D 612 31.75 -27.04 -1.73
C ASP D 612 31.74 -25.51 -1.80
N LYS D 613 32.51 -24.85 -0.94
CA LYS D 613 32.67 -23.40 -1.00
C LYS D 613 31.34 -22.67 -0.91
N ASN D 614 30.44 -23.24 -0.13
CA ASN D 614 29.20 -22.59 0.22
C ASN D 614 29.11 -22.02 1.64
N ASN D 615 30.19 -22.15 2.37
CA ASN D 615 30.22 -21.65 3.71
C ASN D 615 29.34 -22.42 4.59
N ILE D 616 29.07 -23.66 4.20
CA ILE D 616 28.19 -24.53 4.98
C ILE D 616 28.79 -24.83 6.36
N THR D 617 28.01 -24.48 7.38
CA THR D 617 28.33 -24.71 8.79
C THR D 617 28.03 -26.13 9.26
N ALA D 618 28.52 -26.47 10.45
CA ALA D 618 28.42 -27.84 10.96
C ALA D 618 26.98 -28.35 10.87
N GLN D 619 26.02 -27.44 10.99
CA GLN D 619 24.63 -27.80 10.91
C GLN D 619 24.23 -28.28 9.55
N GLY D 620 24.68 -27.58 8.55
CA GLY D 620 24.24 -27.81 7.21
C GLY D 620 24.60 -29.22 6.85
N PHE D 621 25.75 -29.65 7.31
CA PHE D 621 26.17 -31.00 7.08
C PHE D 621 25.22 -31.94 7.74
N GLN D 622 24.71 -31.58 8.90
CA GLN D 622 23.71 -32.42 9.50
C GLN D 622 22.46 -32.54 8.62
N ASP D 623 21.94 -31.41 8.15
CA ASP D 623 20.64 -31.42 7.46
C ASP D 623 20.79 -32.33 6.24
N ILE D 624 21.98 -32.28 5.63
CA ILE D 624 22.28 -33.05 4.42
C ILE D 624 22.49 -34.51 4.78
N ALA D 625 23.10 -34.74 5.93
CA ALA D 625 23.39 -36.09 6.30
C ALA D 625 22.09 -36.72 6.66
N VAL D 626 21.11 -35.91 7.00
CA VAL D 626 19.80 -36.48 7.32
C VAL D 626 19.00 -36.82 6.07
N ALA D 627 19.00 -35.90 5.13
CA ALA D 627 18.26 -36.13 3.93
C ALA D 627 18.74 -37.42 3.27
N MSE D 628 20.05 -37.66 3.33
CA MSE D 628 20.65 -38.80 2.65
C MSE D 628 20.18 -40.15 3.15
O MSE D 628 20.00 -41.10 2.36
CB MSE D 628 22.15 -38.74 2.69
CG MSE D 628 22.71 -37.60 1.86
SE MSE D 628 22.27 -37.90 0.05
CE MSE D 628 23.42 -39.39 -0.35
N GLU D 629 19.93 -40.28 4.44
CA GLU D 629 19.53 -41.61 4.88
C GLU D 629 18.27 -42.03 4.17
N LYS D 630 17.45 -41.06 3.75
CA LYS D 630 16.24 -41.37 3.00
C LYS D 630 16.37 -41.21 1.48
N ASN D 631 17.56 -40.86 1.00
CA ASN D 631 17.75 -40.69 -0.46
C ASN D 631 18.63 -41.73 -1.11
N TYR D 632 18.07 -42.53 -1.98
CA TYR D 632 18.75 -43.69 -2.45
C TYR D 632 19.49 -43.54 -3.75
N THR D 633 18.99 -42.69 -4.61
CA THR D 633 19.58 -42.42 -5.91
C THR D 633 20.94 -41.74 -6.02
N LEU D 634 21.20 -40.79 -5.14
CA LEU D 634 22.46 -40.06 -5.14
C LEU D 634 23.65 -41.01 -5.01
N ARG D 635 24.73 -40.69 -5.71
CA ARG D 635 25.92 -41.54 -5.70
C ARG D 635 27.19 -40.75 -5.37
N PHE D 636 27.35 -39.60 -6.00
CA PHE D 636 28.54 -38.78 -5.80
C PHE D 636 28.22 -37.39 -5.28
N MSE D 637 28.86 -37.01 -4.18
CA MSE D 637 28.70 -35.72 -3.63
C MSE D 637 30.00 -35.46 -3.01
O MSE D 637 30.17 -35.67 -1.81
CB MSE D 637 27.60 -35.80 -2.61
CG MSE D 637 27.44 -34.52 -1.81
SE MSE D 637 25.65 -34.49 -1.08
CE MSE D 637 25.43 -32.59 -0.93
N PRO D 638 30.96 -34.94 -3.87
CA PRO D 638 32.29 -34.89 -3.27
C PRO D 638 32.36 -34.09 -2.02
N ILE D 639 33.15 -34.52 -1.07
CA ILE D 639 33.17 -33.94 0.26
C ILE D 639 33.53 -32.52 0.05
N PRO D 640 32.94 -31.59 0.78
CA PRO D 640 33.30 -30.18 0.65
C PRO D 640 34.51 -29.86 1.51
N MSE D 641 35.69 -30.10 1.02
CA MSE D 641 36.77 -29.90 1.91
C MSE D 641 36.95 -28.52 2.35
O MSE D 641 37.15 -28.31 3.53
CB MSE D 641 38.10 -30.05 1.28
CG MSE D 641 38.71 -31.17 2.08
SE MSE D 641 38.81 -32.24 0.49
CE MSE D 641 39.96 -31.10 -0.59
N TYR D 642 36.88 -27.54 1.49
CA TYR D 642 37.15 -26.23 2.04
C TYR D 642 36.17 -25.94 3.15
N ASP D 643 34.88 -26.22 2.90
CA ASP D 643 33.88 -25.89 3.92
C ASP D 643 34.16 -26.67 5.21
N ALA D 644 34.57 -27.92 5.06
CA ALA D 644 34.62 -28.77 6.22
C ALA D 644 35.82 -28.37 7.05
N ALA D 645 36.89 -28.01 6.41
CA ALA D 645 38.04 -27.63 7.19
C ALA D 645 37.65 -26.43 8.03
N GLN D 646 36.89 -25.48 7.47
CA GLN D 646 36.46 -24.40 8.34
C GLN D 646 35.52 -24.85 9.48
N ALA D 647 34.62 -25.78 9.18
CA ALA D 647 33.63 -26.27 10.19
C ALA D 647 34.27 -26.99 11.36
N LEU D 648 35.39 -27.62 11.09
CA LEU D 648 36.14 -28.38 12.08
C LEU D 648 36.63 -27.47 13.15
N LYS D 649 37.02 -26.28 12.77
CA LYS D 649 37.63 -25.37 13.69
C LYS D 649 36.66 -25.15 14.81
N THR D 650 35.38 -25.05 14.49
CA THR D 650 34.37 -24.74 15.50
C THR D 650 33.60 -25.91 16.04
N ASN D 651 33.14 -26.78 15.16
CA ASN D 651 32.31 -27.90 15.59
C ASN D 651 32.84 -29.19 15.02
N PRO D 652 34.03 -29.59 15.63
CA PRO D 652 34.64 -30.76 15.02
C PRO D 652 33.88 -32.00 15.27
N GLU D 653 33.31 -32.11 16.45
CA GLU D 653 32.67 -33.34 16.84
C GLU D 653 31.57 -33.63 15.87
N LYS D 654 30.74 -32.64 15.63
CA LYS D 654 29.50 -32.74 14.85
C LYS D 654 29.76 -32.88 13.33
N THR D 655 30.68 -32.06 12.82
CA THR D 655 31.06 -32.02 11.40
C THR D 655 31.53 -33.35 10.83
N GLU D 656 32.52 -33.93 11.52
CA GLU D 656 33.06 -35.22 11.13
C GLU D 656 31.97 -36.30 11.16
N GLU D 657 31.13 -36.21 12.17
CA GLU D 657 30.13 -37.23 12.35
C GLU D 657 29.20 -37.23 11.12
N ALA D 658 28.89 -36.04 10.64
CA ALA D 658 27.92 -35.88 9.57
C ALA D 658 28.50 -36.18 8.20
N LEU D 659 29.71 -35.71 7.93
CA LEU D 659 30.27 -35.88 6.62
C LEU D 659 30.52 -37.35 6.38
N GLN D 660 30.83 -38.07 7.45
CA GLN D 660 31.06 -39.48 7.29
C GLN D 660 29.74 -40.22 7.23
N LYS D 661 28.75 -39.75 7.99
CA LYS D 661 27.38 -40.23 7.80
C LYS D 661 27.02 -40.10 6.27
N ILE D 662 27.27 -38.92 5.70
CA ILE D 662 26.91 -38.67 4.30
C ILE D 662 27.62 -39.65 3.37
N GLU D 663 28.92 -39.81 3.62
CA GLU D 663 29.72 -40.65 2.75
C GLU D 663 29.23 -42.08 2.79
N ASN D 664 28.82 -42.58 3.94
CA ASN D 664 28.30 -43.93 4.03
C ASN D 664 27.14 -44.13 3.11
N TYR D 665 26.16 -43.23 3.23
CA TYR D 665 24.96 -43.35 2.43
C TYR D 665 25.25 -43.31 0.91
N LEU D 666 26.24 -42.49 0.50
CA LEU D 666 26.67 -42.43 -0.91
C LEU D 666 27.38 -43.67 -1.37
N LEU D 667 28.13 -44.25 -0.47
CA LEU D 667 28.77 -45.52 -0.74
C LEU D 667 27.67 -46.58 -0.91
N ARG D 668 26.66 -46.58 -0.04
CA ARG D 668 25.64 -47.61 -0.13
C ARG D 668 24.85 -47.54 -1.45
N ASN D 669 24.61 -46.33 -1.93
CA ASN D 669 23.85 -46.17 -3.16
C ASN D 669 24.62 -46.60 -4.43
O OHB E . -51.99 21.09 44.20
C OHB E . -53.01 20.37 44.35
N OHB E . -53.84 20.51 45.50
C1 OHB E . -53.41 19.30 43.37
C6 OHB E . -54.26 18.20 43.70
O1 OHB E . -54.80 18.03 44.95
C5 OHB E . -54.58 17.25 42.74
C4 OHB E . -54.04 17.41 41.47
C3 OHB E . -53.20 18.46 41.16
C2 OHB E . -52.91 19.43 42.10
CL CL F . -51.94 22.97 45.43
N ABU G . 15.07 -40.87 15.61
CD ABU G . 15.49 -41.19 16.98
CB ABU G . 14.72 -40.70 18.21
CG ABU G . 15.20 -41.03 19.62
C ABU G . 14.30 -41.47 20.79
O ABU G . 13.02 -41.64 20.65
OXT ABU G . 14.80 -41.76 21.94
#